data_8W0E
#
_entry.id   8W0E
#
_cell.length_a   1.00
_cell.length_b   1.00
_cell.length_c   1.00
_cell.angle_alpha   90.00
_cell.angle_beta   90.00
_cell.angle_gamma   90.00
#
_symmetry.space_group_name_H-M   'P 1'
#
loop_
_entity.id
_entity.type
_entity.pdbx_description
1 polymer 'DNA replication licensing factor MCM2'
2 polymer 'DNA replication licensing factor MCM3'
3 polymer 'DNA replication licensing factor MCM4'
4 polymer 'DNA replication licensing factor MCM5'
5 polymer 'DNA replication licensing factor MCM6'
6 polymer 'DNA replication licensing factor MCM7'
7 polymer 'DNA (25-MER)'
8 polymer 'DNA (25-MER)'
9 non-polymer 'ZINC ION'
10 non-polymer 'MAGNESIUM ION'
11 non-polymer "ADENOSINE-5'-TRIPHOSPHATE"
12 non-polymer "ADENOSINE-5'-DIPHOSPHATE"
#
loop_
_entity_poly.entity_id
_entity_poly.type
_entity_poly.pdbx_seq_one_letter_code
_entity_poly.pdbx_strand_id
1 'polypeptide(L)'
;MAESSESFTMASSPAQRRRGNDPLTSSPGRSSRRTDALTSSPGRDLPPFEDESEGLLGTEGPLEEEEDGEELIGDGMERD
YRAIPELDAYEAEGLALDDEDVEELTASQREAAERAMRQRDREAGRGLGRMRRGLLYDSDEEDEERPARKRRQVERATED
GEEDEEMIESIENLEDLKGHSVREWVSMAGPRLEIHHRFKNFLRTHVDSHGHNVFKERISDMCKENRESLVVNYEDLAAR
EHVLAYFLPEAPAELLQIFDEAALEVVLAMYPKYDRITNHIHVRISHLPLVEELRSLRQLHLNQLIRTSGVVTSCTGVLP
QLSMVKYNCNKCNFVLGPFCQSQNQEVKPGSCPECQSAGPFEVNMEETIYQNYQRIRIQESPGKVAAGRLPRSKDAILLA
DLVDSCKPGDEIELTGIYHNNYDGSLNTANGFPVFATVILANHVAKKDNKVAVGELTDEDVKMITSLSKDQQIGEKIFAS
IAPSIYGHEDIKRGLALALFGGEPKNPGGKHKVRGDINVLLCGDPGTAKSQFLKYIEKVSSRAIFTTGQGASAVGLTAYV
QRHPVSREWTLEAGALVLADRGVCLIDEFDKMNDQDRTSIHEAMEQQSISISKAGIVTSLQARCTVIAAANPIGGRYDPS
LTFSENVDLTEPIISRFDILCVVRDTVDPVQDEMLARFVVGSHVRHHPSNKEEEGLANGSAAEPAMPNTYGVEPLPQEVL
KKYIIYAKERVHPKLNQMDQDKVAKMYSDLRKESMATGSIPITVRHIESMIRMAEAHARIHLRDYVIEDDVNMAIRVMLE
SFIDTQKFSVMRSMRKTFARYLSFRRDNNELLLFILKQLVAEQVTYQRNRFGAQQDTIEVPEKDLVDKARQINIHNLSAF
YDSELFRMNKFSHDLKRKMILQQF
;
2
2 'polypeptide(L)'
;SNAAGTVVLDDVELREAQRDYLDFLDDEEDQGIYQSKVRELISDNQYRLIVNVNDLRRKNEKRANRLLNNAFEELVAFQR
ALKDFVASIDATYAKQYEEFYVGLEGSFGSKHVSPRTLTSCFLSCVVCVEGIVTKCSLVRPKVVRSVHYCPATKKTIERR
YSDLTTLVAFPSSSVYPTKDEENNPLETEYGLSVYKDHQTITIQEMPEKAPAGQLPRSVDVILDDDLVDKAKPGDRVQVV
GTYRCLPGKKGGYTSGTFRTVLIACNVKQMSKDAQPSFSAEDIAKIKKFSKTRSKDIFDQLAKSLAPSIHGHDYVKKAIL
CLLLGGVERDLENGSHIRGDINILLIGDPSVAKSQLLRYVLCTAPRAIPTTGRGSSGVGLTAAVTTDQETGERRLEAGAM
VLADRGVVCIDEFDKMSDMDRTAIHEVMEQGRVTIAKAGIHARLNARCSVLAAANPVYGRYDQYKTPMENIGLQDSLLSR
FDLLFIMLDQMDPEQDREISDHVLRMHRYRAPGEQDGDAMPLGSAVDILATDDPNFSQEDQQDTQIYEKHDNLLHGTKKK
KEKMVSAAFMKKYIHVAKIIKPVLTQESATYIAEEYSRLRSQDSMSSDTARTSPVTARTLETLIRLATAHAKARMSKTVD
LQDAEEAVELVQYAYFKKVLEKEKKRKKRSEDESETEDEEEKSQEDQEQKRKRRKTRQPDAKDGDSYDPYDFSDTEEEMP
QVHTPKTADSQETKESQKVELSESRLKAFKVALLDVFREAHAQSIGMNRLTESINRDSEEPFSSVEIQAALSKMQDDNQV
MVSEGIIFLI
;
3
3 'polypeptide(L)'
;SNAMSSPASTPSRRGSRRGRATPAQTPRSEDARSSPSQRRRGEDSTSTGELQPMPTSPGVDLQSPAAQDVLFSSPPQMHS
SAIPLDFDVSSPLTYGTPSSRVEGTPRSGVRGTPVRQRPDLGSAQKGLQVDLQSDGAAAEDIVASEQSLGQKLVIWGTDV
NVAACKENFQRFLQRFIDPLAKEEENVGIDITEPLYMQRLGEINVIGEPFLNVNCEHIKSFDKNLYRQLISYPQEVIPTF
DMAVNEIFFDRYPDSILEHQIQVRPFNALKTKNMRNLNPEDIDQLITISGMVIRTSQLIPEMQEAFFQCQVCAHTTRVEM
DRGRIAEPSVCGRCHTTHSMALIHNRSLFSDKQMIKLQESPEDMPAGQTPHTVILFAHNDLVDKVQPGDRVNVTGIYRAV
PIRVNPRVSNVKSVYKTHIDVIHYRKTDAKRLHGLDEEAEQKLFSEKRVELLKELSRKPDIYERLASALAPSIYEHEDIK
KGILLQLFGGTRKDFSHTGRGKFRAEINILLCGDPGTSKSQLLQYVYNLVPRGQYTSGKGSSAVGLTAYVMKDPETRQLV
LQTGALVLSDNGICCIDEFDKMNESTRSVLHEVMEQQTLSIAKAGIICQLNARTSVLAAANPIESQWNPKKTTIENIQLP
HTLLSRFDLIFLMLDPQDEAYDRRLAHHLVALYYQSEEQAEEELLDMAVLKDYIAYAHSTIMPRLSEEASQALIEAYVDM
RKIGSSRGMVSAYPRQLESLIRLAEAHAKVRLSNKVEAIDVEEAKRLHREALKQSATDPRTGIVDISILTTGMSATSRKR
KEELAEALKKLILSKGKTPALKYQQLFEDIRGQSDIAITKDMFEEALRALADDDFLTVTGKTVRLL
;
4
4 'polypeptide(L)'
;MSGFDDPGIFYSDSFGGDAQADEGQARKSQLQRRFKEFLRQYRVGTDRTGFTFKYRDELKRHYNLGEYWIEVEMEDLASF
DEDLADYLYKQPAEHLQLLEEAAKEVADEVTRPRPSGEEVLQDIQVMLKSDASPSSIRSLKSDMMSHLVKIPGIIIAASA
VRAKATRISIQCRSCRNTLTNIAMRPGLEGYALPRKCNTDQAGRPKCPLDPYFIMPDKCKCVDFQTLKLQELPDAVPHGE
MPRHMQLYCDRYLCDKVVPGNRVTIMGIYSIKKFGLTTSRGRDRVGVGIRSSYIRVLGIQVDTDGSGRSFAGAVSPQEEE
EFRRLAALPNVYEVISKSIAPSIFGGTDMKKAIACLLFGGSRKRLPDGLTRRGDINLLMLGDPGTAKSQLLKFVEKCSPI
GVYTSGKGSSAAGLTASVMRDPSSRNFIMEGGAMVLADGGVVCIDEFDKMREDDRVAIHEAMEQQTISIAKAGITTTLNS
RCSVLAAANSVFGRWDETKGEDNIDFMPTILSRFDMIFIVKDEHNEERDVMLAKHVITLHVSALTQTQAVEGEIDLAKLK
KFIAYCRVKCGPRLSAEAAEKLKNRYIIMRSGARQHERDSDRRSSIPITVRQLEAIVRIAEALSKMKLQPFATEADVEEA
LRLFQVSTLDAALSGTLSGVEGFTSQEDQEMLSRIEKQLKRRFAIGSQVSEHSIIKDFTKQKYPEHAIHKVLQLMLRRGE
IQHRMQRKVLYRLK
;
5
5 'polypeptide(L)'
;MDLAAAAEPGAGSQHLEVRDEVAEKCQKLFLDFLEEFQSSDGEIKYLQLAEELIRPERNTLVVSFVDLEQFNQQLSTTIQ
EEFYRVYPYLCRALKTFVKDRKEIPLAKDFYVAFQDLPTRHKIRELTSSRIGLLTRISGQVVRTHPVHPELVSGTFLCLD
CQTVIRDVEQQFKYTQPNICRNPVCANRRRFLLDTNKSRFVDFQKVRIQETQAELPRGSIPRSLEVILRAEAVESAQAGD
KCDFTGTLIVVPDVSKLSTPGARAETNSRVSGVDGYETEGIRGLRALGVRDLSYRLVFLACCVAPTNPRFGGKELRDEEQ
TAESIKNQMTVKEWEKVFEMSQDKNLYHNLCTSLFPTIHGNDEVKRGVLLMLFGGVPKTTGEGTSLRGDINVCIVGDPST
AKSQFLKHVEEFSPRAVYTSGKASSAAGLTAAVVRDEESHEFVIEAGALMLADNGVCCIDEFDKMDVRDQVAIHEAMEQQ
TISITKAGVKATLNARTSILAAANPISGHYDRSKSLKQNINLSAPIMSRFDLFFILVDECNEVTDYAIARRIVDLHSRIE
ESIDRVYSLDDIRRYLLFARQFKPKISKESEDFIVEQYKHLRQRDGSGVTKSSWRITVRQLESMIRLSEAMARMHCCDEV
QPKHVKEAFRLLNKSIIRVETPDVNLDQEEEIQMEVDEGAGGINGHADSPAPVNGINGYNEDINQESAPKASLRLGFSEY
CRISNLIVLHLRKVEEEEDESALKRSELVNWYLKEIESEIDSEEELINKKRIIEKVIHRLTHYDHVLIELTQAGLKGSTE
GSESYEEDPYLVVNPNYLLED
;
6
6 'polypeptide(L)'
;MALKDYALEKEKVKKFLQEFYQDDELGKKQFKYGNQLVRLAHREQVALYVDLDDVAEDDPELVDSICENARRYAKLFADA
VQELLPQYKEREVVNKDVLDVYIEHRLMMEQRSRDPGMVRSPQNQYPAELMRRFELYFQGPSSNKPRVIREVRADSVGKL
VTVRGIVTRVSEVKPKMVVATYTCDQCGAETYQPIQSPTFMPLIMCPSQECQTNRSGGRLYLQTRGSRFIKFQEMKMQEH
SDQVPVGNIPRSITVLVEGENTRIAQPGDHVSVTGIFLPILRTGFRQVVQGLLSETYLEAHRIVKMNKSEDDESGAGELT
REELRQIAEEDFYEKLAASIAPEIYGHEDVKKALLLLLVGGVDQSPRGMKIRGNINICLMGDPGVAKSQLLSYIDRLAPR
SQYTTGRGSSGVGLTAAVLRDSVSGELTLEGGALVLADQGVCCIDEFDKMAEADRTAIHEVMEQQTISIAKAGILTTLNA
RCSILAAANPAYGRYNPRRSLEQNIQLPAALLSRFDLLWLIQDRPDRDNDLRLAQHITYVHQHSRQPPSQFEPLDMKLMR
RYIAMCREKQPMVPESLADYITAAYVEMRREAWASKDATYTSARTLLAILRLSTALARLRMVDVVEKEDVNEAIRLMEMS
KDSLLGDKGQTARTQRPADVIFATVRELVSGGRSVRFSEAEQRCVSRGFTPAQFQAALDEYEELNVWQVNASRTRITFV
;
7
7 'polydeoxyribonucleotide'
;(DA)(DA)(DA)(DA)(DA)(DA)(DA)(DA)(DA)(DA)(DA)(DA)(DA)(DA)(DA)(DA)(DA)(DA)(DA)(DA)
(DA)(DA)(DA)(DA)(DA)
;
O
8 'polydeoxyribonucleotide'
;(DT)(DT)(DT)(DT)(DT)(DT)(DT)(DT)(DT)(DT)(DT)(DT)(DT)(DT)(DT)(DT)(DT)(DT)(DT)(DT)
(DT)(DT)(DT)(DT)(DT)
;
S
#
loop_
_chem_comp.id
_chem_comp.type
_chem_comp.name
_chem_comp.formula
ADP non-polymer ADENOSINE-5'-DIPHOSPHATE 'C10 H15 N5 O10 P2'
ATP non-polymer ADENOSINE-5'-TRIPHOSPHATE 'C10 H16 N5 O13 P3'
DA DNA linking 2'-DEOXYADENOSINE-5'-MONOPHOSPHATE 'C10 H14 N5 O6 P'
DT DNA linking THYMIDINE-5'-MONOPHOSPHATE 'C10 H15 N2 O8 P'
MG non-polymer 'MAGNESIUM ION' 'Mg 2'
ZN non-polymer 'ZINC ION' 'Zn 2'
#
# COMPACT_ATOMS: atom_id res chain seq x y z
N ASP A 176 -44.38 39.71 30.39
CA ASP A 176 -43.63 40.92 30.13
C ASP A 176 -43.40 41.09 28.62
N LEU A 177 -44.27 40.48 27.82
CA LEU A 177 -44.16 40.60 26.37
C LEU A 177 -44.27 42.07 25.99
N LYS A 178 -43.16 42.65 25.53
CA LYS A 178 -43.13 44.07 25.19
C LYS A 178 -41.82 44.37 24.48
N GLY A 179 -41.89 45.26 23.49
CA GLY A 179 -40.69 45.74 22.83
C GLY A 179 -40.59 45.38 21.36
N HIS A 180 -39.37 45.11 20.91
CA HIS A 180 -39.09 44.83 19.51
C HIS A 180 -38.32 43.54 19.29
N SER A 181 -37.39 43.19 20.18
CA SER A 181 -36.58 41.99 20.02
C SER A 181 -36.31 41.38 21.38
N VAL A 182 -36.43 40.05 21.46
CA VAL A 182 -36.31 39.36 22.73
C VAL A 182 -34.89 39.52 23.29
N ARG A 183 -33.89 39.21 22.47
CA ARG A 183 -32.51 39.34 22.93
C ARG A 183 -32.17 40.79 23.23
N GLU A 184 -32.61 41.71 22.38
CA GLU A 184 -32.40 43.12 22.68
C GLU A 184 -33.18 43.54 23.91
N TRP A 185 -34.36 42.97 24.12
CA TRP A 185 -35.15 43.30 25.30
C TRP A 185 -34.39 42.94 26.57
N VAL A 186 -33.80 41.74 26.61
CA VAL A 186 -33.01 41.37 27.78
C VAL A 186 -31.73 42.20 27.83
N SER A 187 -31.22 42.62 26.68
CA SER A 187 -29.98 43.39 26.67
C SER A 187 -30.10 44.68 27.47
N MET A 188 -31.27 45.31 27.45
CA MET A 188 -31.46 46.55 28.18
C MET A 188 -31.28 46.32 29.67
N ALA A 189 -30.68 47.31 30.35
CA ALA A 189 -30.37 47.16 31.76
C ALA A 189 -31.63 46.97 32.60
N GLY A 190 -32.71 47.67 32.24
CA GLY A 190 -33.91 47.63 33.03
C GLY A 190 -34.44 46.21 33.19
N PRO A 191 -34.93 45.62 32.10
CA PRO A 191 -35.40 44.23 32.20
C PRO A 191 -34.32 43.27 32.64
N ARG A 192 -33.06 43.58 32.38
CA ARG A 192 -31.97 42.73 32.86
C ARG A 192 -32.01 42.62 34.38
N LEU A 193 -32.03 43.76 35.08
CA LEU A 193 -32.10 43.74 36.53
C LEU A 193 -33.44 43.22 37.03
N GLU A 194 -34.52 43.50 36.30
CA GLU A 194 -35.81 42.95 36.69
C GLU A 194 -35.76 41.43 36.73
N ILE A 195 -35.25 40.82 35.65
CA ILE A 195 -35.11 39.37 35.60
C ILE A 195 -34.15 38.89 36.67
N HIS A 196 -33.06 39.62 36.90
CA HIS A 196 -32.11 39.23 37.93
C HIS A 196 -32.79 39.08 39.29
N HIS A 197 -33.51 40.12 39.71
CA HIS A 197 -34.12 40.08 41.03
C HIS A 197 -35.29 39.11 41.07
N ARG A 198 -36.04 38.97 39.98
CA ARG A 198 -37.13 38.00 39.95
C ARG A 198 -36.59 36.58 40.08
N PHE A 199 -35.49 36.27 39.40
CA PHE A 199 -34.90 34.94 39.52
C PHE A 199 -34.35 34.71 40.91
N LYS A 200 -33.73 35.72 41.52
CA LYS A 200 -33.28 35.58 42.90
C LYS A 200 -34.45 35.27 43.81
N ASN A 201 -35.56 35.99 43.65
CA ASN A 201 -36.73 35.75 44.48
C ASN A 201 -37.33 34.37 44.22
N PHE A 202 -37.26 33.91 42.98
CA PHE A 202 -37.73 32.56 42.68
C PHE A 202 -36.87 31.52 43.38
N LEU A 203 -35.55 31.69 43.36
CA LEU A 203 -34.68 30.77 44.08
C LEU A 203 -34.98 30.76 45.56
N ARG A 204 -35.19 31.95 46.14
CA ARG A 204 -35.48 32.02 47.57
C ARG A 204 -36.84 31.42 47.90
N THR A 205 -37.84 31.65 47.06
CA THR A 205 -39.24 31.43 47.43
C THR A 205 -39.80 30.10 46.93
N HIS A 206 -39.51 29.69 45.70
CA HIS A 206 -40.04 28.42 45.21
C HIS A 206 -39.59 27.29 46.12
N VAL A 207 -40.52 26.70 46.86
CA VAL A 207 -40.12 25.72 47.86
C VAL A 207 -40.31 24.31 47.33
N ASP A 208 -41.55 23.85 47.24
CA ASP A 208 -41.90 22.56 46.67
C ASP A 208 -43.38 22.30 46.92
N SER A 209 -43.90 21.19 46.40
CA SER A 209 -45.14 20.65 46.95
C SER A 209 -44.97 20.31 48.43
N HIS A 210 -43.92 19.57 48.77
CA HIS A 210 -43.60 19.25 50.17
C HIS A 210 -42.14 19.40 50.54
N GLY A 211 -41.21 19.35 49.59
CA GLY A 211 -39.79 19.48 49.88
C GLY A 211 -39.37 20.93 50.07
N HIS A 212 -39.67 21.47 51.24
CA HIS A 212 -39.53 22.90 51.51
C HIS A 212 -38.18 23.42 51.04
N ASN A 213 -38.21 24.36 50.10
CA ASN A 213 -37.03 25.07 49.62
C ASN A 213 -35.96 24.09 49.14
N VAL A 214 -36.31 23.39 48.06
CA VAL A 214 -35.38 22.43 47.47
C VAL A 214 -34.03 23.09 47.20
N PHE A 215 -34.05 24.32 46.69
CA PHE A 215 -32.81 25.01 46.37
C PHE A 215 -31.96 25.27 47.61
N LYS A 216 -32.57 25.38 48.79
CA LYS A 216 -31.78 25.52 50.01
C LYS A 216 -30.79 24.38 50.16
N GLU A 217 -31.31 23.16 50.31
CA GLU A 217 -30.44 22.00 50.46
C GLU A 217 -29.62 21.77 49.20
N ARG A 218 -30.14 22.12 48.03
CA ARG A 218 -29.37 22.01 46.80
C ARG A 218 -28.07 22.80 46.90
N ILE A 219 -28.19 24.10 47.17
CA ILE A 219 -27.02 24.96 47.30
C ILE A 219 -26.13 24.48 48.44
N SER A 220 -26.75 24.06 49.56
CA SER A 220 -25.96 23.58 50.68
C SER A 220 -25.05 22.44 50.26
N ASP A 221 -25.62 21.42 49.60
CA ASP A 221 -24.83 20.28 49.17
C ASP A 221 -23.78 20.70 48.15
N MET A 222 -24.17 21.54 47.19
CA MET A 222 -23.23 21.94 46.15
C MET A 222 -22.01 22.64 46.75
N CYS A 223 -22.26 23.53 47.72
CA CYS A 223 -21.15 24.19 48.40
C CYS A 223 -20.36 23.21 49.25
N LYS A 224 -21.05 22.26 49.89
CA LYS A 224 -20.36 21.31 50.76
C LYS A 224 -19.37 20.46 49.97
N GLU A 225 -19.76 19.99 48.79
CA GLU A 225 -18.87 19.23 47.93
C GLU A 225 -18.15 20.12 46.91
N ASN A 226 -18.43 21.42 46.92
CA ASN A 226 -17.77 22.38 46.02
C ASN A 226 -18.04 22.01 44.56
N ARG A 227 -19.32 21.94 44.22
CA ARG A 227 -19.73 21.51 42.90
C ARG A 227 -19.85 22.66 41.90
N GLU A 228 -19.97 23.89 42.38
CA GLU A 228 -20.03 25.08 41.52
C GLU A 228 -20.99 24.87 40.35
N SER A 229 -22.17 24.36 40.65
CA SER A 229 -23.18 24.15 39.63
C SER A 229 -24.55 24.06 40.30
N LEU A 230 -25.59 24.22 39.47
CA LEU A 230 -26.97 24.17 39.97
C LEU A 230 -27.86 23.68 38.84
N VAL A 231 -28.36 22.46 38.96
CA VAL A 231 -29.34 21.95 38.00
C VAL A 231 -30.71 22.51 38.35
N VAL A 232 -31.34 23.17 37.38
CA VAL A 232 -32.62 23.82 37.59
C VAL A 232 -33.65 23.16 36.69
N ASN A 233 -34.69 22.59 37.28
CA ASN A 233 -35.78 22.04 36.50
C ASN A 233 -36.50 23.16 35.75
N TYR A 234 -36.89 22.87 34.51
CA TYR A 234 -37.64 23.85 33.72
C TYR A 234 -39.10 23.92 34.14
N GLU A 235 -39.68 22.79 34.58
CA GLU A 235 -41.10 22.77 34.89
C GLU A 235 -41.43 23.76 36.01
N ASP A 236 -40.70 23.66 37.13
CA ASP A 236 -40.99 24.55 38.26
C ASP A 236 -40.68 26.01 37.91
N LEU A 237 -39.60 26.25 37.17
CA LEU A 237 -39.29 27.64 36.79
C LEU A 237 -40.39 28.23 35.92
N ALA A 238 -40.91 27.44 34.97
CA ALA A 238 -42.03 27.90 34.16
C ALA A 238 -43.26 28.14 35.01
N ALA A 239 -43.53 27.24 35.96
CA ALA A 239 -44.71 27.40 36.80
C ALA A 239 -44.64 28.67 37.62
N ARG A 240 -43.54 28.89 38.35
CA ARG A 240 -43.45 30.04 39.23
C ARG A 240 -43.28 31.34 38.45
N GLU A 241 -42.37 31.35 37.48
CA GLU A 241 -42.06 32.54 36.69
C GLU A 241 -42.15 32.15 35.22
N HIS A 242 -43.36 32.24 34.67
CA HIS A 242 -43.58 31.85 33.28
C HIS A 242 -42.87 32.79 32.32
N VAL A 243 -42.80 34.08 32.63
CA VAL A 243 -42.16 35.03 31.74
C VAL A 243 -40.68 34.68 31.56
N LEU A 244 -40.00 34.38 32.66
CA LEU A 244 -38.57 34.06 32.58
C LEU A 244 -38.36 32.76 31.80
N ALA A 245 -39.21 31.76 32.04
CA ALA A 245 -39.07 30.50 31.31
C ALA A 245 -39.29 30.71 29.82
N TYR A 246 -40.28 31.52 29.45
CA TYR A 246 -40.50 31.84 28.05
C TYR A 246 -39.29 32.55 27.44
N PHE A 247 -38.71 33.50 28.18
CA PHE A 247 -37.55 34.22 27.67
C PHE A 247 -36.33 33.31 27.55
N LEU A 248 -36.26 32.27 28.37
CA LEU A 248 -35.08 31.43 28.43
C LEU A 248 -34.67 30.87 27.07
N PRO A 249 -35.48 30.00 26.45
CA PRO A 249 -35.02 29.37 25.19
C PRO A 249 -34.75 30.35 24.07
N GLU A 250 -35.47 31.48 24.02
CA GLU A 250 -35.28 32.40 22.91
C GLU A 250 -33.87 32.99 22.89
N ALA A 251 -33.36 33.40 24.04
CA ALA A 251 -32.05 34.04 24.15
C ALA A 251 -31.28 33.40 25.31
N PRO A 252 -30.88 32.14 25.15
CA PRO A 252 -30.31 31.42 26.30
C PRO A 252 -29.07 32.08 26.89
N ALA A 253 -28.22 32.69 26.06
CA ALA A 253 -26.95 33.22 26.57
C ALA A 253 -27.19 34.25 27.67
N GLU A 254 -28.03 35.25 27.39
CA GLU A 254 -28.19 36.35 28.33
C GLU A 254 -28.92 35.90 29.59
N LEU A 255 -30.01 35.14 29.43
CA LEU A 255 -30.74 34.66 30.59
C LEU A 255 -29.86 33.77 31.47
N LEU A 256 -29.07 32.90 30.86
CA LEU A 256 -28.21 32.01 31.64
C LEU A 256 -27.11 32.79 32.35
N GLN A 257 -26.54 33.81 31.69
CA GLN A 257 -25.54 34.63 32.36
C GLN A 257 -26.15 35.37 33.54
N ILE A 258 -27.36 35.90 33.38
CA ILE A 258 -28.04 36.57 34.49
C ILE A 258 -28.29 35.59 35.62
N PHE A 259 -28.70 34.36 35.29
CA PHE A 259 -28.93 33.35 36.32
C PHE A 259 -27.66 33.03 37.06
N ASP A 260 -26.54 32.91 36.36
CA ASP A 260 -25.26 32.68 37.02
C ASP A 260 -24.94 33.82 37.98
N GLU A 261 -25.10 35.06 37.52
CA GLU A 261 -24.83 36.20 38.39
C GLU A 261 -25.71 36.16 39.64
N ALA A 262 -27.00 35.87 39.46
CA ALA A 262 -27.92 35.81 40.60
C ALA A 262 -27.51 34.71 41.57
N ALA A 263 -27.24 33.52 41.04
CA ALA A 263 -26.92 32.39 41.90
C ALA A 263 -25.62 32.61 42.65
N LEU A 264 -24.67 33.34 42.06
CA LEU A 264 -23.42 33.60 42.78
C LEU A 264 -23.68 34.33 44.09
N GLU A 265 -24.42 35.44 44.02
CA GLU A 265 -24.69 36.21 45.24
C GLU A 265 -25.67 35.47 46.14
N VAL A 266 -26.56 34.66 45.59
CA VAL A 266 -27.42 33.84 46.44
C VAL A 266 -26.58 32.88 47.26
N VAL A 267 -25.60 32.23 46.62
CA VAL A 267 -24.72 31.32 47.32
C VAL A 267 -23.92 32.07 48.38
N LEU A 268 -23.41 33.25 48.03
CA LEU A 268 -22.66 34.03 49.01
C LEU A 268 -23.53 34.38 50.22
N ALA A 269 -24.78 34.78 49.97
CA ALA A 269 -25.68 35.04 51.08
C ALA A 269 -25.86 33.79 51.94
N MET A 270 -26.01 32.62 51.30
CA MET A 270 -26.10 31.39 52.06
C MET A 270 -24.75 30.97 52.63
N TYR A 271 -23.68 31.13 51.85
CA TYR A 271 -22.34 30.70 52.24
C TYR A 271 -21.36 31.82 51.89
N PRO A 272 -21.26 32.85 52.74
CA PRO A 272 -20.38 33.98 52.40
C PRO A 272 -18.93 33.59 52.16
N LYS A 273 -18.42 32.58 52.87
CA LYS A 273 -17.03 32.20 52.69
C LYS A 273 -16.81 31.50 51.35
N TYR A 274 -17.83 30.79 50.85
CA TYR A 274 -17.69 30.08 49.58
C TYR A 274 -17.27 30.99 48.44
N ASP A 275 -17.32 32.32 48.64
CA ASP A 275 -16.85 33.23 47.60
C ASP A 275 -15.41 32.96 47.22
N ARG A 276 -14.63 32.36 48.12
CA ARG A 276 -13.24 32.01 47.79
C ARG A 276 -13.14 30.88 46.77
N ILE A 277 -14.23 30.21 46.45
CA ILE A 277 -14.20 28.97 45.67
C ILE A 277 -14.87 29.25 44.32
N THR A 278 -14.04 29.37 43.28
CA THR A 278 -14.39 29.44 41.87
C THR A 278 -14.98 30.79 41.47
N ASN A 279 -15.28 31.69 42.41
CA ASN A 279 -15.80 33.03 42.11
C ASN A 279 -16.83 32.99 40.99
N HIS A 280 -17.59 31.91 40.88
CA HIS A 280 -18.55 31.78 39.79
C HIS A 280 -19.40 30.54 40.03
N ILE A 281 -20.64 30.61 39.57
CA ILE A 281 -21.59 29.49 39.65
C ILE A 281 -22.23 29.32 38.28
N HIS A 282 -22.32 28.08 37.83
CA HIS A 282 -22.98 27.75 36.57
C HIS A 282 -24.39 27.26 36.87
N VAL A 283 -25.34 27.62 36.01
CA VAL A 283 -26.72 27.17 36.13
C VAL A 283 -26.99 26.19 34.99
N ARG A 284 -27.47 25.01 35.34
CA ARG A 284 -27.82 23.99 34.37
C ARG A 284 -29.33 23.80 34.37
N ILE A 285 -29.92 23.66 33.19
CA ILE A 285 -31.36 23.56 33.03
C ILE A 285 -31.68 22.18 32.47
N SER A 286 -32.66 21.51 33.07
CA SER A 286 -33.01 20.15 32.73
C SER A 286 -34.51 20.04 32.52
N HIS A 287 -34.92 18.92 31.93
CA HIS A 287 -36.33 18.63 31.69
C HIS A 287 -36.96 19.71 30.80
N LEU A 288 -36.20 20.17 29.81
CA LEU A 288 -36.73 21.11 28.84
C LEU A 288 -37.89 20.45 28.10
N PRO A 289 -39.01 21.16 27.89
CA PRO A 289 -40.23 20.48 27.43
C PRO A 289 -40.09 19.85 26.05
N LEU A 290 -39.67 20.64 25.07
CA LEU A 290 -39.62 20.18 23.68
C LEU A 290 -38.24 19.60 23.39
N VAL A 291 -38.22 18.34 22.98
CA VAL A 291 -36.97 17.62 22.66
C VAL A 291 -37.00 17.25 21.19
N GLU A 292 -35.93 17.59 20.49
CA GLU A 292 -35.81 17.35 19.06
C GLU A 292 -34.79 16.25 18.79
N GLU A 293 -34.55 16.00 17.51
CA GLU A 293 -33.59 15.00 17.06
C GLU A 293 -32.59 15.67 16.11
N LEU A 294 -31.38 15.12 16.08
CA LEU A 294 -30.30 15.75 15.34
C LEU A 294 -30.66 15.97 13.87
N ARG A 295 -31.51 15.10 13.31
CA ARG A 295 -31.91 15.28 11.92
C ARG A 295 -32.95 16.38 11.76
N SER A 296 -33.63 16.77 12.84
CA SER A 296 -34.66 17.79 12.78
C SER A 296 -34.12 19.19 13.04
N LEU A 297 -32.83 19.33 13.30
CA LEU A 297 -32.25 20.65 13.51
C LEU A 297 -32.26 21.45 12.22
N ARG A 298 -32.64 22.72 12.33
CA ARG A 298 -32.75 23.61 11.18
C ARG A 298 -32.20 24.98 11.57
N GLN A 299 -32.05 25.84 10.57
CA GLN A 299 -31.60 27.21 10.83
C GLN A 299 -32.53 27.92 11.81
N LEU A 300 -33.80 27.54 11.83
CA LEU A 300 -34.76 28.18 12.73
C LEU A 300 -34.35 28.03 14.19
N HIS A 301 -33.56 27.00 14.51
CA HIS A 301 -33.13 26.75 15.87
C HIS A 301 -31.85 27.47 16.24
N LEU A 302 -31.29 28.29 15.35
CA LEU A 302 -30.06 29.00 15.66
C LEU A 302 -30.23 29.87 16.90
N ASN A 303 -29.24 29.82 17.79
CA ASN A 303 -29.22 30.66 18.99
C ASN A 303 -30.47 30.43 19.85
N GLN A 304 -30.66 29.18 20.26
CA GLN A 304 -31.78 28.82 21.13
C GLN A 304 -31.38 27.63 21.98
N LEU A 305 -31.96 27.55 23.18
CA LEU A 305 -31.75 26.39 24.04
C LEU A 305 -32.57 25.23 23.51
N ILE A 306 -31.88 24.14 23.17
CA ILE A 306 -32.52 22.98 22.54
C ILE A 306 -32.06 21.72 23.25
N ARG A 307 -32.97 20.77 23.37
CA ARG A 307 -32.73 19.50 24.04
C ARG A 307 -32.80 18.38 23.00
N THR A 308 -31.72 17.60 22.91
CA THR A 308 -31.63 16.48 21.99
C THR A 308 -31.16 15.24 22.74
N SER A 309 -31.15 14.11 22.04
CA SER A 309 -30.69 12.85 22.58
C SER A 309 -29.77 12.18 21.58
N GLY A 310 -28.74 11.49 22.07
CA GLY A 310 -27.86 10.84 21.12
C GLY A 310 -26.76 10.04 21.79
N VAL A 311 -26.01 9.34 20.95
CA VAL A 311 -24.89 8.50 21.37
C VAL A 311 -23.60 9.27 21.16
N VAL A 312 -22.73 9.28 22.17
CA VAL A 312 -21.44 9.95 22.05
C VAL A 312 -20.53 9.07 21.21
N THR A 313 -20.18 9.55 20.01
CA THR A 313 -19.37 8.77 19.09
C THR A 313 -17.89 9.16 19.11
N SER A 314 -17.54 10.23 19.82
CA SER A 314 -16.15 10.65 19.92
C SER A 314 -16.05 11.75 20.97
N CYS A 315 -14.90 11.81 21.63
CA CYS A 315 -14.71 12.75 22.73
C CYS A 315 -13.21 12.92 22.95
N THR A 316 -12.73 14.16 22.84
CA THR A 316 -11.31 14.44 23.02
C THR A 316 -10.97 14.61 24.49
N GLY A 317 -9.69 14.81 24.76
CA GLY A 317 -9.23 15.00 26.13
C GLY A 317 -9.76 16.29 26.72
N VAL A 318 -9.34 16.54 27.96
CA VAL A 318 -9.76 17.74 28.70
C VAL A 318 -8.75 18.83 28.35
N LEU A 319 -8.97 19.46 27.20
CA LEU A 319 -8.05 20.49 26.75
C LEU A 319 -8.20 21.74 27.60
N PRO A 320 -7.11 22.38 28.01
CA PRO A 320 -7.23 23.64 28.77
C PRO A 320 -7.41 24.83 27.85
N GLN A 321 -8.55 25.50 27.93
CA GLN A 321 -8.85 26.65 27.10
C GLN A 321 -8.66 27.94 27.89
N LEU A 322 -8.16 28.96 27.21
CA LEU A 322 -7.98 30.25 27.83
C LEU A 322 -9.31 30.80 28.34
N SER A 323 -9.31 31.33 29.56
CA SER A 323 -10.49 31.93 30.16
C SER A 323 -10.31 33.43 30.42
N MET A 324 -9.28 33.81 31.17
CA MET A 324 -8.97 35.21 31.45
C MET A 324 -7.49 35.42 31.12
N VAL A 325 -7.20 35.72 29.86
CA VAL A 325 -5.81 35.81 29.43
C VAL A 325 -5.16 37.07 29.98
N LYS A 326 -3.84 37.01 30.15
CA LYS A 326 -3.02 38.18 30.49
C LYS A 326 -1.80 38.13 29.58
N TYR A 327 -1.92 38.73 28.40
CA TYR A 327 -0.79 38.76 27.48
C TYR A 327 0.35 39.60 28.05
N ASN A 328 1.57 39.27 27.64
CA ASN A 328 2.77 39.92 28.15
C ASN A 328 3.42 40.71 27.02
N CYS A 329 3.44 42.03 27.15
CA CYS A 329 4.09 42.87 26.15
C CYS A 329 5.59 42.63 26.17
N ASN A 330 6.15 42.34 24.99
CA ASN A 330 7.56 41.99 24.90
C ASN A 330 8.46 43.20 25.16
N LYS A 331 8.14 44.34 24.55
CA LYS A 331 9.07 45.47 24.56
C LYS A 331 9.27 46.01 25.97
N CYS A 332 8.18 46.19 26.73
CA CYS A 332 8.27 46.82 28.04
C CYS A 332 7.97 45.85 29.19
N ASN A 333 7.88 44.54 28.90
CA ASN A 333 7.74 43.52 29.94
C ASN A 333 6.66 43.88 30.96
N PHE A 334 5.54 44.41 30.50
CA PHE A 334 4.41 44.73 31.36
C PHE A 334 3.27 43.77 31.05
N VAL A 335 2.83 43.01 32.05
CA VAL A 335 1.70 42.12 31.89
C VAL A 335 0.43 42.93 31.64
N LEU A 336 -0.39 42.47 30.70
CA LEU A 336 -1.61 43.18 30.35
C LEU A 336 -2.80 42.61 31.10
N GLY A 337 -3.80 43.46 31.31
CA GLY A 337 -4.95 43.11 32.11
C GLY A 337 -5.70 41.91 31.57
N PRO A 338 -6.70 41.45 32.33
CA PRO A 338 -7.46 40.26 31.92
C PRO A 338 -8.38 40.57 30.75
N PHE A 339 -8.12 39.94 29.61
CA PHE A 339 -8.97 40.05 28.43
C PHE A 339 -9.81 38.79 28.34
N CYS A 340 -11.03 38.84 28.87
CA CYS A 340 -11.84 37.64 28.97
C CYS A 340 -11.96 36.97 27.62
N GLN A 341 -11.72 35.65 27.61
CA GLN A 341 -11.76 34.87 26.37
C GLN A 341 -13.20 34.57 26.01
N SER A 342 -13.54 34.78 24.73
CA SER A 342 -14.87 34.53 24.22
C SER A 342 -14.89 33.24 23.42
N GLN A 343 -15.98 32.49 23.51
CA GLN A 343 -16.08 31.23 22.79
C GLN A 343 -16.32 31.44 21.31
N ASN A 344 -16.55 32.69 20.90
CA ASN A 344 -16.81 32.99 19.50
C ASN A 344 -15.54 33.38 18.75
N GLN A 345 -14.80 34.35 19.28
CA GLN A 345 -13.63 34.91 18.60
C GLN A 345 -12.41 34.81 19.50
N GLU A 346 -11.25 34.57 18.90
CA GLU A 346 -10.01 34.62 19.65
C GLU A 346 -9.72 36.06 20.09
N VAL A 347 -9.27 36.21 21.32
CA VAL A 347 -9.00 37.54 21.86
C VAL A 347 -7.74 38.10 21.22
N LYS A 348 -7.84 39.34 20.75
CA LYS A 348 -6.69 40.05 20.19
C LYS A 348 -6.34 41.21 21.11
N PRO A 349 -5.13 41.25 21.69
CA PRO A 349 -4.78 42.39 22.54
C PRO A 349 -4.57 43.65 21.73
N GLY A 350 -4.88 44.79 22.35
CA GLY A 350 -4.58 46.07 21.75
C GLY A 350 -3.12 46.42 21.93
N SER A 351 -2.80 47.70 22.01
CA SER A 351 -1.45 48.14 22.37
C SER A 351 -1.35 48.26 23.88
N CYS A 352 -0.22 47.84 24.42
CA CYS A 352 -0.07 47.84 25.87
C CYS A 352 -0.21 49.26 26.39
N PRO A 353 -0.88 49.47 27.53
CA PRO A 353 -1.09 50.83 28.02
C PRO A 353 0.20 51.57 28.36
N GLU A 354 1.27 50.86 28.68
CA GLU A 354 2.48 51.50 29.19
C GLU A 354 3.34 52.08 28.06
N CYS A 355 3.86 51.23 27.19
CA CYS A 355 4.70 51.68 26.09
C CYS A 355 3.93 51.80 24.78
N GLN A 356 2.61 51.63 24.81
CA GLN A 356 1.76 51.87 23.64
C GLN A 356 2.30 51.15 22.41
N SER A 357 2.68 49.89 22.58
CA SER A 357 3.17 49.07 21.48
C SER A 357 2.12 48.04 21.10
N ALA A 358 1.86 47.91 19.80
CA ALA A 358 0.94 46.91 19.26
C ALA A 358 1.68 45.63 18.85
N GLY A 359 2.75 45.28 19.56
CA GLY A 359 3.60 44.19 19.17
C GLY A 359 2.89 42.85 19.19
N PRO A 360 3.66 41.76 19.14
CA PRO A 360 3.05 40.43 19.04
C PRO A 360 2.35 39.98 20.31
N PHE A 361 2.98 40.22 21.46
CA PHE A 361 2.45 39.76 22.75
C PHE A 361 2.48 38.25 22.83
N GLU A 362 2.54 37.71 24.05
CA GLU A 362 2.50 36.27 24.27
C GLU A 362 1.71 36.01 25.54
N VAL A 363 1.06 34.84 25.60
CA VAL A 363 0.29 34.49 26.78
C VAL A 363 1.23 34.45 27.99
N ASN A 364 0.66 34.70 29.16
CA ASN A 364 1.38 34.62 30.43
C ASN A 364 0.69 33.54 31.25
N MET A 365 1.17 32.30 31.10
CA MET A 365 0.46 31.17 31.68
C MET A 365 0.41 31.24 33.20
N GLU A 366 1.48 31.73 33.83
CA GLU A 366 1.51 31.75 35.29
C GLU A 366 0.40 32.63 35.87
N GLU A 367 0.09 33.74 35.20
CA GLU A 367 -0.91 34.67 35.69
C GLU A 367 -2.27 34.52 35.02
N THR A 368 -2.34 33.82 33.89
CA THR A 368 -3.62 33.54 33.27
C THR A 368 -4.36 32.45 34.04
N ILE A 369 -5.69 32.45 33.89
CA ILE A 369 -6.54 31.40 34.44
C ILE A 369 -7.29 30.77 33.28
N TYR A 370 -7.48 29.45 33.34
CA TYR A 370 -8.01 28.68 32.23
C TYR A 370 -9.35 28.06 32.62
N GLN A 371 -9.88 27.24 31.72
CA GLN A 371 -11.12 26.51 31.94
C GLN A 371 -11.09 25.24 31.11
N ASN A 372 -11.59 24.14 31.69
CA ASN A 372 -11.57 22.87 30.99
C ASN A 372 -12.43 22.94 29.74
N TYR A 373 -11.92 22.41 28.64
CA TYR A 373 -12.59 22.46 27.35
C TYR A 373 -12.56 21.08 26.72
N GLN A 374 -13.71 20.43 26.64
CA GLN A 374 -13.85 19.13 26.02
C GLN A 374 -14.76 19.25 24.81
N ARG A 375 -14.46 18.50 23.76
CA ARG A 375 -15.26 18.50 22.54
C ARG A 375 -15.75 17.09 22.26
N ILE A 376 -17.06 16.93 22.11
CA ILE A 376 -17.67 15.63 21.89
C ILE A 376 -18.48 15.69 20.61
N ARG A 377 -18.85 14.51 20.12
CA ARG A 377 -19.76 14.37 18.99
C ARG A 377 -20.92 13.49 19.41
N ILE A 378 -22.14 13.97 19.16
CA ILE A 378 -23.36 13.27 19.55
C ILE A 378 -24.09 12.88 18.27
N GLN A 379 -24.39 11.60 18.12
CA GLN A 379 -25.06 11.08 16.94
C GLN A 379 -26.40 10.46 17.32
N GLU A 380 -27.31 10.42 16.36
CA GLU A 380 -28.63 9.88 16.58
C GLU A 380 -28.56 8.43 17.03
N SER A 381 -29.42 8.07 17.98
CA SER A 381 -29.45 6.69 18.45
C SER A 381 -29.89 5.77 17.31
N PRO A 382 -29.15 4.70 17.02
CA PRO A 382 -29.57 3.82 15.92
C PRO A 382 -30.98 3.28 16.08
N GLY A 383 -31.41 3.02 17.31
CA GLY A 383 -32.76 2.52 17.52
C GLY A 383 -33.83 3.52 17.13
N LYS A 384 -33.45 4.79 16.96
CA LYS A 384 -34.41 5.83 16.63
C LYS A 384 -34.38 6.22 15.15
N VAL A 385 -33.28 5.93 14.45
CA VAL A 385 -33.20 6.28 13.03
C VAL A 385 -34.26 5.49 12.26
N ALA A 386 -34.78 6.09 11.20
CA ALA A 386 -35.77 5.46 10.37
C ALA A 386 -35.12 4.45 9.43
N ALA A 387 -35.94 3.77 8.63
CA ALA A 387 -35.43 2.71 7.77
C ALA A 387 -34.43 3.24 6.76
N GLY A 388 -34.90 4.06 5.82
CA GLY A 388 -34.05 4.52 4.74
C GLY A 388 -33.36 5.84 5.05
N ARG A 389 -32.69 5.93 6.20
CA ARG A 389 -31.98 7.13 6.60
C ARG A 389 -30.74 6.74 7.37
N LEU A 390 -29.73 7.64 7.34
CA LEU A 390 -28.49 7.45 8.09
C LEU A 390 -28.45 8.36 9.31
N PRO A 391 -27.80 7.93 10.39
CA PRO A 391 -27.74 8.79 11.58
C PRO A 391 -26.97 10.06 11.31
N ARG A 392 -27.39 11.14 11.95
CA ARG A 392 -26.71 12.42 11.86
C ARG A 392 -25.98 12.72 13.17
N SER A 393 -24.97 13.58 13.08
CA SER A 393 -24.12 13.90 14.22
C SER A 393 -23.92 15.40 14.34
N LYS A 394 -23.76 15.86 15.58
CA LYS A 394 -23.50 17.27 15.87
C LYS A 394 -22.38 17.36 16.90
N ASP A 395 -21.53 18.37 16.74
CA ASP A 395 -20.40 18.59 17.64
C ASP A 395 -20.86 19.47 18.79
N ALA A 396 -20.43 19.12 20.00
CA ALA A 396 -20.79 19.85 21.20
C ALA A 396 -19.54 20.17 22.01
N ILE A 397 -19.60 21.25 22.77
CA ILE A 397 -18.47 21.72 23.57
C ILE A 397 -18.91 21.73 25.02
N LEU A 398 -18.19 20.99 25.86
CA LEU A 398 -18.38 20.98 27.29
C LEU A 398 -17.31 21.85 27.94
N LEU A 399 -17.72 22.68 28.90
CA LEU A 399 -16.87 23.76 29.39
C LEU A 399 -16.80 23.77 30.91
N ALA A 400 -15.71 23.22 31.44
CA ALA A 400 -15.20 23.51 32.77
C ALA A 400 -15.98 22.89 33.93
N ASP A 401 -17.17 22.35 33.68
CA ASP A 401 -17.82 21.51 34.68
C ASP A 401 -18.51 20.29 34.09
N LEU A 402 -18.93 20.31 32.83
CA LEU A 402 -19.52 19.14 32.20
C LEU A 402 -18.46 18.18 31.66
N VAL A 403 -17.19 18.56 31.72
CA VAL A 403 -16.13 17.72 31.19
C VAL A 403 -16.11 16.38 31.92
N ASP A 404 -15.76 15.32 31.18
CA ASP A 404 -15.73 13.95 31.66
C ASP A 404 -17.09 13.42 32.07
N SER A 405 -18.16 14.19 31.83
CA SER A 405 -19.51 13.71 32.11
C SER A 405 -19.99 12.67 31.10
N CYS A 406 -19.24 12.46 30.01
CA CYS A 406 -19.61 11.49 28.99
C CYS A 406 -18.40 10.67 28.60
N LYS A 407 -18.66 9.45 28.12
CA LYS A 407 -17.67 8.61 27.50
C LYS A 407 -18.26 8.02 26.23
N PRO A 408 -17.42 7.64 25.27
CA PRO A 408 -17.95 7.10 24.01
C PRO A 408 -18.86 5.91 24.28
N GLY A 409 -19.97 5.87 23.54
CA GLY A 409 -20.96 4.83 23.72
C GLY A 409 -22.09 5.19 24.66
N ASP A 410 -22.05 6.36 25.29
CA ASP A 410 -23.11 6.76 26.21
C ASP A 410 -24.31 7.29 25.45
N GLU A 411 -25.50 6.89 25.89
CA GLU A 411 -26.75 7.51 25.47
C GLU A 411 -27.01 8.68 26.41
N ILE A 412 -27.00 9.89 25.88
CA ILE A 412 -27.07 11.10 26.69
C ILE A 412 -28.14 12.03 26.13
N GLU A 413 -28.89 12.63 27.05
CA GLU A 413 -29.75 13.77 26.74
C GLU A 413 -28.96 15.04 26.98
N LEU A 414 -28.79 15.83 25.93
CA LEU A 414 -27.96 17.03 25.96
C LEU A 414 -28.85 18.24 25.71
N THR A 415 -28.80 19.20 26.63
CA THR A 415 -29.50 20.47 26.47
C THR A 415 -28.44 21.56 26.32
N GLY A 416 -28.50 22.30 25.22
CA GLY A 416 -27.47 23.28 24.95
C GLY A 416 -27.91 24.29 23.91
N ILE A 417 -27.02 25.23 23.64
CA ILE A 417 -27.28 26.32 22.70
C ILE A 417 -26.76 25.91 21.33
N TYR A 418 -27.63 25.97 20.32
CA TYR A 418 -27.25 25.62 18.95
C TYR A 418 -26.46 26.79 18.37
N HIS A 419 -25.30 27.02 18.97
CA HIS A 419 -24.44 28.14 18.60
C HIS A 419 -23.94 28.01 17.17
N ASN A 420 -23.79 29.15 16.49
CA ASN A 420 -23.34 29.14 15.10
C ASN A 420 -22.23 30.14 14.80
N ASN A 421 -22.17 31.24 15.56
CA ASN A 421 -21.34 32.39 15.19
C ASN A 421 -20.09 32.44 16.07
N TYR A 422 -19.09 31.62 15.71
CA TYR A 422 -17.78 31.72 16.33
C TYR A 422 -16.71 32.06 15.29
N ASP A 423 -16.48 31.19 14.33
CA ASP A 423 -15.70 31.51 13.14
C ASP A 423 -16.23 30.77 11.93
N GLY A 424 -17.34 30.05 12.06
CA GLY A 424 -17.71 29.05 11.08
C GLY A 424 -18.44 29.61 9.89
N SER A 425 -17.72 29.73 8.79
CA SER A 425 -18.29 30.23 7.54
C SER A 425 -17.31 29.87 6.44
N LEU A 426 -17.73 29.00 5.52
CA LEU A 426 -16.82 28.49 4.52
C LEU A 426 -16.50 29.56 3.50
N ASN A 427 -15.82 30.62 3.94
CA ASN A 427 -15.36 31.68 3.05
C ASN A 427 -14.20 31.24 2.19
N THR A 428 -13.59 30.09 2.48
CA THR A 428 -12.49 29.59 1.68
C THR A 428 -12.95 29.26 0.28
N ALA A 429 -12.03 29.39 -0.67
CA ALA A 429 -12.35 29.13 -2.07
C ALA A 429 -12.90 27.71 -2.24
N ASN A 430 -13.59 27.50 -3.36
CA ASN A 430 -14.26 26.23 -3.62
C ASN A 430 -15.20 25.88 -2.47
N GLY A 431 -15.89 26.89 -1.95
CA GLY A 431 -16.79 26.69 -0.83
C GLY A 431 -17.97 27.62 -0.93
N PHE A 432 -19.09 27.16 -0.40
CA PHE A 432 -20.34 27.91 -0.39
C PHE A 432 -20.51 28.62 0.93
N PRO A 433 -21.33 29.67 0.99
CA PRO A 433 -21.52 30.36 2.27
C PRO A 433 -22.32 29.52 3.26
N VAL A 434 -21.76 28.37 3.62
CA VAL A 434 -22.36 27.51 4.62
C VAL A 434 -21.87 27.93 5.99
N PHE A 435 -22.56 27.45 7.02
CA PHE A 435 -22.19 27.73 8.41
C PHE A 435 -22.14 26.42 9.18
N ALA A 436 -21.00 26.14 9.81
CA ALA A 436 -20.92 25.02 10.72
C ALA A 436 -21.67 25.36 12.01
N THR A 437 -22.10 24.32 12.72
CA THR A 437 -22.89 24.48 13.93
C THR A 437 -22.36 23.58 15.02
N VAL A 438 -22.25 24.13 16.22
CA VAL A 438 -21.84 23.38 17.40
C VAL A 438 -22.79 23.74 18.54
N ILE A 439 -23.09 22.76 19.38
CA ILE A 439 -24.04 22.93 20.48
C ILE A 439 -23.22 23.26 21.73
N LEU A 440 -23.33 24.50 22.21
CA LEU A 440 -22.71 24.88 23.47
C LEU A 440 -23.44 24.15 24.59
N ALA A 441 -22.81 23.10 25.12
CA ALA A 441 -23.49 22.26 26.11
C ALA A 441 -23.75 23.05 27.38
N ASN A 442 -24.97 22.88 27.91
CA ASN A 442 -25.35 23.49 29.18
C ASN A 442 -25.82 22.48 30.21
N HIS A 443 -26.34 21.33 29.79
CA HIS A 443 -26.71 20.27 30.70
C HIS A 443 -26.58 18.93 30.01
N VAL A 444 -26.07 17.94 30.75
CA VAL A 444 -25.87 16.59 30.25
C VAL A 444 -26.52 15.63 31.22
N ALA A 445 -27.30 14.68 30.71
CA ALA A 445 -27.93 13.66 31.53
C ALA A 445 -27.74 12.30 30.87
N LYS A 446 -26.96 11.44 31.51
CA LYS A 446 -26.78 10.08 31.00
C LYS A 446 -28.00 9.24 31.37
N LYS A 447 -28.61 8.62 30.36
CA LYS A 447 -29.77 7.76 30.56
C LYS A 447 -29.25 6.33 30.71
N ASP A 448 -29.29 5.82 31.94
CA ASP A 448 -28.78 4.49 32.24
C ASP A 448 -29.69 3.78 33.24
N GLU A 455 -20.23 1.93 42.66
CA GLU A 455 -20.91 0.84 43.34
C GLU A 455 -20.34 0.63 44.74
N LEU A 456 -19.94 1.73 45.38
CA LEU A 456 -19.36 1.68 46.73
C LEU A 456 -20.43 2.05 47.75
N THR A 457 -21.21 1.04 48.12
CA THR A 457 -22.29 1.22 49.07
C THR A 457 -21.90 0.69 50.45
N ASP A 458 -22.76 0.93 51.43
CA ASP A 458 -22.55 0.46 52.79
C ASP A 458 -23.86 -0.07 53.31
N GLU A 459 -23.76 -0.95 54.32
CA GLU A 459 -24.91 -1.62 54.92
C GLU A 459 -25.42 -2.72 53.99
N ASP A 460 -24.89 -2.80 52.77
CA ASP A 460 -25.12 -3.94 51.92
C ASP A 460 -24.20 -5.10 52.26
N VAL A 461 -23.16 -4.85 53.06
CA VAL A 461 -22.41 -5.96 53.65
C VAL A 461 -23.33 -6.81 54.51
N LYS A 462 -24.24 -6.16 55.23
CA LYS A 462 -25.26 -6.91 55.98
C LYS A 462 -26.12 -7.74 55.03
N MET A 463 -26.58 -7.14 53.93
CA MET A 463 -27.39 -7.87 52.96
C MET A 463 -26.65 -9.09 52.46
N ILE A 464 -25.41 -8.91 52.00
CA ILE A 464 -24.63 -10.02 51.45
C ILE A 464 -24.42 -11.09 52.51
N THR A 465 -24.07 -10.67 53.73
CA THR A 465 -23.93 -11.63 54.82
C THR A 465 -25.28 -12.21 55.23
N SER A 466 -26.37 -11.45 55.04
CA SER A 466 -27.67 -11.93 55.49
C SER A 466 -28.06 -13.22 54.78
N LEU A 467 -27.87 -13.27 53.46
CA LEU A 467 -28.13 -14.49 52.71
C LEU A 467 -26.90 -15.37 52.56
N SER A 468 -25.71 -14.89 52.98
CA SER A 468 -24.53 -15.73 52.95
C SER A 468 -24.67 -16.92 53.88
N LYS A 469 -25.41 -16.77 54.97
CA LYS A 469 -25.62 -17.84 55.94
C LYS A 469 -26.82 -18.72 55.58
N ASP A 470 -27.36 -18.56 54.37
CA ASP A 470 -28.58 -19.30 54.00
C ASP A 470 -28.36 -20.81 54.06
N GLN A 471 -27.12 -21.27 53.96
CA GLN A 471 -26.69 -22.66 53.98
C GLN A 471 -26.98 -23.36 52.66
N GLN A 472 -27.69 -22.73 51.72
CA GLN A 472 -27.89 -23.27 50.38
C GLN A 472 -27.61 -22.23 49.31
N ILE A 473 -26.85 -21.19 49.66
CA ILE A 473 -26.60 -20.09 48.71
C ILE A 473 -25.86 -20.59 47.48
N GLY A 474 -25.08 -21.67 47.62
CA GLY A 474 -24.37 -22.20 46.46
C GLY A 474 -25.32 -22.56 45.34
N GLU A 475 -26.39 -23.29 45.68
CA GLU A 475 -27.39 -23.65 44.67
C GLU A 475 -28.06 -22.41 44.10
N LYS A 476 -28.37 -21.43 44.96
CA LYS A 476 -29.01 -20.20 44.48
C LYS A 476 -28.14 -19.51 43.44
N ILE A 477 -26.86 -19.30 43.76
CA ILE A 477 -25.99 -18.59 42.83
C ILE A 477 -25.77 -19.41 41.56
N PHE A 478 -25.57 -20.73 41.71
CA PHE A 478 -25.39 -21.56 40.52
C PHE A 478 -26.62 -21.52 39.62
N ALA A 479 -27.80 -21.35 40.20
CA ALA A 479 -29.02 -21.21 39.42
C ALA A 479 -29.28 -19.78 38.98
N SER A 480 -28.51 -18.81 39.48
CA SER A 480 -28.70 -17.40 39.16
C SER A 480 -27.71 -16.89 38.13
N ILE A 481 -27.23 -17.76 37.23
CA ILE A 481 -26.30 -17.37 36.18
C ILE A 481 -27.00 -17.55 34.84
N ALA A 482 -27.05 -16.48 34.06
CA ALA A 482 -27.68 -16.48 32.75
C ALA A 482 -29.09 -17.06 32.87
N PRO A 483 -30.00 -16.38 33.58
CA PRO A 483 -31.35 -16.94 33.77
C PRO A 483 -32.12 -17.11 32.47
N SER A 484 -31.64 -16.56 31.36
CA SER A 484 -32.28 -16.73 30.07
C SER A 484 -31.86 -18.01 29.36
N ILE A 485 -31.00 -18.82 29.97
CA ILE A 485 -30.53 -20.08 29.41
C ILE A 485 -31.11 -21.21 30.25
N TYR A 486 -31.82 -22.13 29.61
CA TYR A 486 -32.40 -23.27 30.30
C TYR A 486 -31.38 -24.41 30.41
N GLY A 487 -31.36 -25.04 31.58
CA GLY A 487 -30.49 -26.18 31.77
C GLY A 487 -29.03 -25.79 31.82
N HIS A 488 -28.16 -26.71 31.39
CA HIS A 488 -26.72 -26.49 31.42
C HIS A 488 -26.27 -26.09 32.82
N GLU A 489 -26.79 -26.79 33.83
CA GLU A 489 -26.50 -26.43 35.22
C GLU A 489 -25.02 -26.56 35.53
N ASP A 490 -24.37 -27.61 35.04
CA ASP A 490 -22.95 -27.78 35.30
C ASP A 490 -22.13 -26.64 34.70
N ILE A 491 -22.48 -26.20 33.49
CA ILE A 491 -21.79 -25.07 32.90
C ILE A 491 -21.98 -23.82 33.75
N LYS A 492 -23.19 -23.62 34.25
CA LYS A 492 -23.45 -22.47 35.13
C LYS A 492 -22.61 -22.55 36.39
N ARG A 493 -22.49 -23.74 36.98
CA ARG A 493 -21.64 -23.91 38.15
C ARG A 493 -20.19 -23.55 37.83
N GLY A 494 -19.69 -24.06 36.71
CA GLY A 494 -18.32 -23.75 36.33
C GLY A 494 -18.10 -22.26 36.13
N LEU A 495 -19.07 -21.59 35.50
CA LEU A 495 -18.96 -20.15 35.29
C LEU A 495 -19.02 -19.40 36.60
N ALA A 496 -19.83 -19.86 37.56
CA ALA A 496 -19.84 -19.22 38.88
C ALA A 496 -18.48 -19.34 39.54
N LEU A 497 -17.89 -20.55 39.51
CA LEU A 497 -16.58 -20.73 40.10
C LEU A 497 -15.55 -19.83 39.41
N ALA A 498 -15.64 -19.72 38.08
CA ALA A 498 -14.73 -18.83 37.36
C ALA A 498 -14.92 -17.38 37.79
N LEU A 499 -16.18 -16.95 37.95
CA LEU A 499 -16.47 -15.59 38.37
C LEU A 499 -15.83 -15.27 39.71
N PHE A 500 -16.07 -16.14 40.70
CA PHE A 500 -15.53 -15.85 42.03
C PHE A 500 -14.02 -16.05 42.07
N GLY A 501 -13.47 -16.89 41.20
CA GLY A 501 -12.04 -17.01 41.08
C GLY A 501 -11.38 -17.71 42.25
N GLY A 502 -10.09 -17.99 42.13
CA GLY A 502 -9.31 -18.63 43.16
C GLY A 502 -8.54 -17.64 43.99
N GLU A 503 -7.32 -18.01 44.35
CA GLU A 503 -6.42 -17.16 45.13
C GLU A 503 -5.03 -17.18 44.51
N PRO A 504 -4.59 -16.14 43.81
CA PRO A 504 -3.25 -16.16 43.24
C PRO A 504 -2.19 -16.10 44.33
N LYS A 505 -1.19 -16.97 44.20
CA LYS A 505 -0.13 -17.06 45.20
C LYS A 505 1.18 -17.36 44.50
N ASN A 506 2.24 -16.70 44.95
CA ASN A 506 3.57 -16.81 44.37
C ASN A 506 4.56 -17.10 45.49
N PRO A 507 4.61 -18.34 45.98
CA PRO A 507 5.57 -18.69 47.04
C PRO A 507 6.95 -18.11 46.77
N GLY A 508 7.54 -17.47 47.76
CA GLY A 508 8.74 -16.70 47.51
C GLY A 508 8.44 -15.68 46.43
N GLY A 509 9.19 -15.73 45.34
CA GLY A 509 8.90 -14.92 44.18
C GLY A 509 9.19 -15.64 42.89
N LYS A 510 9.35 -16.97 42.97
CA LYS A 510 9.85 -17.76 41.87
C LYS A 510 8.89 -18.83 41.39
N HIS A 511 7.72 -18.97 42.01
CA HIS A 511 6.71 -19.97 41.61
C HIS A 511 5.38 -19.24 41.46
N LYS A 512 5.13 -18.68 40.29
CA LYS A 512 3.90 -17.95 40.03
C LYS A 512 2.78 -18.93 39.74
N VAL A 513 1.76 -18.94 40.60
CA VAL A 513 0.59 -19.79 40.42
C VAL A 513 -0.62 -18.87 40.29
N ARG A 514 -1.33 -18.99 39.16
CA ARG A 514 -2.46 -18.11 38.90
C ARG A 514 -3.66 -18.50 39.76
N GLY A 515 -4.35 -17.50 40.26
CA GLY A 515 -5.58 -17.70 41.00
C GLY A 515 -6.83 -17.73 40.14
N ASP A 516 -6.67 -17.70 38.82
CA ASP A 516 -7.82 -17.68 37.93
C ASP A 516 -8.30 -19.09 37.66
N ILE A 517 -9.52 -19.18 37.13
CA ILE A 517 -10.12 -20.45 36.72
C ILE A 517 -10.60 -20.24 35.28
N ASN A 518 -9.74 -20.54 34.32
CA ASN A 518 -10.10 -20.44 32.92
C ASN A 518 -11.08 -21.56 32.57
N VAL A 519 -12.03 -21.24 31.69
CA VAL A 519 -13.09 -22.18 31.32
C VAL A 519 -13.17 -22.23 29.80
N LEU A 520 -13.34 -23.43 29.26
CA LEU A 520 -13.53 -23.63 27.83
C LEU A 520 -14.80 -24.42 27.61
N LEU A 521 -15.74 -23.84 26.87
CA LEU A 521 -17.01 -24.49 26.53
C LEU A 521 -16.93 -24.92 25.08
N CYS A 522 -16.68 -26.20 24.86
CA CYS A 522 -16.64 -26.77 23.52
C CYS A 522 -17.93 -27.54 23.29
N GLY A 523 -18.63 -27.23 22.21
CA GLY A 523 -19.92 -27.86 21.98
C GLY A 523 -20.42 -27.66 20.57
N ASP A 524 -21.27 -28.59 20.15
CA ASP A 524 -21.92 -28.45 18.85
C ASP A 524 -22.82 -27.22 18.86
N PRO A 525 -23.07 -26.62 17.70
CA PRO A 525 -23.77 -25.33 17.66
C PRO A 525 -25.19 -25.44 18.20
N GLY A 526 -25.83 -24.29 18.31
CA GLY A 526 -27.20 -24.24 18.80
C GLY A 526 -27.36 -24.71 20.23
N THR A 527 -26.44 -24.32 21.12
CA THR A 527 -26.51 -24.72 22.52
C THR A 527 -26.26 -23.56 23.48
N ALA A 528 -26.27 -22.32 22.99
CA ALA A 528 -26.25 -21.13 23.83
C ALA A 528 -24.91 -20.94 24.54
N LYS A 529 -23.81 -21.33 23.90
CA LYS A 529 -22.49 -21.02 24.46
C LYS A 529 -22.23 -19.52 24.42
N SER A 530 -22.45 -18.91 23.25
CA SER A 530 -22.29 -17.47 23.14
C SER A 530 -23.23 -16.74 24.09
N GLN A 531 -24.39 -17.33 24.39
CA GLN A 531 -25.27 -16.72 25.38
C GLN A 531 -24.61 -16.67 26.75
N PHE A 532 -23.94 -17.75 27.15
CA PHE A 532 -23.22 -17.76 28.42
C PHE A 532 -22.13 -16.71 28.41
N LEU A 533 -21.36 -16.63 27.31
CA LEU A 533 -20.29 -15.64 27.24
C LEU A 533 -20.84 -14.22 27.35
N LYS A 534 -21.95 -13.95 26.66
CA LYS A 534 -22.55 -12.62 26.70
C LYS A 534 -23.09 -12.30 28.09
N TYR A 535 -23.68 -13.29 28.77
CA TYR A 535 -24.13 -13.05 30.13
C TYR A 535 -22.96 -12.68 31.04
N ILE A 536 -21.85 -13.41 30.90
CA ILE A 536 -20.67 -13.07 31.72
C ILE A 536 -20.19 -11.67 31.39
N GLU A 537 -20.18 -11.32 30.09
CA GLU A 537 -19.88 -9.95 29.71
C GLU A 537 -20.77 -8.96 30.45
N LYS A 538 -22.05 -9.28 30.57
CA LYS A 538 -23.01 -8.35 31.13
C LYS A 538 -22.88 -8.22 32.64
N VAL A 539 -22.55 -9.32 33.32
CA VAL A 539 -22.69 -9.38 34.77
C VAL A 539 -21.39 -9.09 35.53
N SER A 540 -20.24 -9.16 34.87
CA SER A 540 -18.96 -9.04 35.54
C SER A 540 -18.27 -7.75 35.13
N SER A 541 -17.85 -6.97 36.12
CA SER A 541 -17.12 -5.74 35.86
C SER A 541 -15.75 -6.07 35.29
N ARG A 542 -15.20 -5.12 34.52
CA ARG A 542 -13.93 -5.32 33.83
C ARG A 542 -13.95 -6.56 32.97
N ALA A 543 -15.08 -6.82 32.31
CA ALA A 543 -15.24 -7.97 31.44
C ALA A 543 -15.34 -7.50 30.00
N ILE A 544 -14.52 -8.08 29.13
CA ILE A 544 -14.49 -7.69 27.72
C ILE A 544 -14.76 -8.92 26.86
N PHE A 545 -15.32 -8.68 25.69
CA PHE A 545 -15.75 -9.71 24.76
C PHE A 545 -15.00 -9.55 23.44
N THR A 546 -14.45 -10.65 22.94
CA THR A 546 -13.78 -10.67 21.65
C THR A 546 -14.06 -12.01 20.98
N THR A 547 -13.89 -12.03 19.66
CA THR A 547 -14.18 -13.20 18.86
C THR A 547 -12.93 -13.63 18.11
N GLY A 548 -12.84 -14.93 17.83
CA GLY A 548 -11.72 -15.43 17.04
C GLY A 548 -11.62 -14.73 15.70
N GLN A 549 -12.76 -14.47 15.07
CA GLN A 549 -12.79 -13.67 13.85
C GLN A 549 -12.46 -12.22 14.20
N GLY A 550 -12.31 -11.40 13.16
CA GLY A 550 -11.99 -10.00 13.34
C GLY A 550 -13.21 -9.14 13.58
N ALA A 551 -14.35 -9.77 13.85
CA ALA A 551 -15.61 -9.07 14.05
C ALA A 551 -15.74 -8.47 15.45
N SER A 552 -14.66 -8.45 16.22
CA SER A 552 -14.67 -7.88 17.57
C SER A 552 -14.01 -6.51 17.54
N ALA A 553 -14.47 -5.65 18.45
CA ALA A 553 -13.95 -4.28 18.49
C ALA A 553 -12.45 -4.26 18.78
N VAL A 554 -12.00 -5.09 19.72
CA VAL A 554 -10.61 -5.11 20.16
C VAL A 554 -10.04 -6.49 19.93
N GLY A 555 -8.81 -6.55 19.39
CA GLY A 555 -8.16 -7.79 19.09
C GLY A 555 -7.39 -8.35 20.28
N LEU A 556 -6.95 -9.61 20.12
CA LEU A 556 -6.23 -10.28 21.18
C LEU A 556 -4.79 -9.81 21.30
N THR A 557 -4.20 -9.33 20.20
CA THR A 557 -2.78 -9.02 20.15
C THR A 557 -2.54 -7.52 20.30
N ALA A 558 -1.47 -7.19 21.00
CA ALA A 558 -1.09 -5.79 21.19
C ALA A 558 -0.43 -5.24 19.93
N TYR A 559 -0.38 -3.92 19.84
CA TYR A 559 0.24 -3.23 18.71
C TYR A 559 0.28 -1.75 19.04
N VAL A 560 0.85 -0.95 18.13
CA VAL A 560 0.90 0.49 18.28
C VAL A 560 0.50 1.13 16.97
N GLN A 561 -0.32 2.18 17.03
CA GLN A 561 -0.78 2.84 15.81
C GLN A 561 -1.46 4.14 16.19
N ARG A 562 -1.76 4.95 15.19
CA ARG A 562 -2.56 6.16 15.39
C ARG A 562 -4.03 5.77 15.40
N HIS A 563 -4.71 6.07 16.50
CA HIS A 563 -6.11 5.68 16.64
C HIS A 563 -6.94 6.35 15.55
N PRO A 564 -7.81 5.62 14.85
CA PRO A 564 -8.47 6.21 13.68
C PRO A 564 -9.30 7.45 13.99
N VAL A 565 -9.94 7.51 15.16
CA VAL A 565 -10.81 8.64 15.45
C VAL A 565 -10.03 9.77 16.14
N SER A 566 -9.16 9.42 17.10
CA SER A 566 -8.39 10.43 17.80
C SER A 566 -7.16 10.90 17.04
N ARG A 567 -6.75 10.19 15.99
CA ARG A 567 -5.60 10.54 15.18
C ARG A 567 -4.30 10.57 15.98
N GLU A 568 -4.31 10.06 17.21
CA GLU A 568 -3.16 10.11 18.10
C GLU A 568 -2.47 8.75 18.16
N TRP A 569 -1.14 8.78 18.24
CA TRP A 569 -0.33 7.57 18.26
C TRP A 569 -0.41 6.96 19.66
N THR A 570 -1.04 5.79 19.75
CA THR A 570 -1.26 5.12 21.02
C THR A 570 -0.86 3.65 20.93
N LEU A 571 -0.56 3.08 22.09
CA LEU A 571 -0.23 1.67 22.22
C LEU A 571 -1.52 0.91 22.48
N GLU A 572 -2.08 0.32 21.42
CA GLU A 572 -3.27 -0.50 21.55
C GLU A 572 -2.92 -1.83 22.19
N ALA A 573 -3.07 -1.91 23.51
CA ALA A 573 -2.82 -3.15 24.21
C ALA A 573 -3.85 -4.21 23.80
N GLY A 574 -3.41 -5.46 23.80
CA GLY A 574 -4.32 -6.54 23.43
C GLY A 574 -5.50 -6.63 24.38
N ALA A 575 -6.56 -7.26 23.88
CA ALA A 575 -7.78 -7.41 24.67
C ALA A 575 -7.47 -8.03 26.04
N LEU A 576 -6.64 -9.07 26.06
CA LEU A 576 -6.30 -9.72 27.32
C LEU A 576 -5.78 -8.72 28.34
N VAL A 577 -4.96 -7.76 27.90
CA VAL A 577 -4.44 -6.76 28.81
C VAL A 577 -5.55 -5.88 29.36
N LEU A 578 -6.49 -5.47 28.50
CA LEU A 578 -7.59 -4.63 28.97
C LEU A 578 -8.33 -5.30 30.12
N ALA A 579 -8.53 -6.61 30.04
CA ALA A 579 -9.08 -7.38 31.15
C ALA A 579 -7.99 -7.79 32.13
N ASP A 580 -7.23 -6.81 32.61
CA ASP A 580 -6.04 -7.11 33.41
C ASP A 580 -6.42 -7.87 34.68
N ARG A 581 -7.51 -7.47 35.34
CA ARG A 581 -7.96 -8.13 36.56
C ARG A 581 -9.41 -8.63 36.43
N GLY A 582 -9.91 -8.76 35.20
CA GLY A 582 -11.29 -9.15 35.00
C GLY A 582 -11.47 -10.43 34.21
N VAL A 583 -12.38 -10.41 33.24
CA VAL A 583 -12.72 -11.59 32.46
C VAL A 583 -12.57 -11.25 30.99
N CYS A 584 -11.91 -12.13 30.24
CA CYS A 584 -11.83 -12.04 28.79
C CYS A 584 -12.64 -13.18 28.21
N LEU A 585 -13.67 -12.84 27.44
CA LEU A 585 -14.53 -13.81 26.78
C LEU A 585 -14.10 -13.93 25.34
N ILE A 586 -13.79 -15.14 24.91
CA ILE A 586 -13.25 -15.40 23.58
C ILE A 586 -14.20 -16.36 22.87
N ASP A 587 -15.01 -15.82 21.97
CA ASP A 587 -15.87 -16.64 21.14
C ASP A 587 -15.14 -17.03 19.87
N GLU A 588 -15.52 -18.19 19.31
CA GLU A 588 -14.83 -18.76 18.16
C GLU A 588 -13.36 -19.01 18.49
N PHE A 589 -13.14 -19.65 19.64
CA PHE A 589 -11.79 -19.88 20.13
C PHE A 589 -10.97 -20.73 19.18
N ASP A 590 -11.63 -21.49 18.29
CA ASP A 590 -10.95 -22.39 17.36
C ASP A 590 -10.79 -21.79 15.97
N LYS A 591 -10.97 -20.47 15.83
CA LYS A 591 -10.83 -19.80 14.54
C LYS A 591 -9.88 -18.61 14.63
N MET A 592 -8.89 -18.69 15.52
CA MET A 592 -7.96 -17.58 15.70
C MET A 592 -6.85 -17.63 14.65
N ASN A 593 -6.06 -16.56 14.60
CA ASN A 593 -4.89 -16.51 13.76
C ASN A 593 -3.71 -17.19 14.47
N ASP A 594 -2.61 -17.35 13.73
CA ASP A 594 -1.39 -17.84 14.36
C ASP A 594 -0.92 -16.89 15.45
N GLN A 595 -0.90 -15.58 15.16
CA GLN A 595 -0.45 -14.61 16.14
C GLN A 595 -1.44 -14.53 17.30
N ASP A 596 -2.74 -14.64 17.02
CA ASP A 596 -3.72 -14.67 18.10
C ASP A 596 -3.50 -15.88 19.00
N ARG A 597 -3.23 -17.03 18.41
CA ARG A 597 -2.95 -18.23 19.21
C ARG A 597 -1.71 -18.02 20.06
N THR A 598 -0.65 -17.44 19.49
CA THR A 598 0.55 -17.19 20.26
C THR A 598 0.26 -16.23 21.41
N SER A 599 -0.52 -15.19 21.17
CA SER A 599 -0.81 -14.22 22.21
C SER A 599 -1.63 -14.83 23.34
N ILE A 600 -2.65 -15.61 23.00
CA ILE A 600 -3.44 -16.26 24.05
C ILE A 600 -2.57 -17.23 24.83
N HIS A 601 -1.69 -17.95 24.13
CA HIS A 601 -0.77 -18.86 24.83
C HIS A 601 0.10 -18.09 25.82
N GLU A 602 0.66 -16.96 25.38
CA GLU A 602 1.52 -16.17 26.26
C GLU A 602 0.74 -15.68 27.48
N ALA A 603 -0.46 -15.15 27.24
CA ALA A 603 -1.26 -14.61 28.34
C ALA A 603 -1.64 -15.70 29.34
N MET A 604 -2.05 -16.87 28.83
CA MET A 604 -2.46 -17.95 29.72
C MET A 604 -1.27 -18.54 30.46
N GLU A 605 -0.10 -18.56 29.85
CA GLU A 605 1.06 -19.19 30.48
C GLU A 605 1.71 -18.26 31.50
N GLN A 606 2.18 -17.09 31.06
CA GLN A 606 2.99 -16.23 31.90
C GLN A 606 2.22 -15.05 32.49
N GLN A 607 0.91 -14.93 32.20
CA GLN A 607 0.09 -13.87 32.76
C GLN A 607 0.67 -12.50 32.45
N SER A 608 1.18 -12.32 31.24
CA SER A 608 1.68 -11.02 30.80
C SER A 608 1.92 -11.05 29.31
N ILE A 609 2.14 -9.87 28.74
CA ILE A 609 2.37 -9.68 27.33
C ILE A 609 3.64 -8.87 27.16
N SER A 610 4.46 -9.26 26.19
CA SER A 610 5.73 -8.59 25.90
C SER A 610 5.63 -7.97 24.52
N ILE A 611 5.88 -6.68 24.44
CA ILE A 611 5.73 -5.91 23.21
C ILE A 611 7.10 -5.36 22.82
N SER A 612 7.47 -5.55 21.56
CA SER A 612 8.66 -4.95 20.97
C SER A 612 8.37 -4.48 19.54
N LYS A 613 7.21 -3.84 19.35
CA LYS A 613 6.73 -3.62 17.98
C LYS A 613 7.48 -2.49 17.28
N ALA A 614 7.38 -1.27 17.79
CA ALA A 614 8.05 -0.13 17.16
C ALA A 614 9.37 0.19 17.84
N GLY A 615 9.30 0.67 19.08
CA GLY A 615 10.47 0.84 19.91
C GLY A 615 10.15 0.54 21.35
N ILE A 616 8.94 0.05 21.59
CA ILE A 616 8.43 -0.14 22.95
C ILE A 616 8.82 -1.55 23.36
N VAL A 617 9.98 -1.68 24.02
CA VAL A 617 10.40 -2.96 24.58
C VAL A 617 9.86 -2.99 26.01
N THR A 618 8.65 -3.52 26.16
CA THR A 618 7.97 -3.49 27.44
C THR A 618 7.33 -4.85 27.71
N SER A 619 6.95 -5.05 28.97
CA SER A 619 6.25 -6.26 29.41
C SER A 619 5.17 -5.83 30.39
N LEU A 620 3.92 -5.82 29.93
CA LEU A 620 2.79 -5.39 30.75
C LEU A 620 1.90 -6.59 31.04
N GLN A 621 1.45 -6.71 32.28
CA GLN A 621 0.82 -7.94 32.74
C GLN A 621 -0.67 -7.93 32.49
N ALA A 622 -1.20 -9.10 32.13
CA ALA A 622 -2.62 -9.30 31.84
C ALA A 622 -3.08 -10.53 32.64
N ARG A 623 -3.57 -10.29 33.85
CA ARG A 623 -3.98 -11.36 34.75
C ARG A 623 -5.49 -11.60 34.60
N CYS A 624 -5.86 -12.06 33.41
CA CYS A 624 -7.25 -12.26 33.03
C CYS A 624 -7.68 -13.70 33.24
N THR A 625 -8.99 -13.88 33.42
CA THR A 625 -9.62 -15.20 33.39
C THR A 625 -10.25 -15.36 32.01
N VAL A 626 -9.82 -16.38 31.28
CA VAL A 626 -10.26 -16.60 29.91
C VAL A 626 -11.45 -17.56 29.94
N ILE A 627 -12.59 -17.10 29.45
CA ILE A 627 -13.76 -17.95 29.23
C ILE A 627 -13.96 -18.02 27.73
N ALA A 628 -13.77 -19.21 27.16
CA ALA A 628 -13.75 -19.40 25.73
C ALA A 628 -14.91 -20.28 25.29
N ALA A 629 -15.36 -20.06 24.07
CA ALA A 629 -16.40 -20.88 23.46
C ALA A 629 -15.90 -21.38 22.11
N ALA A 630 -16.21 -22.64 21.79
CA ALA A 630 -15.73 -23.22 20.55
C ALA A 630 -16.64 -24.36 20.12
N ASN A 631 -16.53 -24.70 18.82
CA ASN A 631 -17.25 -25.81 18.22
C ASN A 631 -16.28 -26.94 17.88
N PRO A 632 -16.71 -28.19 17.96
CA PRO A 632 -15.81 -29.30 17.63
C PRO A 632 -15.50 -29.35 16.15
N ILE A 633 -14.36 -29.98 15.83
CA ILE A 633 -13.99 -30.15 14.43
C ILE A 633 -15.10 -30.90 13.71
N GLY A 634 -15.48 -30.39 12.55
CA GLY A 634 -16.57 -30.98 11.79
C GLY A 634 -17.95 -30.54 12.20
N GLY A 635 -18.06 -29.61 13.16
CA GLY A 635 -19.35 -29.10 13.57
C GLY A 635 -20.16 -30.01 14.46
N ARG A 636 -19.59 -31.11 14.92
CA ARG A 636 -20.30 -32.04 15.79
C ARG A 636 -19.30 -32.76 16.69
N TYR A 637 -19.61 -32.83 17.98
CA TYR A 637 -18.76 -33.50 18.94
C TYR A 637 -19.04 -34.99 18.93
N ASP A 638 -17.99 -35.79 18.73
CA ASP A 638 -18.12 -37.24 18.67
C ASP A 638 -17.50 -37.85 19.91
N PRO A 639 -18.28 -38.41 20.83
CA PRO A 639 -17.70 -38.93 22.08
C PRO A 639 -16.74 -40.08 21.86
N SER A 640 -16.79 -40.75 20.72
CA SER A 640 -15.86 -41.84 20.45
C SER A 640 -14.43 -41.36 20.35
N LEU A 641 -14.22 -40.05 20.20
CA LEU A 641 -12.89 -39.45 20.13
C LEU A 641 -12.66 -38.60 21.37
N THR A 642 -11.43 -38.63 21.87
CA THR A 642 -11.08 -37.83 23.04
C THR A 642 -11.27 -36.34 22.72
N PHE A 643 -11.38 -35.54 23.78
CA PHE A 643 -11.64 -34.12 23.61
C PHE A 643 -10.52 -33.44 22.83
N SER A 644 -9.26 -33.74 23.16
CA SER A 644 -8.14 -32.98 22.60
C SER A 644 -7.99 -33.15 21.10
N GLU A 645 -8.66 -34.14 20.51
CA GLU A 645 -8.50 -34.43 19.08
C GLU A 645 -9.68 -34.00 18.22
N ASN A 646 -10.85 -33.78 18.80
CA ASN A 646 -12.00 -33.27 18.06
C ASN A 646 -12.20 -31.78 18.28
N VAL A 647 -11.11 -31.07 18.56
CA VAL A 647 -11.13 -29.62 18.68
C VAL A 647 -9.88 -29.07 18.01
N ASP A 648 -10.04 -28.00 17.23
CA ASP A 648 -8.93 -27.40 16.50
C ASP A 648 -8.08 -26.53 17.43
N LEU A 649 -7.52 -27.19 18.44
CA LEU A 649 -6.66 -26.51 19.41
C LEU A 649 -5.54 -27.45 19.81
N THR A 650 -4.32 -26.91 19.84
CA THR A 650 -3.17 -27.73 20.22
C THR A 650 -3.21 -28.05 21.72
N GLU A 651 -2.52 -29.12 22.09
CA GLU A 651 -2.54 -29.58 23.47
C GLU A 651 -2.10 -28.50 24.46
N PRO A 652 -1.04 -27.71 24.20
CA PRO A 652 -0.63 -26.71 25.19
C PRO A 652 -1.73 -25.72 25.53
N ILE A 653 -2.53 -25.30 24.54
CA ILE A 653 -3.60 -24.35 24.81
C ILE A 653 -4.64 -24.95 25.73
N ILE A 654 -5.09 -26.17 25.41
CA ILE A 654 -6.12 -26.81 26.22
C ILE A 654 -5.60 -27.13 27.60
N SER A 655 -4.28 -27.35 27.73
CA SER A 655 -3.72 -27.72 29.02
C SER A 655 -3.78 -26.60 30.04
N ARG A 656 -4.07 -25.37 29.62
CA ARG A 656 -4.11 -24.22 30.52
C ARG A 656 -5.52 -23.84 30.94
N PHE A 657 -6.53 -24.61 30.55
CA PHE A 657 -7.91 -24.37 30.97
C PHE A 657 -8.24 -25.27 32.16
N ASP A 658 -8.85 -24.69 33.18
CA ASP A 658 -9.13 -25.45 34.39
C ASP A 658 -10.42 -26.26 34.28
N ILE A 659 -11.38 -25.81 33.49
CA ILE A 659 -12.65 -26.51 33.32
C ILE A 659 -12.93 -26.66 31.82
N LEU A 660 -13.27 -27.87 31.41
CA LEU A 660 -13.69 -28.16 30.04
C LEU A 660 -15.15 -28.61 30.08
N CYS A 661 -16.03 -27.83 29.48
CA CYS A 661 -17.45 -28.15 29.42
C CYS A 661 -17.76 -28.63 28.01
N VAL A 662 -18.13 -29.91 27.89
CA VAL A 662 -18.46 -30.53 26.61
C VAL A 662 -19.97 -30.44 26.47
N VAL A 663 -20.44 -29.43 25.74
CA VAL A 663 -21.86 -29.25 25.51
C VAL A 663 -22.26 -30.07 24.28
N ARG A 664 -23.16 -31.01 24.47
CA ARG A 664 -23.61 -31.90 23.41
C ARG A 664 -25.11 -31.72 23.20
N ASP A 665 -25.50 -31.62 21.93
CA ASP A 665 -26.91 -31.49 21.55
C ASP A 665 -27.40 -32.86 21.12
N THR A 666 -27.94 -33.63 22.07
CA THR A 666 -28.45 -34.96 21.82
C THR A 666 -29.98 -34.91 21.78
N VAL A 667 -30.55 -35.60 20.79
CA VAL A 667 -32.00 -35.56 20.60
C VAL A 667 -32.67 -36.15 21.83
N ASP A 668 -33.59 -35.40 22.43
CA ASP A 668 -34.31 -35.84 23.62
C ASP A 668 -35.69 -35.17 23.64
N PRO A 669 -36.77 -35.92 23.44
CA PRO A 669 -38.08 -35.26 23.28
C PRO A 669 -38.47 -34.37 24.45
N VAL A 670 -38.22 -34.81 25.68
CA VAL A 670 -38.66 -34.03 26.84
C VAL A 670 -37.88 -32.72 26.91
N GLN A 671 -36.56 -32.80 26.80
CA GLN A 671 -35.74 -31.59 26.86
C GLN A 671 -36.03 -30.68 25.66
N ASP A 672 -36.24 -31.28 24.49
CA ASP A 672 -36.58 -30.49 23.31
C ASP A 672 -37.88 -29.71 23.54
N GLU A 673 -38.90 -30.38 24.08
CA GLU A 673 -40.17 -29.70 24.35
C GLU A 673 -39.97 -28.59 25.38
N MET A 674 -39.20 -28.87 26.43
CA MET A 674 -39.00 -27.86 27.47
C MET A 674 -38.29 -26.64 26.90
N LEU A 675 -37.25 -26.84 26.10
CA LEU A 675 -36.51 -25.71 25.54
C LEU A 675 -37.37 -24.95 24.54
N ALA A 676 -38.20 -25.66 23.75
CA ALA A 676 -39.11 -24.99 22.85
C ALA A 676 -40.08 -24.10 23.62
N ARG A 677 -40.65 -24.64 24.70
CA ARG A 677 -41.53 -23.82 25.53
C ARG A 677 -40.79 -22.59 26.05
N PHE A 678 -39.57 -22.78 26.54
CA PHE A 678 -38.79 -21.67 27.07
C PHE A 678 -38.64 -20.56 26.03
N VAL A 679 -38.10 -20.91 24.86
CA VAL A 679 -37.76 -19.88 23.89
C VAL A 679 -39.02 -19.26 23.29
N VAL A 680 -40.06 -20.05 23.07
CA VAL A 680 -41.29 -19.51 22.51
C VAL A 680 -41.95 -18.56 23.51
N GLY A 681 -41.92 -18.92 24.80
CA GLY A 681 -42.42 -18.01 25.81
C GLY A 681 -41.63 -16.72 25.88
N SER A 682 -40.31 -16.82 25.71
CA SER A 682 -39.49 -15.61 25.64
C SER A 682 -39.93 -14.73 24.47
N HIS A 683 -40.12 -15.34 23.30
CA HIS A 683 -40.57 -14.58 22.13
C HIS A 683 -41.92 -13.92 22.41
N VAL A 684 -42.84 -14.65 23.05
CA VAL A 684 -44.15 -14.09 23.36
C VAL A 684 -44.01 -12.91 24.30
N ARG A 685 -43.20 -13.05 25.35
CA ARG A 685 -43.12 -12.03 26.39
C ARG A 685 -42.35 -10.80 25.95
N HIS A 686 -41.49 -10.92 24.94
CA HIS A 686 -40.73 -9.77 24.45
C HIS A 686 -41.27 -9.21 23.15
N HIS A 687 -42.55 -9.46 22.86
CA HIS A 687 -43.17 -8.84 21.69
C HIS A 687 -43.23 -7.33 21.89
N PRO A 688 -43.09 -6.54 20.81
CA PRO A 688 -43.07 -5.08 21.01
C PRO A 688 -44.30 -4.54 21.73
N SER A 689 -45.49 -5.08 21.47
CA SER A 689 -46.68 -4.56 22.14
C SER A 689 -46.61 -4.76 23.65
N ASN A 690 -46.15 -5.93 24.08
CA ASN A 690 -46.13 -6.29 25.50
C ASN A 690 -44.82 -5.88 26.17
N LYS A 691 -44.11 -4.90 25.62
CA LYS A 691 -42.85 -4.45 26.20
C LYS A 691 -43.11 -3.41 27.29
N GLY A 711 -33.87 -26.14 42.85
CA GLY A 711 -35.23 -25.73 43.15
C GLY A 711 -35.29 -24.54 44.10
N VAL A 712 -34.43 -23.56 43.85
CA VAL A 712 -34.35 -22.36 44.68
C VAL A 712 -34.67 -21.15 43.81
N GLU A 713 -34.71 -19.98 44.46
CA GLU A 713 -35.06 -18.73 43.79
C GLU A 713 -33.80 -17.98 43.43
N PRO A 714 -33.53 -17.71 42.15
CA PRO A 714 -32.30 -17.02 41.77
C PRO A 714 -32.21 -15.65 42.43
N LEU A 715 -30.99 -15.27 42.79
CA LEU A 715 -30.76 -13.93 43.32
C LEU A 715 -30.91 -12.90 42.20
N PRO A 716 -31.38 -11.69 42.53
CA PRO A 716 -31.39 -10.63 41.51
C PRO A 716 -30.00 -10.31 41.03
N GLN A 717 -29.88 -9.98 39.74
CA GLN A 717 -28.58 -9.85 39.11
C GLN A 717 -27.74 -8.76 39.79
N GLU A 718 -28.36 -7.62 40.12
CA GLU A 718 -27.61 -6.56 40.78
C GLU A 718 -27.06 -7.03 42.12
N VAL A 719 -27.87 -7.72 42.91
CA VAL A 719 -27.38 -8.25 44.18
C VAL A 719 -26.35 -9.33 43.94
N LEU A 720 -26.51 -10.12 42.88
CA LEU A 720 -25.51 -11.14 42.56
C LEU A 720 -24.15 -10.50 42.30
N LYS A 721 -24.12 -9.41 41.53
CA LYS A 721 -22.84 -8.78 41.25
C LYS A 721 -22.31 -8.04 42.48
N LYS A 722 -23.18 -7.50 43.33
CA LYS A 722 -22.70 -6.97 44.60
C LYS A 722 -22.03 -8.05 45.44
N TYR A 723 -22.66 -9.22 45.51
CA TYR A 723 -22.07 -10.35 46.22
C TYR A 723 -20.73 -10.74 45.62
N ILE A 724 -20.67 -10.78 44.29
CA ILE A 724 -19.41 -11.12 43.62
C ILE A 724 -18.33 -10.12 43.99
N ILE A 725 -18.67 -8.83 43.95
CA ILE A 725 -17.68 -7.81 44.29
C ILE A 725 -17.17 -8.02 45.71
N TYR A 726 -18.09 -8.16 46.67
CA TYR A 726 -17.67 -8.27 48.06
C TYR A 726 -16.81 -9.52 48.28
N ALA A 727 -17.25 -10.66 47.76
CA ALA A 727 -16.49 -11.89 47.96
C ALA A 727 -15.13 -11.79 47.28
N LYS A 728 -15.09 -11.33 46.04
CA LYS A 728 -13.85 -11.25 45.27
C LYS A 728 -12.89 -10.22 45.84
N GLU A 729 -13.36 -9.29 46.65
CA GLU A 729 -12.50 -8.24 47.18
C GLU A 729 -12.10 -8.44 48.63
N ARG A 730 -12.91 -9.15 49.43
CA ARG A 730 -12.67 -9.23 50.87
C ARG A 730 -12.23 -10.62 51.33
N VAL A 731 -13.02 -11.65 51.07
CA VAL A 731 -12.75 -12.97 51.64
C VAL A 731 -11.67 -13.67 50.82
N HIS A 732 -10.64 -14.17 51.49
CA HIS A 732 -9.52 -14.84 50.84
C HIS A 732 -9.30 -16.18 51.54
N PRO A 733 -10.04 -17.21 51.15
CA PRO A 733 -9.97 -18.48 51.88
C PRO A 733 -8.57 -19.08 51.85
N LYS A 734 -8.20 -19.71 52.96
CA LYS A 734 -6.94 -20.40 53.13
C LYS A 734 -7.24 -21.87 53.35
N LEU A 735 -6.50 -22.74 52.67
CA LEU A 735 -6.74 -24.18 52.74
C LEU A 735 -5.81 -24.78 53.79
N ASN A 736 -6.13 -24.48 55.05
CA ASN A 736 -5.48 -25.09 56.19
C ASN A 736 -6.21 -26.31 56.73
N GLN A 737 -7.38 -26.62 56.16
CA GLN A 737 -8.20 -27.74 56.62
C GLN A 737 -8.35 -28.82 55.55
N MET A 738 -7.65 -28.70 54.43
CA MET A 738 -7.71 -29.73 53.40
C MET A 738 -7.15 -31.04 53.93
N ASP A 739 -7.79 -32.14 53.55
CA ASP A 739 -7.37 -33.48 53.96
C ASP A 739 -6.36 -33.98 52.95
N GLN A 740 -5.07 -33.75 53.23
CA GLN A 740 -4.03 -34.16 52.30
C GLN A 740 -4.09 -35.65 52.01
N ASP A 741 -4.48 -36.45 53.01
CA ASP A 741 -4.58 -37.89 52.81
C ASP A 741 -5.55 -38.23 51.68
N LYS A 742 -6.76 -37.67 51.76
CA LYS A 742 -7.79 -37.97 50.76
C LYS A 742 -7.35 -37.52 49.39
N VAL A 743 -6.79 -36.30 49.28
CA VAL A 743 -6.39 -35.79 47.98
C VAL A 743 -5.27 -36.63 47.39
N ALA A 744 -4.28 -37.00 48.21
CA ALA A 744 -3.17 -37.79 47.71
C ALA A 744 -3.63 -39.16 47.23
N LYS A 745 -4.46 -39.83 48.03
CA LYS A 745 -4.97 -41.14 47.62
C LYS A 745 -5.78 -41.02 46.34
N MET A 746 -6.62 -39.97 46.25
CA MET A 746 -7.43 -39.77 45.05
C MET A 746 -6.55 -39.57 43.83
N TYR A 747 -5.51 -38.73 43.96
CA TYR A 747 -4.62 -38.48 42.84
C TYR A 747 -3.89 -39.73 42.41
N SER A 748 -3.38 -40.50 43.37
CA SER A 748 -2.67 -41.74 43.02
C SER A 748 -3.60 -42.71 42.32
N ASP A 749 -4.82 -42.87 42.83
CA ASP A 749 -5.77 -43.76 42.19
C ASP A 749 -6.08 -43.32 40.77
N LEU A 750 -6.27 -42.00 40.57
CA LEU A 750 -6.57 -41.52 39.23
C LEU A 750 -5.39 -41.74 38.29
N ARG A 751 -4.17 -41.51 38.77
CA ARG A 751 -2.99 -41.78 37.94
C ARG A 751 -2.98 -43.25 37.51
N LYS A 752 -3.14 -44.16 38.48
CA LYS A 752 -3.08 -45.58 38.17
C LYS A 752 -4.17 -45.96 37.17
N GLU A 753 -5.38 -45.45 37.36
CA GLU A 753 -6.47 -45.81 36.47
C GLU A 753 -6.26 -45.26 35.07
N SER A 754 -5.89 -43.98 34.97
CA SER A 754 -5.71 -43.38 33.66
C SER A 754 -4.59 -44.04 32.89
N MET A 755 -3.47 -44.39 33.56
CA MET A 755 -2.39 -45.07 32.87
C MET A 755 -2.70 -46.54 32.63
N ALA A 756 -3.64 -47.13 33.37
CA ALA A 756 -4.05 -48.50 33.11
C ALA A 756 -4.70 -48.61 31.73
N THR A 757 -5.24 -47.52 31.22
CA THR A 757 -5.84 -47.47 29.90
C THR A 757 -5.08 -46.48 29.01
N GLY A 758 -5.23 -46.66 27.70
CA GLY A 758 -4.64 -45.73 26.76
C GLY A 758 -5.41 -44.43 26.72
N SER A 759 -5.34 -43.68 27.81
CA SER A 759 -6.14 -42.47 28.00
C SER A 759 -5.24 -41.33 28.45
N ILE A 760 -5.73 -40.11 28.23
CA ILE A 760 -4.99 -38.94 28.71
C ILE A 760 -4.85 -39.02 30.22
N PRO A 761 -3.65 -38.91 30.78
CA PRO A 761 -3.48 -39.11 32.22
C PRO A 761 -3.82 -37.87 33.03
N ILE A 762 -3.86 -38.07 34.34
CA ILE A 762 -4.01 -36.97 35.29
C ILE A 762 -2.63 -36.47 35.68
N THR A 763 -2.51 -35.15 35.82
CA THR A 763 -1.23 -34.51 36.12
C THR A 763 -1.40 -33.56 37.30
N VAL A 764 -0.29 -32.95 37.72
CA VAL A 764 -0.30 -32.09 38.89
C VAL A 764 -1.23 -30.90 38.65
N ARG A 765 -1.22 -30.35 37.44
CA ARG A 765 -2.05 -29.17 37.17
C ARG A 765 -3.52 -29.45 37.46
N HIS A 766 -3.94 -30.71 37.37
CA HIS A 766 -5.31 -31.05 37.77
C HIS A 766 -5.51 -30.83 39.27
N ILE A 767 -4.52 -31.22 40.08
CA ILE A 767 -4.60 -30.95 41.52
C ILE A 767 -4.60 -29.44 41.77
N GLU A 768 -3.79 -28.71 41.01
CA GLU A 768 -3.80 -27.25 41.12
C GLU A 768 -5.18 -26.70 40.84
N SER A 769 -5.81 -27.16 39.76
CA SER A 769 -7.14 -26.67 39.39
C SER A 769 -8.16 -27.04 40.45
N MET A 770 -8.06 -28.24 41.01
CA MET A 770 -8.98 -28.62 42.09
C MET A 770 -8.80 -27.71 43.29
N ILE A 771 -7.55 -27.36 43.62
CA ILE A 771 -7.31 -26.43 44.72
C ILE A 771 -7.94 -25.07 44.43
N ARG A 772 -7.74 -24.57 43.22
CA ARG A 772 -8.31 -23.27 42.86
C ARG A 772 -9.83 -23.30 42.94
N MET A 773 -10.45 -24.36 42.44
CA MET A 773 -11.91 -24.44 42.46
C MET A 773 -12.43 -24.60 43.88
N ALA A 774 -11.73 -25.33 44.73
CA ALA A 774 -12.13 -25.41 46.13
C ALA A 774 -12.05 -24.05 46.80
N GLU A 775 -10.99 -23.30 46.54
CA GLU A 775 -10.88 -21.95 47.09
C GLU A 775 -12.01 -21.06 46.57
N ALA A 776 -12.33 -21.18 45.28
CA ALA A 776 -13.42 -20.37 44.73
C ALA A 776 -14.75 -20.73 45.37
N HIS A 777 -15.03 -22.02 45.54
CA HIS A 777 -16.28 -22.44 46.16
C HIS A 777 -16.36 -21.95 47.59
N ALA A 778 -15.24 -21.99 48.32
CA ALA A 778 -15.20 -21.40 49.66
C ALA A 778 -15.49 -19.90 49.59
N ARG A 779 -14.94 -19.22 48.58
CA ARG A 779 -15.17 -17.80 48.42
C ARG A 779 -16.65 -17.50 48.20
N ILE A 780 -17.34 -18.36 47.45
CA ILE A 780 -18.78 -18.17 47.25
C ILE A 780 -19.49 -18.10 48.61
N HIS A 781 -19.14 -19.00 49.52
CA HIS A 781 -19.73 -19.02 50.84
C HIS A 781 -19.00 -18.14 51.84
N LEU A 782 -17.93 -17.46 51.42
CA LEU A 782 -17.21 -16.53 52.28
C LEU A 782 -16.69 -17.21 53.55
N ARG A 783 -16.40 -18.50 53.47
CA ARG A 783 -16.01 -19.24 54.67
C ARG A 783 -14.70 -18.73 55.26
N ASP A 784 -13.78 -18.27 54.41
CA ASP A 784 -12.42 -17.88 54.79
C ASP A 784 -11.57 -19.08 55.14
N TYR A 785 -12.11 -20.30 55.07
CA TYR A 785 -11.35 -21.51 55.34
C TYR A 785 -12.01 -22.63 54.55
N VAL A 786 -11.29 -23.16 53.56
CA VAL A 786 -11.85 -24.23 52.73
C VAL A 786 -12.26 -25.40 53.62
N ILE A 787 -13.48 -25.87 53.45
CA ILE A 787 -14.04 -26.93 54.26
C ILE A 787 -14.14 -28.19 53.43
N GLU A 788 -14.27 -29.33 54.12
CA GLU A 788 -14.28 -30.62 53.45
C GLU A 788 -15.28 -30.65 52.29
N ASP A 789 -16.46 -30.07 52.49
CA ASP A 789 -17.46 -30.10 51.42
C ASP A 789 -17.00 -29.28 50.22
N ASP A 790 -16.31 -28.16 50.47
CA ASP A 790 -15.77 -27.38 49.36
C ASP A 790 -14.78 -28.22 48.55
N VAL A 791 -13.89 -28.93 49.25
CA VAL A 791 -12.91 -29.77 48.56
C VAL A 791 -13.61 -30.85 47.76
N ASN A 792 -14.63 -31.47 48.35
CA ASN A 792 -15.36 -32.53 47.65
C ASN A 792 -16.06 -32.00 46.41
N MET A 793 -16.67 -30.81 46.51
CA MET A 793 -17.33 -30.24 45.34
C MET A 793 -16.32 -29.89 44.25
N ALA A 794 -15.18 -29.33 44.64
CA ALA A 794 -14.14 -29.03 43.65
C ALA A 794 -13.66 -30.31 42.97
N ILE A 795 -13.47 -31.38 43.75
CA ILE A 795 -13.09 -32.66 43.16
C ILE A 795 -14.17 -33.14 42.21
N ARG A 796 -15.43 -33.00 42.59
CA ARG A 796 -16.52 -33.39 41.72
C ARG A 796 -16.41 -32.69 40.37
N VAL A 797 -16.25 -31.37 40.40
CA VAL A 797 -16.21 -30.61 39.15
C VAL A 797 -14.99 -31.00 38.32
N MET A 798 -13.82 -31.09 38.95
CA MET A 798 -12.61 -31.41 38.22
C MET A 798 -12.69 -32.80 37.60
N LEU A 799 -13.20 -33.77 38.35
CA LEU A 799 -13.33 -35.13 37.82
C LEU A 799 -14.37 -35.17 36.71
N GLU A 800 -15.47 -34.43 36.84
CA GLU A 800 -16.44 -34.40 35.76
C GLU A 800 -15.80 -33.90 34.47
N SER A 801 -15.05 -32.80 34.55
CA SER A 801 -14.39 -32.28 33.35
C SER A 801 -13.41 -33.29 32.80
N PHE A 802 -12.54 -33.82 33.66
CA PHE A 802 -11.50 -34.74 33.20
C PHE A 802 -12.09 -35.99 32.58
N ILE A 803 -13.17 -36.51 33.16
CA ILE A 803 -13.82 -37.70 32.61
C ILE A 803 -14.46 -37.38 31.27
N ASP A 804 -15.21 -36.27 31.20
CA ASP A 804 -15.85 -35.92 29.94
C ASP A 804 -14.84 -35.63 28.84
N THR A 805 -13.60 -35.29 29.18
CA THR A 805 -12.60 -35.10 28.14
C THR A 805 -12.14 -36.42 27.55
N GLN A 806 -12.39 -37.53 28.21
CA GLN A 806 -11.94 -38.83 27.75
C GLN A 806 -12.87 -39.38 26.66
N LYS A 807 -12.40 -40.44 25.99
CA LYS A 807 -13.18 -41.08 24.96
C LYS A 807 -14.34 -41.86 25.57
N PHE A 808 -15.15 -42.45 24.70
CA PHE A 808 -16.42 -43.06 25.13
C PHE A 808 -16.18 -44.18 26.14
N SER A 809 -15.33 -45.15 25.79
CA SER A 809 -15.11 -46.29 26.67
C SER A 809 -14.48 -45.84 27.99
N VAL A 810 -13.44 -45.01 27.92
CA VAL A 810 -12.81 -44.52 29.13
C VAL A 810 -13.79 -43.68 29.94
N MET A 811 -14.77 -43.06 29.29
CA MET A 811 -15.78 -42.32 30.02
C MET A 811 -16.49 -43.21 31.02
N ARG A 812 -17.03 -44.34 30.55
CA ARG A 812 -17.69 -45.28 31.44
C ARG A 812 -16.70 -45.90 32.42
N SER A 813 -15.49 -46.20 31.96
CA SER A 813 -14.48 -46.78 32.86
C SER A 813 -14.29 -45.91 34.08
N MET A 814 -14.03 -44.62 33.87
CA MET A 814 -13.76 -43.72 34.98
C MET A 814 -15.04 -43.36 35.74
N ARG A 815 -16.18 -43.35 35.06
CA ARG A 815 -17.45 -43.12 35.75
C ARG A 815 -17.69 -44.20 36.79
N LYS A 816 -17.60 -45.47 36.38
CA LYS A 816 -17.82 -46.56 37.33
C LYS A 816 -16.71 -46.63 38.37
N THR A 817 -15.46 -46.40 37.95
CA THR A 817 -14.35 -46.50 38.88
C THR A 817 -14.39 -45.41 39.95
N PHE A 818 -14.87 -44.21 39.61
CA PHE A 818 -14.89 -43.09 40.55
C PHE A 818 -16.29 -42.54 40.75
N ALA A 819 -17.32 -43.38 40.58
CA ALA A 819 -18.69 -42.90 40.75
C ALA A 819 -18.91 -42.26 42.11
N ARG A 820 -18.21 -42.75 43.14
CA ARG A 820 -18.36 -42.18 44.47
C ARG A 820 -17.97 -40.71 44.47
N TYR A 821 -16.81 -40.37 43.92
CA TYR A 821 -16.39 -38.98 43.87
C TYR A 821 -17.36 -38.14 43.04
N LEU A 822 -17.76 -38.66 41.88
CA LEU A 822 -18.59 -37.89 40.96
C LEU A 822 -20.03 -37.72 41.44
N SER A 823 -20.43 -38.41 42.50
CA SER A 823 -21.79 -38.35 43.00
C SER A 823 -21.94 -37.44 44.21
N PHE A 824 -20.87 -36.77 44.63
CA PHE A 824 -20.95 -35.88 45.79
C PHE A 824 -21.98 -34.79 45.55
N ARG A 825 -22.82 -34.55 46.56
CA ARG A 825 -23.88 -33.55 46.51
C ARG A 825 -24.86 -33.79 45.38
N ARG A 826 -24.86 -34.98 44.79
CA ARG A 826 -25.79 -35.34 43.72
C ARG A 826 -26.82 -36.28 44.33
N ASP A 827 -28.00 -35.75 44.62
CA ASP A 827 -29.02 -36.52 45.31
C ASP A 827 -29.44 -37.72 44.47
N ASN A 828 -30.22 -38.60 45.09
CA ASN A 828 -30.63 -39.83 44.43
C ASN A 828 -31.51 -39.56 43.22
N ASN A 829 -32.38 -38.54 43.31
CA ASN A 829 -33.34 -38.30 42.23
C ASN A 829 -32.63 -38.02 40.91
N GLU A 830 -31.55 -37.24 40.95
CA GLU A 830 -30.84 -36.90 39.72
C GLU A 830 -30.26 -38.14 39.06
N LEU A 831 -29.56 -38.99 39.82
CA LEU A 831 -28.98 -40.20 39.25
C LEU A 831 -30.06 -41.13 38.73
N LEU A 832 -31.14 -41.30 39.49
CA LEU A 832 -32.22 -42.18 39.07
C LEU A 832 -32.87 -41.69 37.78
N LEU A 833 -33.10 -40.38 37.68
CA LEU A 833 -33.66 -39.81 36.47
C LEU A 833 -32.72 -40.01 35.29
N PHE A 834 -31.41 -39.82 35.50
CA PHE A 834 -30.45 -40.04 34.43
C PHE A 834 -30.49 -41.48 33.95
N ILE A 835 -30.53 -42.43 34.89
CA ILE A 835 -30.53 -43.83 34.51
C ILE A 835 -31.82 -44.20 33.77
N LEU A 836 -32.96 -43.71 34.27
CA LEU A 836 -34.23 -43.97 33.58
C LEU A 836 -34.22 -43.39 32.18
N LYS A 837 -33.68 -42.18 32.02
CA LYS A 837 -33.58 -41.58 30.69
C LYS A 837 -32.70 -42.41 29.79
N GLN A 838 -31.57 -42.91 30.31
CA GLN A 838 -30.71 -43.77 29.50
C GLN A 838 -31.45 -45.02 29.05
N LEU A 839 -32.18 -45.66 29.97
CA LEU A 839 -32.89 -46.88 29.63
C LEU A 839 -33.97 -46.61 28.57
N VAL A 840 -34.74 -45.54 28.76
CA VAL A 840 -35.81 -45.25 27.81
C VAL A 840 -35.24 -44.83 26.46
N ALA A 841 -34.09 -44.14 26.45
CA ALA A 841 -33.45 -43.81 25.18
C ALA A 841 -32.97 -45.06 24.47
N GLU A 842 -32.41 -46.02 25.22
CA GLU A 842 -32.03 -47.30 24.62
C GLU A 842 -33.25 -47.99 24.02
N GLN A 843 -34.37 -47.98 24.75
CA GLN A 843 -35.60 -48.57 24.22
C GLN A 843 -36.05 -47.86 22.95
N VAL A 844 -35.97 -46.52 22.93
CA VAL A 844 -36.38 -45.76 21.75
C VAL A 844 -35.51 -46.13 20.55
N THR A 845 -34.20 -46.19 20.76
CA THR A 845 -33.29 -46.54 19.67
C THR A 845 -33.60 -47.94 19.15
N TYR A 846 -33.83 -48.89 20.05
CA TYR A 846 -34.20 -50.24 19.62
C TYR A 846 -35.50 -50.21 18.82
N GLN A 847 -36.46 -49.39 19.25
CA GLN A 847 -37.74 -49.31 18.55
C GLN A 847 -37.57 -48.79 17.13
N ARG A 848 -36.85 -47.68 16.97
CA ARG A 848 -36.87 -46.96 15.71
C ARG A 848 -35.78 -47.39 14.73
N ASN A 849 -34.95 -48.36 15.09
CA ASN A 849 -33.95 -48.85 14.15
C ASN A 849 -34.55 -49.87 13.20
N ASP B 11 44.75 39.75 15.16
CA ASP B 11 44.31 38.68 16.07
C ASP B 11 45.52 37.92 16.61
N VAL B 12 45.90 38.23 17.86
CA VAL B 12 47.05 37.57 18.46
C VAL B 12 46.81 36.07 18.56
N GLU B 13 45.60 35.67 18.97
CA GLU B 13 45.33 34.25 19.15
C GLU B 13 45.42 33.49 17.82
N LEU B 14 44.82 34.05 16.77
CA LEU B 14 44.86 33.39 15.46
C LEU B 14 46.29 33.33 14.93
N ARG B 15 47.06 34.41 15.11
CA ARG B 15 48.44 34.40 14.67
C ARG B 15 49.25 33.34 15.40
N GLU B 16 49.04 33.22 16.72
CA GLU B 16 49.72 32.19 17.49
C GLU B 16 49.34 30.79 16.99
N ALA B 17 48.05 30.58 16.74
CA ALA B 17 47.59 29.27 16.25
C ALA B 17 48.25 28.95 14.92
N GLN B 18 48.25 29.90 13.99
CA GLN B 18 48.84 29.66 12.68
C GLN B 18 50.34 29.41 12.79
N ARG B 19 51.03 30.16 13.65
CA ARG B 19 52.47 29.95 13.82
C ARG B 19 52.75 28.56 14.38
N ASP B 20 51.98 28.14 15.39
CA ASP B 20 52.19 26.81 15.95
C ASP B 20 51.93 25.72 14.91
N TYR B 21 50.86 25.86 14.15
CA TYR B 21 50.54 24.87 13.13
C TYR B 21 51.63 24.82 12.06
N LEU B 22 52.11 25.99 11.62
CA LEU B 22 53.17 26.02 10.62
C LEU B 22 54.45 25.39 11.16
N ASP B 23 54.79 25.67 12.42
CA ASP B 23 55.97 25.06 13.02
C ASP B 23 55.82 23.54 13.06
N PHE B 24 54.63 23.05 13.39
CA PHE B 24 54.39 21.61 13.35
C PHE B 24 54.61 21.06 11.95
N LEU B 25 54.01 21.70 10.95
CA LEU B 25 54.15 21.22 9.58
C LEU B 25 55.59 21.31 9.10
N ASP B 26 56.39 22.22 9.66
CA ASP B 26 57.79 22.32 9.30
C ASP B 26 58.57 21.17 9.92
N ASP B 27 58.39 19.97 9.37
CA ASP B 27 58.93 18.74 9.96
C ASP B 27 60.19 18.35 9.20
N GLU B 28 61.31 18.91 9.62
CA GLU B 28 62.63 18.47 9.15
C GLU B 28 63.55 18.06 10.29
N GLU B 29 63.54 18.81 11.39
CA GLU B 29 64.32 18.39 12.56
C GLU B 29 63.76 17.11 13.16
N ASP B 30 62.46 16.90 13.08
CA ASP B 30 61.81 15.72 13.61
C ASP B 30 61.84 14.61 12.56
N GLN B 31 61.05 13.56 12.76
CA GLN B 31 61.10 12.37 11.90
C GLN B 31 60.75 12.67 10.45
N GLY B 32 60.37 13.91 10.15
CA GLY B 32 60.05 14.27 8.78
C GLY B 32 58.83 13.56 8.23
N ILE B 33 57.83 13.32 9.08
CA ILE B 33 56.65 12.59 8.65
C ILE B 33 55.71 13.50 7.87
N TYR B 34 55.36 14.66 8.43
CA TYR B 34 54.41 15.53 7.77
C TYR B 34 55.02 16.31 6.62
N GLN B 35 56.32 16.59 6.64
CA GLN B 35 56.97 17.12 5.45
C GLN B 35 56.83 16.13 4.30
N SER B 36 57.04 14.84 4.59
CA SER B 36 56.85 13.81 3.58
C SER B 36 55.38 13.74 3.15
N LYS B 37 54.45 13.93 4.08
CA LYS B 37 53.03 13.90 3.72
C LYS B 37 52.67 15.06 2.78
N VAL B 38 53.23 16.24 3.03
CA VAL B 38 53.00 17.36 2.13
C VAL B 38 53.62 17.10 0.77
N ARG B 39 54.84 16.56 0.75
CA ARG B 39 55.43 16.15 -0.53
C ARG B 39 54.53 15.15 -1.24
N GLU B 40 53.91 14.24 -0.49
CA GLU B 40 52.99 13.28 -1.08
C GLU B 40 51.80 13.99 -1.71
N LEU B 41 51.14 14.85 -0.94
CA LEU B 41 49.93 15.50 -1.44
C LEU B 41 50.21 16.37 -2.65
N ILE B 42 51.39 17.01 -2.69
CA ILE B 42 51.72 17.82 -3.86
C ILE B 42 52.09 16.94 -5.05
N SER B 43 52.83 15.85 -4.82
CA SER B 43 53.27 14.99 -5.91
C SER B 43 52.11 14.31 -6.61
N ASP B 44 51.13 13.81 -5.86
CA ASP B 44 50.00 13.08 -6.45
C ASP B 44 48.85 13.99 -6.84
N ASN B 45 49.01 15.30 -6.70
CA ASN B 45 48.02 16.28 -7.16
C ASN B 45 46.69 16.14 -6.41
N GLN B 46 46.75 16.34 -5.10
CA GLN B 46 45.58 16.51 -4.27
C GLN B 46 45.79 17.70 -3.36
N TYR B 47 44.69 18.29 -2.89
CA TYR B 47 44.72 19.52 -2.13
C TYR B 47 44.03 19.38 -0.78
N ARG B 48 44.12 18.19 -0.17
CA ARG B 48 43.64 17.96 1.18
C ARG B 48 44.64 17.09 1.91
N LEU B 49 44.97 17.48 3.13
CA LEU B 49 45.96 16.78 3.95
C LEU B 49 45.25 16.11 5.13
N ILE B 50 45.73 14.92 5.48
CA ILE B 50 45.20 14.17 6.63
C ILE B 50 46.25 14.19 7.73
N VAL B 51 45.87 14.66 8.91
CA VAL B 51 46.79 14.84 10.03
C VAL B 51 46.28 14.03 11.21
N ASN B 52 47.16 13.22 11.79
CA ASN B 52 46.81 12.43 12.96
C ASN B 52 46.80 13.33 14.19
N VAL B 53 45.68 13.32 14.92
CA VAL B 53 45.57 14.14 16.12
C VAL B 53 46.58 13.70 17.17
N ASN B 54 46.90 12.41 17.22
CA ASN B 54 47.90 11.94 18.17
C ASN B 54 49.21 12.71 18.03
N ASP B 55 49.58 13.09 16.81
CA ASP B 55 50.79 13.88 16.63
C ASP B 55 50.66 15.24 17.31
N LEU B 56 49.51 15.89 17.18
CA LEU B 56 49.29 17.16 17.86
C LEU B 56 49.38 16.99 19.37
N ARG B 57 48.77 15.92 19.90
CA ARG B 57 48.85 15.68 21.33
C ARG B 57 50.29 15.45 21.77
N ARG B 58 51.05 14.70 20.97
CA ARG B 58 52.43 14.40 21.34
C ARG B 58 53.32 15.64 21.29
N LYS B 59 53.06 16.54 20.34
CA LYS B 59 53.91 17.72 20.18
C LYS B 59 53.41 18.91 20.99
N ASN B 60 52.10 19.15 21.02
CA ASN B 60 51.55 20.31 21.73
C ASN B 60 50.15 19.96 22.19
N GLU B 61 50.00 19.68 23.48
CA GLU B 61 48.68 19.34 24.02
C GLU B 61 47.72 20.52 23.96
N LYS B 62 48.23 21.72 24.22
CA LYS B 62 47.36 22.89 24.15
C LYS B 62 46.77 23.07 22.76
N ARG B 63 47.60 22.93 21.72
CA ARG B 63 47.11 23.07 20.36
C ARG B 63 46.08 22.01 20.03
N ALA B 64 46.34 20.76 20.42
CA ALA B 64 45.40 19.68 20.15
C ALA B 64 44.06 19.94 20.85
N ASN B 65 44.11 20.35 22.11
CA ASN B 65 42.88 20.61 22.86
C ASN B 65 42.10 21.77 22.23
N ARG B 66 42.81 22.84 21.85
CA ARG B 66 42.13 23.96 21.21
C ARG B 66 41.50 23.54 19.89
N LEU B 67 42.22 22.75 19.09
CA LEU B 67 41.67 22.29 17.82
C LEU B 67 40.43 21.45 18.03
N LEU B 68 40.46 20.54 19.01
CA LEU B 68 39.32 19.66 19.21
C LEU B 68 38.12 20.41 19.80
N ASN B 69 38.36 21.32 20.73
CA ASN B 69 37.28 22.01 21.42
C ASN B 69 36.70 23.18 20.63
N ASN B 70 37.50 23.80 19.76
CA ASN B 70 37.06 24.92 18.93
C ASN B 70 37.51 24.60 17.50
N ALA B 71 36.65 23.91 16.75
CA ALA B 71 37.08 23.32 15.50
C ALA B 71 37.21 24.34 14.38
N PHE B 72 36.29 25.31 14.29
CA PHE B 72 36.19 26.12 13.09
C PHE B 72 37.40 27.02 12.91
N GLU B 73 37.64 27.93 13.85
CA GLU B 73 38.73 28.88 13.69
C GLU B 73 40.08 28.17 13.71
N GLU B 74 40.22 27.15 14.57
CA GLU B 74 41.46 26.40 14.60
C GLU B 74 41.75 25.71 13.28
N LEU B 75 40.72 25.12 12.67
CA LEU B 75 40.90 24.50 11.35
C LEU B 75 41.22 25.56 10.30
N VAL B 76 40.62 26.74 10.39
CA VAL B 76 40.95 27.80 9.44
C VAL B 76 42.43 28.15 9.55
N ALA B 77 42.91 28.33 10.78
CA ALA B 77 44.32 28.65 10.98
C ALA B 77 45.21 27.52 10.47
N PHE B 78 44.84 26.28 10.77
CA PHE B 78 45.63 25.14 10.32
C PHE B 78 45.71 25.07 8.81
N GLN B 79 44.58 25.31 8.13
CA GLN B 79 44.56 25.28 6.67
C GLN B 79 45.37 26.41 6.08
N ARG B 80 45.31 27.61 6.68
CA ARG B 80 46.12 28.71 6.19
C ARG B 80 47.61 28.41 6.36
N ALA B 81 47.98 27.84 7.50
CA ALA B 81 49.37 27.43 7.70
C ALA B 81 49.77 26.37 6.69
N LEU B 82 48.88 25.43 6.39
CA LEU B 82 49.16 24.41 5.39
C LEU B 82 49.40 25.04 4.02
N LYS B 83 48.56 26.01 3.64
CA LYS B 83 48.76 26.67 2.36
C LYS B 83 50.09 27.42 2.33
N ASP B 84 50.43 28.09 3.43
CA ASP B 84 51.72 28.78 3.49
C ASP B 84 52.88 27.79 3.34
N PHE B 85 52.78 26.65 4.02
CA PHE B 85 53.86 25.66 3.95
C PHE B 85 54.01 25.08 2.56
N VAL B 86 52.89 24.76 1.90
CA VAL B 86 52.97 24.23 0.54
C VAL B 86 53.49 25.28 -0.42
N ALA B 87 53.14 26.56 -0.19
CA ALA B 87 53.72 27.62 -1.00
C ALA B 87 55.23 27.68 -0.80
N SER B 88 55.69 27.55 0.45
CA SER B 88 57.13 27.57 0.71
C SER B 88 57.82 26.41 0.00
N ILE B 89 57.26 25.20 0.11
CA ILE B 89 57.87 24.05 -0.56
C ILE B 89 57.73 24.17 -2.07
N ASP B 90 56.59 24.68 -2.54
CA ASP B 90 56.37 24.90 -3.97
C ASP B 90 55.25 25.91 -4.14
N ALA B 91 55.58 27.08 -4.69
CA ALA B 91 54.57 28.10 -4.95
C ALA B 91 53.79 27.85 -6.23
N THR B 92 54.37 27.14 -7.19
CA THR B 92 53.67 26.88 -8.45
C THR B 92 52.41 26.07 -8.19
N TYR B 93 52.54 24.94 -7.50
CA TYR B 93 51.38 24.12 -7.17
C TYR B 93 50.45 24.87 -6.21
N ALA B 94 51.03 25.53 -5.20
CA ALA B 94 50.21 26.23 -4.21
C ALA B 94 49.31 27.26 -4.86
N LYS B 95 49.77 27.89 -5.94
CA LYS B 95 48.96 28.87 -6.64
C LYS B 95 47.78 28.24 -7.36
N GLN B 96 47.86 26.95 -7.69
CA GLN B 96 46.80 26.31 -8.45
C GLN B 96 45.49 26.27 -7.67
N TYR B 97 45.55 25.95 -6.38
CA TYR B 97 44.37 25.74 -5.57
C TYR B 97 44.15 26.92 -4.65
N GLU B 98 42.91 27.43 -4.61
CA GLU B 98 42.59 28.58 -3.78
C GLU B 98 42.78 28.25 -2.30
N GLU B 99 42.35 27.07 -1.88
CA GLU B 99 42.40 26.68 -0.47
C GLU B 99 42.93 25.27 -0.36
N PHE B 100 43.67 25.01 0.72
CA PHE B 100 44.15 23.68 1.06
C PHE B 100 43.43 23.20 2.31
N TYR B 101 42.74 22.07 2.20
CA TYR B 101 41.90 21.56 3.27
C TYR B 101 42.67 20.57 4.13
N VAL B 102 42.07 20.18 5.25
CA VAL B 102 42.70 19.31 6.23
C VAL B 102 41.70 18.28 6.73
N GLY B 103 42.16 17.04 6.89
CA GLY B 103 41.40 16.00 7.53
C GLY B 103 42.11 15.52 8.79
N LEU B 104 41.33 15.05 9.76
CA LEU B 104 41.85 14.60 11.03
C LEU B 104 41.58 13.12 11.24
N GLU B 105 42.40 12.50 12.08
CA GLU B 105 42.25 11.09 12.42
C GLU B 105 43.12 10.81 13.63
N GLY B 106 42.96 9.61 14.19
CA GLY B 106 43.75 9.18 15.34
C GLY B 106 42.91 8.64 16.47
N SER B 107 43.20 9.09 17.69
CA SER B 107 42.48 8.66 18.88
C SER B 107 41.83 9.88 19.51
N PHE B 108 40.51 9.98 19.34
CA PHE B 108 39.72 11.08 19.89
C PHE B 108 39.17 10.62 21.24
N GLY B 109 39.80 11.11 22.32
CA GLY B 109 39.53 10.59 23.65
C GLY B 109 38.05 10.48 24.00
N SER B 110 37.39 11.62 24.16
CA SER B 110 35.97 11.64 24.50
C SER B 110 35.09 12.05 23.33
N LYS B 111 35.67 12.60 22.27
CA LYS B 111 34.90 12.98 21.09
C LYS B 111 34.47 11.78 20.25
N HIS B 112 35.21 10.68 20.28
CA HIS B 112 34.86 9.50 19.50
C HIS B 112 33.57 8.93 20.06
N VAL B 113 32.47 9.11 19.32
CA VAL B 113 31.14 8.74 19.75
C VAL B 113 30.38 8.18 18.55
N SER B 114 29.12 7.84 18.78
CA SER B 114 28.19 7.40 17.76
C SER B 114 27.07 8.41 17.62
N PRO B 115 26.22 8.27 16.60
CA PRO B 115 25.08 9.20 16.48
C PRO B 115 24.19 9.22 17.71
N ARG B 116 24.07 8.10 18.40
CA ARG B 116 23.28 8.07 19.63
C ARG B 116 23.93 8.92 20.71
N THR B 117 25.22 8.73 20.95
CA THR B 117 25.93 9.45 22.00
C THR B 117 26.19 10.91 21.62
N LEU B 118 25.95 11.29 20.37
CA LEU B 118 26.23 12.65 19.92
C LEU B 118 25.25 13.64 20.55
N THR B 119 25.65 14.25 21.66
CA THR B 119 24.83 15.23 22.36
C THR B 119 25.30 16.64 22.02
N SER B 120 24.44 17.61 22.34
CA SER B 120 24.74 19.00 22.02
C SER B 120 26.01 19.50 22.71
N CYS B 121 26.56 18.74 23.66
CA CYS B 121 27.77 19.17 24.33
C CYS B 121 28.95 19.29 23.37
N PHE B 122 28.91 18.60 22.23
CA PHE B 122 30.03 18.57 21.31
C PHE B 122 29.94 19.64 20.22
N LEU B 123 28.92 20.49 20.24
CA LEU B 123 28.80 21.52 19.21
C LEU B 123 30.04 22.41 19.19
N SER B 124 30.51 22.73 17.99
CA SER B 124 31.71 23.53 17.76
C SER B 124 32.98 22.79 18.13
N CYS B 125 32.92 21.47 18.31
CA CYS B 125 34.07 20.64 18.62
C CYS B 125 34.38 19.72 17.44
N VAL B 126 35.46 18.98 17.58
CA VAL B 126 35.87 17.98 16.59
C VAL B 126 35.40 16.61 17.07
N VAL B 127 34.67 15.91 16.21
CA VAL B 127 34.08 14.61 16.55
C VAL B 127 34.46 13.60 15.48
N CYS B 128 34.86 12.41 15.93
CA CYS B 128 35.18 11.28 15.06
C CYS B 128 34.11 10.22 15.29
N VAL B 129 33.02 10.31 14.54
CA VAL B 129 31.90 9.41 14.70
C VAL B 129 32.10 8.20 13.81
N GLU B 130 31.51 7.07 14.22
CA GLU B 130 31.49 5.85 13.43
C GLU B 130 30.04 5.46 13.22
N GLY B 131 29.68 5.13 11.97
CA GLY B 131 28.28 4.81 11.73
C GLY B 131 28.06 4.18 10.37
N ILE B 132 26.83 3.72 10.19
CA ILE B 132 26.40 3.10 8.94
C ILE B 132 25.72 4.15 8.09
N VAL B 133 26.19 4.30 6.85
CA VAL B 133 25.64 5.34 5.97
C VAL B 133 24.25 4.92 5.52
N THR B 134 23.28 5.82 5.70
CA THR B 134 21.91 5.58 5.28
C THR B 134 21.53 6.38 4.05
N LYS B 135 21.90 7.65 3.99
CA LYS B 135 21.57 8.51 2.85
C LYS B 135 22.82 9.06 2.21
N CYS B 136 22.85 9.04 0.88
CA CYS B 136 23.84 9.75 0.08
C CYS B 136 23.09 10.53 -0.98
N SER B 137 23.03 11.84 -0.83
CA SER B 137 22.28 12.68 -1.76
C SER B 137 23.08 12.88 -3.04
N LEU B 138 22.38 13.32 -4.09
CA LEU B 138 23.04 13.62 -5.34
C LEU B 138 24.06 14.74 -5.15
N VAL B 139 25.17 14.64 -5.86
CA VAL B 139 26.23 15.64 -5.76
C VAL B 139 25.81 16.86 -6.55
N ARG B 140 25.81 18.02 -5.88
CA ARG B 140 25.43 19.27 -6.53
C ARG B 140 26.59 20.25 -6.53
N PRO B 141 26.80 20.99 -7.61
CA PRO B 141 27.84 22.04 -7.60
C PRO B 141 27.31 23.30 -6.94
N LYS B 142 27.88 23.64 -5.78
CA LYS B 142 27.55 24.86 -5.06
C LYS B 142 28.52 25.94 -5.52
N VAL B 143 27.98 27.03 -6.06
CA VAL B 143 28.82 28.12 -6.57
C VAL B 143 29.51 28.80 -5.41
N VAL B 144 30.74 29.26 -5.64
CA VAL B 144 31.50 29.97 -4.62
C VAL B 144 31.99 31.30 -5.18
N ARG B 145 31.99 31.43 -6.50
CA ARG B 145 32.52 32.64 -7.14
C ARG B 145 31.90 32.72 -8.53
N SER B 146 31.07 33.73 -8.77
CA SER B 146 30.37 33.88 -10.03
C SER B 146 31.02 34.99 -10.85
N VAL B 147 30.96 34.85 -12.17
CA VAL B 147 31.48 35.84 -13.11
C VAL B 147 30.37 36.16 -14.10
N HIS B 148 30.09 37.45 -14.29
CA HIS B 148 28.99 37.89 -15.11
C HIS B 148 29.48 38.91 -16.13
N TYR B 149 29.07 38.73 -17.38
CA TYR B 149 29.56 39.53 -18.50
C TYR B 149 28.44 40.37 -19.06
N CYS B 150 28.70 41.67 -19.26
CA CYS B 150 27.69 42.58 -19.77
C CYS B 150 27.96 42.83 -21.26
N PRO B 151 27.12 42.35 -22.17
CA PRO B 151 27.35 42.67 -23.59
C PRO B 151 27.37 44.16 -23.88
N ALA B 152 26.51 44.93 -23.21
CA ALA B 152 26.42 46.36 -23.51
C ALA B 152 27.67 47.10 -23.05
N THR B 153 28.10 46.88 -21.81
CA THR B 153 29.20 47.65 -21.22
C THR B 153 30.55 46.94 -21.34
N LYS B 154 30.59 45.76 -21.94
CA LYS B 154 31.83 45.00 -22.10
C LYS B 154 32.49 44.64 -20.77
N LYS B 155 31.78 44.79 -19.65
CA LYS B 155 32.37 44.64 -18.33
C LYS B 155 32.12 43.26 -17.77
N THR B 156 33.17 42.66 -17.21
CA THR B 156 33.09 41.39 -16.51
C THR B 156 33.22 41.65 -15.02
N ILE B 157 32.22 41.21 -14.26
CA ILE B 157 32.14 41.47 -12.82
C ILE B 157 32.21 40.14 -12.09
N GLU B 158 33.11 40.05 -11.12
CA GLU B 158 33.27 38.87 -10.28
C GLU B 158 32.63 39.13 -8.93
N ARG B 159 31.86 38.16 -8.43
CA ARG B 159 31.23 38.25 -7.12
C ARG B 159 31.54 36.99 -6.34
N ARG B 160 32.04 37.17 -5.12
CA ARG B 160 32.38 36.05 -4.25
C ARG B 160 31.16 35.61 -3.43
N TYR B 161 31.19 34.37 -2.99
CA TYR B 161 30.14 33.80 -2.14
C TYR B 161 30.82 33.07 -0.99
N SER B 162 30.93 33.75 0.15
CA SER B 162 31.58 33.16 1.32
C SER B 162 30.78 31.98 1.84
N ASP B 163 31.48 31.04 2.47
CA ASP B 163 30.84 29.88 3.06
C ASP B 163 30.10 30.27 4.32
N LEU B 164 28.82 30.59 4.19
CA LEU B 164 27.98 30.99 5.31
C LEU B 164 27.11 29.85 5.82
N THR B 165 27.60 28.61 5.71
CA THR B 165 26.84 27.44 6.12
C THR B 165 26.69 27.40 7.65
N SER B 174 24.26 36.18 -0.90
CA SER B 174 23.35 35.20 -1.49
C SER B 174 22.73 35.74 -2.77
N VAL B 175 22.63 37.07 -2.86
CA VAL B 175 22.08 37.70 -4.05
C VAL B 175 22.92 37.33 -5.25
N TYR B 176 22.26 36.93 -6.34
CA TYR B 176 22.95 36.56 -7.57
C TYR B 176 22.75 37.69 -8.58
N PRO B 177 23.77 38.47 -8.91
CA PRO B 177 23.55 39.64 -9.76
C PRO B 177 23.04 39.25 -11.14
N THR B 178 22.12 40.04 -11.66
CA THR B 178 21.58 39.86 -13.01
C THR B 178 21.48 41.14 -13.81
N LYS B 179 21.46 42.31 -13.18
CA LYS B 179 21.36 43.59 -13.85
C LYS B 179 22.56 44.45 -13.49
N ASP B 180 23.12 45.11 -14.50
CA ASP B 180 24.26 45.99 -14.28
C ASP B 180 23.83 47.22 -13.48
N GLU B 181 24.79 48.12 -13.23
CA GLU B 181 24.50 49.30 -12.43
C GLU B 181 23.39 50.13 -13.07
N GLU B 182 23.45 50.36 -14.38
CA GLU B 182 22.42 51.09 -15.09
C GLU B 182 21.40 50.17 -15.76
N ASN B 183 21.18 48.98 -15.20
CA ASN B 183 20.15 48.05 -15.67
C ASN B 183 20.51 47.46 -17.03
N ASN B 184 21.78 47.12 -17.23
CA ASN B 184 22.18 46.34 -18.40
C ASN B 184 22.19 44.86 -18.04
N PRO B 185 21.49 44.01 -18.79
CA PRO B 185 21.44 42.58 -18.41
C PRO B 185 22.83 41.99 -18.31
N LEU B 186 23.01 41.13 -17.31
CA LEU B 186 24.27 40.41 -17.10
C LEU B 186 24.06 38.95 -17.45
N GLU B 187 24.96 38.41 -18.28
CA GLU B 187 24.92 37.01 -18.67
C GLU B 187 26.01 36.28 -17.91
N THR B 188 25.61 35.37 -17.02
CA THR B 188 26.58 34.67 -16.18
C THR B 188 27.55 33.87 -17.04
N GLU B 189 28.82 33.86 -16.62
CA GLU B 189 29.88 33.10 -17.29
C GLU B 189 30.06 31.79 -16.53
N TYR B 190 29.31 30.77 -16.95
CA TYR B 190 29.37 29.49 -16.25
C TYR B 190 30.79 28.93 -16.26
N GLY B 191 31.43 28.90 -17.43
CA GLY B 191 32.75 28.31 -17.51
C GLY B 191 33.74 28.98 -16.57
N LEU B 192 33.74 30.31 -16.53
CA LEU B 192 34.67 31.03 -15.67
C LEU B 192 34.20 31.10 -14.22
N SER B 193 32.94 30.76 -13.95
CA SER B 193 32.48 30.67 -12.57
C SER B 193 33.14 29.47 -11.88
N VAL B 194 33.24 29.56 -10.56
CA VAL B 194 33.88 28.53 -9.76
C VAL B 194 32.83 27.87 -8.87
N TYR B 195 32.73 26.56 -8.96
CA TYR B 195 31.83 25.76 -8.15
C TYR B 195 32.63 24.72 -7.38
N LYS B 196 32.14 24.36 -6.20
CA LYS B 196 32.66 23.23 -5.45
C LYS B 196 31.56 22.19 -5.33
N ASP B 197 31.88 20.94 -5.64
CA ASP B 197 30.90 19.87 -5.51
C ASP B 197 30.61 19.63 -4.03
N HIS B 198 29.33 19.38 -3.73
CA HIS B 198 28.85 19.32 -2.36
C HIS B 198 27.75 18.27 -2.27
N GLN B 199 27.71 17.60 -1.12
CA GLN B 199 26.74 16.53 -0.91
C GLN B 199 26.36 16.49 0.56
N THR B 200 25.21 15.89 0.84
CA THR B 200 24.75 15.65 2.19
C THR B 200 24.42 14.17 2.35
N ILE B 201 24.94 13.56 3.41
CA ILE B 201 24.66 12.17 3.70
C ILE B 201 24.06 12.09 5.10
N THR B 202 23.38 10.99 5.36
CA THR B 202 22.81 10.70 6.67
C THR B 202 23.43 9.40 7.17
N ILE B 203 24.09 9.46 8.32
CA ILE B 203 24.79 8.33 8.90
C ILE B 203 24.01 7.87 10.13
N GLN B 204 24.11 6.57 10.42
CA GLN B 204 23.34 5.94 11.48
C GLN B 204 24.27 5.11 12.34
N GLU B 205 23.89 4.93 13.60
CA GLU B 205 24.68 4.09 14.50
C GLU B 205 24.57 2.64 14.07
N MET B 206 25.69 1.93 14.15
CA MET B 206 25.72 0.55 13.69
C MET B 206 24.67 -0.27 14.44
N PRO B 207 23.82 -1.04 13.74
CA PRO B 207 22.85 -1.87 14.47
C PRO B 207 23.49 -2.81 15.45
N GLU B 208 24.74 -3.22 15.22
CA GLU B 208 25.41 -4.12 16.14
C GLU B 208 25.56 -3.49 17.51
N LYS B 209 25.98 -2.24 17.57
CA LYS B 209 26.24 -1.56 18.84
C LYS B 209 25.03 -0.82 19.37
N ALA B 210 23.98 -0.65 18.58
CA ALA B 210 22.80 0.04 19.05
C ALA B 210 22.05 -0.85 20.05
N PRO B 211 21.50 -0.27 21.12
CA PRO B 211 20.67 -1.07 22.03
C PRO B 211 19.54 -1.74 21.27
N ALA B 212 19.25 -2.98 21.64
CA ALA B 212 18.33 -3.82 20.89
C ALA B 212 16.91 -3.27 20.85
N GLY B 213 16.54 -2.38 21.77
CA GLY B 213 15.15 -2.00 21.91
C GLY B 213 14.66 -0.84 21.07
N GLN B 214 15.31 0.31 21.16
CA GLN B 214 14.77 1.53 20.59
C GLN B 214 15.22 1.69 19.13
N LEU B 215 14.62 2.66 18.46
CA LEU B 215 14.88 2.88 17.05
C LEU B 215 16.29 3.44 16.84
N PRO B 216 16.83 3.31 15.63
CA PRO B 216 18.17 3.83 15.39
C PRO B 216 18.22 5.34 15.51
N ARG B 217 19.38 5.84 15.93
CA ARG B 217 19.64 7.27 16.01
C ARG B 217 20.69 7.64 14.97
N SER B 218 20.44 8.73 14.25
CA SER B 218 21.25 9.10 13.10
C SER B 218 21.72 10.54 13.25
N VAL B 219 22.46 11.01 12.24
CA VAL B 219 22.96 12.38 12.21
C VAL B 219 23.33 12.71 10.77
N ASP B 220 23.25 14.00 10.43
CA ASP B 220 23.60 14.46 9.10
C ASP B 220 25.09 14.71 9.00
N VAL B 221 25.59 14.71 7.76
CA VAL B 221 26.97 15.04 7.47
C VAL B 221 26.99 15.78 6.14
N ILE B 222 27.79 16.85 6.09
CA ILE B 222 27.92 17.69 4.90
C ILE B 222 29.32 17.53 4.35
N LEU B 223 29.42 17.13 3.09
CA LEU B 223 30.70 16.83 2.46
C LEU B 223 30.96 17.86 1.36
N ASP B 224 32.11 18.52 1.42
CA ASP B 224 32.55 19.44 0.39
C ASP B 224 33.40 18.67 -0.62
N ASP B 225 34.15 19.40 -1.45
CA ASP B 225 34.99 18.75 -2.45
C ASP B 225 35.98 17.80 -1.78
N ASP B 226 36.49 16.86 -2.57
CA ASP B 226 37.40 15.79 -2.15
C ASP B 226 36.71 14.74 -1.29
N LEU B 227 35.44 14.93 -0.94
CA LEU B 227 34.74 13.99 -0.08
C LEU B 227 33.30 13.73 -0.52
N VAL B 228 32.88 14.24 -1.67
CA VAL B 228 31.47 14.17 -2.04
C VAL B 228 31.01 12.72 -2.15
N ASP B 229 31.86 11.86 -2.70
CA ASP B 229 31.51 10.46 -2.93
C ASP B 229 32.48 9.50 -2.25
N LYS B 230 33.15 9.94 -1.19
CA LYS B 230 34.08 9.06 -0.48
C LYS B 230 33.34 7.90 0.20
N ALA B 231 32.05 8.06 0.49
CA ALA B 231 31.26 7.03 1.13
C ALA B 231 29.97 6.81 0.35
N LYS B 232 29.63 5.54 0.14
CA LYS B 232 28.45 5.15 -0.60
C LYS B 232 27.38 4.63 0.36
N PRO B 233 26.12 4.61 -0.06
CA PRO B 233 25.05 4.17 0.84
C PRO B 233 25.28 2.75 1.32
N GLY B 234 24.89 2.49 2.57
CA GLY B 234 25.02 1.16 3.12
C GLY B 234 26.44 0.70 3.31
N ASP B 235 27.33 1.57 3.79
CA ASP B 235 28.70 1.20 4.10
C ASP B 235 29.05 1.71 5.49
N ARG B 236 29.85 0.93 6.22
CA ARG B 236 30.28 1.31 7.55
C ARG B 236 31.47 2.25 7.45
N VAL B 237 31.30 3.47 7.96
CA VAL B 237 32.26 4.55 7.73
C VAL B 237 32.60 5.23 9.05
N GLN B 238 33.71 5.97 9.02
CA GLN B 238 34.14 6.84 10.12
C GLN B 238 34.27 8.25 9.57
N VAL B 239 33.52 9.18 10.14
CA VAL B 239 33.48 10.56 9.70
C VAL B 239 34.07 11.42 10.81
N VAL B 240 35.12 12.16 10.49
CA VAL B 240 35.75 13.12 11.40
C VAL B 240 35.40 14.51 10.90
N GLY B 241 34.87 15.34 11.79
CA GLY B 241 34.43 16.66 11.35
C GLY B 241 34.03 17.54 12.50
N THR B 242 33.42 18.66 12.15
CA THR B 242 32.95 19.65 13.12
C THR B 242 31.43 19.56 13.24
N TYR B 243 30.95 19.63 14.48
CA TYR B 243 29.52 19.58 14.78
C TYR B 243 29.05 20.98 15.13
N ARG B 244 28.10 21.51 14.35
CA ARG B 244 27.61 22.87 14.54
C ARG B 244 26.11 22.90 14.33
N CYS B 245 25.53 24.09 14.52
CA CYS B 245 24.10 24.30 14.39
C CYS B 245 23.80 25.06 13.10
N LEU B 246 22.75 24.63 12.41
CA LEU B 246 22.30 25.35 11.23
C LEU B 246 21.24 26.38 11.62
N PRO B 247 21.17 27.51 10.92
CA PRO B 247 20.11 28.48 11.18
C PRO B 247 18.89 28.25 10.31
N GLY B 248 17.78 28.85 10.73
CA GLY B 248 16.61 28.93 9.89
C GLY B 248 16.72 30.07 8.90
N LYS B 249 15.71 30.19 8.05
CA LYS B 249 15.69 31.29 7.10
C LYS B 249 15.24 32.57 7.79
N LYS B 250 15.39 33.69 7.07
CA LYS B 250 15.07 34.99 7.65
C LYS B 250 13.63 35.00 8.14
N GLY B 251 13.44 35.45 9.38
CA GLY B 251 12.12 35.52 9.97
C GLY B 251 12.08 36.26 11.27
N GLY B 252 10.97 36.97 11.53
CA GLY B 252 10.86 37.72 12.76
C GLY B 252 10.83 36.84 14.00
N TYR B 253 10.23 35.66 13.89
CA TYR B 253 10.08 34.76 15.02
C TYR B 253 10.87 33.48 14.78
N THR B 254 11.40 32.92 15.87
CA THR B 254 12.18 31.69 15.79
C THR B 254 11.93 30.87 17.04
N SER B 255 11.95 29.56 16.88
CA SER B 255 11.94 28.65 18.01
C SER B 255 13.36 28.32 18.42
N GLY B 256 13.59 28.19 19.73
CA GLY B 256 14.90 27.86 20.23
C GLY B 256 15.53 26.64 19.59
N THR B 257 14.75 25.84 18.88
CA THR B 257 15.28 24.67 18.20
C THR B 257 16.34 25.08 17.17
N PHE B 258 17.36 24.23 17.04
CA PHE B 258 18.39 24.39 16.03
C PHE B 258 18.64 23.05 15.36
N ARG B 259 18.95 23.09 14.07
CA ARG B 259 19.26 21.90 13.30
C ARG B 259 20.79 21.74 13.23
N THR B 260 21.28 20.58 13.66
CA THR B 260 22.71 20.34 13.78
C THR B 260 23.17 19.33 12.74
N VAL B 261 24.36 19.58 12.19
CA VAL B 261 24.99 18.69 11.22
C VAL B 261 26.46 18.56 11.58
N LEU B 262 27.12 17.61 10.91
CA LEU B 262 28.53 17.33 11.12
C LEU B 262 29.26 17.71 9.84
N ILE B 263 29.88 18.88 9.83
CA ILE B 263 30.63 19.35 8.67
C ILE B 263 31.92 18.54 8.59
N ALA B 264 31.93 17.54 7.73
CA ALA B 264 33.03 16.57 7.70
C ALA B 264 34.33 17.24 7.26
N CYS B 265 35.41 16.90 7.95
CA CYS B 265 36.76 17.21 7.48
C CYS B 265 37.48 15.97 6.94
N ASN B 266 36.91 14.79 7.13
CA ASN B 266 37.50 13.55 6.62
C ASN B 266 36.46 12.45 6.69
N VAL B 267 36.40 11.62 5.65
CA VAL B 267 35.55 10.45 5.62
C VAL B 267 36.42 9.25 5.25
N LYS B 268 36.37 8.20 6.06
CA LYS B 268 37.18 7.02 5.84
C LYS B 268 36.30 5.78 5.89
N GLN B 269 36.63 4.80 5.05
CA GLN B 269 35.96 3.51 5.09
C GLN B 269 36.48 2.71 6.28
N MET B 270 35.58 2.24 7.14
CA MET B 270 36.00 1.45 8.28
C MET B 270 36.67 0.15 7.85
N SER B 271 36.50 -0.25 6.59
CA SER B 271 37.15 -1.45 6.09
C SER B 271 38.64 -1.19 5.88
N LYS B 272 39.37 -0.95 6.97
CA LYS B 272 40.81 -0.81 6.87
C LYS B 272 41.45 -2.05 6.28
N ASP B 273 40.81 -3.21 6.43
CA ASP B 273 41.27 -4.44 5.78
C ASP B 273 41.20 -4.35 4.26
N ALA B 274 40.41 -3.43 3.71
CA ALA B 274 40.27 -3.32 2.26
C ALA B 274 41.63 -3.17 1.59
N GLN B 275 42.55 -2.46 2.24
CA GLN B 275 43.90 -2.28 1.70
C GLN B 275 44.96 -2.55 2.77
N SER B 279 54.88 -1.24 3.28
CA SER B 279 56.23 -0.83 3.65
C SER B 279 57.27 -1.66 2.94
N ALA B 280 58.45 -1.06 2.71
CA ALA B 280 59.51 -1.76 1.99
C ALA B 280 59.93 -3.02 2.74
N GLU B 281 59.94 -2.97 4.07
CA GLU B 281 60.32 -4.14 4.86
C GLU B 281 59.37 -5.31 4.58
N ASP B 282 58.07 -5.05 4.59
CA ASP B 282 57.10 -6.12 4.35
C ASP B 282 57.22 -6.66 2.92
N ILE B 283 57.44 -5.77 1.96
CA ILE B 283 57.57 -6.21 0.57
C ILE B 283 58.80 -7.10 0.42
N ALA B 284 59.92 -6.71 1.05
CA ALA B 284 61.12 -7.55 1.02
C ALA B 284 60.86 -8.89 1.69
N LYS B 285 60.16 -8.88 2.82
CA LYS B 285 59.80 -10.14 3.47
C LYS B 285 59.01 -11.04 2.53
N ILE B 286 58.03 -10.47 1.83
CA ILE B 286 57.21 -11.26 0.91
C ILE B 286 58.07 -11.82 -0.20
N LYS B 287 58.95 -10.99 -0.78
CA LYS B 287 59.80 -11.46 -1.87
C LYS B 287 60.69 -12.60 -1.42
N LYS B 288 61.32 -12.47 -0.26
CA LYS B 288 62.21 -13.52 0.22
C LYS B 288 61.42 -14.79 0.53
N PHE B 289 60.23 -14.65 1.10
CA PHE B 289 59.42 -15.82 1.41
C PHE B 289 59.00 -16.55 0.14
N SER B 290 58.64 -15.80 -0.89
CA SER B 290 58.27 -16.41 -2.16
C SER B 290 59.46 -17.13 -2.80
N LYS B 291 60.64 -16.50 -2.78
CA LYS B 291 61.78 -17.08 -3.49
C LYS B 291 62.44 -18.23 -2.71
N THR B 292 62.31 -18.25 -1.38
CA THR B 292 63.05 -19.24 -0.60
C THR B 292 62.76 -20.66 -1.08
N ARG B 293 61.52 -21.11 -0.93
CA ARG B 293 61.11 -22.45 -1.34
C ARG B 293 60.00 -22.29 -2.37
N SER B 294 60.36 -22.31 -3.64
CA SER B 294 59.42 -22.04 -4.71
C SER B 294 58.57 -23.26 -5.08
N LYS B 295 58.46 -24.23 -4.18
CA LYS B 295 57.72 -25.47 -4.45
C LYS B 295 56.51 -25.65 -3.56
N ASP B 296 56.64 -25.46 -2.25
CA ASP B 296 55.59 -25.83 -1.31
C ASP B 296 55.04 -24.66 -0.51
N ILE B 297 55.16 -23.43 -1.03
CA ILE B 297 54.55 -22.29 -0.34
C ILE B 297 53.05 -22.45 -0.25
N PHE B 298 52.44 -22.99 -1.31
CA PHE B 298 50.99 -23.17 -1.32
C PHE B 298 50.55 -24.10 -0.20
N ASP B 299 51.23 -25.23 -0.03
CA ASP B 299 50.87 -26.17 1.03
C ASP B 299 51.08 -25.56 2.40
N GLN B 300 52.19 -24.84 2.58
CA GLN B 300 52.47 -24.21 3.86
C GLN B 300 51.42 -23.17 4.21
N LEU B 301 50.98 -22.39 3.22
CA LEU B 301 49.91 -21.43 3.46
C LEU B 301 48.60 -22.14 3.80
N ALA B 302 48.22 -23.12 2.98
CA ALA B 302 46.94 -23.80 3.20
C ALA B 302 46.89 -24.45 4.57
N LYS B 303 47.98 -25.11 4.98
CA LYS B 303 48.02 -25.69 6.31
C LYS B 303 47.84 -24.64 7.39
N SER B 304 48.25 -23.40 7.12
CA SER B 304 48.15 -22.32 8.08
C SER B 304 46.88 -21.50 7.91
N LEU B 305 45.99 -21.89 7.01
CA LEU B 305 44.84 -21.04 6.68
C LEU B 305 43.94 -20.84 7.90
N ALA B 306 43.52 -21.94 8.54
CA ALA B 306 42.61 -21.89 9.68
C ALA B 306 43.23 -22.68 10.83
N PRO B 307 44.18 -22.08 11.56
CA PRO B 307 44.90 -22.84 12.59
C PRO B 307 43.99 -23.47 13.64
N SER B 308 42.92 -22.79 14.03
CA SER B 308 42.06 -23.32 15.08
C SER B 308 41.40 -24.62 14.65
N ILE B 309 41.22 -24.83 13.35
CA ILE B 309 40.54 -26.03 12.85
C ILE B 309 41.57 -27.10 12.54
N HIS B 310 41.16 -28.35 12.66
CA HIS B 310 42.03 -29.50 12.44
C HIS B 310 41.55 -30.31 11.25
N GLY B 311 42.51 -30.85 10.49
CA GLY B 311 42.17 -31.69 9.36
C GLY B 311 41.68 -30.88 8.18
N HIS B 312 41.06 -31.59 7.22
CA HIS B 312 40.49 -30.98 6.04
C HIS B 312 41.57 -30.26 5.23
N ASP B 313 42.66 -30.97 4.94
CA ASP B 313 43.76 -30.39 4.18
C ASP B 313 43.31 -30.00 2.78
N TYR B 314 42.58 -30.88 2.11
CA TYR B 314 42.11 -30.58 0.75
C TYR B 314 41.17 -29.39 0.76
N VAL B 315 40.25 -29.33 1.73
CA VAL B 315 39.32 -28.22 1.80
C VAL B 315 40.06 -26.91 2.06
N LYS B 316 41.04 -26.94 2.97
CA LYS B 316 41.81 -25.73 3.22
C LYS B 316 42.57 -25.30 1.98
N LYS B 317 43.16 -26.26 1.26
CA LYS B 317 43.81 -25.93 -0.01
C LYS B 317 42.84 -25.24 -0.95
N ALA B 318 41.66 -25.82 -1.13
CA ALA B 318 40.68 -25.23 -2.05
C ALA B 318 40.30 -23.82 -1.63
N ILE B 319 40.09 -23.61 -0.33
CA ILE B 319 39.75 -22.27 0.15
C ILE B 319 40.89 -21.31 -0.16
N LEU B 320 42.14 -21.74 0.06
CA LEU B 320 43.27 -20.89 -0.29
C LEU B 320 43.22 -20.48 -1.75
N CYS B 321 42.70 -21.34 -2.62
CA CYS B 321 42.50 -20.96 -4.02
C CYS B 321 41.36 -19.97 -4.17
N LEU B 322 40.31 -20.09 -3.35
CA LEU B 322 39.23 -19.11 -3.39
C LEU B 322 39.73 -17.72 -3.02
N LEU B 323 40.56 -17.62 -1.98
CA LEU B 323 41.09 -16.32 -1.57
C LEU B 323 41.90 -15.70 -2.69
N LEU B 324 42.79 -16.48 -3.32
CA LEU B 324 43.56 -15.97 -4.44
C LEU B 324 42.70 -15.79 -5.68
N GLY B 325 41.89 -16.81 -6.00
CA GLY B 325 41.06 -16.74 -7.19
C GLY B 325 41.88 -16.87 -8.45
N GLY B 326 41.25 -17.30 -9.54
CA GLY B 326 41.96 -17.43 -10.80
C GLY B 326 42.19 -16.08 -11.46
N VAL B 327 42.15 -16.05 -12.78
CA VAL B 327 42.34 -14.82 -13.55
C VAL B 327 41.18 -14.69 -14.53
N GLU B 328 40.59 -13.50 -14.58
CA GLU B 328 39.47 -13.25 -15.48
C GLU B 328 39.97 -13.02 -16.90
N ARG B 329 39.25 -13.55 -17.87
CA ARG B 329 39.59 -13.41 -19.28
C ARG B 329 38.53 -12.55 -19.94
N ASP B 330 38.97 -11.50 -20.63
CA ASP B 330 38.10 -10.63 -21.41
C ASP B 330 38.57 -10.68 -22.86
N LEU B 331 37.78 -11.35 -23.70
CA LEU B 331 38.17 -11.54 -25.09
C LEU B 331 37.98 -10.25 -25.88
N GLU B 332 38.31 -10.32 -27.18
CA GLU B 332 38.11 -9.18 -28.06
C GLU B 332 36.64 -8.90 -28.31
N ASN B 333 35.79 -9.92 -28.27
CA ASN B 333 34.36 -9.76 -28.49
C ASN B 333 33.62 -9.28 -27.26
N GLY B 334 34.34 -8.85 -26.22
CA GLY B 334 33.70 -8.48 -24.98
C GLY B 334 33.20 -9.65 -24.16
N SER B 335 33.51 -10.88 -24.58
CA SER B 335 33.08 -12.06 -23.83
C SER B 335 33.77 -12.10 -22.47
N HIS B 336 33.05 -12.63 -21.49
CA HIS B 336 33.53 -12.69 -20.12
C HIS B 336 33.64 -14.14 -19.68
N ILE B 337 34.77 -14.49 -19.09
CA ILE B 337 34.99 -15.80 -18.48
C ILE B 337 35.43 -15.56 -17.05
N ARG B 338 34.62 -16.00 -16.09
CA ARG B 338 34.88 -15.67 -14.70
C ARG B 338 36.21 -16.26 -14.24
N GLY B 339 36.89 -15.50 -13.38
CA GLY B 339 38.14 -15.94 -12.81
C GLY B 339 38.03 -16.22 -11.33
N ASP B 340 36.81 -16.20 -10.82
CA ASP B 340 36.56 -16.49 -9.42
C ASP B 340 36.13 -17.95 -9.26
N ILE B 341 36.31 -18.47 -8.05
CA ILE B 341 36.13 -19.89 -7.76
C ILE B 341 35.01 -20.02 -6.75
N ASN B 342 33.99 -20.81 -7.09
CA ASN B 342 32.84 -21.06 -6.22
C ASN B 342 33.00 -22.43 -5.57
N ILE B 343 32.85 -22.48 -4.26
CA ILE B 343 33.08 -23.69 -3.49
C ILE B 343 31.85 -23.99 -2.65
N LEU B 344 31.49 -25.28 -2.59
CA LEU B 344 30.41 -25.76 -1.74
C LEU B 344 30.97 -26.81 -0.80
N LEU B 345 30.56 -26.74 0.47
CA LEU B 345 31.00 -27.67 1.50
C LEU B 345 29.75 -28.33 2.09
N ILE B 346 29.47 -29.56 1.67
CA ILE B 346 28.43 -30.36 2.31
C ILE B 346 29.08 -31.12 3.44
N GLY B 347 28.44 -31.14 4.60
CA GLY B 347 29.07 -31.75 5.76
C GLY B 347 28.06 -32.27 6.76
N ASP B 348 28.47 -33.33 7.45
CA ASP B 348 27.73 -33.81 8.60
C ASP B 348 27.83 -32.79 9.73
N PRO B 349 26.91 -32.81 10.68
CA PRO B 349 26.92 -31.79 11.73
C PRO B 349 28.24 -31.76 12.49
N SER B 350 28.68 -30.55 12.83
CA SER B 350 29.90 -30.34 13.61
C SER B 350 31.13 -30.91 12.88
N VAL B 351 31.43 -30.31 11.73
CA VAL B 351 32.65 -30.65 11.00
C VAL B 351 33.40 -29.37 10.64
N ALA B 352 33.02 -28.25 11.26
CA ALA B 352 33.74 -26.97 11.19
C ALA B 352 33.52 -26.23 9.88
N LYS B 353 32.52 -26.60 9.07
CA LYS B 353 32.27 -25.85 7.85
C LYS B 353 31.83 -24.43 8.16
N SER B 354 30.91 -24.26 9.12
CA SER B 354 30.53 -22.90 9.51
C SER B 354 31.70 -22.15 10.11
N GLN B 355 32.58 -22.84 10.84
CA GLN B 355 33.78 -22.19 11.36
C GLN B 355 34.68 -21.72 10.23
N LEU B 356 34.83 -22.52 9.17
CA LEU B 356 35.63 -22.09 8.03
C LEU B 356 35.00 -20.88 7.36
N LEU B 357 33.67 -20.87 7.23
CA LEU B 357 33.01 -19.68 6.69
C LEU B 357 33.28 -18.46 7.56
N ARG B 358 33.22 -18.63 8.88
CA ARG B 358 33.48 -17.53 9.79
C ARG B 358 34.91 -17.02 9.62
N TYR B 359 35.87 -17.93 9.48
CA TYR B 359 37.24 -17.52 9.26
C TYR B 359 37.38 -16.74 7.95
N VAL B 360 36.76 -17.22 6.89
CA VAL B 360 36.81 -16.51 5.61
C VAL B 360 36.22 -15.12 5.78
N LEU B 361 35.13 -14.99 6.53
CA LEU B 361 34.57 -13.67 6.82
C LEU B 361 35.59 -12.80 7.54
N CYS B 362 36.28 -13.36 8.53
CA CYS B 362 37.20 -12.56 9.33
C CYS B 362 38.42 -12.13 8.53
N THR B 363 38.85 -12.95 7.57
CA THR B 363 40.09 -12.70 6.84
C THR B 363 39.85 -12.08 5.46
N ALA B 364 39.05 -12.74 4.64
CA ALA B 364 38.92 -12.31 3.25
C ALA B 364 38.34 -10.90 3.19
N PRO B 365 38.95 -9.98 2.42
CA PRO B 365 38.38 -8.63 2.31
C PRO B 365 37.06 -8.65 1.57
N ARG B 366 36.19 -7.71 1.95
CA ARG B 366 34.85 -7.59 1.37
C ARG B 366 34.13 -8.94 1.42
N ALA B 367 34.17 -9.57 2.58
CA ALA B 367 33.54 -10.87 2.81
C ALA B 367 32.15 -10.61 3.40
N ILE B 368 31.13 -10.77 2.56
CA ILE B 368 29.75 -10.51 2.95
C ILE B 368 29.17 -11.81 3.52
N PRO B 369 28.71 -11.83 4.76
CA PRO B 369 28.05 -13.03 5.28
C PRO B 369 26.58 -13.07 4.88
N THR B 370 26.00 -14.26 5.01
CA THR B 370 24.56 -14.42 4.89
C THR B 370 24.21 -15.84 5.34
N THR B 371 22.91 -16.12 5.31
CA THR B 371 22.36 -17.38 5.80
C THR B 371 21.22 -17.79 4.87
N GLY B 372 20.70 -18.99 5.09
CA GLY B 372 19.69 -19.56 4.21
C GLY B 372 18.54 -18.63 3.92
N ARG B 373 17.73 -18.32 4.93
CA ARG B 373 16.52 -17.53 4.76
C ARG B 373 16.64 -16.14 5.33
N GLY B 374 17.84 -15.70 5.71
CA GLY B 374 18.03 -14.34 6.17
C GLY B 374 18.19 -13.32 5.06
N SER B 375 18.18 -13.76 3.80
CA SER B 375 18.31 -12.88 2.65
C SER B 375 17.44 -13.46 1.54
N SER B 376 16.22 -12.96 1.42
CA SER B 376 15.23 -13.50 0.51
C SER B 376 15.14 -12.65 -0.75
N GLY B 377 15.40 -13.26 -1.90
CA GLY B 377 15.19 -12.62 -3.18
C GLY B 377 15.88 -11.29 -3.35
N VAL B 378 15.11 -10.21 -3.37
CA VAL B 378 15.64 -8.88 -3.67
C VAL B 378 16.68 -8.42 -2.68
N GLY B 379 16.80 -9.08 -1.52
CA GLY B 379 17.84 -8.72 -0.57
C GLY B 379 19.19 -9.33 -0.90
N LEU B 380 19.21 -10.61 -1.23
CA LEU B 380 20.46 -11.27 -1.59
C LEU B 380 21.09 -10.57 -2.79
N THR B 381 20.41 -10.58 -3.93
CA THR B 381 20.82 -9.81 -5.09
C THR B 381 20.31 -8.37 -4.95
N ALA B 382 20.66 -7.53 -5.92
CA ALA B 382 20.24 -6.14 -5.88
C ALA B 382 18.73 -6.05 -6.10
N ALA B 383 18.19 -4.83 -5.97
CA ALA B 383 16.77 -4.60 -6.14
C ALA B 383 16.56 -3.27 -6.87
N VAL B 384 15.30 -2.98 -7.18
CA VAL B 384 14.93 -1.72 -7.81
C VAL B 384 13.68 -1.20 -7.11
N THR B 385 13.71 0.07 -6.70
CA THR B 385 12.58 0.70 -6.04
C THR B 385 12.32 2.06 -6.68
N THR B 386 11.36 2.78 -6.14
CA THR B 386 11.12 4.17 -6.51
C THR B 386 11.69 5.08 -5.43
N ASP B 387 12.32 6.18 -5.88
CA ASP B 387 12.91 7.11 -4.92
C ASP B 387 11.87 7.62 -3.93
N GLN B 388 10.62 7.77 -4.38
CA GLN B 388 9.51 8.16 -3.52
C GLN B 388 9.55 9.65 -3.19
N GLU B 389 10.62 10.34 -3.58
CA GLU B 389 10.71 11.78 -3.47
C GLU B 389 10.72 12.46 -4.84
N THR B 390 11.63 12.05 -5.72
CA THR B 390 11.64 12.51 -7.10
C THR B 390 10.72 11.69 -8.00
N GLY B 391 10.12 10.62 -7.48
CA GLY B 391 9.36 9.71 -8.31
C GLY B 391 10.20 8.93 -9.29
N GLU B 392 11.51 8.90 -9.11
CA GLU B 392 12.43 8.25 -10.04
C GLU B 392 12.86 6.89 -9.51
N ARG B 393 13.03 5.94 -10.42
CA ARG B 393 13.49 4.62 -10.05
C ARG B 393 14.95 4.67 -9.63
N ARG B 394 15.28 3.88 -8.60
CA ARG B 394 16.64 3.80 -8.07
C ARG B 394 17.00 2.35 -7.80
N LEU B 395 18.26 2.02 -8.07
CA LEU B 395 18.79 0.71 -7.75
C LEU B 395 19.02 0.58 -6.25
N GLU B 396 19.18 -0.66 -5.81
CA GLU B 396 19.42 -0.97 -4.40
C GLU B 396 20.50 -2.03 -4.34
N ALA B 397 21.68 -1.64 -3.86
CA ALA B 397 22.80 -2.56 -3.74
C ALA B 397 22.42 -3.70 -2.81
N GLY B 398 22.26 -4.89 -3.37
CA GLY B 398 21.88 -6.05 -2.59
C GLY B 398 23.07 -6.63 -1.84
N ALA B 399 22.82 -7.79 -1.22
CA ALA B 399 23.83 -8.40 -0.38
C ALA B 399 25.09 -8.74 -1.17
N MET B 400 24.93 -9.20 -2.41
CA MET B 400 26.06 -9.74 -3.17
C MET B 400 26.70 -8.72 -4.10
N VAL B 401 25.93 -7.81 -4.70
CA VAL B 401 26.56 -6.77 -5.52
C VAL B 401 27.53 -5.96 -4.69
N LEU B 402 27.24 -5.81 -3.39
CA LEU B 402 28.20 -5.19 -2.48
C LEU B 402 29.49 -6.00 -2.40
N ALA B 403 29.40 -7.31 -2.62
CA ALA B 403 30.55 -8.21 -2.52
C ALA B 403 31.36 -8.29 -3.80
N ASP B 404 31.26 -7.29 -4.67
CA ASP B 404 32.05 -7.30 -5.90
C ASP B 404 33.53 -7.36 -5.57
N ARG B 405 34.27 -8.13 -6.36
CA ARG B 405 35.70 -8.35 -6.12
C ARG B 405 35.92 -8.86 -4.70
N GLY B 406 35.03 -9.73 -4.24
CA GLY B 406 35.09 -10.23 -2.88
C GLY B 406 34.52 -11.61 -2.70
N VAL B 407 34.19 -11.97 -1.46
CA VAL B 407 33.71 -13.29 -1.11
C VAL B 407 32.31 -13.16 -0.51
N VAL B 408 31.44 -14.11 -0.81
CA VAL B 408 30.11 -14.19 -0.23
C VAL B 408 30.00 -15.53 0.49
N CYS B 409 29.83 -15.48 1.81
CA CYS B 409 29.78 -16.69 2.63
C CYS B 409 28.32 -16.99 2.96
N ILE B 410 27.78 -18.01 2.29
CA ILE B 410 26.38 -18.39 2.42
C ILE B 410 26.31 -19.64 3.28
N ASP B 411 25.89 -19.47 4.52
CA ASP B 411 25.70 -20.61 5.42
C ASP B 411 24.26 -21.10 5.34
N GLU B 412 24.07 -22.36 5.71
CA GLU B 412 22.76 -23.00 5.61
C GLU B 412 22.21 -22.89 4.19
N PHE B 413 23.07 -23.18 3.21
CA PHE B 413 22.71 -22.97 1.81
C PHE B 413 21.51 -23.81 1.40
N ASP B 414 21.38 -25.02 1.93
CA ASP B 414 20.32 -25.91 1.47
C ASP B 414 18.93 -25.33 1.76
N LYS B 415 18.76 -24.71 2.92
CA LYS B 415 17.44 -24.27 3.37
C LYS B 415 16.89 -23.11 2.53
N MET B 416 17.70 -22.50 1.67
CA MET B 416 17.21 -21.42 0.82
C MET B 416 16.05 -21.88 -0.05
N SER B 417 15.06 -20.99 -0.22
CA SER B 417 14.02 -21.24 -1.20
C SER B 417 14.65 -21.34 -2.59
N ASP B 418 14.15 -22.26 -3.40
CA ASP B 418 14.78 -22.54 -4.68
C ASP B 418 14.78 -21.30 -5.58
N MET B 419 13.82 -20.40 -5.39
CA MET B 419 13.81 -19.16 -6.17
C MET B 419 15.08 -18.37 -5.94
N ASP B 420 15.47 -18.21 -4.68
CA ASP B 420 16.72 -17.54 -4.37
C ASP B 420 17.90 -18.25 -5.03
N ARG B 421 17.93 -19.57 -4.94
CA ARG B 421 19.02 -20.33 -5.54
C ARG B 421 19.14 -20.05 -7.03
N THR B 422 18.03 -20.13 -7.76
CA THR B 422 18.07 -19.84 -9.19
C THR B 422 18.35 -18.37 -9.46
N ALA B 423 18.19 -17.50 -8.46
CA ALA B 423 18.56 -16.11 -8.61
C ALA B 423 20.04 -15.85 -8.42
N ILE B 424 20.87 -16.89 -8.36
CA ILE B 424 22.31 -16.74 -8.18
C ILE B 424 23.12 -17.29 -9.33
N HIS B 425 22.50 -18.03 -10.25
CA HIS B 425 23.28 -18.71 -11.29
C HIS B 425 24.07 -17.71 -12.13
N GLU B 426 23.45 -16.59 -12.48
CA GLU B 426 24.12 -15.63 -13.37
C GLU B 426 25.31 -15.01 -12.67
N VAL B 427 25.13 -14.52 -11.44
CA VAL B 427 26.23 -13.92 -10.71
C VAL B 427 27.31 -14.95 -10.43
N MET B 428 26.92 -16.20 -10.15
CA MET B 428 27.90 -17.24 -9.91
C MET B 428 28.73 -17.53 -11.16
N GLU B 429 28.09 -17.53 -12.32
CA GLU B 429 28.77 -17.92 -13.56
C GLU B 429 29.42 -16.74 -14.28
N GLN B 430 28.63 -15.75 -14.68
CA GLN B 430 29.16 -14.60 -15.40
C GLN B 430 29.39 -13.38 -14.51
N GLY B 431 29.00 -13.44 -13.24
CA GLY B 431 29.32 -12.37 -12.32
C GLY B 431 28.71 -11.02 -12.65
N ARG B 432 27.42 -11.02 -13.02
CA ARG B 432 26.71 -9.76 -13.21
C ARG B 432 25.22 -10.02 -13.02
N VAL B 433 24.56 -9.09 -12.33
CA VAL B 433 23.15 -9.21 -11.98
C VAL B 433 22.35 -8.28 -12.88
N THR B 434 21.48 -8.87 -13.70
CA THR B 434 20.65 -8.11 -14.63
C THR B 434 19.29 -7.89 -14.00
N ILE B 435 18.99 -6.64 -13.63
CA ILE B 435 17.71 -6.29 -13.03
C ILE B 435 17.11 -5.15 -13.83
N ALA B 436 15.83 -5.27 -14.19
CA ALA B 436 15.18 -4.25 -15.00
C ALA B 436 13.69 -4.27 -14.71
N LYS B 437 13.17 -3.15 -14.24
CA LYS B 437 11.74 -2.87 -14.22
C LYS B 437 11.41 -1.90 -15.35
N ALA B 438 10.12 -1.72 -15.58
CA ALA B 438 9.68 -0.98 -16.76
C ALA B 438 10.39 0.36 -16.89
N GLY B 439 10.58 1.06 -15.76
CA GLY B 439 11.21 2.36 -15.80
C GLY B 439 12.71 2.34 -16.00
N ILE B 440 13.41 1.37 -15.42
CA ILE B 440 14.87 1.39 -15.40
C ILE B 440 15.38 -0.02 -15.66
N HIS B 441 16.62 -0.10 -16.13
CA HIS B 441 17.27 -1.39 -16.36
C HIS B 441 18.76 -1.24 -16.15
N ALA B 442 19.40 -2.29 -15.65
CA ALA B 442 20.83 -2.24 -15.39
C ALA B 442 21.37 -3.65 -15.26
N ARG B 443 22.68 -3.77 -15.42
CA ARG B 443 23.43 -5.02 -15.22
C ARG B 443 24.56 -4.71 -14.24
N LEU B 444 24.25 -4.82 -12.96
CA LEU B 444 25.20 -4.46 -11.92
C LEU B 444 26.35 -5.46 -11.87
N ASN B 445 27.55 -4.96 -11.60
CA ASN B 445 28.74 -5.78 -11.52
C ASN B 445 28.75 -6.54 -10.20
N ALA B 446 28.74 -7.87 -10.28
CA ALA B 446 28.89 -8.75 -9.11
C ALA B 446 29.93 -9.80 -9.46
N ARG B 447 31.21 -9.45 -9.29
CA ARG B 447 32.31 -10.40 -9.48
C ARG B 447 32.75 -10.94 -8.13
N CYS B 448 31.92 -11.84 -7.59
CA CYS B 448 32.11 -12.38 -6.26
C CYS B 448 32.27 -13.90 -6.33
N SER B 449 33.06 -14.44 -5.41
CA SER B 449 33.22 -15.87 -5.26
C SER B 449 32.34 -16.34 -4.11
N VAL B 450 31.54 -17.37 -4.36
CA VAL B 450 30.56 -17.86 -3.39
C VAL B 450 31.14 -19.06 -2.67
N LEU B 451 31.15 -19.00 -1.34
CA LEU B 451 31.51 -20.13 -0.49
C LEU B 451 30.26 -20.52 0.29
N ALA B 452 29.69 -21.67 -0.06
CA ALA B 452 28.43 -22.12 0.51
C ALA B 452 28.66 -23.30 1.45
N ALA B 453 27.94 -23.31 2.56
CA ALA B 453 27.94 -24.41 3.50
C ALA B 453 26.58 -25.11 3.45
N ALA B 454 26.59 -26.43 3.61
CA ALA B 454 25.36 -27.20 3.42
C ALA B 454 25.35 -28.39 4.36
N ASN B 455 24.15 -28.69 4.87
CA ASN B 455 23.89 -29.91 5.62
C ASN B 455 23.16 -30.88 4.70
N PRO B 456 23.73 -32.03 4.36
CA PRO B 456 23.09 -32.89 3.35
C PRO B 456 21.72 -33.35 3.82
N VAL B 457 20.85 -33.60 2.84
CA VAL B 457 19.49 -34.07 3.12
C VAL B 457 19.56 -35.24 4.09
N TYR B 458 18.58 -35.34 4.98
CA TYR B 458 18.50 -36.28 6.08
C TYR B 458 19.36 -35.82 7.26
N GLY B 459 19.93 -34.63 7.21
CA GLY B 459 20.74 -34.13 8.31
C GLY B 459 22.15 -34.68 8.27
N ARG B 460 22.29 -35.99 8.41
CA ARG B 460 23.58 -36.66 8.35
C ARG B 460 23.76 -37.33 7.00
N TYR B 461 25.01 -37.58 6.63
CA TYR B 461 25.34 -38.13 5.32
C TYR B 461 25.24 -39.64 5.37
N ASP B 462 24.41 -40.20 4.48
CA ASP B 462 24.25 -41.65 4.37
C ASP B 462 25.27 -42.16 3.37
N GLN B 463 26.39 -42.68 3.89
CA GLN B 463 27.46 -43.16 3.01
C GLN B 463 26.99 -44.29 2.11
N TYR B 464 25.96 -45.02 2.51
CA TYR B 464 25.42 -46.10 1.70
C TYR B 464 24.49 -45.60 0.60
N LYS B 465 24.50 -44.29 0.34
CA LYS B 465 23.75 -43.70 -0.75
C LYS B 465 24.70 -42.85 -1.59
N THR B 466 24.41 -42.75 -2.88
CA THR B 466 25.28 -42.00 -3.77
C THR B 466 25.28 -40.52 -3.36
N PRO B 467 26.39 -39.82 -3.56
CA PRO B 467 26.40 -38.39 -3.26
C PRO B 467 25.37 -37.60 -4.03
N MET B 468 24.97 -38.08 -5.22
CA MET B 468 23.91 -37.40 -5.97
C MET B 468 22.64 -37.32 -5.14
N GLU B 469 22.19 -38.45 -4.59
CA GLU B 469 20.97 -38.47 -3.80
C GLU B 469 21.17 -38.00 -2.36
N ASN B 470 22.41 -37.93 -1.91
CA ASN B 470 22.70 -37.27 -0.63
C ASN B 470 22.65 -35.75 -0.76
N ILE B 471 22.54 -35.22 -1.98
CA ILE B 471 22.45 -33.79 -2.22
C ILE B 471 21.14 -33.54 -2.97
N GLY B 472 20.27 -32.73 -2.38
CA GLY B 472 19.01 -32.42 -3.01
C GLY B 472 19.08 -31.40 -4.12
N LEU B 473 20.25 -30.77 -4.31
CA LEU B 473 20.39 -29.76 -5.35
C LEU B 473 20.35 -30.41 -6.73
N GLN B 474 19.78 -29.68 -7.70
CA GLN B 474 19.72 -30.20 -9.04
C GLN B 474 21.11 -30.21 -9.68
N ASP B 475 21.21 -30.86 -10.83
CA ASP B 475 22.50 -31.04 -11.48
C ASP B 475 23.11 -29.70 -11.88
N SER B 476 22.27 -28.76 -12.35
CA SER B 476 22.80 -27.50 -12.86
C SER B 476 23.53 -26.73 -11.78
N LEU B 477 22.92 -26.59 -10.60
CA LEU B 477 23.56 -25.84 -9.53
C LEU B 477 24.86 -26.50 -9.08
N LEU B 478 24.85 -27.82 -8.95
CA LEU B 478 26.10 -28.52 -8.64
C LEU B 478 27.15 -28.25 -9.70
N SER B 479 26.73 -28.09 -10.96
CA SER B 479 27.66 -27.66 -12.00
C SER B 479 28.18 -26.26 -11.72
N ARG B 480 27.32 -25.35 -11.24
CA ARG B 480 27.75 -23.98 -10.95
C ARG B 480 28.96 -23.99 -10.02
N PHE B 481 28.91 -24.77 -8.95
CA PHE B 481 30.03 -24.85 -8.03
C PHE B 481 31.17 -25.62 -8.68
N ASP B 482 32.35 -25.00 -8.73
CA ASP B 482 33.50 -25.67 -9.33
C ASP B 482 34.04 -26.77 -8.43
N LEU B 483 34.04 -26.56 -7.11
CA LEU B 483 34.49 -27.55 -6.15
C LEU B 483 33.37 -27.84 -5.17
N LEU B 484 33.14 -29.13 -4.92
CA LEU B 484 32.09 -29.60 -4.01
C LEU B 484 32.73 -30.62 -3.07
N PHE B 485 32.91 -30.23 -1.81
CA PHE B 485 33.60 -31.05 -0.82
C PHE B 485 32.60 -31.71 0.11
N ILE B 486 32.64 -33.04 0.16
CA ILE B 486 31.91 -33.81 1.15
C ILE B 486 32.84 -33.99 2.36
N MET B 487 32.39 -33.51 3.52
CA MET B 487 33.18 -33.57 4.76
C MET B 487 32.42 -34.45 5.73
N LEU B 488 32.78 -35.74 5.77
CA LEU B 488 32.08 -36.72 6.59
C LEU B 488 32.58 -36.69 8.02
N ASP B 489 31.69 -37.07 8.94
CA ASP B 489 32.03 -37.11 10.36
C ASP B 489 32.49 -38.52 10.76
N GLN B 490 33.49 -39.01 10.01
CA GLN B 490 34.10 -40.28 10.35
C GLN B 490 34.71 -40.20 11.74
N MET B 491 34.49 -41.24 12.54
CA MET B 491 34.85 -41.22 13.95
C MET B 491 36.10 -42.06 14.23
N ASP B 492 36.90 -42.32 13.21
CA ASP B 492 38.07 -43.19 13.37
C ASP B 492 38.79 -42.88 14.67
N PRO B 493 38.85 -43.82 15.63
CA PRO B 493 39.30 -43.45 16.98
C PRO B 493 40.60 -42.68 17.00
N GLU B 494 41.54 -43.01 16.11
CA GLU B 494 42.77 -42.22 16.01
C GLU B 494 42.44 -40.80 15.56
N GLN B 495 41.59 -40.66 14.54
CA GLN B 495 41.21 -39.32 14.08
C GLN B 495 40.45 -38.56 15.15
N ASP B 496 39.57 -39.24 15.88
CA ASP B 496 38.87 -38.59 16.98
C ASP B 496 39.84 -38.14 18.06
N ARG B 497 40.85 -38.97 18.36
CA ARG B 497 41.86 -38.57 19.33
C ARG B 497 42.59 -37.31 18.88
N GLU B 498 42.99 -37.27 17.60
CA GLU B 498 43.70 -36.11 17.09
C GLU B 498 42.82 -34.86 17.16
N ILE B 499 41.57 -34.98 16.73
CA ILE B 499 40.67 -33.83 16.71
C ILE B 499 40.42 -33.34 18.14
N SER B 500 40.21 -34.27 19.07
CA SER B 500 40.01 -33.88 20.46
C SER B 500 41.24 -33.20 21.03
N ASP B 501 42.43 -33.70 20.69
CA ASP B 501 43.65 -33.06 21.16
C ASP B 501 43.72 -31.63 20.67
N HIS B 502 43.50 -31.44 19.36
CA HIS B 502 43.54 -30.09 18.81
C HIS B 502 42.52 -29.18 19.50
N VAL B 503 41.28 -29.66 19.62
CA VAL B 503 40.22 -28.82 20.18
C VAL B 503 40.51 -28.46 21.63
N LEU B 504 40.84 -29.47 22.45
CA LEU B 504 41.11 -29.22 23.86
C LEU B 504 42.31 -28.31 24.04
N ARG B 505 43.33 -28.44 23.20
CA ARG B 505 44.44 -27.50 23.26
C ARG B 505 43.96 -26.08 22.94
N MET B 506 43.08 -25.96 21.96
CA MET B 506 42.53 -24.64 21.65
C MET B 506 41.72 -24.08 22.82
N HIS B 507 40.84 -24.90 23.40
CA HIS B 507 40.02 -24.42 24.51
C HIS B 507 40.86 -24.03 25.72
N ARG B 508 42.05 -24.59 25.86
CA ARG B 508 42.94 -24.24 26.97
C ARG B 508 43.71 -22.96 26.74
N TYR B 509 43.85 -22.53 25.49
CA TYR B 509 44.73 -21.40 25.19
C TYR B 509 44.26 -20.14 25.90
N ARG B 510 45.21 -19.35 26.36
CA ARG B 510 44.95 -18.05 26.95
C ARG B 510 45.88 -17.03 26.32
N ALA B 511 45.38 -15.80 26.18
CA ALA B 511 46.16 -14.76 25.53
C ALA B 511 47.46 -14.54 26.30
N PRO B 512 48.56 -14.22 25.60
CA PRO B 512 49.85 -14.15 26.29
C PRO B 512 49.96 -12.93 27.19
N GLY B 513 49.92 -13.14 28.50
CA GLY B 513 50.08 -12.05 29.45
C GLY B 513 48.86 -11.19 29.67
N GLU B 514 48.17 -10.81 28.59
CA GLU B 514 47.02 -9.93 28.72
C GLU B 514 45.97 -10.50 29.66
N GLN B 515 45.87 -11.83 29.74
CA GLN B 515 44.88 -12.50 30.57
C GLN B 515 45.58 -13.35 31.62
N ASP B 516 44.90 -13.52 32.76
CA ASP B 516 45.47 -14.30 33.87
C ASP B 516 44.43 -15.16 34.57
N GLY B 517 43.25 -15.35 33.99
CA GLY B 517 42.19 -16.11 34.63
C GLY B 517 40.89 -15.35 34.68
N ASP B 518 40.79 -14.28 33.90
CA ASP B 518 39.60 -13.44 33.84
C ASP B 518 38.72 -13.85 32.65
N ALA B 519 37.63 -13.11 32.46
CA ALA B 519 36.64 -13.40 31.45
C ALA B 519 36.63 -12.33 30.37
N MET B 520 35.99 -12.66 29.24
CA MET B 520 35.87 -11.74 28.12
C MET B 520 34.72 -10.76 28.34
N PRO B 521 34.94 -9.46 28.24
CA PRO B 521 33.83 -8.52 28.36
C PRO B 521 32.83 -8.67 27.23
N LEU B 522 31.57 -8.37 27.51
CA LEU B 522 30.53 -8.40 26.49
C LEU B 522 30.83 -7.40 25.38
N GLN B 545 55.99 -10.30 11.27
CA GLN B 545 56.87 -11.46 11.31
C GLN B 545 56.34 -12.55 10.40
N ILE B 546 57.24 -13.23 9.69
CA ILE B 546 56.83 -14.26 8.74
C ILE B 546 56.18 -15.42 9.48
N TYR B 547 56.81 -15.89 10.55
CA TYR B 547 56.31 -16.99 11.35
C TYR B 547 55.95 -16.51 12.75
N GLU B 548 54.79 -16.94 13.24
CA GLU B 548 54.39 -16.61 14.59
C GLU B 548 55.25 -17.38 15.60
N LYS B 549 55.28 -16.87 16.83
CA LYS B 549 55.94 -17.59 17.91
C LYS B 549 55.25 -18.93 18.11
N HIS B 550 56.07 -19.97 18.35
CA HIS B 550 55.57 -21.34 18.45
C HIS B 550 55.16 -21.62 19.89
N ASP B 551 53.87 -21.46 20.17
CA ASP B 551 53.33 -21.94 21.44
C ASP B 551 53.16 -23.46 21.39
N ASN B 552 53.35 -24.09 22.55
CA ASN B 552 53.09 -25.52 22.67
C ASN B 552 51.61 -25.84 22.80
N LEU B 553 50.81 -24.87 23.24
CA LEU B 553 49.37 -25.09 23.41
C LEU B 553 48.58 -24.86 22.14
N LEU B 554 49.19 -24.24 21.12
CA LEU B 554 48.57 -24.08 19.81
C LEU B 554 49.24 -24.93 18.73
N HIS B 555 50.45 -25.44 18.99
CA HIS B 555 51.18 -26.22 18.01
C HIS B 555 51.57 -27.60 18.51
N GLY B 556 51.65 -27.81 19.81
CA GLY B 556 52.03 -29.10 20.36
C GLY B 556 53.50 -29.42 20.15
N MET B 564 53.69 -22.57 11.03
CA MET B 564 52.60 -21.74 10.51
C MET B 564 53.05 -20.31 10.29
N VAL B 565 52.24 -19.54 9.56
CA VAL B 565 52.56 -18.15 9.24
C VAL B 565 51.54 -17.24 9.93
N SER B 566 51.96 -16.00 10.15
CA SER B 566 51.10 -15.04 10.84
C SER B 566 49.87 -14.70 9.99
N ALA B 567 48.75 -14.49 10.67
CA ALA B 567 47.53 -14.10 9.95
C ALA B 567 47.71 -12.78 9.23
N ALA B 568 48.37 -11.81 9.88
CA ALA B 568 48.64 -10.54 9.21
C ALA B 568 49.60 -10.72 8.05
N PHE B 569 50.67 -11.50 8.25
CA PHE B 569 51.60 -11.77 7.15
C PHE B 569 50.91 -12.53 6.03
N MET B 570 50.06 -13.50 6.39
CA MET B 570 49.32 -14.23 5.38
C MET B 570 48.42 -13.27 4.59
N LYS B 571 47.76 -12.35 5.30
CA LYS B 571 46.90 -11.38 4.63
C LYS B 571 47.70 -10.53 3.65
N LYS B 572 48.84 -10.00 4.09
CA LYS B 572 49.64 -9.17 3.20
C LYS B 572 50.12 -9.95 1.99
N TYR B 573 50.63 -11.16 2.21
CA TYR B 573 51.15 -11.97 1.11
C TYR B 573 50.04 -12.33 0.13
N ILE B 574 48.87 -12.71 0.64
CA ILE B 574 47.76 -13.04 -0.25
C ILE B 574 47.33 -11.82 -1.04
N HIS B 575 47.26 -10.66 -0.39
CA HIS B 575 46.85 -9.45 -1.09
C HIS B 575 47.81 -9.11 -2.22
N VAL B 576 49.11 -9.20 -1.96
CA VAL B 576 50.08 -8.89 -3.03
C VAL B 576 50.03 -9.95 -4.12
N ALA B 577 49.91 -11.22 -3.74
CA ALA B 577 49.89 -12.28 -4.76
C ALA B 577 48.66 -12.17 -5.64
N LYS B 578 47.54 -11.71 -5.09
CA LYS B 578 46.30 -11.67 -5.85
C LYS B 578 46.43 -10.82 -7.11
N ILE B 579 47.39 -9.89 -7.13
CA ILE B 579 47.57 -9.03 -8.29
C ILE B 579 48.27 -9.75 -9.44
N ILE B 580 49.00 -10.83 -9.16
CA ILE B 580 49.76 -11.50 -10.20
C ILE B 580 48.82 -12.10 -11.23
N LYS B 581 49.27 -12.14 -12.49
CA LYS B 581 48.47 -12.64 -13.61
C LYS B 581 49.30 -13.65 -14.39
N PRO B 582 49.34 -14.90 -13.94
CA PRO B 582 50.12 -15.92 -14.65
C PRO B 582 49.51 -16.27 -16.00
N VAL B 583 50.34 -16.86 -16.85
CA VAL B 583 49.96 -17.26 -18.20
C VAL B 583 50.17 -18.75 -18.34
N LEU B 584 49.16 -19.44 -18.88
CA LEU B 584 49.25 -20.89 -19.04
C LEU B 584 50.39 -21.26 -19.98
N THR B 585 51.11 -22.32 -19.63
CA THR B 585 52.18 -22.84 -20.45
C THR B 585 51.67 -23.97 -21.33
N GLN B 586 52.36 -24.19 -22.45
CA GLN B 586 51.92 -25.18 -23.42
C GLN B 586 51.85 -26.58 -22.80
N GLU B 587 52.91 -26.97 -22.09
CA GLU B 587 52.90 -28.28 -21.44
C GLU B 587 51.78 -28.37 -20.42
N SER B 588 51.58 -27.29 -19.64
CA SER B 588 50.48 -27.28 -18.69
C SER B 588 49.13 -27.41 -19.39
N ALA B 589 48.97 -26.72 -20.53
CA ALA B 589 47.72 -26.81 -21.27
C ALA B 589 47.47 -28.23 -21.75
N THR B 590 48.49 -28.88 -22.31
CA THR B 590 48.33 -30.26 -22.77
C THR B 590 48.01 -31.19 -21.61
N TYR B 591 48.70 -31.02 -20.48
CA TYR B 591 48.44 -31.85 -19.31
C TYR B 591 47.00 -31.70 -18.84
N ILE B 592 46.53 -30.46 -18.74
CA ILE B 592 45.15 -30.22 -18.29
C ILE B 592 44.16 -30.79 -19.30
N ALA B 593 44.45 -30.65 -20.59
CA ALA B 593 43.54 -31.18 -21.60
C ALA B 593 43.42 -32.70 -21.49
N GLU B 594 44.56 -33.38 -21.36
CA GLU B 594 44.52 -34.84 -21.20
C GLU B 594 43.77 -35.22 -19.92
N GLU B 595 44.02 -34.49 -18.84
CA GLU B 595 43.35 -34.83 -17.58
C GLU B 595 41.84 -34.65 -17.70
N TYR B 596 41.40 -33.56 -18.33
CA TYR B 596 39.96 -33.36 -18.50
C TYR B 596 39.37 -34.44 -19.40
N SER B 597 40.08 -34.81 -20.46
CA SER B 597 39.59 -35.86 -21.35
C SER B 597 39.37 -37.15 -20.56
N ARG B 598 40.32 -37.53 -19.71
CA ARG B 598 40.13 -38.73 -18.91
C ARG B 598 39.01 -38.54 -17.88
N LEU B 599 38.93 -37.35 -17.28
CA LEU B 599 37.89 -37.11 -16.28
C LEU B 599 36.50 -37.31 -16.86
N ARG B 600 36.27 -36.79 -18.08
CA ARG B 600 35.01 -37.06 -18.75
C ARG B 600 34.84 -38.55 -19.04
N SER B 601 35.93 -39.24 -19.39
CA SER B 601 35.86 -40.64 -19.75
C SER B 601 35.33 -41.48 -18.60
N GLN B 602 34.53 -42.48 -18.95
CA GLN B 602 33.94 -43.36 -17.94
C GLN B 602 35.00 -44.07 -17.12
N ASP B 603 36.11 -44.44 -17.76
CA ASP B 603 37.13 -45.24 -17.08
C ASP B 603 37.70 -44.53 -15.85
N SER B 604 37.65 -43.19 -15.83
CA SER B 604 38.23 -42.46 -14.70
C SER B 604 37.58 -42.82 -13.39
N MET B 605 36.34 -43.31 -13.40
CA MET B 605 35.64 -43.74 -12.19
C MET B 605 35.53 -45.26 -12.17
N SER B 606 36.01 -45.86 -11.10
CA SER B 606 35.95 -47.31 -10.93
C SER B 606 34.56 -47.70 -10.46
N SER B 607 34.40 -48.96 -10.02
CA SER B 607 33.14 -49.42 -9.48
C SER B 607 32.89 -48.84 -8.09
N ASP B 608 31.61 -48.64 -7.77
CA ASP B 608 31.18 -48.20 -6.45
C ASP B 608 31.68 -46.79 -6.10
N THR B 609 32.23 -46.06 -7.07
CA THR B 609 32.63 -44.68 -6.86
C THR B 609 31.79 -43.81 -7.79
N ALA B 610 31.14 -42.79 -7.21
CA ALA B 610 30.17 -41.97 -7.92
C ALA B 610 30.64 -40.53 -7.99
N ARG B 611 30.19 -39.82 -9.02
CA ARG B 611 30.56 -38.43 -9.20
C ARG B 611 29.84 -37.57 -8.16
N THR B 612 30.59 -36.72 -7.47
CA THR B 612 29.98 -35.75 -6.58
C THR B 612 29.35 -34.60 -7.34
N SER B 613 29.67 -34.46 -8.62
CA SER B 613 29.08 -33.42 -9.47
C SER B 613 29.41 -33.72 -10.93
N PRO B 614 28.53 -33.38 -11.87
CA PRO B 614 28.81 -33.70 -13.26
C PRO B 614 30.07 -33.01 -13.75
N VAL B 615 30.80 -33.71 -14.61
CA VAL B 615 32.02 -33.17 -15.22
C VAL B 615 31.62 -32.59 -16.58
N THR B 616 31.73 -31.27 -16.70
CA THR B 616 31.37 -30.58 -17.94
C THR B 616 32.42 -29.55 -18.30
N ALA B 617 32.11 -28.66 -19.24
CA ALA B 617 33.07 -27.65 -19.66
C ALA B 617 33.58 -26.85 -18.47
N ARG B 618 32.68 -26.47 -17.56
CA ARG B 618 33.10 -25.67 -16.42
C ARG B 618 34.25 -26.33 -15.67
N THR B 619 34.17 -27.65 -15.49
CA THR B 619 35.24 -28.37 -14.80
C THR B 619 36.59 -28.02 -15.41
N LEU B 620 36.68 -28.06 -16.74
CA LEU B 620 37.95 -27.72 -17.39
C LEU B 620 38.42 -26.35 -16.91
N GLU B 621 37.55 -25.34 -17.02
CA GLU B 621 37.94 -24.01 -16.56
C GLU B 621 38.38 -24.05 -15.10
N THR B 622 37.62 -24.77 -14.27
CA THR B 622 38.02 -24.92 -12.87
C THR B 622 39.50 -25.31 -12.79
N LEU B 623 39.87 -26.38 -13.48
CA LEU B 623 41.27 -26.79 -13.50
C LEU B 623 42.14 -25.57 -13.75
N ILE B 624 41.95 -24.94 -14.90
CA ILE B 624 42.74 -23.74 -15.23
C ILE B 624 42.72 -22.79 -14.05
N ARG B 625 41.52 -22.37 -13.64
CA ARG B 625 41.43 -21.44 -12.52
C ARG B 625 42.21 -21.95 -11.33
N LEU B 626 41.95 -23.18 -10.92
CA LEU B 626 42.67 -23.73 -9.78
C LEU B 626 44.17 -23.69 -10.04
N ALA B 627 44.58 -24.18 -11.21
CA ALA B 627 46.00 -24.09 -11.56
C ALA B 627 46.46 -22.66 -11.46
N THR B 628 45.72 -21.73 -12.06
CA THR B 628 46.06 -20.32 -11.97
C THR B 628 46.23 -19.92 -10.52
N ALA B 629 45.26 -20.29 -9.67
CA ALA B 629 45.37 -19.95 -8.25
C ALA B 629 46.67 -20.47 -7.68
N HIS B 630 46.98 -21.74 -7.95
CA HIS B 630 48.20 -22.32 -7.40
C HIS B 630 49.43 -21.57 -7.91
N ALA B 631 49.38 -21.08 -9.16
CA ALA B 631 50.47 -20.27 -9.66
C ALA B 631 50.62 -18.99 -8.88
N LYS B 632 49.50 -18.34 -8.54
CA LYS B 632 49.58 -17.07 -7.83
C LYS B 632 50.19 -17.23 -6.44
N ALA B 633 50.00 -18.39 -5.81
CA ALA B 633 50.60 -18.63 -4.50
C ALA B 633 52.12 -18.59 -4.56
N ARG B 634 52.71 -18.97 -5.69
CA ARG B 634 54.17 -19.01 -5.84
C ARG B 634 54.72 -17.79 -6.57
N MET B 635 53.88 -16.79 -6.86
CA MET B 635 54.32 -15.64 -7.65
C MET B 635 54.90 -16.09 -8.98
N SER B 636 54.34 -17.17 -9.53
CA SER B 636 54.96 -17.83 -10.68
C SER B 636 55.03 -16.91 -11.88
N LYS B 637 53.93 -16.22 -12.19
CA LYS B 637 53.74 -15.48 -13.44
C LYS B 637 53.61 -16.41 -14.64
N THR B 638 53.74 -17.72 -14.45
CA THR B 638 53.62 -18.69 -15.53
C THR B 638 53.14 -20.00 -14.92
N VAL B 639 51.97 -20.47 -15.37
CA VAL B 639 51.37 -21.67 -14.80
C VAL B 639 52.17 -22.86 -15.30
N ASP B 640 53.07 -23.37 -14.47
CA ASP B 640 53.91 -24.50 -14.84
C ASP B 640 53.15 -25.80 -14.59
N LEU B 641 53.85 -26.93 -14.69
CA LEU B 641 53.20 -28.23 -14.57
C LEU B 641 52.81 -28.56 -13.13
N GLN B 642 53.59 -28.10 -12.15
CA GLN B 642 53.29 -28.43 -10.76
C GLN B 642 51.92 -27.88 -10.35
N ASP B 643 51.64 -26.62 -10.71
CA ASP B 643 50.34 -26.05 -10.41
C ASP B 643 49.23 -26.85 -11.08
N ALA B 644 49.43 -27.20 -12.34
CA ALA B 644 48.40 -27.94 -13.08
C ALA B 644 48.11 -29.28 -12.41
N GLU B 645 49.16 -30.01 -12.03
CA GLU B 645 48.94 -31.33 -11.45
C GLU B 645 48.36 -31.24 -10.04
N GLU B 646 48.73 -30.20 -9.28
CA GLU B 646 48.11 -30.01 -7.97
C GLU B 646 46.63 -29.74 -8.12
N ALA B 647 46.26 -28.82 -9.01
CA ALA B 647 44.84 -28.58 -9.26
C ALA B 647 44.15 -29.84 -9.77
N VAL B 648 44.86 -30.64 -10.56
CA VAL B 648 44.29 -31.87 -11.11
C VAL B 648 43.95 -32.85 -9.99
N GLU B 649 44.90 -33.07 -9.07
CA GLU B 649 44.62 -33.98 -7.98
C GLU B 649 43.52 -33.44 -7.08
N LEU B 650 43.49 -32.11 -6.88
CA LEU B 650 42.42 -31.51 -6.10
C LEU B 650 41.06 -31.79 -6.72
N VAL B 651 40.94 -31.58 -8.03
CA VAL B 651 39.67 -31.83 -8.71
C VAL B 651 39.30 -33.30 -8.65
N GLN B 652 40.26 -34.19 -8.87
CA GLN B 652 39.97 -35.62 -8.83
C GLN B 652 39.47 -36.03 -7.45
N TYR B 653 40.10 -35.52 -6.40
CA TYR B 653 39.60 -35.79 -5.04
C TYR B 653 38.20 -35.25 -4.85
N ALA B 654 37.92 -34.07 -5.43
CA ALA B 654 36.64 -33.42 -5.17
C ALA B 654 35.49 -34.09 -5.92
N TYR B 655 35.74 -34.57 -7.14
CA TYR B 655 34.67 -34.96 -8.05
C TYR B 655 34.28 -36.44 -7.96
N PHE B 656 34.86 -37.20 -7.04
CA PHE B 656 34.52 -38.61 -6.92
C PHE B 656 34.48 -39.02 -5.46
N LYS B 657 33.45 -39.78 -5.10
CA LYS B 657 33.25 -40.25 -3.73
C LYS B 657 33.01 -41.75 -3.75
N LYS B 658 33.65 -42.46 -2.82
CA LYS B 658 33.49 -43.91 -2.72
C LYS B 658 32.19 -44.24 -1.99
N VAL B 659 31.35 -45.07 -2.61
CA VAL B 659 30.07 -45.47 -2.06
C VAL B 659 30.23 -46.84 -1.42
N LEU B 660 29.85 -46.96 -0.15
CA LEU B 660 29.96 -48.21 0.57
C LEU B 660 28.76 -49.10 0.28
N VAL C 115 -25.56 33.88 -34.34
CA VAL C 115 -24.20 33.49 -34.66
C VAL C 115 -23.53 32.88 -33.44
N ARG C 116 -23.66 31.57 -33.28
CA ARG C 116 -23.02 30.88 -32.17
C ARG C 116 -21.51 30.95 -32.34
N GLN C 117 -20.83 31.57 -31.36
CA GLN C 117 -19.38 31.65 -31.39
C GLN C 117 -18.78 30.27 -31.15
N ARG C 118 -17.68 30.00 -31.84
CA ARG C 118 -17.05 28.68 -31.80
C ARG C 118 -15.75 28.76 -31.00
N PRO C 119 -15.71 28.23 -29.77
CA PRO C 119 -14.45 28.23 -29.02
C PRO C 119 -13.34 27.44 -29.69
N ASP C 120 -13.68 26.48 -30.56
CA ASP C 120 -12.65 25.77 -31.30
C ASP C 120 -11.72 26.75 -32.01
N LEU C 121 -12.29 27.72 -32.70
CA LEU C 121 -11.49 28.73 -33.36
C LEU C 121 -10.80 29.59 -32.33
N LEU C 153 -4.23 41.58 -49.16
CA LEU C 153 -3.58 42.04 -47.94
C LEU C 153 -3.65 40.97 -46.85
N VAL C 154 -2.49 40.56 -46.36
CA VAL C 154 -2.43 39.59 -45.27
C VAL C 154 -3.01 40.21 -44.01
N ILE C 155 -3.64 39.38 -43.18
CA ILE C 155 -4.17 39.87 -41.91
C ILE C 155 -3.02 40.29 -41.00
N TRP C 156 -2.12 39.36 -40.68
CA TRP C 156 -0.86 39.70 -40.03
C TRP C 156 0.09 38.51 -40.08
N GLY C 157 1.25 38.70 -40.70
CA GLY C 157 2.23 37.62 -40.75
C GLY C 157 1.68 36.35 -41.36
N THR C 158 0.87 36.48 -42.41
CA THR C 158 0.20 35.34 -43.01
C THR C 158 0.30 35.41 -44.52
N ASP C 159 -0.48 34.55 -45.21
CA ASP C 159 -0.55 34.57 -46.67
C ASP C 159 -2.00 34.53 -47.14
N VAL C 160 -2.92 35.05 -46.34
CA VAL C 160 -4.35 34.96 -46.63
C VAL C 160 -4.96 36.36 -46.55
N ASN C 161 -5.78 36.70 -47.53
CA ASN C 161 -6.64 37.88 -47.50
C ASN C 161 -8.08 37.41 -47.48
N VAL C 162 -8.88 37.99 -46.60
CA VAL C 162 -10.22 37.46 -46.33
C VAL C 162 -11.03 37.37 -47.62
N ALA C 163 -11.00 38.40 -48.46
CA ALA C 163 -11.80 38.40 -49.67
C ALA C 163 -11.40 37.25 -50.60
N ALA C 164 -10.10 37.01 -50.75
CA ALA C 164 -9.65 35.97 -51.65
C ALA C 164 -10.14 34.59 -51.19
N CYS C 165 -9.94 34.28 -49.91
CA CYS C 165 -10.42 33.00 -49.38
C CYS C 165 -11.93 32.89 -49.51
N LYS C 166 -12.64 33.98 -49.21
CA LYS C 166 -14.10 33.96 -49.29
C LYS C 166 -14.57 33.62 -50.70
N GLU C 167 -14.04 34.34 -51.70
CA GLU C 167 -14.45 34.10 -53.07
C GLU C 167 -14.04 32.71 -53.54
N ASN C 168 -12.83 32.28 -53.19
CA ASN C 168 -12.37 30.95 -53.60
C ASN C 168 -13.25 29.86 -53.02
N PHE C 169 -13.62 29.99 -51.73
CA PHE C 169 -14.47 28.99 -51.12
C PHE C 169 -15.86 28.99 -51.72
N GLN C 170 -16.41 30.18 -52.00
CA GLN C 170 -17.72 30.23 -52.67
C GLN C 170 -17.66 29.56 -54.03
N ARG C 171 -16.61 29.82 -54.80
CA ARG C 171 -16.45 29.18 -56.10
C ARG C 171 -16.38 27.66 -55.95
N PHE C 172 -15.50 27.19 -55.06
CA PHE C 172 -15.39 25.75 -54.83
C PHE C 172 -16.74 25.14 -54.45
N LEU C 173 -17.52 25.87 -53.65
CA LEU C 173 -18.82 25.35 -53.24
C LEU C 173 -19.83 25.36 -54.38
N GLN C 174 -19.66 26.25 -55.37
CA GLN C 174 -20.65 26.41 -56.42
C GLN C 174 -20.40 25.57 -57.66
N ARG C 175 -19.16 25.06 -57.86
CA ARG C 175 -18.85 24.41 -59.13
C ARG C 175 -17.97 23.17 -58.93
N PHE C 176 -18.10 22.48 -57.81
CA PHE C 176 -17.28 21.30 -57.53
C PHE C 176 -18.06 20.03 -57.80
N ILE C 177 -17.51 19.17 -58.65
CA ILE C 177 -18.04 17.83 -58.89
C ILE C 177 -16.90 16.85 -58.69
N ASP C 178 -17.12 15.82 -57.89
CA ASP C 178 -16.13 14.78 -57.72
C ASP C 178 -16.23 13.82 -58.90
N PRO C 179 -15.21 13.72 -59.76
CA PRO C 179 -15.34 12.87 -60.95
C PRO C 179 -15.48 11.40 -60.62
N LEU C 180 -14.57 10.86 -59.80
CA LEU C 180 -14.59 9.46 -59.43
C LEU C 180 -15.58 9.17 -58.30
N ALA C 181 -16.49 10.09 -57.99
CA ALA C 181 -17.51 9.82 -56.99
C ALA C 181 -18.31 8.59 -57.37
N LYS C 182 -18.49 7.69 -56.42
CA LYS C 182 -19.26 6.48 -56.61
C LYS C 182 -20.62 6.65 -55.97
N GLU C 183 -21.68 6.28 -56.70
CA GLU C 183 -23.04 6.56 -56.25
C GLU C 183 -23.27 6.02 -54.84
N GLU C 184 -22.78 4.81 -54.57
CA GLU C 184 -22.91 4.25 -53.22
C GLU C 184 -22.12 5.08 -52.21
N GLU C 185 -20.91 5.52 -52.58
CA GLU C 185 -20.09 6.29 -51.66
C GLU C 185 -20.78 7.58 -51.22
N ASN C 186 -21.68 8.10 -52.05
CA ASN C 186 -22.42 9.32 -51.74
C ASN C 186 -23.90 9.02 -51.95
N VAL C 187 -24.59 8.70 -50.86
CA VAL C 187 -25.99 8.25 -50.92
C VAL C 187 -26.91 9.46 -50.86
N GLY C 188 -27.98 9.40 -51.65
CA GLY C 188 -28.95 10.47 -51.67
C GLY C 188 -28.47 11.77 -52.25
N ILE C 189 -27.40 11.75 -53.05
CA ILE C 189 -26.82 12.95 -53.63
C ILE C 189 -26.92 12.82 -55.15
N ASP C 190 -27.51 13.82 -55.78
CA ASP C 190 -27.57 13.89 -57.24
C ASP C 190 -26.17 14.20 -57.74
N ILE C 191 -25.45 13.17 -58.20
CA ILE C 191 -24.02 13.29 -58.45
C ILE C 191 -23.75 14.35 -59.51
N THR C 192 -24.52 14.34 -60.60
CA THR C 192 -24.22 15.24 -61.72
C THR C 192 -24.16 16.69 -61.28
N GLU C 193 -25.00 17.08 -60.35
CA GLU C 193 -25.03 18.46 -59.87
C GLU C 193 -24.00 18.68 -58.77
N PRO C 194 -23.66 19.92 -58.47
CA PRO C 194 -22.65 20.19 -57.43
C PRO C 194 -23.01 19.53 -56.11
N LEU C 195 -21.99 18.92 -55.48
CA LEU C 195 -22.21 18.14 -54.27
C LEU C 195 -22.63 19.02 -53.10
N TYR C 196 -21.89 20.10 -52.84
CA TYR C 196 -22.12 20.86 -51.62
C TYR C 196 -23.38 21.72 -51.71
N MET C 197 -23.84 22.07 -52.91
CA MET C 197 -25.13 22.72 -53.00
C MET C 197 -26.24 21.75 -52.58
N GLN C 198 -26.06 20.48 -52.88
CA GLN C 198 -27.03 19.49 -52.43
C GLN C 198 -26.89 19.35 -50.93
N ARG C 199 -25.66 19.41 -50.42
CA ARG C 199 -25.48 19.42 -48.97
C ARG C 199 -26.25 20.56 -48.32
N LEU C 200 -26.19 21.75 -48.93
CA LEU C 200 -26.94 22.89 -48.42
C LEU C 200 -28.44 22.64 -48.48
N GLY C 201 -28.90 21.99 -49.55
CA GLY C 201 -30.30 21.61 -49.61
C GLY C 201 -30.71 20.66 -48.50
N GLU C 202 -29.83 19.69 -48.20
CA GLU C 202 -30.08 18.79 -47.08
C GLU C 202 -30.14 19.57 -45.76
N ILE C 203 -29.24 20.54 -45.59
CA ILE C 203 -29.27 21.37 -44.40
C ILE C 203 -30.59 22.12 -44.31
N ASN C 204 -31.06 22.67 -45.43
CA ASN C 204 -32.34 23.36 -45.44
C ASN C 204 -33.47 22.42 -45.03
N VAL C 205 -33.46 21.20 -45.53
CA VAL C 205 -34.53 20.25 -45.22
C VAL C 205 -34.49 19.88 -43.73
N ILE C 206 -33.39 19.27 -43.30
CA ILE C 206 -33.31 18.80 -41.92
C ILE C 206 -33.14 19.97 -40.95
N GLY C 207 -32.27 20.91 -41.29
CA GLY C 207 -31.99 22.05 -40.43
C GLY C 207 -30.66 21.99 -39.71
N GLU C 208 -29.97 20.84 -39.72
CA GLU C 208 -28.65 20.74 -39.11
C GLU C 208 -27.73 21.80 -39.69
N PRO C 209 -27.32 22.82 -38.89
CA PRO C 209 -26.54 23.94 -39.43
C PRO C 209 -25.04 23.63 -39.53
N PHE C 210 -24.72 22.47 -40.11
CA PHE C 210 -23.35 22.03 -40.28
C PHE C 210 -23.13 21.58 -41.72
N LEU C 211 -21.92 21.80 -42.23
CA LEU C 211 -21.54 21.42 -43.58
C LEU C 211 -20.22 20.68 -43.51
N ASN C 212 -20.28 19.35 -43.53
CA ASN C 212 -19.07 18.52 -43.49
C ASN C 212 -18.36 18.64 -44.84
N VAL C 213 -17.34 19.49 -44.89
CA VAL C 213 -16.57 19.72 -46.11
C VAL C 213 -15.33 18.84 -46.06
N ASN C 214 -15.15 18.03 -47.09
CA ASN C 214 -13.99 17.14 -47.16
C ASN C 214 -12.78 17.93 -47.63
N CYS C 215 -11.75 18.00 -46.78
CA CYS C 215 -10.55 18.77 -47.12
C CYS C 215 -9.92 18.27 -48.42
N GLU C 216 -10.10 16.99 -48.74
CA GLU C 216 -9.53 16.47 -49.99
C GLU C 216 -10.20 17.10 -51.21
N HIS C 217 -11.49 17.43 -51.10
CA HIS C 217 -12.16 18.12 -52.20
C HIS C 217 -11.51 19.47 -52.47
N ILE C 218 -11.21 20.23 -51.43
CA ILE C 218 -10.49 21.49 -51.61
C ILE C 218 -9.10 21.22 -52.17
N LYS C 219 -8.41 20.22 -51.63
CA LYS C 219 -7.07 19.88 -52.11
C LYS C 219 -7.07 19.67 -53.62
N SER C 220 -8.04 18.91 -54.12
CA SER C 220 -8.12 18.65 -55.56
C SER C 220 -8.53 19.92 -56.32
N PHE C 221 -9.57 20.60 -55.85
CA PHE C 221 -10.08 21.76 -56.58
C PHE C 221 -9.09 22.92 -56.55
N ASP C 222 -8.47 23.17 -55.40
CA ASP C 222 -7.53 24.29 -55.27
C ASP C 222 -6.55 23.97 -54.15
N LYS C 223 -5.29 23.76 -54.52
CA LYS C 223 -4.28 23.41 -53.52
C LYS C 223 -3.84 24.62 -52.72
N ASN C 224 -3.85 25.82 -53.31
CA ASN C 224 -3.48 27.02 -52.57
C ASN C 224 -4.45 27.31 -51.44
N LEU C 225 -5.76 27.19 -51.72
CA LEU C 225 -6.75 27.36 -50.66
C LEU C 225 -6.58 26.30 -49.59
N TYR C 226 -6.24 25.08 -49.99
CA TYR C 226 -5.97 24.03 -49.01
C TYR C 226 -4.79 24.40 -48.12
N ARG C 227 -3.73 24.93 -48.71
CA ARG C 227 -2.59 25.38 -47.93
C ARG C 227 -3.02 26.45 -46.94
N GLN C 228 -3.80 27.42 -47.41
CA GLN C 228 -4.24 28.50 -46.52
C GLN C 228 -5.07 27.94 -45.36
N LEU C 229 -5.99 27.02 -45.67
CA LEU C 229 -6.84 26.45 -44.63
C LEU C 229 -6.01 25.69 -43.60
N ILE C 230 -5.16 24.79 -44.05
CA ILE C 230 -4.39 23.96 -43.11
C ILE C 230 -3.46 24.84 -42.29
N SER C 231 -2.78 25.81 -42.92
CA SER C 231 -1.81 26.60 -42.20
C SER C 231 -2.47 27.56 -41.22
N TYR C 232 -3.63 28.11 -41.56
CA TYR C 232 -4.28 29.13 -40.73
C TYR C 232 -5.75 28.76 -40.52
N PRO C 233 -6.04 27.68 -39.80
CA PRO C 233 -7.45 27.34 -39.56
C PRO C 233 -8.20 28.43 -38.83
N GLN C 234 -7.54 29.19 -37.96
CA GLN C 234 -8.24 30.21 -37.20
C GLN C 234 -8.87 31.26 -38.12
N GLU C 235 -8.13 31.71 -39.13
CA GLU C 235 -8.62 32.75 -40.02
C GLU C 235 -9.48 32.20 -41.14
N VAL C 236 -9.12 31.02 -41.68
CA VAL C 236 -9.80 30.51 -42.87
C VAL C 236 -11.23 30.09 -42.53
N ILE C 237 -11.41 29.37 -41.41
CA ILE C 237 -12.73 28.81 -41.11
C ILE C 237 -13.80 29.89 -40.98
N PRO C 238 -13.55 31.01 -40.30
CA PRO C 238 -14.57 32.09 -40.31
C PRO C 238 -14.89 32.58 -41.71
N THR C 239 -13.89 32.67 -42.58
CA THR C 239 -14.14 33.07 -43.96
C THR C 239 -15.06 32.07 -44.65
N PHE C 240 -14.80 30.77 -44.43
CA PHE C 240 -15.66 29.75 -45.02
C PHE C 240 -17.07 29.84 -44.46
N ASP C 241 -17.20 30.14 -43.17
CA ASP C 241 -18.52 30.30 -42.57
C ASP C 241 -19.27 31.44 -43.24
N MET C 242 -18.61 32.59 -43.40
CA MET C 242 -19.22 33.71 -44.08
C MET C 242 -19.63 33.34 -45.51
N ALA C 243 -18.75 32.65 -46.23
CA ALA C 243 -19.04 32.28 -47.61
C ALA C 243 -20.26 31.37 -47.69
N VAL C 244 -20.30 30.34 -46.84
CA VAL C 244 -21.41 29.39 -46.90
C VAL C 244 -22.71 30.06 -46.48
N ASN C 245 -22.65 30.94 -45.49
CA ASN C 245 -23.86 31.68 -45.10
C ASN C 245 -24.36 32.54 -46.24
N GLU C 246 -23.46 33.24 -46.93
CA GLU C 246 -23.87 34.06 -48.07
C GLU C 246 -24.49 33.19 -49.16
N ILE C 247 -23.89 32.04 -49.45
CA ILE C 247 -24.42 31.18 -50.49
C ILE C 247 -25.80 30.66 -50.10
N PHE C 248 -25.97 30.25 -48.84
CA PHE C 248 -27.20 29.61 -48.41
C PHE C 248 -28.32 30.61 -48.10
N PHE C 249 -28.01 31.90 -47.97
CA PHE C 249 -29.06 32.91 -47.88
C PHE C 249 -29.30 33.64 -49.19
N ASP C 250 -28.35 33.61 -50.13
CA ASP C 250 -28.66 34.00 -51.50
C ASP C 250 -29.76 33.11 -52.06
N ARG C 251 -29.50 31.81 -52.15
CA ARG C 251 -30.55 30.83 -52.36
C ARG C 251 -31.26 30.58 -51.03
N TYR C 252 -32.51 30.14 -51.11
CA TYR C 252 -33.29 29.85 -49.91
C TYR C 252 -33.23 31.03 -48.96
N PRO C 253 -33.63 32.23 -49.40
CA PRO C 253 -33.48 33.41 -48.53
C PRO C 253 -34.41 33.41 -47.34
N ASP C 254 -35.37 32.47 -47.31
CA ASP C 254 -36.36 32.42 -46.24
C ASP C 254 -36.16 31.25 -45.30
N SER C 255 -34.99 30.60 -45.34
CA SER C 255 -34.73 29.51 -44.42
C SER C 255 -34.52 30.04 -43.00
N ILE C 256 -34.87 29.21 -42.02
CA ILE C 256 -34.79 29.57 -40.62
C ILE C 256 -33.84 28.60 -39.92
N LEU C 257 -32.85 29.14 -39.22
CA LEU C 257 -31.89 28.36 -38.46
C LEU C 257 -31.64 29.05 -37.12
N GLU C 258 -31.26 28.27 -36.12
CA GLU C 258 -30.93 28.83 -34.83
C GLU C 258 -29.75 29.79 -34.93
N HIS C 259 -28.73 29.40 -35.71
CA HIS C 259 -27.54 30.23 -35.90
C HIS C 259 -27.09 30.10 -37.35
N GLN C 260 -26.01 30.79 -37.68
CA GLN C 260 -25.42 30.68 -39.01
C GLN C 260 -24.74 29.32 -39.16
N ILE C 261 -24.45 28.97 -40.41
CA ILE C 261 -23.89 27.67 -40.75
C ILE C 261 -22.38 27.75 -40.67
N GLN C 262 -21.78 26.82 -39.93
CA GLN C 262 -20.33 26.79 -39.72
C GLN C 262 -19.75 25.54 -40.38
N VAL C 263 -18.74 25.74 -41.22
CA VAL C 263 -18.10 24.65 -41.94
C VAL C 263 -17.26 23.82 -40.97
N ARG C 264 -17.04 22.55 -41.31
CA ARG C 264 -16.24 21.64 -40.52
C ARG C 264 -15.31 20.87 -41.44
N PRO C 265 -14.12 21.39 -41.75
CA PRO C 265 -13.18 20.64 -42.58
C PRO C 265 -12.81 19.32 -41.92
N PHE C 266 -12.63 18.30 -42.74
CA PHE C 266 -12.29 16.98 -42.24
C PHE C 266 -11.50 16.21 -43.29
N ASN C 267 -10.95 15.07 -42.86
CA ASN C 267 -10.10 14.25 -43.71
C ASN C 267 -8.89 15.02 -44.21
N ALA C 268 -8.41 15.98 -43.41
CA ALA C 268 -7.13 16.60 -43.70
C ALA C 268 -6.05 15.51 -43.79
N LEU C 269 -4.93 15.86 -44.41
CA LEU C 269 -3.88 14.87 -44.63
C LEU C 269 -3.52 14.19 -43.32
N LYS C 270 -3.80 12.90 -43.24
CA LYS C 270 -3.66 12.17 -41.98
C LYS C 270 -2.23 12.28 -41.46
N THR C 271 -2.12 12.60 -40.16
CA THR C 271 -0.83 12.60 -39.47
C THR C 271 -0.64 11.21 -38.88
N LYS C 272 0.22 10.42 -39.53
CA LYS C 272 0.33 9.01 -39.18
C LYS C 272 0.62 8.83 -37.70
N ASN C 273 1.61 9.56 -37.19
CA ASN C 273 2.00 9.52 -35.79
C ASN C 273 2.12 10.95 -35.29
N MET C 274 1.44 11.26 -34.19
CA MET C 274 1.48 12.61 -33.64
C MET C 274 2.87 12.98 -33.16
N ARG C 275 3.60 12.01 -32.63
CA ARG C 275 4.95 12.27 -32.15
C ARG C 275 5.76 12.91 -33.26
N ASN C 276 5.50 12.56 -34.50
CA ASN C 276 6.19 13.20 -35.61
C ASN C 276 5.81 14.67 -35.75
N LEU C 277 4.76 15.13 -35.05
CA LEU C 277 4.40 16.54 -35.08
C LEU C 277 5.51 17.37 -34.46
N ASN C 278 5.62 18.60 -34.93
CA ASN C 278 6.68 19.52 -34.55
C ASN C 278 6.09 20.84 -34.09
N PRO C 279 6.84 21.61 -33.30
CA PRO C 279 6.37 22.95 -32.95
C PRO C 279 6.07 23.81 -34.18
N GLU C 280 6.68 23.51 -35.32
CA GLU C 280 6.32 24.19 -36.55
C GLU C 280 4.89 23.87 -36.99
N ASP C 281 4.31 22.78 -36.47
CA ASP C 281 2.96 22.37 -36.79
C ASP C 281 1.95 22.85 -35.75
N ILE C 282 2.18 24.02 -35.18
CA ILE C 282 1.35 24.51 -34.08
C ILE C 282 0.24 25.38 -34.63
N ASP C 283 -0.95 25.25 -34.06
CA ASP C 283 -2.12 26.04 -34.46
C ASP C 283 -2.47 25.77 -35.93
N GLN C 284 -2.42 24.50 -36.31
CA GLN C 284 -2.73 24.07 -37.66
C GLN C 284 -3.69 22.90 -37.61
N LEU C 285 -4.52 22.79 -38.64
CA LEU C 285 -5.50 21.73 -38.72
C LEU C 285 -4.81 20.39 -38.98
N ILE C 286 -5.21 19.37 -38.23
CA ILE C 286 -4.65 18.03 -38.39
C ILE C 286 -5.77 17.02 -38.15
N THR C 287 -5.65 15.88 -38.82
CA THR C 287 -6.56 14.76 -38.65
C THR C 287 -5.79 13.55 -38.14
N ILE C 288 -6.28 12.97 -37.04
CA ILE C 288 -5.69 11.78 -36.45
C ILE C 288 -6.77 10.72 -36.32
N SER C 289 -6.34 9.49 -36.00
CA SER C 289 -7.26 8.37 -35.82
C SER C 289 -6.92 7.68 -34.52
N GLY C 290 -7.93 7.32 -33.75
CA GLY C 290 -7.66 6.70 -32.46
C GLY C 290 -8.90 6.12 -31.83
N MET C 291 -8.74 5.69 -30.58
CA MET C 291 -9.81 5.15 -29.77
C MET C 291 -9.98 6.01 -28.53
N VAL C 292 -11.22 6.34 -28.19
CA VAL C 292 -11.51 7.24 -27.08
C VAL C 292 -11.45 6.45 -25.79
N ILE C 293 -10.41 6.69 -24.98
CA ILE C 293 -10.32 6.04 -23.68
C ILE C 293 -11.40 6.55 -22.75
N ARG C 294 -11.55 7.88 -22.65
CA ARG C 294 -12.47 8.44 -21.67
C ARG C 294 -13.00 9.78 -22.16
N THR C 295 -14.19 10.14 -21.68
CA THR C 295 -14.78 11.44 -21.95
C THR C 295 -15.26 12.02 -20.62
N SER C 296 -14.93 13.29 -20.39
CA SER C 296 -15.28 13.95 -19.13
C SER C 296 -16.65 14.58 -19.20
N GLN C 297 -17.18 14.96 -18.04
CA GLN C 297 -18.47 15.62 -17.97
C GLN C 297 -18.38 17.03 -18.54
N LEU C 298 -19.55 17.60 -18.84
CA LEU C 298 -19.60 18.92 -19.45
C LEU C 298 -18.93 19.96 -18.55
N ILE C 299 -18.21 20.88 -19.17
CA ILE C 299 -17.62 22.02 -18.50
C ILE C 299 -18.22 23.27 -19.11
N PRO C 300 -18.91 24.12 -18.34
CA PRO C 300 -19.48 25.34 -18.92
C PRO C 300 -18.43 26.45 -18.98
N GLU C 301 -18.25 27.01 -20.17
CA GLU C 301 -17.27 28.07 -20.39
C GLU C 301 -18.01 29.34 -20.79
N MET C 302 -17.71 30.43 -20.10
CA MET C 302 -18.43 31.67 -20.32
C MET C 302 -18.12 32.25 -21.70
N GLN C 303 -19.11 32.96 -22.27
CA GLN C 303 -18.93 33.64 -23.54
C GLN C 303 -19.36 35.10 -23.40
N GLU C 304 -20.34 35.35 -22.53
CA GLU C 304 -20.82 36.70 -22.27
C GLU C 304 -21.08 36.85 -20.77
N ALA C 305 -20.49 37.87 -20.18
CA ALA C 305 -20.67 38.17 -18.76
C ALA C 305 -21.79 39.19 -18.59
N PHE C 306 -22.76 38.85 -17.74
CA PHE C 306 -23.90 39.71 -17.45
C PHE C 306 -23.62 40.43 -16.13
N PHE C 307 -23.32 41.72 -16.21
CA PHE C 307 -23.00 42.52 -15.03
C PHE C 307 -24.21 43.32 -14.60
N GLN C 308 -24.30 43.56 -13.29
CA GLN C 308 -25.36 44.38 -12.72
C GLN C 308 -24.75 45.31 -11.68
N CYS C 309 -25.24 46.54 -11.63
CA CYS C 309 -24.74 47.50 -10.66
C CYS C 309 -25.30 47.18 -9.27
N GLN C 310 -24.42 47.15 -8.27
CA GLN C 310 -24.87 46.89 -6.90
C GLN C 310 -25.82 47.97 -6.39
N VAL C 311 -25.78 49.16 -6.98
CA VAL C 311 -26.54 50.30 -6.46
C VAL C 311 -27.82 50.49 -7.26
N CYS C 312 -27.67 50.78 -8.55
CA CYS C 312 -28.83 51.07 -9.40
C CYS C 312 -29.32 49.85 -10.18
N ALA C 313 -28.53 48.78 -10.24
CA ALA C 313 -28.92 47.55 -10.92
C ALA C 313 -29.15 47.79 -12.41
N HIS C 314 -28.12 48.32 -13.07
CA HIS C 314 -28.13 48.47 -14.52
C HIS C 314 -27.40 47.29 -15.15
N THR C 315 -28.02 46.70 -16.18
CA THR C 315 -27.57 45.45 -16.75
C THR C 315 -26.90 45.68 -18.10
N THR C 316 -25.68 45.18 -18.25
CA THR C 316 -24.97 45.21 -19.51
C THR C 316 -24.27 43.86 -19.70
N ARG C 317 -24.10 43.47 -20.97
CA ARG C 317 -23.51 42.19 -21.33
C ARG C 317 -22.19 42.43 -22.04
N VAL C 318 -21.08 42.12 -21.37
CA VAL C 318 -19.77 42.18 -22.01
C VAL C 318 -19.49 40.85 -22.68
N GLU C 319 -18.78 40.90 -23.81
CA GLU C 319 -18.50 39.71 -24.60
C GLU C 319 -17.02 39.37 -24.54
N MET C 320 -16.71 38.08 -24.52
CA MET C 320 -15.33 37.63 -24.49
C MET C 320 -14.56 38.21 -25.66
N ASP C 321 -13.41 38.82 -25.38
CA ASP C 321 -12.65 39.52 -26.41
C ASP C 321 -11.59 38.61 -27.04
N ARG C 322 -10.59 38.21 -26.24
CA ARG C 322 -9.53 37.31 -26.68
C ARG C 322 -9.20 36.32 -25.58
N GLY C 323 -10.23 35.77 -24.94
CA GLY C 323 -10.05 34.93 -23.79
C GLY C 323 -10.20 35.64 -22.46
N ARG C 324 -10.54 36.93 -22.48
CA ARG C 324 -10.74 37.69 -21.26
C ARG C 324 -12.02 38.51 -21.39
N ILE C 325 -12.58 38.85 -20.23
CA ILE C 325 -13.79 39.66 -20.14
C ILE C 325 -13.42 40.98 -19.47
N ALA C 326 -13.75 42.08 -20.14
CA ALA C 326 -13.41 43.42 -19.65
C ALA C 326 -14.46 43.85 -18.64
N GLU C 327 -14.17 43.65 -17.36
CA GLU C 327 -15.06 44.11 -16.32
C GLU C 327 -15.22 45.62 -16.44
N PRO C 328 -16.45 46.15 -16.46
CA PRO C 328 -16.60 47.59 -16.70
C PRO C 328 -15.83 48.46 -15.71
N SER C 329 -15.85 48.09 -14.42
CA SER C 329 -15.11 48.81 -13.39
C SER C 329 -15.76 50.16 -13.06
N VAL C 330 -16.76 50.56 -13.85
CA VAL C 330 -17.52 51.78 -13.60
C VAL C 330 -18.90 51.60 -14.21
N CYS C 331 -19.93 51.80 -13.40
CA CYS C 331 -21.29 51.66 -13.89
C CYS C 331 -21.59 52.72 -14.93
N GLY C 332 -22.28 52.32 -16.00
CA GLY C 332 -22.68 53.28 -17.02
C GLY C 332 -23.94 54.05 -16.67
N ARG C 333 -24.78 53.52 -15.79
CA ARG C 333 -26.05 54.17 -15.46
C ARG C 333 -25.87 55.26 -14.41
N CYS C 334 -25.44 54.88 -13.21
CA CYS C 334 -25.28 55.83 -12.11
C CYS C 334 -23.84 56.31 -11.95
N HIS C 335 -22.90 55.77 -12.72
CA HIS C 335 -21.51 56.22 -12.75
C HIS C 335 -20.76 55.93 -11.46
N THR C 336 -21.33 55.13 -10.58
CA THR C 336 -20.60 54.69 -9.39
C THR C 336 -19.44 53.79 -9.80
N THR C 337 -18.33 53.91 -9.08
CA THR C 337 -17.11 53.18 -9.41
C THR C 337 -17.13 51.81 -8.76
N HIS C 338 -16.73 50.79 -9.53
CA HIS C 338 -16.65 49.41 -9.03
C HIS C 338 -17.98 48.93 -8.48
N SER C 339 -19.09 49.48 -8.98
CA SER C 339 -20.41 49.05 -8.55
C SER C 339 -20.98 47.95 -9.44
N MET C 340 -20.33 47.66 -10.57
CA MET C 340 -20.75 46.59 -11.46
C MET C 340 -20.17 45.27 -10.95
N ALA C 341 -21.05 44.34 -10.58
CA ALA C 341 -20.67 43.00 -10.16
C ALA C 341 -21.12 42.00 -11.22
N LEU C 342 -20.28 41.01 -11.47
CA LEU C 342 -20.60 39.96 -12.42
C LEU C 342 -21.67 39.03 -11.84
N ILE C 343 -22.62 38.63 -12.68
CA ILE C 343 -23.68 37.71 -12.30
C ILE C 343 -23.50 36.46 -13.14
N HIS C 344 -23.36 35.32 -12.47
CA HIS C 344 -23.00 34.08 -13.17
C HIS C 344 -24.19 33.50 -13.91
N ASN C 345 -25.26 33.17 -13.19
CA ASN C 345 -26.36 32.42 -13.78
C ASN C 345 -27.08 33.18 -14.89
N ARG C 346 -27.02 34.50 -14.90
CA ARG C 346 -27.64 35.28 -15.97
C ARG C 346 -26.72 35.43 -17.18
N SER C 347 -25.47 35.01 -17.07
CA SER C 347 -24.53 35.10 -18.17
C SER C 347 -24.84 34.03 -19.22
N LEU C 348 -24.02 34.00 -20.27
CA LEU C 348 -24.17 33.06 -21.38
C LEU C 348 -22.97 32.13 -21.40
N PHE C 349 -23.24 30.83 -21.52
CA PHE C 349 -22.19 29.82 -21.47
C PHE C 349 -22.32 28.87 -22.65
N SER C 350 -21.17 28.38 -23.10
CA SER C 350 -21.08 27.28 -24.06
C SER C 350 -20.51 26.06 -23.35
N ASP C 351 -20.45 24.95 -24.08
CA ASP C 351 -20.00 23.69 -23.51
C ASP C 351 -18.56 23.42 -23.92
N LYS C 352 -17.87 22.63 -23.09
CA LYS C 352 -16.54 22.15 -23.42
C LYS C 352 -16.36 20.79 -22.75
N GLN C 353 -16.06 19.78 -23.56
CA GLN C 353 -15.86 18.42 -23.07
C GLN C 353 -14.44 17.98 -23.34
N MET C 354 -13.81 17.39 -22.33
CA MET C 354 -12.44 16.92 -22.40
C MET C 354 -12.43 15.41 -22.64
N ILE C 355 -11.76 14.99 -23.71
CA ILE C 355 -11.75 13.59 -24.12
C ILE C 355 -10.31 13.10 -24.16
N LYS C 356 -10.00 12.07 -23.38
CA LYS C 356 -8.70 11.43 -23.42
C LYS C 356 -8.75 10.29 -24.42
N LEU C 357 -7.96 10.40 -25.49
CA LEU C 357 -8.06 9.53 -26.65
C LEU C 357 -6.74 8.81 -26.90
N GLN C 358 -6.81 7.51 -27.14
CA GLN C 358 -5.66 6.70 -27.52
C GLN C 358 -5.55 6.67 -29.04
N GLU C 359 -4.39 7.04 -29.56
CA GLU C 359 -4.17 7.00 -31.00
C GLU C 359 -3.65 5.63 -31.41
N SER C 360 -3.97 5.24 -32.64
CA SER C 360 -3.46 4.00 -33.23
C SER C 360 -2.59 4.37 -34.42
N PRO C 361 -1.41 4.95 -34.20
CA PRO C 361 -0.60 5.44 -35.32
C PRO C 361 -0.15 4.29 -36.21
N GLU C 362 -0.39 4.43 -37.50
CA GLU C 362 0.03 3.41 -38.45
C GLU C 362 1.53 3.41 -38.71
N ASP C 363 2.23 4.48 -38.32
CA ASP C 363 3.69 4.51 -38.33
C ASP C 363 4.16 4.28 -36.90
N MET C 364 4.60 3.05 -36.62
CA MET C 364 5.00 2.64 -35.27
C MET C 364 6.50 2.38 -35.28
N PRO C 365 7.33 3.37 -35.00
CA PRO C 365 8.78 3.13 -34.93
C PRO C 365 9.12 2.16 -33.81
N ALA C 366 10.28 1.52 -33.94
CA ALA C 366 10.68 0.49 -33.00
C ALA C 366 10.75 1.04 -31.59
N GLY C 367 10.16 0.31 -30.64
CA GLY C 367 10.24 0.67 -29.24
C GLY C 367 9.38 1.84 -28.83
N GLN C 368 8.47 2.30 -29.69
CA GLN C 368 7.62 3.43 -29.37
C GLN C 368 6.37 2.93 -28.65
N THR C 369 6.12 3.47 -27.46
CA THR C 369 4.95 3.11 -26.70
C THR C 369 3.71 3.81 -27.24
N PRO C 370 2.53 3.27 -26.97
CA PRO C 370 1.30 3.97 -27.37
C PRO C 370 1.27 5.38 -26.82
N HIS C 371 0.42 6.21 -27.41
CA HIS C 371 0.31 7.61 -27.03
C HIS C 371 -1.15 8.00 -26.83
N THR C 372 -1.40 8.73 -25.75
CA THR C 372 -2.72 9.26 -25.44
C THR C 372 -2.66 10.79 -25.47
N VAL C 373 -3.73 11.41 -25.97
CA VAL C 373 -3.79 12.85 -26.11
C VAL C 373 -5.13 13.37 -25.61
N ILE C 374 -5.22 14.69 -25.50
CA ILE C 374 -6.37 15.38 -24.93
C ILE C 374 -7.06 16.17 -26.03
N LEU C 375 -8.37 15.97 -26.16
CA LEU C 375 -9.19 16.70 -27.12
C LEU C 375 -10.22 17.53 -26.38
N PHE C 376 -10.58 18.66 -26.98
CA PHE C 376 -11.66 19.52 -26.48
C PHE C 376 -12.75 19.59 -27.53
N ALA C 377 -13.98 19.32 -27.12
CA ALA C 377 -15.15 19.39 -27.98
C ALA C 377 -16.03 20.54 -27.52
N HIS C 378 -16.47 21.39 -28.47
CA HIS C 378 -17.06 22.68 -28.13
C HIS C 378 -18.43 22.83 -28.76
N ASN C 379 -19.46 22.88 -27.92
CA ASN C 379 -20.78 23.45 -28.20
C ASN C 379 -21.66 22.61 -29.12
N ASP C 380 -21.10 21.63 -29.83
CA ASP C 380 -21.94 20.62 -30.47
C ASP C 380 -21.36 19.22 -30.44
N LEU C 381 -20.05 19.06 -30.30
CA LEU C 381 -19.42 17.76 -30.37
C LEU C 381 -19.28 17.11 -29.01
N VAL C 382 -19.89 17.70 -27.98
CA VAL C 382 -19.88 17.11 -26.65
C VAL C 382 -20.70 15.84 -26.66
N ASP C 383 -20.13 14.76 -26.14
CA ASP C 383 -20.80 13.46 -26.09
C ASP C 383 -21.26 13.01 -27.47
N LYS C 384 -20.45 13.29 -28.48
CA LYS C 384 -20.62 12.67 -29.79
C LYS C 384 -19.82 11.38 -29.93
N VAL C 385 -18.93 11.09 -28.98
CA VAL C 385 -18.14 9.86 -28.99
C VAL C 385 -18.12 9.30 -27.57
N GLN C 386 -18.44 8.02 -27.43
CA GLN C 386 -18.39 7.35 -26.15
C GLN C 386 -17.04 6.65 -25.98
N PRO C 387 -16.68 6.27 -24.76
CA PRO C 387 -15.46 5.48 -24.58
C PRO C 387 -15.55 4.18 -25.37
N GLY C 388 -14.43 3.79 -25.97
CA GLY C 388 -14.36 2.62 -26.82
C GLY C 388 -14.60 2.90 -28.28
N ASP C 389 -15.28 3.99 -28.61
CA ASP C 389 -15.49 4.34 -30.01
C ASP C 389 -14.16 4.59 -30.71
N ARG C 390 -14.07 4.15 -31.96
CA ARG C 390 -12.92 4.43 -32.81
C ARG C 390 -13.28 5.57 -33.76
N VAL C 391 -12.49 6.63 -33.73
CA VAL C 391 -12.83 7.88 -34.38
C VAL C 391 -11.65 8.37 -35.22
N ASN C 392 -11.97 9.22 -36.19
CA ASN C 392 -11.01 10.09 -36.84
C ASN C 392 -11.35 11.51 -36.44
N VAL C 393 -10.45 12.14 -35.71
CA VAL C 393 -10.67 13.47 -35.12
C VAL C 393 -9.88 14.47 -35.95
N THR C 394 -10.56 15.49 -36.45
CA THR C 394 -9.93 16.59 -37.16
C THR C 394 -10.08 17.85 -36.33
N GLY C 395 -8.96 18.50 -36.04
CA GLY C 395 -8.99 19.64 -35.14
C GLY C 395 -7.69 20.42 -35.19
N ILE C 396 -7.67 21.50 -34.43
CA ILE C 396 -6.53 22.43 -34.42
C ILE C 396 -5.54 21.98 -33.35
N TYR C 397 -4.28 21.85 -33.74
CA TYR C 397 -3.22 21.46 -32.81
C TYR C 397 -2.88 22.65 -31.92
N ARG C 398 -3.39 22.63 -30.68
CA ARG C 398 -3.23 23.75 -29.76
C ARG C 398 -2.13 23.43 -28.76
N ALA C 399 -1.26 24.40 -28.51
CA ALA C 399 -0.31 24.37 -27.41
C ALA C 399 -0.60 25.55 -26.49
N VAL C 400 -0.75 25.28 -25.20
CA VAL C 400 -1.16 26.31 -24.25
C VAL C 400 -0.16 26.33 -23.10
N PRO C 401 0.00 27.48 -22.45
CA PRO C 401 0.87 27.54 -21.28
C PRO C 401 0.23 26.82 -20.09
N ILE C 402 1.08 26.34 -19.19
CA ILE C 402 0.65 25.72 -17.95
C ILE C 402 1.38 26.41 -16.80
N ARG C 403 0.64 26.74 -15.75
CA ARG C 403 1.21 27.44 -14.61
C ARG C 403 1.90 26.43 -13.70
N VAL C 404 3.11 26.78 -13.24
CA VAL C 404 3.89 25.85 -12.42
C VAL C 404 3.06 25.33 -11.27
N ASN C 405 2.14 26.16 -10.77
CA ASN C 405 1.12 25.76 -9.81
C ASN C 405 -0.23 26.19 -10.37
N PRO C 406 -1.31 25.58 -9.91
CA PRO C 406 -2.64 25.99 -10.40
C PRO C 406 -3.09 27.33 -9.81
N ARG C 407 -2.17 28.03 -9.16
CA ARG C 407 -2.54 29.22 -8.42
C ARG C 407 -1.65 30.41 -8.71
N VAL C 408 -0.40 30.15 -9.07
CA VAL C 408 0.55 31.22 -9.37
C VAL C 408 0.55 31.45 -10.88
N SER C 409 0.86 32.68 -11.28
CA SER C 409 0.81 33.07 -12.68
C SER C 409 2.04 32.64 -13.48
N ASN C 410 3.08 32.12 -12.81
CA ASN C 410 4.29 31.69 -13.50
C ASN C 410 4.02 30.40 -14.27
N VAL C 411 4.59 30.30 -15.46
CA VAL C 411 4.32 29.20 -16.39
C VAL C 411 5.64 28.57 -16.81
N LYS C 412 5.65 27.25 -16.93
CA LYS C 412 6.82 26.54 -17.42
C LYS C 412 7.13 26.97 -18.86
N SER C 413 8.42 27.04 -19.18
CA SER C 413 8.82 27.32 -20.55
C SER C 413 8.23 26.30 -21.51
N VAL C 414 8.14 25.04 -21.08
CA VAL C 414 7.56 23.98 -21.89
C VAL C 414 6.04 24.10 -21.86
N TYR C 415 5.42 24.10 -23.04
CA TYR C 415 3.98 24.02 -23.15
C TYR C 415 3.54 22.55 -23.18
N LYS C 416 2.23 22.32 -23.24
CA LYS C 416 1.67 21.01 -23.46
C LYS C 416 0.49 21.14 -24.42
N THR C 417 0.43 20.25 -25.39
CA THR C 417 -0.43 20.41 -26.56
C THR C 417 -1.71 19.61 -26.41
N HIS C 418 -2.73 20.06 -27.14
CA HIS C 418 -4.03 19.38 -27.19
C HIS C 418 -4.75 19.83 -28.44
N ILE C 419 -5.75 19.06 -28.83
CA ILE C 419 -6.49 19.29 -30.07
C ILE C 419 -7.87 19.84 -29.73
N ASP C 420 -8.29 20.87 -30.45
CA ASP C 420 -9.66 21.35 -30.41
C ASP C 420 -10.43 20.66 -31.54
N VAL C 421 -11.40 19.82 -31.18
CA VAL C 421 -12.09 19.04 -32.18
C VAL C 421 -12.86 19.95 -33.12
N ILE C 422 -12.73 19.71 -34.42
CA ILE C 422 -13.52 20.37 -35.44
C ILE C 422 -14.49 19.42 -36.11
N HIS C 423 -14.11 18.16 -36.27
CA HIS C 423 -14.96 17.18 -36.92
C HIS C 423 -14.64 15.78 -36.45
N TYR C 424 -15.68 14.96 -36.29
CA TYR C 424 -15.56 13.55 -35.98
C TYR C 424 -16.00 12.74 -37.19
N ARG C 425 -15.21 11.73 -37.55
CA ARG C 425 -15.54 10.80 -38.63
C ARG C 425 -15.52 9.40 -38.04
N LYS C 426 -16.69 8.77 -37.96
CA LYS C 426 -16.81 7.42 -37.43
C LYS C 426 -16.76 6.34 -38.49
N THR C 427 -16.68 6.72 -39.77
CA THR C 427 -16.70 5.77 -40.86
C THR C 427 -15.29 5.24 -41.13
N ASP C 428 -15.19 3.94 -41.37
CA ASP C 428 -13.93 3.31 -41.72
C ASP C 428 -14.21 2.19 -42.72
N ALA C 429 -13.39 2.12 -43.77
CA ALA C 429 -13.60 1.12 -44.80
C ALA C 429 -13.04 -0.24 -44.41
N LYS C 430 -12.21 -0.29 -43.37
CA LYS C 430 -11.60 -1.53 -42.92
C LYS C 430 -12.40 -2.21 -41.81
N ARG C 431 -13.54 -1.65 -41.42
CA ARG C 431 -14.35 -2.19 -40.34
C ARG C 431 -15.83 -2.10 -40.73
N LEU C 432 -16.68 -2.70 -39.90
CA LEU C 432 -18.12 -2.65 -40.13
C LEU C 432 -18.66 -1.29 -39.69
N HIS C 433 -19.98 -1.12 -39.84
CA HIS C 433 -20.62 0.11 -39.41
C HIS C 433 -20.91 0.07 -37.91
N GLY C 434 -20.67 1.18 -37.23
CA GLY C 434 -21.00 1.30 -35.83
C GLY C 434 -22.50 1.41 -35.64
N LEU C 435 -22.90 1.39 -34.37
CA LEU C 435 -24.32 1.46 -34.05
C LEU C 435 -24.91 2.80 -34.47
N ASP C 436 -24.14 3.88 -34.32
CA ASP C 436 -24.64 5.20 -34.70
C ASP C 436 -24.93 5.26 -36.21
N GLU C 437 -24.04 4.69 -37.03
CA GLU C 437 -24.26 4.70 -38.47
C GLU C 437 -25.52 3.93 -38.83
N GLU C 438 -25.76 2.80 -38.15
CA GLU C 438 -26.99 2.06 -38.37
C GLU C 438 -28.20 2.89 -37.96
N ALA C 439 -28.08 3.64 -36.85
CA ALA C 439 -29.23 4.36 -36.31
C ALA C 439 -29.82 5.30 -37.35
N GLU C 440 -28.99 6.12 -37.98
CA GLU C 440 -29.49 7.05 -38.99
C GLU C 440 -29.99 6.27 -40.20
N GLN C 441 -31.19 6.61 -40.66
CA GLN C 441 -31.84 5.83 -41.71
C GLN C 441 -31.15 6.01 -43.06
N LYS C 442 -30.76 7.24 -43.39
CA LYS C 442 -30.25 7.57 -44.72
C LYS C 442 -28.77 7.17 -44.82
N LEU C 443 -28.56 5.86 -44.94
CA LEU C 443 -27.23 5.30 -45.14
C LEU C 443 -27.17 4.31 -46.29
N PHE C 444 -28.31 3.78 -46.73
CA PHE C 444 -28.36 2.78 -47.80
C PHE C 444 -29.21 3.32 -48.94
N SER C 445 -28.58 3.52 -50.09
CA SER C 445 -29.32 3.94 -51.27
C SER C 445 -30.30 2.84 -51.69
N GLU C 446 -31.43 3.26 -52.26
CA GLU C 446 -32.45 2.31 -52.65
C GLU C 446 -31.87 1.20 -53.53
N LYS C 447 -30.97 1.55 -54.44
CA LYS C 447 -30.32 0.54 -55.26
C LYS C 447 -29.52 -0.43 -54.40
N ARG C 448 -28.78 0.09 -53.42
CA ARG C 448 -28.01 -0.79 -52.54
C ARG C 448 -28.92 -1.65 -51.69
N VAL C 449 -30.06 -1.09 -51.24
CA VAL C 449 -31.02 -1.88 -50.48
C VAL C 449 -31.55 -3.03 -51.32
N GLU C 450 -31.90 -2.76 -52.59
CA GLU C 450 -32.36 -3.81 -53.47
C GLU C 450 -31.27 -4.84 -53.74
N LEU C 451 -30.03 -4.39 -53.84
CA LEU C 451 -28.91 -5.31 -54.03
C LEU C 451 -28.78 -6.25 -52.84
N LEU C 452 -28.86 -5.71 -51.62
CA LEU C 452 -28.81 -6.56 -50.44
C LEU C 452 -29.98 -7.53 -50.40
N LYS C 453 -31.18 -7.05 -50.72
CA LYS C 453 -32.34 -7.93 -50.76
C LYS C 453 -32.13 -9.07 -51.73
N GLU C 454 -31.63 -8.76 -52.94
CA GLU C 454 -31.34 -9.81 -53.92
C GLU C 454 -30.30 -10.79 -53.38
N LEU C 455 -29.26 -10.28 -52.72
CA LEU C 455 -28.26 -11.14 -52.12
C LEU C 455 -28.90 -12.11 -51.14
N SER C 456 -29.83 -11.63 -50.32
CA SER C 456 -30.46 -12.49 -49.33
C SER C 456 -31.24 -13.64 -49.95
N ARG C 457 -31.70 -13.48 -51.20
CA ARG C 457 -32.51 -14.51 -51.84
C ARG C 457 -31.69 -15.64 -52.44
N LYS C 458 -30.38 -15.48 -52.57
CA LYS C 458 -29.55 -16.55 -53.07
C LYS C 458 -29.48 -17.68 -52.03
N PRO C 459 -29.57 -18.95 -52.46
CA PRO C 459 -29.48 -20.04 -51.48
C PRO C 459 -28.18 -20.05 -50.69
N ASP C 460 -27.07 -19.66 -51.30
CA ASP C 460 -25.75 -19.73 -50.68
C ASP C 460 -25.38 -18.44 -49.96
N ILE C 461 -26.38 -17.66 -49.54
CA ILE C 461 -26.10 -16.41 -48.83
C ILE C 461 -25.28 -16.71 -47.57
N TYR C 462 -25.71 -17.70 -46.79
CA TYR C 462 -25.02 -18.04 -45.56
C TYR C 462 -23.58 -18.46 -45.84
N GLU C 463 -23.40 -19.36 -46.81
CA GLU C 463 -22.06 -19.88 -47.09
C GLU C 463 -21.19 -18.82 -47.75
N ARG C 464 -21.78 -17.99 -48.63
CA ARG C 464 -21.00 -16.91 -49.22
C ARG C 464 -20.51 -15.94 -48.15
N LEU C 465 -21.39 -15.57 -47.21
CA LEU C 465 -20.96 -14.69 -46.12
C LEU C 465 -19.89 -15.34 -45.27
N ALA C 466 -20.06 -16.63 -44.94
CA ALA C 466 -19.06 -17.31 -44.13
C ALA C 466 -17.71 -17.34 -44.81
N SER C 467 -17.69 -17.62 -46.12
CA SER C 467 -16.43 -17.68 -46.85
C SER C 467 -15.74 -16.31 -46.93
N ALA C 468 -16.48 -15.23 -46.68
CA ALA C 468 -15.90 -13.90 -46.79
C ALA C 468 -14.99 -13.56 -45.61
N LEU C 469 -15.32 -14.03 -44.41
CA LEU C 469 -14.52 -13.69 -43.25
C LEU C 469 -13.12 -14.26 -43.36
N ALA C 470 -12.13 -13.39 -43.14
CA ALA C 470 -10.72 -13.80 -43.07
C ALA C 470 -10.37 -14.74 -44.23
N PRO C 471 -10.27 -14.24 -45.46
CA PRO C 471 -9.97 -15.13 -46.59
C PRO C 471 -8.63 -15.84 -46.46
N SER C 472 -7.72 -15.35 -45.64
CA SER C 472 -6.41 -15.96 -45.47
C SER C 472 -6.44 -17.20 -44.58
N ILE C 473 -7.57 -17.50 -43.95
CA ILE C 473 -7.73 -18.70 -43.14
C ILE C 473 -8.50 -19.72 -43.96
N TYR C 474 -8.04 -20.97 -43.94
CA TYR C 474 -8.46 -21.97 -44.93
C TYR C 474 -9.48 -22.93 -44.34
N GLU C 475 -10.60 -23.09 -45.04
CA GLU C 475 -11.62 -24.10 -44.78
C GLU C 475 -11.90 -24.28 -43.29
N HIS C 476 -12.31 -23.18 -42.66
CA HIS C 476 -12.88 -23.20 -41.31
C HIS C 476 -14.37 -22.88 -41.38
N GLU C 477 -15.05 -23.50 -42.35
CA GLU C 477 -16.41 -23.09 -42.69
C GLU C 477 -17.33 -23.02 -41.47
N ASP C 478 -17.30 -24.04 -40.61
CA ASP C 478 -18.18 -24.02 -39.44
C ASP C 478 -17.78 -22.90 -38.49
N ILE C 479 -16.48 -22.70 -38.27
CA ILE C 479 -16.04 -21.64 -37.38
C ILE C 479 -16.41 -20.27 -37.95
N LYS C 480 -16.22 -20.08 -39.26
CA LYS C 480 -16.58 -18.81 -39.87
C LYS C 480 -18.08 -18.58 -39.83
N LYS C 481 -18.87 -19.64 -39.98
CA LYS C 481 -20.32 -19.51 -39.84
C LYS C 481 -20.69 -19.09 -38.42
N GLY C 482 -20.04 -19.68 -37.43
CA GLY C 482 -20.28 -19.28 -36.05
C GLY C 482 -19.93 -17.82 -35.82
N ILE C 483 -18.79 -17.37 -36.35
CA ILE C 483 -18.39 -15.98 -36.18
C ILE C 483 -19.37 -15.06 -36.90
N LEU C 484 -19.90 -15.49 -38.06
CA LEU C 484 -20.91 -14.70 -38.75
C LEU C 484 -22.16 -14.56 -37.89
N LEU C 485 -22.62 -15.67 -37.31
CA LEU C 485 -23.80 -15.59 -36.44
C LEU C 485 -23.53 -14.70 -35.24
N GLN C 486 -22.31 -14.72 -34.73
CA GLN C 486 -21.95 -13.82 -33.63
C GLN C 486 -22.01 -12.36 -34.08
N LEU C 487 -21.50 -12.07 -35.27
CA LEU C 487 -21.53 -10.69 -35.77
C LEU C 487 -22.97 -10.22 -35.97
N PHE C 488 -23.83 -11.08 -36.50
CA PHE C 488 -25.22 -10.71 -36.68
C PHE C 488 -25.93 -10.54 -35.34
N GLY C 489 -25.66 -11.43 -34.39
CA GLY C 489 -26.26 -11.34 -33.08
C GLY C 489 -27.75 -11.63 -33.08
N GLY C 490 -28.29 -12.01 -31.93
CA GLY C 490 -29.70 -12.31 -31.81
C GLY C 490 -30.53 -11.06 -31.56
N THR C 491 -31.84 -11.27 -31.48
CA THR C 491 -32.77 -10.18 -31.26
C THR C 491 -32.56 -9.57 -29.89
N ARG C 492 -32.55 -8.24 -29.83
CA ARG C 492 -32.51 -7.52 -28.56
C ARG C 492 -33.94 -7.34 -28.06
N LYS C 493 -34.30 -8.05 -27.01
CA LYS C 493 -35.68 -8.09 -26.52
C LYS C 493 -35.81 -7.26 -25.25
N ASP C 494 -37.04 -6.82 -24.98
CA ASP C 494 -37.36 -6.02 -23.80
C ASP C 494 -38.14 -6.91 -22.84
N PHE C 495 -37.52 -7.22 -21.69
CA PHE C 495 -38.11 -8.10 -20.70
C PHE C 495 -38.44 -7.37 -19.40
N SER C 496 -38.53 -6.05 -19.43
CA SER C 496 -38.90 -5.31 -18.23
C SER C 496 -40.29 -5.68 -17.77
N HIS C 497 -41.24 -5.81 -18.70
CA HIS C 497 -42.61 -6.14 -18.33
C HIS C 497 -42.70 -7.52 -17.69
N THR C 498 -41.86 -8.45 -18.12
CA THR C 498 -41.89 -9.81 -17.58
C THR C 498 -41.32 -9.91 -16.17
N GLY C 499 -40.76 -8.82 -15.64
CA GLY C 499 -40.13 -8.91 -14.34
C GLY C 499 -38.97 -9.87 -14.29
N ARG C 500 -38.35 -10.13 -15.44
CA ARG C 500 -37.29 -11.12 -15.56
C ARG C 500 -35.90 -10.51 -15.56
N GLY C 501 -35.77 -9.25 -15.96
CA GLY C 501 -34.47 -8.63 -16.12
C GLY C 501 -33.99 -8.72 -17.55
N LYS C 502 -32.78 -8.19 -17.76
CA LYS C 502 -32.20 -8.20 -19.10
C LYS C 502 -31.94 -9.62 -19.56
N PHE C 503 -32.03 -9.82 -20.88
CA PHE C 503 -31.69 -11.09 -21.52
C PHE C 503 -30.55 -10.87 -22.49
N ARG C 504 -29.52 -11.73 -22.37
CA ARG C 504 -28.36 -11.63 -23.24
C ARG C 504 -28.75 -12.03 -24.66
N ALA C 505 -28.52 -11.13 -25.61
CA ALA C 505 -28.81 -11.39 -27.01
C ALA C 505 -27.54 -11.53 -27.84
N GLU C 506 -26.37 -11.33 -27.25
CA GLU C 506 -25.11 -11.57 -27.93
C GLU C 506 -24.78 -13.06 -27.93
N ILE C 507 -23.68 -13.39 -28.59
CA ILE C 507 -23.25 -14.78 -28.75
C ILE C 507 -21.78 -14.88 -28.37
N ASN C 508 -21.45 -15.85 -27.52
CA ASN C 508 -20.09 -16.04 -27.02
C ASN C 508 -19.53 -17.34 -27.58
N ILE C 509 -18.39 -17.25 -28.24
CA ILE C 509 -17.79 -18.38 -28.94
C ILE C 509 -16.45 -18.68 -28.30
N LEU C 510 -16.26 -19.93 -27.86
CA LEU C 510 -15.00 -20.38 -27.29
C LEU C 510 -14.35 -21.36 -28.26
N LEU C 511 -13.17 -21.01 -28.74
CA LEU C 511 -12.38 -21.87 -29.61
C LEU C 511 -11.35 -22.58 -28.74
N CYS C 512 -11.54 -23.87 -28.52
CA CYS C 512 -10.61 -24.68 -27.74
C CYS C 512 -9.76 -25.49 -28.72
N GLY C 513 -8.45 -25.25 -28.69
CA GLY C 513 -7.57 -25.91 -29.64
C GLY C 513 -6.12 -25.74 -29.25
N ASP C 514 -5.28 -26.60 -29.83
CA ASP C 514 -3.86 -26.57 -29.50
C ASP C 514 -3.23 -25.29 -30.02
N PRO C 515 -2.10 -24.88 -29.43
CA PRO C 515 -1.48 -23.61 -29.86
C PRO C 515 -1.13 -23.57 -31.34
N GLY C 516 -0.79 -24.72 -31.93
CA GLY C 516 -0.41 -24.72 -33.33
C GLY C 516 -1.53 -24.24 -34.25
N THR C 517 -2.76 -24.62 -33.94
CA THR C 517 -3.88 -24.30 -34.80
C THR C 517 -4.10 -22.79 -34.85
N SER C 518 -4.67 -22.33 -35.98
CA SER C 518 -4.86 -20.91 -36.24
C SER C 518 -6.05 -20.42 -35.41
N LYS C 519 -5.82 -20.32 -34.10
CA LYS C 519 -6.82 -19.77 -33.19
C LYS C 519 -6.70 -18.26 -33.08
N SER C 520 -5.54 -17.77 -32.63
CA SER C 520 -5.39 -16.35 -32.35
C SER C 520 -5.58 -15.51 -33.60
N GLN C 521 -5.38 -16.09 -34.79
CA GLN C 521 -5.58 -15.31 -36.01
C GLN C 521 -7.05 -14.91 -36.15
N LEU C 522 -7.97 -15.82 -35.87
CA LEU C 522 -9.40 -15.46 -35.93
C LEU C 522 -9.74 -14.38 -34.92
N LEU C 523 -9.24 -14.52 -33.69
CA LEU C 523 -9.54 -13.53 -32.67
C LEU C 523 -8.99 -12.16 -33.06
N GLN C 524 -7.76 -12.11 -33.57
CA GLN C 524 -7.18 -10.83 -33.96
C GLN C 524 -7.93 -10.24 -35.15
N TYR C 525 -8.36 -11.08 -36.09
CA TYR C 525 -9.10 -10.59 -37.24
C TYR C 525 -10.42 -9.96 -36.80
N VAL C 526 -11.19 -10.68 -35.96
CA VAL C 526 -12.44 -10.13 -35.48
C VAL C 526 -12.19 -8.86 -34.67
N TYR C 527 -11.09 -8.84 -33.91
CA TYR C 527 -10.73 -7.62 -33.19
C TYR C 527 -10.37 -6.50 -34.15
N ASN C 528 -9.80 -6.84 -35.30
CA ASN C 528 -9.46 -5.86 -36.33
C ASN C 528 -10.56 -5.73 -37.39
N LEU C 529 -11.76 -6.22 -37.10
CA LEU C 529 -12.87 -6.13 -38.03
C LEU C 529 -14.02 -5.28 -37.50
N VAL C 530 -14.50 -5.57 -36.29
CA VAL C 530 -15.69 -4.92 -35.75
C VAL C 530 -15.32 -3.60 -35.09
N PRO C 531 -16.27 -2.69 -34.91
CA PRO C 531 -16.03 -1.51 -34.07
C PRO C 531 -16.34 -1.80 -32.61
N ARG C 532 -15.75 -0.99 -31.74
CA ARG C 532 -15.87 -1.17 -30.30
C ARG C 532 -15.37 -2.55 -29.88
N GLY C 533 -14.31 -3.02 -30.53
CA GLY C 533 -13.71 -4.30 -30.24
C GLY C 533 -12.56 -4.13 -29.26
N GLN C 534 -12.26 -5.18 -28.52
CA GLN C 534 -11.16 -5.17 -27.56
C GLN C 534 -10.50 -6.54 -27.55
N TYR C 535 -9.27 -6.58 -27.03
CA TYR C 535 -8.47 -7.80 -27.03
C TYR C 535 -7.77 -7.94 -25.69
N THR C 536 -7.67 -9.18 -25.21
CA THR C 536 -6.98 -9.48 -23.97
C THR C 536 -6.25 -10.82 -24.11
N SER C 537 -5.23 -11.01 -23.29
CA SER C 537 -4.34 -12.16 -23.37
C SER C 537 -4.11 -12.80 -22.00
N GLY C 538 -5.20 -13.05 -21.29
CA GLY C 538 -5.13 -13.83 -20.06
C GLY C 538 -4.33 -13.19 -18.95
N LYS C 539 -3.14 -13.75 -18.66
CA LYS C 539 -2.34 -13.28 -17.54
C LYS C 539 -2.01 -11.79 -17.62
N GLY C 540 -2.18 -11.16 -18.78
CA GLY C 540 -1.91 -9.75 -18.92
C GLY C 540 -2.98 -8.82 -18.39
N SER C 541 -4.05 -9.37 -17.82
CA SER C 541 -5.17 -8.58 -17.35
C SER C 541 -5.50 -8.96 -15.91
N SER C 542 -6.28 -8.09 -15.25
CA SER C 542 -6.75 -8.31 -13.90
C SER C 542 -8.23 -7.94 -13.82
N ALA C 543 -8.88 -8.35 -12.73
CA ALA C 543 -10.31 -8.13 -12.60
C ALA C 543 -10.65 -6.66 -12.58
N VAL C 544 -9.95 -5.87 -11.76
CA VAL C 544 -10.26 -4.45 -11.65
C VAL C 544 -10.04 -3.76 -12.99
N GLY C 545 -8.92 -4.06 -13.66
CA GLY C 545 -8.66 -3.47 -14.96
C GLY C 545 -9.61 -3.94 -16.03
N LEU C 546 -10.23 -5.10 -15.86
CA LEU C 546 -11.23 -5.59 -16.80
C LEU C 546 -12.63 -5.10 -16.48
N THR C 547 -12.86 -4.54 -15.30
CA THR C 547 -14.17 -4.04 -14.91
C THR C 547 -14.21 -2.53 -14.78
N ALA C 548 -13.40 -1.96 -13.89
CA ALA C 548 -13.35 -0.52 -13.68
C ALA C 548 -12.32 -0.23 -12.59
N TYR C 549 -11.85 1.01 -12.55
CA TYR C 549 -10.93 1.43 -11.50
C TYR C 549 -11.11 2.92 -11.26
N VAL C 550 -10.30 3.47 -10.37
CA VAL C 550 -10.34 4.90 -10.03
C VAL C 550 -8.93 5.45 -10.10
N MET C 551 -8.79 6.66 -10.64
CA MET C 551 -7.48 7.27 -10.81
C MET C 551 -7.61 8.78 -10.77
N LYS C 552 -6.52 9.44 -10.42
CA LYS C 552 -6.46 10.90 -10.39
C LYS C 552 -6.14 11.42 -11.78
N ASP C 553 -7.12 12.02 -12.43
CA ASP C 553 -6.93 12.58 -13.77
C ASP C 553 -5.80 13.62 -13.72
N PRO C 554 -4.64 13.35 -14.35
CA PRO C 554 -3.51 14.29 -14.21
C PRO C 554 -3.61 15.48 -15.14
N GLU C 555 -4.83 16.01 -15.29
CA GLU C 555 -5.05 17.34 -15.86
C GLU C 555 -6.04 18.16 -15.07
N THR C 556 -6.93 17.54 -14.28
CA THR C 556 -7.77 18.24 -13.32
C THR C 556 -7.45 17.84 -11.89
N ARG C 557 -6.60 16.83 -11.69
CA ARG C 557 -6.23 16.38 -10.36
C ARG C 557 -7.46 16.01 -9.53
N GLN C 558 -8.37 15.26 -10.16
CA GLN C 558 -9.59 14.80 -9.52
C GLN C 558 -9.68 13.28 -9.66
N LEU C 559 -9.98 12.60 -8.55
CA LEU C 559 -10.16 11.16 -8.55
C LEU C 559 -11.45 10.82 -9.27
N VAL C 560 -11.34 10.23 -10.46
CA VAL C 560 -12.49 9.87 -11.28
C VAL C 560 -12.42 8.39 -11.60
N LEU C 561 -13.58 7.82 -11.91
CA LEU C 561 -13.67 6.41 -12.28
C LEU C 561 -13.40 6.24 -13.77
N GLN C 562 -12.65 5.20 -14.10
CA GLN C 562 -12.29 4.87 -15.48
C GLN C 562 -12.73 3.45 -15.79
N THR C 563 -13.26 3.26 -16.99
CA THR C 563 -13.77 1.97 -17.43
C THR C 563 -12.62 1.00 -17.70
N GLY C 564 -12.98 -0.28 -17.80
CA GLY C 564 -12.05 -1.33 -18.12
C GLY C 564 -12.19 -1.80 -19.57
N ALA C 565 -11.42 -2.84 -19.89
CA ALA C 565 -11.45 -3.38 -21.24
C ALA C 565 -12.83 -3.92 -21.59
N LEU C 566 -13.46 -4.63 -20.65
CA LEU C 566 -14.73 -5.27 -20.94
C LEU C 566 -15.81 -4.24 -21.22
N VAL C 567 -15.86 -3.17 -20.44
CA VAL C 567 -16.87 -2.13 -20.65
C VAL C 567 -16.65 -1.43 -21.98
N LEU C 568 -15.39 -1.16 -22.34
CA LEU C 568 -15.10 -0.41 -23.56
C LEU C 568 -15.74 -1.06 -24.78
N SER C 569 -15.87 -2.39 -24.77
CA SER C 569 -16.51 -3.12 -25.87
C SER C 569 -17.99 -3.34 -25.63
N ASP C 570 -18.64 -2.41 -24.91
CA ASP C 570 -20.03 -2.58 -24.50
C ASP C 570 -20.90 -3.17 -25.61
N ASN C 571 -20.96 -2.50 -26.76
CA ASN C 571 -21.75 -2.98 -27.90
C ASN C 571 -20.86 -3.55 -29.00
N GLY C 572 -19.73 -4.15 -28.62
CA GLY C 572 -18.83 -4.73 -29.59
C GLY C 572 -18.48 -6.18 -29.28
N ILE C 573 -17.20 -6.52 -29.39
CA ILE C 573 -16.74 -7.88 -29.14
C ILE C 573 -15.45 -7.83 -28.35
N CYS C 574 -15.35 -8.67 -27.33
CA CYS C 574 -14.14 -8.80 -26.52
C CYS C 574 -13.49 -10.13 -26.88
N CYS C 575 -12.30 -10.06 -27.49
CA CYS C 575 -11.55 -11.24 -27.89
C CYS C 575 -10.58 -11.58 -26.76
N ILE C 576 -10.93 -12.60 -25.99
CA ILE C 576 -10.14 -13.03 -24.84
C ILE C 576 -9.25 -14.17 -25.30
N ASP C 577 -8.00 -13.89 -25.58
CA ASP C 577 -7.08 -14.92 -26.04
C ASP C 577 -6.42 -15.60 -24.84
N GLU C 578 -6.04 -16.85 -25.05
CA GLU C 578 -5.42 -17.65 -23.99
C GLU C 578 -6.31 -17.66 -22.75
N PHE C 579 -7.60 -17.92 -22.98
CA PHE C 579 -8.58 -17.89 -21.88
C PHE C 579 -8.18 -18.84 -20.76
N ASP C 580 -7.57 -19.98 -21.08
CA ASP C 580 -7.21 -20.95 -20.05
C ASP C 580 -6.22 -20.34 -19.06
N LYS C 581 -5.21 -19.65 -19.57
CA LYS C 581 -4.16 -19.05 -18.73
C LYS C 581 -4.69 -17.78 -18.07
N MET C 582 -5.72 -17.96 -17.26
CA MET C 582 -6.42 -16.84 -16.62
C MET C 582 -6.77 -17.23 -15.19
N ASN C 583 -6.29 -16.45 -14.23
CA ASN C 583 -6.57 -16.75 -12.84
C ASN C 583 -8.07 -16.65 -12.56
N GLU C 584 -8.54 -17.47 -11.63
CA GLU C 584 -9.98 -17.58 -11.38
C GLU C 584 -10.57 -16.24 -10.93
N SER C 585 -9.76 -15.40 -10.28
CA SER C 585 -10.28 -14.13 -9.78
C SER C 585 -10.85 -13.28 -10.91
N THR C 586 -10.08 -13.06 -11.97
CA THR C 586 -10.56 -12.28 -13.09
C THR C 586 -11.60 -13.05 -13.91
N ARG C 587 -11.51 -14.38 -13.92
CA ARG C 587 -12.48 -15.18 -14.64
C ARG C 587 -13.87 -15.03 -14.05
N SER C 588 -13.96 -14.92 -12.72
CA SER C 588 -15.27 -14.83 -12.07
C SER C 588 -16.09 -13.67 -12.61
N VAL C 589 -15.44 -12.57 -12.98
CA VAL C 589 -16.18 -11.42 -13.50
C VAL C 589 -16.99 -11.80 -14.72
N LEU C 590 -16.41 -12.61 -15.61
CA LEU C 590 -17.05 -12.86 -16.90
C LEU C 590 -18.41 -13.51 -16.76
N HIS C 591 -18.71 -14.13 -15.63
CA HIS C 591 -20.01 -14.80 -15.47
C HIS C 591 -21.15 -13.80 -15.64
N GLU C 592 -21.09 -12.70 -14.88
CA GLU C 592 -22.14 -11.69 -14.95
C GLU C 592 -22.17 -11.02 -16.32
N VAL C 593 -21.00 -10.71 -16.88
CA VAL C 593 -20.97 -10.05 -18.18
C VAL C 593 -21.54 -10.96 -19.26
N MET C 594 -21.48 -12.28 -19.06
CA MET C 594 -21.97 -13.21 -20.06
C MET C 594 -23.45 -13.54 -19.88
N GLU C 595 -23.97 -13.50 -18.66
CA GLU C 595 -25.39 -13.79 -18.45
C GLU C 595 -26.24 -12.53 -18.32
N GLN C 596 -25.92 -11.66 -17.36
CA GLN C 596 -26.73 -10.47 -17.13
C GLN C 596 -26.48 -9.38 -18.17
N GLN C 597 -25.24 -9.27 -18.64
CA GLN C 597 -24.75 -8.17 -19.48
C GLN C 597 -24.55 -6.88 -18.69
N THR C 598 -24.53 -6.96 -17.37
CA THR C 598 -24.21 -5.82 -16.52
C THR C 598 -22.98 -6.13 -15.68
N LEU C 599 -22.51 -5.14 -14.94
CA LEU C 599 -21.32 -5.29 -14.09
C LEU C 599 -21.52 -4.39 -12.89
N SER C 600 -21.95 -4.98 -11.77
CA SER C 600 -22.34 -4.23 -10.58
C SER C 600 -21.14 -4.10 -9.65
N ILE C 601 -20.44 -2.98 -9.74
CA ILE C 601 -19.32 -2.68 -8.86
C ILE C 601 -19.85 -1.99 -7.61
N ALA C 602 -19.27 -2.33 -6.46
CA ALA C 602 -19.62 -1.72 -5.18
C ALA C 602 -18.30 -1.45 -4.47
N LYS C 603 -17.75 -0.25 -4.66
CA LYS C 603 -16.47 0.12 -4.09
C LYS C 603 -16.59 1.50 -3.45
N ALA C 604 -15.64 1.81 -2.56
CA ALA C 604 -15.62 3.07 -1.85
C ALA C 604 -15.96 4.25 -2.76
N GLY C 605 -15.32 4.32 -3.92
CA GLY C 605 -15.57 5.39 -4.86
C GLY C 605 -17.05 5.58 -5.15
N ILE C 606 -17.66 4.62 -5.84
CA ILE C 606 -19.08 4.66 -6.16
C ILE C 606 -19.61 3.24 -6.19
N ILE C 607 -20.90 3.10 -5.89
CA ILE C 607 -21.63 1.85 -6.07
C ILE C 607 -22.57 2.03 -7.25
N CYS C 608 -22.40 1.21 -8.28
CA CYS C 608 -23.19 1.36 -9.49
C CYS C 608 -22.92 0.16 -10.38
N GLN C 609 -23.80 -0.04 -11.36
CA GLN C 609 -23.67 -1.14 -12.30
C GLN C 609 -23.51 -0.57 -13.71
N LEU C 610 -22.35 -0.84 -14.30
CA LEU C 610 -22.08 -0.43 -15.68
C LEU C 610 -22.65 -1.48 -16.63
N ASN C 611 -23.39 -1.02 -17.63
CA ASN C 611 -23.97 -1.95 -18.61
C ASN C 611 -22.93 -2.33 -19.63
N ALA C 612 -22.75 -3.65 -19.82
CA ALA C 612 -21.79 -4.19 -20.78
C ALA C 612 -22.49 -5.29 -21.58
N ARG C 613 -22.82 -4.98 -22.82
CA ARG C 613 -23.53 -5.91 -23.71
C ARG C 613 -22.55 -6.65 -24.61
N THR C 614 -21.36 -6.93 -24.10
CA THR C 614 -20.28 -7.46 -24.94
C THR C 614 -20.57 -8.90 -25.35
N SER C 615 -19.98 -9.28 -26.48
CA SER C 615 -19.94 -10.66 -26.93
C SER C 615 -18.51 -11.17 -26.78
N VAL C 616 -18.33 -12.29 -26.09
CA VAL C 616 -17.01 -12.80 -25.77
C VAL C 616 -16.60 -13.82 -26.82
N LEU C 617 -15.46 -13.57 -27.45
CA LEU C 617 -14.82 -14.53 -28.35
C LEU C 617 -13.55 -14.99 -27.64
N ALA C 618 -13.63 -16.12 -26.96
CA ALA C 618 -12.52 -16.63 -26.17
C ALA C 618 -11.77 -17.71 -26.93
N ALA C 619 -10.47 -17.79 -26.69
CA ALA C 619 -9.61 -18.82 -27.26
C ALA C 619 -8.84 -19.48 -26.13
N ALA C 620 -8.86 -20.81 -26.09
CA ALA C 620 -8.24 -21.58 -25.02
C ALA C 620 -7.43 -22.72 -25.58
N ASN C 621 -6.39 -23.11 -24.83
CA ASN C 621 -5.56 -24.25 -25.16
C ASN C 621 -5.95 -25.44 -24.28
N PRO C 622 -5.84 -26.66 -24.79
CA PRO C 622 -6.09 -27.82 -23.93
C PRO C 622 -5.06 -27.91 -22.82
N ILE C 623 -5.50 -28.42 -21.67
CA ILE C 623 -4.57 -28.70 -20.59
C ILE C 623 -3.45 -29.60 -21.12
N GLU C 624 -2.21 -29.24 -20.82
CA GLU C 624 -1.00 -29.86 -21.34
C GLU C 624 -0.66 -29.35 -22.74
N SER C 625 -1.36 -28.31 -23.22
CA SER C 625 -1.10 -27.67 -24.49
C SER C 625 -1.31 -28.58 -25.69
N GLN C 626 -1.88 -29.76 -25.50
CA GLN C 626 -2.15 -30.67 -26.60
C GLN C 626 -3.42 -31.43 -26.29
N TRP C 627 -4.27 -31.59 -27.31
CA TRP C 627 -5.53 -32.32 -27.17
C TRP C 627 -5.26 -33.81 -27.31
N ASN C 628 -4.73 -34.38 -26.24
CA ASN C 628 -4.48 -35.81 -26.22
C ASN C 628 -5.81 -36.55 -26.32
N PRO C 629 -6.00 -37.44 -27.29
CA PRO C 629 -7.30 -38.11 -27.44
C PRO C 629 -7.63 -39.07 -26.31
N LYS C 630 -6.71 -39.30 -25.38
CA LYS C 630 -6.96 -40.23 -24.29
C LYS C 630 -7.89 -39.67 -23.22
N LYS C 631 -7.98 -38.35 -23.09
CA LYS C 631 -8.81 -37.71 -22.07
C LYS C 631 -10.09 -37.19 -22.69
N THR C 632 -11.17 -37.25 -21.90
CA THR C 632 -12.48 -36.85 -22.39
C THR C 632 -12.49 -35.37 -22.76
N THR C 633 -13.56 -34.96 -23.46
CA THR C 633 -13.67 -33.59 -23.94
C THR C 633 -13.64 -32.60 -22.79
N ILE C 634 -14.57 -32.74 -21.83
CA ILE C 634 -14.66 -31.80 -20.72
C ILE C 634 -13.37 -31.81 -19.93
N GLU C 635 -12.79 -32.99 -19.71
CA GLU C 635 -11.51 -33.08 -19.00
C GLU C 635 -10.42 -32.34 -19.74
N ASN C 636 -10.40 -32.43 -21.07
CA ASN C 636 -9.36 -31.81 -21.88
C ASN C 636 -9.51 -30.30 -21.92
N ILE C 637 -10.73 -29.78 -21.93
CA ILE C 637 -10.94 -28.34 -22.01
C ILE C 637 -10.34 -27.66 -20.78
N GLN C 638 -10.55 -28.22 -19.60
CA GLN C 638 -10.02 -27.69 -18.34
C GLN C 638 -10.60 -26.31 -18.05
N LEU C 639 -11.93 -26.26 -17.95
CA LEU C 639 -12.65 -25.07 -17.53
C LEU C 639 -13.83 -25.50 -16.67
N PRO C 640 -14.24 -24.67 -15.71
CA PRO C 640 -15.41 -25.03 -14.90
C PRO C 640 -16.64 -25.22 -15.75
N HIS C 641 -17.48 -26.17 -15.34
CA HIS C 641 -18.68 -26.50 -16.12
C HIS C 641 -19.62 -25.29 -16.20
N THR C 642 -19.76 -24.57 -15.10
CA THR C 642 -20.62 -23.39 -15.11
C THR C 642 -20.22 -22.42 -16.22
N LEU C 643 -18.91 -22.14 -16.33
CA LEU C 643 -18.45 -21.22 -17.36
C LEU C 643 -18.70 -21.77 -18.76
N LEU C 644 -18.42 -23.06 -18.98
CA LEU C 644 -18.64 -23.63 -20.31
C LEU C 644 -20.11 -23.60 -20.67
N SER C 645 -21.00 -23.64 -19.67
CA SER C 645 -22.42 -23.52 -19.97
C SER C 645 -22.76 -22.15 -20.55
N ARG C 646 -22.05 -21.10 -20.11
CA ARG C 646 -22.32 -19.76 -20.61
C ARG C 646 -22.09 -19.68 -22.12
N PHE C 647 -20.95 -20.18 -22.59
CA PHE C 647 -20.68 -20.17 -24.03
C PHE C 647 -21.75 -20.94 -24.77
N ASP C 648 -22.20 -20.38 -25.89
CA ASP C 648 -23.20 -21.00 -26.73
C ASP C 648 -22.61 -21.73 -27.93
N LEU C 649 -21.29 -21.70 -28.08
CA LEU C 649 -20.61 -22.41 -29.16
C LEU C 649 -19.17 -22.68 -28.75
N ILE C 650 -18.84 -23.93 -28.48
CA ILE C 650 -17.49 -24.34 -28.11
C ILE C 650 -16.94 -25.13 -29.28
N PHE C 651 -16.17 -24.46 -30.14
CA PHE C 651 -15.58 -25.12 -31.31
C PHE C 651 -14.27 -25.80 -30.92
N LEU C 652 -14.18 -27.10 -31.15
CA LEU C 652 -12.97 -27.86 -30.88
C LEU C 652 -12.14 -27.87 -32.15
N MET C 653 -11.03 -27.12 -32.10
CA MET C 653 -10.11 -27.08 -33.24
C MET C 653 -9.05 -28.14 -33.06
N LEU C 654 -9.26 -29.29 -33.67
CA LEU C 654 -8.34 -30.41 -33.60
C LEU C 654 -7.62 -30.59 -34.92
N ASP C 655 -6.53 -31.35 -34.88
CA ASP C 655 -5.68 -31.58 -36.04
C ASP C 655 -5.90 -32.98 -36.58
N PRO C 656 -6.84 -33.19 -37.50
CA PRO C 656 -7.00 -34.52 -38.09
C PRO C 656 -5.82 -34.85 -38.98
N GLN C 657 -5.18 -35.98 -38.70
CA GLN C 657 -3.97 -36.38 -39.44
C GLN C 657 -4.42 -36.84 -40.82
N ASP C 658 -4.76 -35.86 -41.65
CA ASP C 658 -5.26 -36.10 -43.00
C ASP C 658 -4.25 -35.56 -44.00
N GLU C 659 -3.89 -36.40 -44.98
CA GLU C 659 -2.90 -35.99 -45.97
C GLU C 659 -3.47 -34.96 -46.93
N ALA C 660 -4.72 -35.16 -47.38
CA ALA C 660 -5.32 -34.22 -48.31
C ALA C 660 -5.45 -32.83 -47.68
N TYR C 661 -5.92 -32.79 -46.43
CA TYR C 661 -6.04 -31.51 -45.74
C TYR C 661 -4.69 -30.85 -45.58
N ASP C 662 -3.66 -31.62 -45.22
CA ASP C 662 -2.32 -31.06 -45.08
C ASP C 662 -1.84 -30.48 -46.40
N ARG C 663 -2.05 -31.21 -47.50
CA ARG C 663 -1.59 -30.74 -48.80
C ARG C 663 -2.32 -29.46 -49.21
N ARG C 664 -3.65 -29.42 -49.03
CA ARG C 664 -4.40 -28.23 -49.39
C ARG C 664 -3.99 -27.03 -48.53
N LEU C 665 -3.80 -27.25 -47.22
CA LEU C 665 -3.40 -26.16 -46.35
C LEU C 665 -2.00 -25.66 -46.71
N ALA C 666 -1.08 -26.57 -47.04
CA ALA C 666 0.24 -26.13 -47.47
C ALA C 666 0.15 -25.32 -48.76
N HIS C 667 -0.66 -25.77 -49.71
CA HIS C 667 -0.88 -24.99 -50.92
C HIS C 667 -1.37 -23.59 -50.57
N HIS C 668 -2.36 -23.51 -49.69
CA HIS C 668 -2.95 -22.23 -49.32
C HIS C 668 -1.90 -21.31 -48.67
N LEU C 669 -1.14 -21.85 -47.73
CA LEU C 669 -0.16 -21.02 -47.02
C LEU C 669 0.94 -20.55 -47.97
N VAL C 670 1.46 -21.44 -48.82
CA VAL C 670 2.49 -21.04 -49.76
C VAL C 670 1.97 -19.99 -50.73
N ALA C 671 0.75 -20.18 -51.23
CA ALA C 671 0.14 -19.15 -52.07
C ALA C 671 0.05 -17.83 -51.33
N LEU C 672 -0.36 -17.85 -50.06
CA LEU C 672 -0.38 -16.63 -49.27
C LEU C 672 1.00 -15.98 -49.22
N TYR C 673 2.05 -16.80 -49.15
CA TYR C 673 3.40 -16.28 -49.02
C TYR C 673 3.93 -15.66 -50.31
N TYR C 674 3.26 -15.88 -51.44
CA TYR C 674 3.60 -15.20 -52.69
C TYR C 674 2.41 -14.53 -53.34
N GLN C 675 1.20 -14.76 -52.85
CA GLN C 675 -0.05 -14.25 -53.44
C GLN C 675 0.13 -13.58 -54.80
N LEU C 684 -14.56 -13.96 -54.34
CA LEU C 684 -14.79 -13.46 -53.00
C LEU C 684 -16.04 -12.59 -52.95
N LEU C 685 -16.36 -12.12 -51.75
CA LEU C 685 -17.41 -11.13 -51.54
C LEU C 685 -16.78 -9.95 -50.82
N ASP C 686 -16.81 -8.78 -51.48
CA ASP C 686 -16.00 -7.66 -51.04
C ASP C 686 -16.43 -7.17 -49.66
N MET C 687 -15.53 -6.41 -49.02
CA MET C 687 -15.86 -5.81 -47.73
C MET C 687 -17.01 -4.84 -47.86
N ALA C 688 -17.05 -4.06 -48.94
CA ALA C 688 -18.06 -3.02 -49.08
C ALA C 688 -19.48 -3.58 -49.13
N VAL C 689 -19.64 -4.87 -49.44
CA VAL C 689 -20.96 -5.48 -49.52
C VAL C 689 -21.30 -6.24 -48.24
N LEU C 690 -20.36 -6.97 -47.68
CA LEU C 690 -20.61 -7.65 -46.41
C LEU C 690 -20.89 -6.64 -45.31
N LYS C 691 -20.10 -5.56 -45.26
CA LYS C 691 -20.31 -4.53 -44.26
C LYS C 691 -21.71 -3.95 -44.35
N ASP C 692 -22.13 -3.60 -45.57
CA ASP C 692 -23.47 -3.04 -45.75
C ASP C 692 -24.55 -4.06 -45.39
N TYR C 693 -24.34 -5.33 -45.75
CA TYR C 693 -25.32 -6.35 -45.44
C TYR C 693 -25.51 -6.47 -43.94
N ILE C 694 -24.41 -6.53 -43.19
CA ILE C 694 -24.50 -6.65 -41.74
C ILE C 694 -25.16 -5.41 -41.14
N ALA C 695 -24.79 -4.22 -41.63
CA ALA C 695 -25.38 -3.00 -41.10
C ALA C 695 -26.89 -2.99 -41.34
N TYR C 696 -27.32 -3.34 -42.54
CA TYR C 696 -28.75 -3.37 -42.84
C TYR C 696 -29.48 -4.40 -42.00
N ALA C 697 -28.89 -5.60 -41.84
CA ALA C 697 -29.52 -6.63 -41.05
C ALA C 697 -29.70 -6.18 -39.60
N HIS C 698 -28.67 -5.54 -39.03
CA HIS C 698 -28.83 -4.99 -37.69
C HIS C 698 -29.89 -3.91 -37.66
N SER C 699 -29.93 -3.04 -38.67
CA SER C 699 -30.82 -1.89 -38.64
C SER C 699 -32.28 -2.31 -38.70
N THR C 700 -32.64 -3.17 -39.64
CA THR C 700 -34.04 -3.43 -39.95
C THR C 700 -34.55 -4.76 -39.44
N ILE C 701 -33.79 -5.83 -39.59
CA ILE C 701 -34.30 -7.18 -39.31
C ILE C 701 -34.45 -7.35 -37.81
N MET C 702 -35.65 -7.70 -37.37
CA MET C 702 -35.95 -8.01 -35.96
C MET C 702 -36.71 -9.33 -35.93
N PRO C 703 -36.02 -10.45 -36.06
CA PRO C 703 -36.71 -11.74 -36.19
C PRO C 703 -37.57 -12.06 -34.96
N ARG C 704 -38.72 -12.67 -35.20
CA ARG C 704 -39.62 -13.12 -34.15
C ARG C 704 -39.91 -14.60 -34.35
N LEU C 705 -39.96 -15.35 -33.25
CA LEU C 705 -40.15 -16.79 -33.33
C LEU C 705 -41.51 -17.14 -33.90
N SER C 706 -41.58 -18.29 -34.54
CA SER C 706 -42.82 -18.83 -35.10
C SER C 706 -43.16 -20.15 -34.43
N GLU C 707 -44.36 -20.65 -34.76
CA GLU C 707 -44.85 -21.87 -34.11
C GLU C 707 -43.94 -23.07 -34.41
N GLU C 708 -43.67 -23.31 -35.70
CA GLU C 708 -42.84 -24.45 -36.05
C GLU C 708 -41.44 -24.32 -35.48
N ALA C 709 -40.89 -23.10 -35.51
CA ALA C 709 -39.57 -22.88 -34.92
C ALA C 709 -39.59 -23.18 -33.44
N SER C 710 -40.64 -22.75 -32.73
CA SER C 710 -40.74 -23.01 -31.31
C SER C 710 -40.79 -24.51 -31.02
N GLN C 711 -41.64 -25.23 -31.76
CA GLN C 711 -41.73 -26.68 -31.55
C GLN C 711 -40.40 -27.36 -31.82
N ALA C 712 -39.74 -26.98 -32.91
CA ALA C 712 -38.45 -27.58 -33.23
C ALA C 712 -37.42 -27.27 -32.16
N LEU C 713 -37.44 -26.05 -31.63
CA LEU C 713 -36.51 -25.70 -30.55
C LEU C 713 -36.75 -26.56 -29.32
N ILE C 714 -38.02 -26.76 -28.96
CA ILE C 714 -38.32 -27.58 -27.78
C ILE C 714 -37.82 -29.00 -27.98
N GLU C 715 -38.13 -29.59 -29.14
CA GLU C 715 -37.69 -30.97 -29.40
C GLU C 715 -36.17 -31.05 -29.43
N ALA C 716 -35.52 -30.05 -30.02
CA ALA C 716 -34.06 -30.04 -30.07
C ALA C 716 -33.47 -29.94 -28.68
N TYR C 717 -34.06 -29.13 -27.81
CA TYR C 717 -33.56 -29.06 -26.43
C TYR C 717 -33.70 -30.39 -25.72
N VAL C 718 -34.83 -31.06 -25.90
CA VAL C 718 -35.00 -32.37 -25.25
C VAL C 718 -33.96 -33.35 -25.77
N ASP C 719 -33.74 -33.35 -27.09
CA ASP C 719 -32.72 -34.23 -27.66
C ASP C 719 -31.33 -33.89 -27.13
N MET C 720 -31.03 -32.59 -26.97
CA MET C 720 -29.75 -32.19 -26.42
C MET C 720 -29.60 -32.67 -24.98
N ARG C 721 -30.66 -32.56 -24.18
CA ARG C 721 -30.59 -33.03 -22.81
C ARG C 721 -30.34 -34.54 -22.76
N LYS C 722 -30.98 -35.29 -23.64
CA LYS C 722 -30.73 -36.73 -23.69
C LYS C 722 -29.29 -37.02 -24.13
N ILE C 723 -28.81 -36.32 -25.15
CA ILE C 723 -27.51 -36.63 -25.74
C ILE C 723 -26.39 -36.28 -24.77
N GLY C 724 -26.44 -35.08 -24.19
CA GLY C 724 -25.38 -34.60 -23.33
C GLY C 724 -25.40 -35.16 -21.93
N SER C 725 -26.37 -36.02 -21.61
CA SER C 725 -26.47 -36.64 -20.30
C SER C 725 -25.35 -37.64 -20.02
N SER C 726 -24.40 -37.84 -20.92
CA SER C 726 -23.31 -38.78 -20.69
C SER C 726 -22.37 -38.21 -19.63
N ARG C 727 -21.25 -38.90 -19.40
CA ARG C 727 -20.37 -38.53 -18.30
C ARG C 727 -19.34 -37.48 -18.72
N GLY C 728 -18.60 -37.75 -19.80
CA GLY C 728 -17.54 -36.86 -20.23
C GLY C 728 -17.93 -35.75 -21.17
N MET C 729 -19.10 -35.85 -21.81
CA MET C 729 -19.51 -34.83 -22.74
C MET C 729 -20.04 -33.60 -21.99
N VAL C 730 -19.96 -32.45 -22.65
CA VAL C 730 -20.47 -31.22 -22.06
C VAL C 730 -21.97 -31.37 -21.84
N SER C 731 -22.38 -31.34 -20.57
CA SER C 731 -23.78 -31.51 -20.24
C SER C 731 -24.62 -30.36 -20.80
N ALA C 732 -25.85 -30.68 -21.19
CA ALA C 732 -26.77 -29.70 -21.74
C ALA C 732 -27.68 -29.18 -20.64
N TYR C 733 -27.77 -27.86 -20.53
CA TYR C 733 -28.58 -27.21 -19.50
C TYR C 733 -29.72 -26.42 -20.15
N PRO C 734 -30.68 -25.93 -19.35
CA PRO C 734 -31.67 -25.00 -19.92
C PRO C 734 -31.03 -23.79 -20.57
N ARG C 735 -29.92 -23.29 -20.01
CA ARG C 735 -29.24 -22.15 -20.61
C ARG C 735 -28.85 -22.42 -22.05
N GLN C 736 -28.66 -23.68 -22.43
CA GLN C 736 -28.33 -23.99 -23.81
C GLN C 736 -29.51 -23.76 -24.73
N LEU C 737 -30.72 -24.06 -24.28
CA LEU C 737 -31.90 -23.78 -25.09
C LEU C 737 -31.91 -22.32 -25.54
N GLU C 738 -31.76 -21.41 -24.58
CA GLU C 738 -31.66 -19.99 -24.91
C GLU C 738 -30.61 -19.77 -25.99
N SER C 739 -29.44 -20.39 -25.83
CA SER C 739 -28.40 -20.26 -26.83
C SER C 739 -28.94 -20.59 -28.21
N LEU C 740 -29.59 -21.74 -28.34
CA LEU C 740 -30.13 -22.12 -29.65
C LEU C 740 -30.97 -20.98 -30.21
N ILE C 741 -31.88 -20.43 -29.39
CA ILE C 741 -32.72 -19.32 -29.85
C ILE C 741 -31.84 -18.27 -30.52
N ARG C 742 -30.86 -17.75 -29.77
CA ARG C 742 -29.98 -16.74 -30.32
C ARG C 742 -29.45 -17.20 -31.67
N LEU C 743 -28.81 -18.37 -31.70
CA LEU C 743 -28.25 -18.86 -32.95
C LEU C 743 -29.31 -18.87 -34.04
N ALA C 744 -30.47 -19.47 -33.75
CA ALA C 744 -31.53 -19.49 -34.74
C ALA C 744 -31.83 -18.08 -35.21
N GLU C 745 -32.10 -17.17 -34.26
CA GLU C 745 -32.38 -15.79 -34.65
C GLU C 745 -31.26 -15.24 -35.51
N ALA C 746 -30.02 -15.47 -35.08
CA ALA C 746 -28.88 -14.97 -35.85
C ALA C 746 -28.96 -15.46 -37.28
N HIS C 747 -29.21 -16.76 -37.47
CA HIS C 747 -29.33 -17.29 -38.82
C HIS C 747 -30.52 -16.66 -39.53
N ALA C 748 -31.64 -16.53 -38.81
CA ALA C 748 -32.80 -15.86 -39.40
C ALA C 748 -32.47 -14.43 -39.78
N LYS C 749 -31.50 -13.82 -39.08
CA LYS C 749 -31.09 -12.47 -39.43
C LYS C 749 -30.22 -12.45 -40.69
N VAL C 750 -29.49 -13.54 -40.94
CA VAL C 750 -28.69 -13.62 -42.16
C VAL C 750 -29.58 -13.63 -43.39
N ARG C 751 -30.66 -14.41 -43.36
CA ARG C 751 -31.56 -14.51 -44.49
C ARG C 751 -32.52 -13.34 -44.59
N LEU C 752 -32.45 -12.37 -43.67
CA LEU C 752 -33.37 -11.24 -43.65
C LEU C 752 -34.82 -11.73 -43.60
N SER C 753 -35.03 -12.89 -42.97
CA SER C 753 -36.35 -13.48 -42.94
C SER C 753 -37.32 -12.64 -42.12
N ASN C 754 -36.83 -12.01 -41.05
CA ASN C 754 -37.65 -11.27 -40.09
C ASN C 754 -38.57 -12.20 -39.31
N LYS C 755 -38.37 -13.51 -39.41
CA LYS C 755 -39.19 -14.48 -38.70
C LYS C 755 -38.46 -15.81 -38.70
N VAL C 756 -38.24 -16.36 -37.51
CA VAL C 756 -37.49 -17.61 -37.35
C VAL C 756 -38.42 -18.78 -37.63
N GLU C 757 -38.00 -19.67 -38.52
CA GLU C 757 -38.78 -20.85 -38.86
C GLU C 757 -37.94 -22.11 -38.75
N ALA C 758 -38.47 -23.23 -39.26
CA ALA C 758 -37.83 -24.52 -39.04
C ALA C 758 -36.38 -24.54 -39.52
N ILE C 759 -36.11 -23.91 -40.67
CA ILE C 759 -34.77 -23.98 -41.24
C ILE C 759 -33.75 -23.33 -40.32
N ASP C 760 -34.11 -22.17 -39.73
CA ASP C 760 -33.17 -21.47 -38.87
C ASP C 760 -32.83 -22.29 -37.64
N VAL C 761 -33.84 -22.87 -36.99
CA VAL C 761 -33.59 -23.68 -35.80
C VAL C 761 -32.80 -24.92 -36.17
N GLU C 762 -33.09 -25.52 -37.33
CA GLU C 762 -32.33 -26.68 -37.76
C GLU C 762 -30.87 -26.32 -37.97
N GLU C 763 -30.61 -25.17 -38.59
CA GLU C 763 -29.23 -24.74 -38.80
C GLU C 763 -28.53 -24.47 -37.47
N ALA C 764 -29.22 -23.85 -36.53
CA ALA C 764 -28.63 -23.61 -35.21
C ALA C 764 -28.27 -24.92 -34.53
N LYS C 765 -29.19 -25.87 -34.55
CA LYS C 765 -28.91 -27.17 -33.94
C LYS C 765 -27.74 -27.87 -34.63
N ARG C 766 -27.72 -27.83 -35.97
CA ARG C 766 -26.64 -28.46 -36.70
C ARG C 766 -25.29 -27.83 -36.35
N LEU C 767 -25.24 -26.50 -36.29
CA LEU C 767 -23.99 -25.83 -35.97
C LEU C 767 -23.55 -26.15 -34.55
N HIS C 768 -24.49 -26.19 -33.61
CA HIS C 768 -24.13 -26.54 -32.24
C HIS C 768 -23.60 -27.97 -32.15
N ARG C 769 -24.26 -28.91 -32.82
CA ARG C 769 -23.81 -30.30 -32.80
C ARG C 769 -22.45 -30.47 -33.47
N GLU C 770 -22.24 -29.79 -34.60
CA GLU C 770 -20.94 -29.85 -35.24
C GLU C 770 -19.86 -29.33 -34.32
N ALA C 771 -20.14 -28.25 -33.60
CA ALA C 771 -19.29 -27.86 -32.49
C ALA C 771 -19.34 -28.93 -31.41
N LEU C 772 -18.24 -29.07 -30.67
CA LEU C 772 -18.07 -30.13 -29.68
C LEU C 772 -17.87 -31.49 -30.36
N LYS C 773 -17.95 -31.52 -31.69
CA LYS C 773 -17.81 -32.76 -32.45
C LYS C 773 -18.72 -33.85 -31.89
N GLN C 774 -19.97 -33.48 -31.59
CA GLN C 774 -20.89 -34.44 -30.98
C GLN C 774 -21.05 -35.67 -31.87
N SER C 775 -21.11 -35.48 -33.18
CA SER C 775 -21.23 -36.62 -34.09
C SER C 775 -20.00 -37.53 -33.99
N ALA C 776 -18.81 -36.95 -33.90
CA ALA C 776 -17.58 -37.72 -33.81
C ALA C 776 -17.27 -38.21 -32.41
N THR C 777 -18.09 -37.85 -31.42
CA THR C 777 -17.94 -38.35 -30.06
C THR C 777 -18.80 -39.59 -29.87
N ASP C 778 -18.82 -40.09 -28.64
CA ASP C 778 -19.58 -41.30 -28.31
C ASP C 778 -19.87 -41.28 -26.82
N PRO C 779 -20.80 -42.11 -26.35
CA PRO C 779 -21.04 -42.17 -24.91
C PRO C 779 -19.78 -42.46 -24.10
N ARG C 780 -18.91 -43.32 -24.62
CA ARG C 780 -17.57 -43.50 -24.05
C ARG C 780 -16.72 -42.34 -24.56
N THR C 781 -16.84 -41.21 -23.88
CA THR C 781 -16.27 -39.96 -24.37
C THR C 781 -14.76 -40.07 -24.53
N GLY C 782 -14.25 -39.53 -25.63
CA GLY C 782 -12.83 -39.54 -25.90
C GLY C 782 -12.54 -39.50 -27.39
N ARG D 27 11.91 39.74 48.63
CA ARG D 27 12.29 39.89 47.24
C ARG D 27 12.86 38.59 46.71
N LYS D 28 12.88 38.44 45.38
CA LYS D 28 13.40 37.21 44.78
C LYS D 28 14.82 36.92 45.24
N SER D 29 15.62 37.97 45.46
CA SER D 29 16.95 37.76 46.01
C SER D 29 16.89 37.08 47.37
N GLN D 30 15.90 37.45 48.18
CA GLN D 30 15.74 36.80 49.48
C GLN D 30 15.42 35.31 49.31
N LEU D 31 14.54 34.98 48.35
CA LEU D 31 14.22 33.58 48.12
C LEU D 31 15.45 32.80 47.66
N GLN D 32 16.23 33.39 46.76
CA GLN D 32 17.46 32.72 46.31
C GLN D 32 18.44 32.56 47.45
N ARG D 33 18.54 33.56 48.32
CA ARG D 33 19.39 33.44 49.49
C ARG D 33 18.94 32.30 50.40
N ARG D 34 17.63 32.17 50.61
CA ARG D 34 17.11 31.08 51.43
C ARG D 34 17.40 29.73 50.79
N PHE D 35 17.27 29.63 49.47
CA PHE D 35 17.63 28.40 48.79
C PHE D 35 19.12 28.10 48.96
N LYS D 36 19.96 29.13 48.89
CA LYS D 36 21.38 28.95 49.14
C LYS D 36 21.63 28.42 50.54
N GLU D 37 20.94 28.98 51.54
CA GLU D 37 21.10 28.50 52.90
C GLU D 37 20.67 27.05 53.02
N PHE D 38 19.55 26.69 52.39
CA PHE D 38 19.08 25.31 52.44
C PHE D 38 20.10 24.36 51.83
N LEU D 39 20.66 24.73 50.69
CA LEU D 39 21.64 23.86 50.03
C LEU D 39 22.92 23.76 50.86
N ARG D 40 23.39 24.87 51.42
CA ARG D 40 24.67 24.87 52.12
C ARG D 40 24.58 24.23 53.50
N GLN D 41 23.43 24.28 54.16
CA GLN D 41 23.34 23.94 55.58
C GLN D 41 22.36 22.83 55.91
N TYR D 42 21.69 22.21 54.92
CA TYR D 42 20.85 21.06 55.22
C TYR D 42 21.73 19.87 55.58
N ARG D 43 21.43 19.25 56.70
CA ARG D 43 22.25 18.20 57.28
C ARG D 43 21.44 16.91 57.41
N VAL D 44 22.13 15.81 57.71
CA VAL D 44 21.47 14.53 57.92
C VAL D 44 22.44 13.55 58.58
N PHE D 51 26.94 13.51 61.67
CA PHE D 51 26.13 14.25 60.72
C PHE D 51 26.87 14.50 59.41
N THR D 52 26.13 14.96 58.41
CA THR D 52 26.72 15.25 57.10
C THR D 52 25.76 16.15 56.33
N PHE D 53 26.33 17.08 55.56
CA PHE D 53 25.55 17.94 54.67
C PHE D 53 25.40 17.21 53.33
N LYS D 54 24.21 16.68 53.08
CA LYS D 54 24.00 15.87 51.87
C LYS D 54 24.23 16.68 50.61
N TYR D 55 23.57 17.84 50.50
CA TYR D 55 23.56 18.56 49.23
C TYR D 55 24.89 19.25 48.95
N ARG D 56 25.59 19.75 49.97
CA ARG D 56 26.90 20.37 49.75
C ARG D 56 27.86 19.35 49.17
N ASP D 57 27.96 18.17 49.79
CA ASP D 57 28.84 17.13 49.30
C ASP D 57 28.38 16.59 47.96
N GLU D 58 27.07 16.51 47.73
CA GLU D 58 26.57 16.07 46.44
C GLU D 58 27.00 17.04 45.34
N LEU D 59 26.92 18.34 45.61
CA LEU D 59 27.41 19.32 44.66
C LEU D 59 28.90 19.14 44.42
N LYS D 60 29.68 18.98 45.50
CA LYS D 60 31.11 18.75 45.34
C LYS D 60 31.37 17.60 44.38
N ARG D 61 30.80 16.44 44.68
CA ARG D 61 31.12 15.24 43.93
C ARG D 61 30.62 15.34 42.49
N HIS D 62 29.41 15.85 42.29
CA HIS D 62 28.86 15.95 40.95
C HIS D 62 29.67 16.91 40.09
N TYR D 63 29.98 18.10 40.62
CA TYR D 63 30.76 19.04 39.83
C TYR D 63 32.15 18.50 39.54
N ASN D 64 32.78 17.85 40.53
CA ASN D 64 34.08 17.24 40.28
C ASN D 64 33.97 16.16 39.20
N LEU D 65 32.92 15.34 39.26
CA LEU D 65 32.66 14.35 38.24
C LEU D 65 32.20 14.95 36.93
N GLY D 66 31.89 16.25 36.90
CA GLY D 66 31.42 16.88 35.68
C GLY D 66 29.95 16.71 35.42
N GLU D 67 29.21 16.12 36.35
CA GLU D 67 27.78 15.91 36.14
C GLU D 67 27.03 17.24 36.02
N TYR D 68 27.38 18.22 36.83
CA TYR D 68 26.78 19.55 36.75
C TYR D 68 25.25 19.47 36.87
N TRP D 69 24.79 18.55 37.71
CA TRP D 69 23.37 18.46 38.01
C TRP D 69 23.22 17.79 39.37
N ILE D 70 22.04 17.95 39.97
CA ILE D 70 21.74 17.37 41.28
C ILE D 70 20.29 16.94 41.32
N GLU D 71 19.98 16.08 42.30
CA GLU D 71 18.63 15.59 42.53
C GLU D 71 18.20 16.05 43.92
N VAL D 72 17.30 17.02 43.97
CA VAL D 72 16.87 17.64 45.21
C VAL D 72 15.62 16.92 45.70
N GLU D 73 15.68 16.36 46.90
CA GLU D 73 14.53 15.71 47.50
C GLU D 73 13.54 16.77 47.98
N MET D 74 12.31 16.70 47.49
CA MET D 74 11.33 17.72 47.81
C MET D 74 11.04 17.78 49.30
N GLU D 75 10.96 16.62 49.96
CA GLU D 75 10.61 16.60 51.37
C GLU D 75 11.68 17.28 52.22
N ASP D 76 12.96 17.13 51.87
CA ASP D 76 14.00 17.82 52.62
C ASP D 76 13.85 19.34 52.49
N LEU D 77 13.57 19.81 51.26
CA LEU D 77 13.34 21.23 51.06
C LEU D 77 12.16 21.71 51.90
N ALA D 78 11.06 20.95 51.89
CA ALA D 78 9.88 21.35 52.66
C ALA D 78 10.19 21.38 54.16
N SER D 79 10.90 20.37 54.67
CA SER D 79 11.21 20.33 56.09
C SER D 79 12.13 21.49 56.48
N PHE D 80 13.19 21.71 55.71
CA PHE D 80 14.12 22.79 56.04
C PHE D 80 13.43 24.15 55.99
N ASP D 81 12.69 24.40 54.91
CA ASP D 81 11.93 25.64 54.75
C ASP D 81 10.67 25.30 53.95
N GLU D 82 9.56 25.06 54.65
CA GLU D 82 8.34 24.63 54.00
C GLU D 82 7.81 25.67 53.02
N ASP D 83 8.07 26.95 53.28
CA ASP D 83 7.61 27.99 52.38
C ASP D 83 8.21 27.82 50.99
N LEU D 84 9.50 27.47 50.91
CA LEU D 84 10.13 27.26 49.62
C LEU D 84 9.43 26.14 48.84
N ALA D 85 9.16 25.02 49.52
CA ALA D 85 8.49 23.91 48.85
C ALA D 85 7.08 24.30 48.39
N ASP D 86 6.35 25.03 49.23
CA ASP D 86 5.01 25.47 48.83
C ASP D 86 5.10 26.38 47.61
N TYR D 87 6.05 27.31 47.61
CA TYR D 87 6.25 28.17 46.45
C TYR D 87 6.54 27.35 45.21
N LEU D 88 7.44 26.36 45.33
CA LEU D 88 7.73 25.49 44.19
C LEU D 88 6.46 24.82 43.68
N TYR D 89 5.64 24.30 44.58
CA TYR D 89 4.42 23.62 44.16
C TYR D 89 3.43 24.58 43.52
N LYS D 90 3.46 25.86 43.90
CA LYS D 90 2.49 26.82 43.37
C LYS D 90 3.04 27.61 42.19
N GLN D 91 4.33 27.96 42.22
CA GLN D 91 4.98 28.71 41.15
C GLN D 91 6.32 28.08 40.82
N PRO D 92 6.30 26.89 40.20
CA PRO D 92 7.57 26.24 39.85
C PRO D 92 8.43 27.05 38.88
N ALA D 93 7.81 27.78 37.96
CA ALA D 93 8.55 28.31 36.81
C ALA D 93 9.75 29.13 37.24
N GLU D 94 9.54 30.13 38.10
CA GLU D 94 10.64 31.02 38.48
C GLU D 94 11.34 30.57 39.76
N HIS D 95 10.64 29.86 40.64
CA HIS D 95 11.29 29.37 41.85
C HIS D 95 12.33 28.30 41.53
N LEU D 96 12.08 27.48 40.51
CA LEU D 96 13.11 26.55 40.09
C LEU D 96 14.31 27.26 39.48
N GLN D 97 14.07 28.36 38.75
CA GLN D 97 15.18 29.16 38.26
C GLN D 97 16.01 29.72 39.41
N LEU D 98 15.34 30.23 40.44
CA LEU D 98 16.04 30.72 41.61
C LEU D 98 16.85 29.61 42.28
N LEU D 99 16.24 28.43 42.40
CA LEU D 99 16.96 27.31 43.01
C LEU D 99 18.17 26.90 42.18
N GLU D 100 18.03 26.89 40.85
CA GLU D 100 19.17 26.56 40.00
C GLU D 100 20.28 27.58 40.14
N GLU D 101 19.94 28.86 40.18
CA GLU D 101 20.95 29.89 40.37
C GLU D 101 21.65 29.73 41.72
N ALA D 102 20.87 29.45 42.77
CA ALA D 102 21.46 29.25 44.09
C ALA D 102 22.39 28.04 44.09
N ALA D 103 21.97 26.95 43.44
CA ALA D 103 22.82 25.76 43.36
C ALA D 103 24.11 26.06 42.60
N LYS D 104 24.00 26.84 41.52
CA LYS D 104 25.20 27.22 40.78
C LYS D 104 26.16 28.01 41.66
N GLU D 105 25.64 28.98 42.42
CA GLU D 105 26.49 29.78 43.29
C GLU D 105 27.09 28.92 44.39
N VAL D 106 26.32 27.99 44.96
CA VAL D 106 26.84 27.12 46.02
C VAL D 106 27.93 26.21 45.46
N ALA D 107 27.73 25.68 44.26
CA ALA D 107 28.74 24.84 43.64
C ALA D 107 30.03 25.63 43.42
N ASP D 108 29.90 26.88 42.97
CA ASP D 108 31.08 27.72 42.86
C ASP D 108 31.76 27.89 44.22
N GLU D 109 30.96 28.15 45.26
CA GLU D 109 31.52 28.35 46.59
C GLU D 109 32.20 27.10 47.12
N VAL D 110 31.79 25.91 46.66
CA VAL D 110 32.37 24.67 47.15
C VAL D 110 33.46 24.12 46.24
N THR D 111 33.48 24.52 44.95
CA THR D 111 34.47 23.98 44.02
C THR D 111 35.06 25.08 43.13
N ARG D 112 35.20 26.29 43.67
CA ARG D 112 35.77 27.38 42.87
C ARG D 112 37.18 27.09 42.37
N PRO D 113 38.11 26.52 43.16
CA PRO D 113 39.48 26.35 42.64
C PRO D 113 39.57 25.26 41.59
N ARG D 114 39.76 25.66 40.34
CA ARG D 114 39.83 24.74 39.21
C ARG D 114 41.04 25.04 38.35
N PRO D 115 41.57 24.05 37.63
CA PRO D 115 42.70 24.30 36.75
C PRO D 115 42.31 25.19 35.58
N SER D 116 43.30 25.90 35.04
CA SER D 116 43.06 26.79 33.92
C SER D 116 42.47 26.02 32.74
N GLY D 117 41.50 26.64 32.06
CA GLY D 117 40.80 26.03 30.96
C GLY D 117 39.42 25.52 31.28
N GLU D 118 39.09 25.40 32.57
CA GLU D 118 37.74 24.99 32.98
C GLU D 118 37.23 25.79 34.17
N GLU D 119 37.93 26.85 34.58
CA GLU D 119 37.53 27.61 35.76
C GLU D 119 36.16 28.25 35.60
N VAL D 120 35.72 28.48 34.37
CA VAL D 120 34.41 29.08 34.12
C VAL D 120 33.35 28.24 34.80
N LEU D 121 32.53 28.89 35.62
CA LEU D 121 31.48 28.17 36.34
C LEU D 121 30.43 27.63 35.35
N GLN D 122 29.84 26.51 35.72
CA GLN D 122 28.88 25.80 34.87
C GLN D 122 27.52 25.81 35.52
N ASP D 123 26.48 26.17 34.75
CA ASP D 123 25.13 26.09 35.24
C ASP D 123 24.80 24.66 35.63
N ILE D 124 23.80 24.50 36.49
CA ILE D 124 23.48 23.21 37.09
C ILE D 124 21.98 22.98 36.93
N GLN D 125 21.63 21.90 36.24
CA GLN D 125 20.23 21.47 36.20
C GLN D 125 19.86 20.83 37.52
N VAL D 126 18.71 21.23 38.07
CA VAL D 126 18.28 20.75 39.37
C VAL D 126 17.03 19.89 39.22
N MET D 127 17.21 18.59 39.06
CA MET D 127 16.10 17.66 39.10
C MET D 127 15.57 17.57 40.53
N LEU D 128 14.25 17.44 40.65
CA LEU D 128 13.59 17.35 41.94
C LEU D 128 12.70 16.12 41.97
N LYS D 129 12.70 15.42 43.10
CA LYS D 129 11.86 14.25 43.30
C LYS D 129 11.18 14.34 44.67
N SER D 130 10.17 13.50 44.85
CA SER D 130 9.43 13.46 46.10
C SER D 130 8.79 12.10 46.25
N ASP D 131 8.40 11.79 47.49
CA ASP D 131 7.72 10.54 47.81
C ASP D 131 6.21 10.66 47.69
N ALA D 132 5.69 11.84 47.36
CA ALA D 132 4.25 12.01 47.22
C ALA D 132 3.71 11.05 46.15
N SER D 133 2.59 10.42 46.47
CA SER D 133 1.99 9.48 45.53
C SER D 133 1.57 10.24 44.26
N PRO D 134 1.76 9.66 43.08
CA PRO D 134 1.43 10.39 41.84
C PRO D 134 -0.07 10.56 41.68
N SER D 135 -0.44 11.60 40.94
CA SER D 135 -1.83 11.88 40.64
C SER D 135 -2.19 11.34 39.26
N SER D 136 -3.35 10.69 39.17
CA SER D 136 -3.76 10.10 37.91
C SER D 136 -3.87 11.16 36.83
N ILE D 137 -3.51 10.78 35.60
CA ILE D 137 -3.50 11.73 34.50
C ILE D 137 -4.88 12.36 34.31
N ARG D 138 -5.94 11.63 34.68
CA ARG D 138 -7.29 12.15 34.52
C ARG D 138 -7.55 13.37 35.41
N SER D 139 -6.73 13.60 36.42
CA SER D 139 -6.91 14.73 37.32
C SER D 139 -6.15 15.97 36.87
N LEU D 140 -5.51 15.93 35.71
CA LEU D 140 -4.80 17.09 35.17
C LEU D 140 -5.79 17.98 34.41
N LYS D 141 -6.61 18.68 35.17
CA LYS D 141 -7.59 19.60 34.61
C LYS D 141 -6.90 20.92 34.26
N SER D 142 -7.69 21.92 33.88
CA SER D 142 -7.11 23.22 33.52
C SER D 142 -6.48 23.90 34.72
N ASP D 143 -7.11 23.78 35.90
CA ASP D 143 -6.62 24.51 37.08
C ASP D 143 -5.16 24.17 37.37
N MET D 144 -4.80 22.89 37.33
CA MET D 144 -3.41 22.50 37.61
C MET D 144 -2.42 23.06 36.59
N MET D 145 -2.81 23.83 35.58
CA MET D 145 -1.84 24.42 34.67
C MET D 145 -0.83 25.26 35.44
N SER D 146 0.44 25.11 35.07
CA SER D 146 1.56 25.85 35.63
C SER D 146 1.89 25.44 37.06
N HIS D 147 1.23 24.42 37.59
CA HIS D 147 1.59 23.83 38.87
C HIS D 147 2.50 22.63 38.67
N LEU D 148 3.24 22.30 39.72
CA LEU D 148 4.07 21.11 39.71
C LEU D 148 3.18 19.87 39.91
N VAL D 149 3.24 18.95 38.96
CA VAL D 149 2.33 17.81 38.90
C VAL D 149 3.14 16.53 38.79
N LYS D 150 2.73 15.51 39.55
CA LYS D 150 3.36 14.20 39.55
C LYS D 150 2.37 13.19 39.01
N ILE D 151 2.71 12.55 37.89
CA ILE D 151 1.79 11.61 37.24
C ILE D 151 2.54 10.36 36.84
N PRO D 152 1.84 9.23 36.80
CA PRO D 152 2.43 8.00 36.29
C PRO D 152 2.10 7.82 34.81
N GLY D 153 2.82 6.90 34.18
CA GLY D 153 2.50 6.57 32.80
C GLY D 153 3.48 5.59 32.22
N ILE D 154 3.31 5.32 30.93
CA ILE D 154 4.17 4.44 30.16
C ILE D 154 4.60 5.20 28.92
N ILE D 155 5.91 5.39 28.75
CA ILE D 155 6.43 6.17 27.63
C ILE D 155 6.43 5.28 26.38
N ILE D 156 5.68 5.71 25.36
CA ILE D 156 5.53 4.92 24.15
C ILE D 156 6.35 5.46 22.98
N ALA D 157 7.06 6.58 23.15
CA ALA D 157 7.88 7.12 22.09
C ALA D 157 8.77 8.21 22.67
N ALA D 158 10.03 8.22 22.23
CA ALA D 158 11.01 9.21 22.65
C ALA D 158 11.72 9.74 21.41
N SER D 159 11.80 11.06 21.30
CA SER D 159 12.45 11.67 20.16
C SER D 159 13.96 11.76 20.41
N ALA D 160 14.70 11.98 19.34
CA ALA D 160 16.15 12.04 19.41
C ALA D 160 16.59 13.31 20.14
N VAL D 161 17.77 13.22 20.77
CA VAL D 161 18.34 14.38 21.43
C VAL D 161 18.71 15.42 20.38
N ARG D 162 18.38 16.68 20.65
CA ARG D 162 18.55 17.76 19.69
C ARG D 162 19.10 18.96 20.43
N ALA D 163 19.09 20.12 19.76
CA ALA D 163 19.68 21.34 20.29
C ALA D 163 18.60 22.39 20.45
N LYS D 164 18.47 22.92 21.67
CA LYS D 164 17.66 24.09 21.95
C LYS D 164 18.56 25.17 22.54
N ALA D 165 18.39 26.41 22.09
CA ALA D 165 19.28 27.49 22.44
C ALA D 165 18.87 28.09 23.77
N THR D 166 19.80 28.15 24.72
CA THR D 166 19.54 28.83 25.98
C THR D 166 20.02 30.27 25.94
N ARG D 167 21.07 30.54 25.16
CA ARG D 167 21.61 31.88 24.98
C ARG D 167 21.93 32.09 23.51
N ILE D 168 21.26 33.04 22.87
CA ILE D 168 21.45 33.33 21.46
C ILE D 168 22.00 34.74 21.32
N SER D 169 22.67 34.97 20.19
CA SER D 169 23.16 36.29 19.82
C SER D 169 22.60 36.65 18.44
N ILE D 170 22.14 37.88 18.30
CA ILE D 170 21.55 38.37 17.06
C ILE D 170 22.39 39.55 16.57
N GLN D 171 22.74 39.54 15.29
CA GLN D 171 23.53 40.60 14.69
C GLN D 171 22.68 41.34 13.66
N CYS D 172 22.71 42.67 13.72
CA CYS D 172 22.02 43.48 12.73
C CYS D 172 22.63 43.26 11.36
N ARG D 173 21.77 43.26 10.34
CA ARG D 173 22.26 43.13 8.97
C ARG D 173 22.89 44.43 8.49
N SER D 174 22.33 45.57 8.89
CA SER D 174 22.82 46.86 8.40
C SER D 174 24.00 47.35 9.23
N CYS D 175 23.78 47.59 10.53
CA CYS D 175 24.83 48.12 11.38
C CYS D 175 25.79 47.06 11.88
N ARG D 176 25.48 45.78 11.70
CA ARG D 176 26.35 44.67 12.09
C ARG D 176 26.73 44.73 13.56
N ASN D 177 25.94 45.41 14.39
CA ASN D 177 26.12 45.34 15.82
C ASN D 177 25.56 44.02 16.35
N THR D 178 25.85 43.73 17.61
CA THR D 178 25.45 42.48 18.24
C THR D 178 24.72 42.75 19.54
N LEU D 179 23.82 41.83 19.89
CA LEU D 179 23.02 41.92 21.10
C LEU D 179 23.21 40.64 21.92
N THR D 180 24.46 40.24 22.11
CA THR D 180 24.80 38.95 22.69
C THR D 180 24.04 38.68 23.99
N ASN D 181 23.92 37.40 24.35
CA ASN D 181 23.29 36.96 25.59
C ASN D 181 21.84 37.44 25.68
N ILE D 182 21.03 36.94 24.75
CA ILE D 182 19.59 37.11 24.81
C ILE D 182 19.03 35.90 25.53
N ALA D 183 18.60 36.08 26.77
CA ALA D 183 18.08 34.96 27.55
C ALA D 183 16.92 34.30 26.83
N MET D 184 16.95 32.98 26.75
CA MET D 184 15.91 32.19 26.12
C MET D 184 15.15 31.41 27.17
N ARG D 185 13.82 31.43 27.07
CA ARG D 185 12.99 30.70 28.02
C ARG D 185 13.07 29.21 27.77
N PRO D 186 12.99 28.39 28.83
CA PRO D 186 12.95 26.95 28.65
C PRO D 186 11.56 26.48 28.22
N GLY D 187 11.48 25.20 27.90
CA GLY D 187 10.23 24.62 27.44
C GLY D 187 9.94 24.99 26.00
N LEU D 188 8.80 24.52 25.51
CA LEU D 188 8.38 24.79 24.14
C LEU D 188 7.85 26.23 24.06
N GLU D 189 8.78 27.17 24.19
CA GLU D 189 8.48 28.59 24.13
C GLU D 189 9.53 29.25 23.25
N GLY D 190 9.18 29.51 22.00
CA GLY D 190 10.10 30.15 21.08
C GLY D 190 10.37 31.59 21.45
N TYR D 191 10.87 32.38 20.51
CA TYR D 191 11.25 33.75 20.80
C TYR D 191 11.17 34.57 19.52
N ALA D 192 10.76 35.83 19.66
CA ALA D 192 10.56 36.73 18.54
C ALA D 192 11.74 37.70 18.46
N LEU D 193 12.31 37.85 17.28
CA LEU D 193 13.47 38.71 17.12
C LEU D 193 13.06 40.18 17.20
N PRO D 194 13.97 41.05 17.64
CA PRO D 194 13.64 42.48 17.67
C PRO D 194 13.41 43.04 16.28
N ARG D 195 12.52 44.04 16.20
CA ARG D 195 12.18 44.68 14.94
C ARG D 195 13.06 45.89 14.64
N LYS D 196 13.53 46.60 15.67
CA LYS D 196 14.27 47.84 15.49
C LYS D 196 15.66 47.68 16.07
N CYS D 197 16.67 48.04 15.29
CA CYS D 197 18.06 48.00 15.74
C CYS D 197 18.23 48.75 17.06
N PRO D 208 17.33 49.16 8.65
CA PRO D 208 15.98 48.74 8.27
C PRO D 208 15.15 48.28 9.47
N LEU D 209 14.07 47.56 9.21
CA LEU D 209 13.26 46.98 10.26
C LEU D 209 13.35 45.46 10.19
N ASP D 210 13.47 44.83 11.35
CA ASP D 210 13.81 43.42 11.46
C ASP D 210 15.16 43.17 10.77
N PRO D 211 16.21 43.88 11.18
CA PRO D 211 17.52 43.72 10.53
C PRO D 211 18.40 42.63 11.12
N TYR D 212 17.92 41.86 12.08
CA TYR D 212 18.75 40.94 12.85
C TYR D 212 18.71 39.54 12.26
N PHE D 213 19.85 38.85 12.35
CA PHE D 213 19.93 37.43 12.03
C PHE D 213 20.75 36.73 13.10
N ILE D 214 20.47 35.43 13.26
CA ILE D 214 21.09 34.63 14.31
C ILE D 214 22.40 34.06 13.79
N MET D 215 23.45 34.16 14.62
CA MET D 215 24.73 33.55 14.32
C MET D 215 24.79 32.18 14.98
N PRO D 216 24.74 31.08 14.23
CA PRO D 216 24.78 29.76 14.88
C PRO D 216 26.04 29.52 15.68
N ASP D 217 27.18 30.05 15.23
CA ASP D 217 28.47 29.76 15.86
C ASP D 217 28.64 30.42 17.23
N LYS D 218 27.75 31.33 17.62
CA LYS D 218 27.91 32.07 18.87
C LYS D 218 26.83 31.76 19.90
N CYS D 219 25.83 30.94 19.58
CA CYS D 219 24.70 30.68 20.46
C CYS D 219 24.92 29.40 21.23
N LYS D 220 24.70 29.44 22.54
CA LYS D 220 24.82 28.27 23.40
C LYS D 220 23.48 27.55 23.47
N CYS D 221 23.51 26.24 23.24
CA CYS D 221 22.32 25.40 23.32
C CYS D 221 22.61 24.21 24.22
N VAL D 222 21.57 23.44 24.51
CA VAL D 222 21.64 22.29 25.40
C VAL D 222 20.81 21.16 24.80
N ASP D 223 20.83 20.03 25.48
CA ASP D 223 20.07 18.87 25.03
C ASP D 223 18.58 19.19 25.01
N PHE D 224 17.83 18.33 24.32
CA PHE D 224 16.40 18.57 24.13
C PHE D 224 15.73 17.30 23.63
N GLN D 225 14.55 17.01 24.17
CA GLN D 225 13.85 15.80 23.80
C GLN D 225 12.37 15.85 24.12
N THR D 226 11.55 15.24 23.28
CA THR D 226 10.11 15.19 23.46
C THR D 226 9.66 13.73 23.52
N LEU D 227 8.82 13.41 24.50
CA LEU D 227 8.36 12.05 24.74
C LEU D 227 6.84 12.02 24.76
N LYS D 228 6.28 10.86 24.46
CA LYS D 228 4.84 10.64 24.54
C LYS D 228 4.54 9.71 25.71
N LEU D 229 3.71 10.17 26.64
CA LEU D 229 3.36 9.42 27.84
C LEU D 229 1.90 9.01 27.77
N GLN D 230 1.65 7.72 27.82
CA GLN D 230 0.29 7.18 27.85
C GLN D 230 -0.06 6.76 29.27
N GLU D 231 -1.34 6.85 29.59
CA GLU D 231 -1.80 6.43 30.91
C GLU D 231 -1.53 4.94 31.10
N LEU D 232 -1.18 4.57 32.33
CA LEU D 232 -0.94 3.17 32.63
C LEU D 232 -2.20 2.37 32.34
N PRO D 233 -2.10 1.25 31.61
CA PRO D 233 -3.33 0.52 31.23
C PRO D 233 -4.16 0.08 32.42
N ASP D 234 -3.54 -0.15 33.59
CA ASP D 234 -4.31 -0.53 34.76
C ASP D 234 -5.25 0.60 35.19
N ALA D 235 -4.78 1.84 35.15
CA ALA D 235 -5.58 2.96 35.61
C ALA D 235 -6.67 3.36 34.61
N VAL D 236 -6.55 2.95 33.35
CA VAL D 236 -7.57 3.31 32.37
C VAL D 236 -8.91 2.70 32.78
N PRO D 237 -10.00 3.47 32.82
CA PRO D 237 -11.31 2.86 33.12
C PRO D 237 -11.64 1.72 32.18
N HIS D 238 -12.59 0.87 32.55
CA HIS D 238 -12.84 -0.37 31.83
C HIS D 238 -13.14 -0.11 30.36
N GLY D 239 -14.28 0.54 30.07
CA GLY D 239 -14.57 0.95 28.71
C GLY D 239 -14.17 2.39 28.50
N GLU D 240 -12.96 2.62 28.00
CA GLU D 240 -12.43 3.98 27.95
C GLU D 240 -11.10 3.96 27.20
N MET D 241 -10.86 5.03 26.44
CA MET D 241 -9.57 5.17 25.76
C MET D 241 -8.50 5.61 26.75
N PRO D 242 -7.24 5.25 26.53
CA PRO D 242 -6.16 5.81 27.35
C PRO D 242 -5.85 7.23 26.95
N ARG D 243 -5.69 8.10 27.94
CA ARG D 243 -5.31 9.48 27.69
C ARG D 243 -3.82 9.58 27.42
N HIS D 244 -3.37 10.77 27.04
CA HIS D 244 -1.97 10.98 26.67
C HIS D 244 -1.48 12.32 27.21
N MET D 245 -0.17 12.48 27.17
CA MET D 245 0.48 13.73 27.51
C MET D 245 1.82 13.78 26.79
N GLN D 246 2.34 14.98 26.62
CA GLN D 246 3.61 15.19 25.96
C GLN D 246 4.63 15.70 26.98
N LEU D 247 5.70 14.94 27.15
CA LEU D 247 6.77 15.28 28.08
C LEU D 247 7.89 15.99 27.33
N TYR D 248 8.53 16.95 28.01
CA TYR D 248 9.64 17.70 27.45
C TYR D 248 10.81 17.59 28.43
N CYS D 249 11.89 16.97 27.99
CA CYS D 249 13.07 16.77 28.84
C CYS D 249 14.01 17.96 28.67
N ASP D 250 15.23 17.83 29.21
CA ASP D 250 16.15 18.95 29.26
C ASP D 250 17.57 18.39 29.34
N ARG D 251 18.53 19.25 29.72
CA ARG D 251 19.95 18.96 29.59
C ARG D 251 20.32 17.52 29.92
N TYR D 252 20.08 17.11 31.16
CA TYR D 252 20.48 15.78 31.62
C TYR D 252 19.31 14.81 31.72
N LEU D 253 18.09 15.26 31.48
CA LEU D 253 16.95 14.37 31.47
C LEU D 253 16.75 13.66 30.14
N CYS D 254 17.42 14.13 29.07
CA CYS D 254 17.31 13.47 27.77
C CYS D 254 17.88 12.06 27.84
N ASP D 255 17.14 11.11 27.25
CA ASP D 255 17.56 9.71 27.14
C ASP D 255 17.73 9.04 28.49
N LYS D 256 17.17 9.60 29.56
CA LYS D 256 17.11 8.87 30.82
C LYS D 256 16.06 7.78 30.81
N VAL D 257 15.18 7.77 29.80
CA VAL D 257 14.15 6.75 29.65
C VAL D 257 14.12 6.32 28.19
N VAL D 258 13.58 5.14 27.95
CA VAL D 258 13.38 4.63 26.60
C VAL D 258 11.94 4.17 26.48
N PRO D 259 11.35 4.17 25.29
CA PRO D 259 9.94 3.78 25.17
C PRO D 259 9.69 2.41 25.75
N GLY D 260 8.57 2.27 26.46
CA GLY D 260 8.22 1.07 27.17
C GLY D 260 8.45 1.14 28.68
N ASN D 261 9.27 2.09 29.14
CA ASN D 261 9.49 2.24 30.57
C ASN D 261 8.21 2.66 31.27
N ARG D 262 8.01 2.15 32.48
CA ARG D 262 6.94 2.62 33.35
C ARG D 262 7.51 3.71 34.24
N VAL D 263 7.01 4.93 34.09
CA VAL D 263 7.68 6.11 34.59
C VAL D 263 6.74 6.92 35.47
N THR D 264 7.33 7.62 36.43
CA THR D 264 6.67 8.64 37.22
C THR D 264 7.36 9.97 36.95
N ILE D 265 6.57 10.96 36.52
CA ILE D 265 7.09 12.23 36.04
C ILE D 265 6.59 13.34 36.95
N MET D 266 7.51 14.16 37.42
CA MET D 266 7.21 15.36 38.19
C MET D 266 7.64 16.55 37.35
N GLY D 267 6.66 17.32 36.86
CA GLY D 267 6.97 18.41 35.97
C GLY D 267 6.04 19.60 36.08
N ILE D 268 6.20 20.57 35.19
CA ILE D 268 5.42 21.80 35.21
C ILE D 268 4.40 21.70 34.08
N TYR D 269 3.12 21.59 34.44
CA TYR D 269 2.05 21.53 33.45
C TYR D 269 2.04 22.85 32.68
N SER D 270 2.43 22.80 31.40
CA SER D 270 2.63 24.02 30.63
C SER D 270 2.06 23.86 29.23
N ILE D 271 1.73 25.00 28.61
CA ILE D 271 1.24 25.03 27.25
C ILE D 271 2.32 25.62 26.35
N LYS D 272 2.23 25.29 25.06
CA LYS D 272 3.15 25.89 24.09
C LYS D 272 2.93 27.39 24.03
N LYS D 273 4.02 28.13 23.82
CA LYS D 273 3.99 29.59 23.68
C LYS D 273 4.78 29.92 22.41
N PHE D 274 4.10 29.88 21.27
CA PHE D 274 4.72 30.09 19.96
C PHE D 274 3.97 31.21 19.25
N GLY D 275 4.34 32.45 19.55
CA GLY D 275 3.79 33.59 18.83
C GLY D 275 2.29 33.57 18.69
N LEU D 276 1.59 33.16 19.76
CA LEU D 276 0.13 32.99 19.77
C LEU D 276 -0.50 32.90 18.39
N VAL D 285 -13.25 23.98 15.34
CA VAL D 285 -14.12 24.97 15.99
C VAL D 285 -13.50 25.43 17.29
N GLY D 286 -12.54 24.67 17.81
CA GLY D 286 -11.86 25.05 19.02
C GLY D 286 -11.19 26.40 18.88
N VAL D 287 -11.46 27.29 19.84
CA VAL D 287 -10.93 28.64 19.82
C VAL D 287 -10.12 28.88 21.08
N GLY D 288 -8.94 29.47 20.93
CA GLY D 288 -8.08 29.71 22.07
C GLY D 288 -7.67 28.46 22.80
N ILE D 289 -7.40 27.38 22.07
CA ILE D 289 -6.91 26.14 22.66
C ILE D 289 -5.42 26.04 22.36
N ARG D 290 -4.62 25.95 23.41
CA ARG D 290 -3.18 25.84 23.29
C ARG D 290 -2.78 24.44 23.74
N SER D 291 -2.16 23.68 22.84
CA SER D 291 -1.80 22.31 23.15
C SER D 291 -0.92 22.27 24.41
N SER D 292 -1.26 21.39 25.32
CA SER D 292 -0.62 21.34 26.63
C SER D 292 0.43 20.24 26.70
N TYR D 293 1.45 20.47 27.52
CA TYR D 293 2.55 19.53 27.67
C TYR D 293 3.13 19.69 29.07
N ILE D 294 3.91 18.69 29.47
CA ILE D 294 4.56 18.69 30.78
C ILE D 294 6.03 19.02 30.60
N ARG D 295 6.52 19.94 31.43
CA ARG D 295 7.96 20.22 31.47
C ARG D 295 8.59 19.27 32.48
N VAL D 296 9.31 18.26 31.97
CA VAL D 296 9.85 17.23 32.84
C VAL D 296 10.95 17.81 33.72
N LEU D 297 10.85 17.58 35.02
CA LEU D 297 11.87 17.99 35.99
C LEU D 297 12.41 16.82 36.78
N GLY D 298 11.58 15.83 37.10
CA GLY D 298 12.04 14.65 37.79
C GLY D 298 11.44 13.39 37.20
N ILE D 299 12.28 12.39 36.91
CA ILE D 299 11.87 11.14 36.31
C ILE D 299 12.27 10.00 37.23
N GLN D 300 11.33 9.09 37.51
CA GLN D 300 11.64 7.87 38.24
C GLN D 300 11.11 6.69 37.43
N VAL D 301 12.00 5.79 37.03
CA VAL D 301 11.63 4.64 36.22
C VAL D 301 11.27 3.49 37.15
N ASP D 302 10.00 3.08 37.12
CA ASP D 302 9.53 1.99 37.97
C ASP D 302 9.96 0.65 37.37
N THR D 303 9.49 -0.43 37.97
CA THR D 303 9.82 -1.77 37.50
C THR D 303 8.57 -2.63 37.39
N VAL D 314 26.89 -2.84 42.47
CA VAL D 314 27.27 -3.84 43.46
C VAL D 314 28.20 -3.21 44.50
N SER D 315 27.78 -3.25 45.76
CA SER D 315 28.58 -2.69 46.84
C SER D 315 29.69 -3.66 47.22
N PRO D 316 30.80 -3.14 47.77
CA PRO D 316 31.89 -4.05 48.18
C PRO D 316 31.46 -5.07 49.21
N GLN D 317 30.52 -4.72 50.08
CA GLN D 317 30.00 -5.70 51.02
C GLN D 317 29.40 -6.89 50.28
N GLU D 318 28.63 -6.63 49.23
CA GLU D 318 28.05 -7.72 48.45
C GLU D 318 29.10 -8.48 47.66
N GLU D 319 30.16 -7.81 47.22
CA GLU D 319 31.24 -8.52 46.55
C GLU D 319 31.91 -9.51 47.50
N GLU D 320 32.19 -9.08 48.73
CA GLU D 320 32.75 -10.00 49.72
C GLU D 320 31.77 -11.09 50.08
N GLU D 321 30.47 -10.77 50.11
CA GLU D 321 29.46 -11.79 50.36
C GLU D 321 29.50 -12.86 49.28
N PHE D 322 29.60 -12.46 48.01
CA PHE D 322 29.73 -13.42 46.92
C PHE D 322 31.01 -14.22 47.06
N ARG D 323 32.12 -13.56 47.41
CA ARG D 323 33.39 -14.25 47.58
C ARG D 323 33.26 -15.37 48.61
N ARG D 324 32.66 -15.06 49.77
CA ARG D 324 32.52 -16.09 50.79
C ARG D 324 31.50 -17.15 50.41
N LEU D 325 30.47 -16.76 49.65
CA LEU D 325 29.48 -17.74 49.20
C LEU D 325 30.12 -18.76 48.28
N ALA D 326 30.99 -18.30 47.37
CA ALA D 326 31.66 -19.23 46.46
C ALA D 326 32.61 -20.15 47.22
N ALA D 327 33.27 -19.65 48.26
CA ALA D 327 34.26 -20.43 48.99
C ALA D 327 33.65 -21.60 49.76
N LEU D 328 32.34 -21.66 49.90
CA LEU D 328 31.73 -22.73 50.67
C LEU D 328 32.06 -24.08 50.03
N PRO D 329 32.34 -25.11 50.83
CA PRO D 329 32.66 -26.42 50.22
C PRO D 329 31.53 -26.97 49.36
N ASN D 330 30.28 -26.73 49.74
CA ASN D 330 29.12 -27.27 49.05
C ASN D 330 28.36 -26.17 48.29
N VAL D 331 29.08 -25.16 47.80
CA VAL D 331 28.45 -24.09 47.05
C VAL D 331 27.59 -24.64 45.92
N TYR D 332 28.10 -25.69 45.26
CA TYR D 332 27.33 -26.30 44.18
C TYR D 332 26.01 -26.85 44.69
N GLU D 333 26.04 -27.53 45.84
CA GLU D 333 24.80 -28.11 46.36
C GLU D 333 23.79 -27.03 46.73
N VAL D 334 24.25 -25.97 47.40
CA VAL D 334 23.32 -24.93 47.84
C VAL D 334 22.74 -24.21 46.64
N ILE D 335 23.55 -23.99 45.60
CA ILE D 335 23.02 -23.39 44.37
C ILE D 335 22.02 -24.34 43.71
N SER D 336 22.33 -25.63 43.68
CA SER D 336 21.45 -26.60 43.04
C SER D 336 20.09 -26.64 43.71
N LYS D 337 20.06 -26.64 45.04
CA LYS D 337 18.80 -26.67 45.77
C LYS D 337 18.17 -25.30 45.92
N SER D 338 18.73 -24.26 45.30
CA SER D 338 18.29 -22.89 45.49
C SER D 338 17.77 -22.24 44.21
N ILE D 339 17.26 -23.02 43.26
CA ILE D 339 16.74 -22.48 42.02
C ILE D 339 15.24 -22.70 41.87
N ALA D 340 14.76 -23.92 42.12
CA ALA D 340 13.34 -24.24 42.03
C ALA D 340 12.94 -25.01 43.27
N PRO D 341 13.00 -24.37 44.44
CA PRO D 341 12.62 -25.08 45.68
C PRO D 341 11.17 -25.55 45.67
N SER D 342 10.28 -24.77 45.06
CA SER D 342 8.88 -25.19 45.00
C SER D 342 8.70 -26.45 44.17
N ILE D 343 9.45 -26.58 43.08
CA ILE D 343 9.35 -27.74 42.21
C ILE D 343 10.02 -28.93 42.90
N PHE D 344 9.37 -30.07 42.88
CA PHE D 344 9.86 -31.27 43.56
C PHE D 344 10.62 -32.17 42.60
N GLY D 345 11.77 -32.68 43.06
CA GLY D 345 12.54 -33.63 42.30
C GLY D 345 13.38 -32.99 41.22
N GLY D 346 13.92 -33.84 40.35
CA GLY D 346 14.73 -33.36 39.26
C GLY D 346 16.01 -32.68 39.68
N THR D 347 16.73 -33.28 40.63
CA THR D 347 17.96 -32.67 41.13
C THR D 347 18.99 -32.51 40.01
N ASP D 348 19.14 -33.53 39.17
CA ASP D 348 20.10 -33.44 38.07
C ASP D 348 19.73 -32.31 37.12
N MET D 349 18.44 -32.18 36.80
CA MET D 349 18.00 -31.10 35.93
C MET D 349 18.31 -29.74 36.54
N LYS D 350 18.10 -29.60 37.85
CA LYS D 350 18.40 -28.34 38.52
C LYS D 350 19.90 -28.03 38.49
N LYS D 351 20.73 -29.05 38.72
CA LYS D 351 22.17 -28.85 38.59
C LYS D 351 22.55 -28.40 37.19
N ALA D 352 21.96 -29.03 36.17
CA ALA D 352 22.25 -28.66 34.80
C ALA D 352 21.82 -27.23 34.51
N ILE D 353 20.68 -26.82 35.06
CA ILE D 353 20.19 -25.46 34.84
C ILE D 353 21.09 -24.45 35.53
N ALA D 354 21.61 -24.78 36.71
CA ALA D 354 22.58 -23.91 37.34
C ALA D 354 23.83 -23.76 36.47
N CYS D 355 24.32 -24.88 35.93
CA CYS D 355 25.48 -24.82 35.04
C CYS D 355 25.19 -23.95 33.84
N LEU D 356 24.00 -24.08 33.26
CA LEU D 356 23.61 -23.24 32.13
C LEU D 356 23.59 -21.76 32.53
N LEU D 357 23.04 -21.46 33.71
CA LEU D 357 22.98 -20.08 34.18
C LEU D 357 24.38 -19.48 34.27
N PHE D 358 25.33 -20.22 34.86
CA PHE D 358 26.67 -19.68 34.98
C PHE D 358 27.41 -19.69 33.66
N GLY D 359 27.09 -20.62 32.77
CA GLY D 359 27.69 -20.64 31.45
C GLY D 359 29.17 -20.94 31.46
N GLY D 360 29.73 -21.29 30.31
CA GLY D 360 31.15 -21.53 30.22
C GLY D 360 31.93 -20.25 30.04
N SER D 361 32.91 -20.25 29.15
CA SER D 361 33.71 -19.07 28.84
C SER D 361 33.81 -18.92 27.34
N ARG D 362 33.53 -17.73 26.84
CA ARG D 362 33.72 -17.44 25.42
C ARG D 362 35.20 -17.32 25.11
N LYS D 363 35.64 -18.01 24.07
CA LYS D 363 37.03 -18.00 23.65
C LYS D 363 37.12 -17.47 22.22
N ARG D 364 38.01 -16.50 22.01
CA ARG D 364 38.36 -16.04 20.68
C ARG D 364 39.82 -16.41 20.43
N LEU D 365 40.04 -17.30 19.46
CA LEU D 365 41.39 -17.76 19.17
C LEU D 365 42.17 -16.66 18.45
N PRO D 366 43.50 -16.78 18.42
CA PRO D 366 44.30 -15.75 17.73
C PRO D 366 43.90 -15.55 16.28
N ASP D 367 43.39 -16.59 15.62
CA ASP D 367 42.89 -16.43 14.26
C ASP D 367 41.61 -15.60 14.20
N GLY D 368 40.98 -15.33 15.34
CA GLY D 368 39.76 -14.55 15.38
C GLY D 368 38.50 -15.37 15.55
N LEU D 369 38.55 -16.67 15.35
CA LEU D 369 37.37 -17.51 15.51
C LEU D 369 36.93 -17.54 16.97
N THR D 370 35.63 -17.64 17.19
CA THR D 370 35.04 -17.58 18.51
C THR D 370 34.40 -18.92 18.87
N ARG D 371 34.65 -19.37 20.09
CA ARG D 371 34.02 -20.56 20.65
C ARG D 371 33.03 -20.12 21.71
N ARG D 372 31.74 -20.36 21.45
CA ARG D 372 30.72 -19.90 22.38
C ARG D 372 30.90 -20.54 23.74
N GLY D 373 30.66 -19.75 24.79
CA GLY D 373 30.77 -20.24 26.15
C GLY D 373 29.43 -20.32 26.85
N ASP D 374 28.35 -20.20 26.09
CA ASP D 374 26.99 -20.26 26.65
C ASP D 374 26.39 -21.63 26.38
N ILE D 375 25.93 -22.28 27.44
CA ILE D 375 25.38 -23.62 27.36
C ILE D 375 23.97 -23.55 26.81
N ASN D 376 23.61 -24.55 26.00
CA ASN D 376 22.26 -24.71 25.48
C ASN D 376 21.69 -26.00 26.02
N LEU D 377 20.48 -25.92 26.59
CA LEU D 377 19.85 -27.06 27.24
C LEU D 377 18.49 -27.30 26.62
N LEU D 378 18.10 -28.57 26.53
CA LEU D 378 16.79 -28.97 26.02
C LEU D 378 16.15 -29.96 26.98
N MET D 379 14.83 -29.87 27.12
CA MET D 379 14.09 -30.74 28.04
C MET D 379 12.86 -31.27 27.31
N LEU D 380 12.90 -32.54 26.92
CA LEU D 380 11.74 -33.21 26.34
C LEU D 380 11.04 -34.00 27.44
N GLY D 381 9.73 -33.87 27.52
CA GLY D 381 9.01 -34.59 28.56
C GLY D 381 7.52 -34.55 28.35
N ASP D 382 6.82 -35.34 29.18
CA ASP D 382 5.37 -35.32 29.16
C ASP D 382 4.88 -33.96 29.65
N PRO D 383 3.67 -33.56 29.25
CA PRO D 383 3.20 -32.22 29.58
C PRO D 383 2.85 -32.04 31.05
N GLY D 384 3.05 -33.08 31.86
CA GLY D 384 2.75 -33.01 33.27
C GLY D 384 3.85 -32.39 34.10
N THR D 385 5.11 -32.64 33.73
CA THR D 385 6.23 -32.17 34.52
C THR D 385 6.29 -30.65 34.51
N ALA D 386 6.74 -30.08 35.64
CA ALA D 386 6.86 -28.63 35.80
C ALA D 386 8.13 -28.18 35.09
N LYS D 387 8.04 -28.03 33.77
CA LYS D 387 9.13 -27.50 32.97
C LYS D 387 8.89 -26.09 32.46
N SER D 388 7.65 -25.75 32.11
CA SER D 388 7.34 -24.35 31.83
C SER D 388 7.52 -23.49 33.07
N GLN D 389 7.12 -24.03 34.24
CA GLN D 389 7.42 -23.35 35.50
C GLN D 389 8.92 -23.16 35.67
N LEU D 390 9.70 -24.17 35.31
CA LEU D 390 11.15 -24.07 35.41
C LEU D 390 11.69 -22.98 34.49
N LEU D 391 11.16 -22.89 33.27
CA LEU D 391 11.58 -21.83 32.36
C LEU D 391 11.21 -20.46 32.91
N LYS D 392 10.02 -20.35 33.51
CA LYS D 392 9.61 -19.07 34.08
C LYS D 392 10.54 -18.67 35.22
N PHE D 393 10.90 -19.61 36.09
CA PHE D 393 11.87 -19.27 37.12
C PHE D 393 13.19 -18.84 36.51
N VAL D 394 13.67 -19.58 35.50
CA VAL D 394 14.97 -19.27 34.92
C VAL D 394 14.97 -17.86 34.35
N GLU D 395 13.91 -17.49 33.63
CA GLU D 395 13.83 -16.13 33.10
C GLU D 395 13.72 -15.09 34.21
N LYS D 396 13.11 -15.47 35.34
CA LYS D 396 12.99 -14.55 36.46
C LYS D 396 14.29 -14.45 37.28
N CYS D 397 15.21 -15.39 37.12
CA CYS D 397 16.41 -15.44 37.94
C CYS D 397 17.68 -15.06 37.20
N SER D 398 17.76 -15.33 35.90
CA SER D 398 18.94 -14.96 35.15
C SER D 398 19.10 -13.44 35.14
N PRO D 399 20.35 -12.94 35.17
CA PRO D 399 20.53 -11.48 35.14
C PRO D 399 19.80 -10.83 33.98
N ILE D 400 20.07 -11.27 32.76
CA ILE D 400 19.32 -10.88 31.58
C ILE D 400 18.61 -12.12 31.07
N GLY D 401 17.28 -12.06 31.00
CA GLY D 401 16.53 -13.22 30.57
C GLY D 401 15.18 -12.88 29.95
N VAL D 402 14.74 -13.69 29.00
CA VAL D 402 13.46 -13.47 28.34
C VAL D 402 12.78 -14.81 28.12
N TYR D 403 11.49 -14.88 28.44
CA TYR D 403 10.66 -16.05 28.17
C TYR D 403 9.92 -15.83 26.85
N THR D 404 9.83 -16.89 26.04
CA THR D 404 9.12 -16.82 24.78
C THR D 404 8.70 -18.22 24.37
N SER D 405 7.78 -18.28 23.42
CA SER D 405 7.31 -19.56 22.88
C SER D 405 8.04 -19.86 21.58
N GLY D 406 7.76 -21.04 21.01
CA GLY D 406 8.42 -21.41 19.78
C GLY D 406 8.18 -20.42 18.66
N LYS D 407 6.93 -20.01 18.48
CA LYS D 407 6.56 -19.01 17.48
C LYS D 407 6.69 -17.60 18.06
N GLY D 408 7.86 -17.27 18.58
CA GLY D 408 8.04 -15.97 19.21
C GLY D 408 7.12 -15.82 20.40
N SER D 409 6.58 -14.61 20.55
CA SER D 409 5.68 -14.28 21.65
C SER D 409 4.59 -13.37 21.12
N SER D 410 3.85 -12.75 22.03
CA SER D 410 2.75 -11.88 21.68
C SER D 410 3.28 -10.54 21.17
N ALA D 411 3.24 -10.34 19.86
CA ALA D 411 3.74 -9.11 19.25
C ALA D 411 5.19 -8.85 19.63
N ALA D 412 5.98 -9.91 19.77
CA ALA D 412 7.41 -9.80 20.08
C ALA D 412 8.08 -11.02 19.44
N GLY D 413 8.59 -10.84 18.24
CA GLY D 413 9.18 -11.93 17.50
C GLY D 413 10.29 -12.62 18.26
N LEU D 414 10.65 -13.81 17.78
CA LEU D 414 11.72 -14.58 18.39
C LEU D 414 13.08 -14.04 17.99
N THR D 415 13.35 -14.01 16.68
CA THR D 415 14.62 -13.52 16.15
C THR D 415 14.44 -12.12 15.58
N ALA D 416 15.56 -11.40 15.51
CA ALA D 416 15.53 -10.02 15.04
C ALA D 416 15.15 -9.95 13.57
N SER D 417 14.55 -8.82 13.20
CA SER D 417 14.22 -8.52 11.81
C SER D 417 14.64 -7.10 11.49
N VAL D 418 14.90 -6.84 10.21
CA VAL D 418 15.34 -5.54 9.73
C VAL D 418 14.39 -5.09 8.63
N MET D 419 13.85 -3.89 8.76
CA MET D 419 13.00 -3.31 7.74
C MET D 419 13.37 -1.85 7.54
N ARG D 420 13.23 -1.37 6.31
CA ARG D 420 13.56 0.01 5.99
C ARG D 420 12.28 0.84 5.95
N ASP D 421 12.25 1.91 6.73
CA ASP D 421 11.12 2.83 6.78
C ASP D 421 10.94 3.51 5.43
N PRO D 422 9.91 3.19 4.65
CA PRO D 422 9.81 3.79 3.31
C PRO D 422 9.85 5.30 3.32
N SER D 423 9.33 5.94 4.37
CA SER D 423 9.35 7.39 4.45
C SER D 423 10.73 7.89 4.87
N SER D 424 11.18 7.53 6.07
CA SER D 424 12.46 7.99 6.57
C SER D 424 13.63 7.18 6.03
N ARG D 425 13.37 6.01 5.43
CA ARG D 425 14.37 5.20 4.75
C ARG D 425 15.50 4.78 5.70
N ASN D 426 15.23 4.68 7.00
CA ASN D 426 16.22 4.21 7.96
C ASN D 426 16.25 2.68 7.96
N PHE D 427 17.09 2.11 8.82
CA PHE D 427 17.19 0.66 8.98
C PHE D 427 16.66 0.32 10.37
N ILE D 428 15.34 0.17 10.48
CA ILE D 428 14.72 -0.15 11.75
C ILE D 428 14.98 -1.61 12.07
N MET D 429 15.53 -1.88 13.25
CA MET D 429 15.79 -3.24 13.70
C MET D 429 14.75 -3.59 14.76
N GLU D 430 13.78 -4.40 14.38
CA GLU D 430 12.79 -4.91 15.32
C GLU D 430 13.40 -6.13 16.01
N GLY D 431 13.74 -5.97 17.29
CA GLY D 431 14.47 -6.99 18.01
C GLY D 431 13.61 -8.14 18.51
N GLY D 432 13.98 -9.36 18.15
CA GLY D 432 13.33 -10.53 18.66
C GLY D 432 13.88 -10.91 20.03
N ALA D 433 13.35 -12.01 20.56
CA ALA D 433 13.76 -12.45 21.89
C ALA D 433 15.27 -12.68 21.95
N MET D 434 15.87 -13.16 20.86
CA MET D 434 17.28 -13.51 20.88
C MET D 434 18.16 -12.29 21.10
N VAL D 435 17.97 -11.25 20.27
CA VAL D 435 18.83 -10.07 20.38
C VAL D 435 18.56 -9.32 21.68
N LEU D 436 17.29 -9.27 22.10
CA LEU D 436 16.98 -8.63 23.38
C LEU D 436 17.67 -9.35 24.53
N ALA D 437 17.79 -10.67 24.45
CA ALA D 437 18.39 -11.48 25.50
C ALA D 437 19.91 -11.61 25.37
N ASP D 438 20.56 -10.70 24.66
CA ASP D 438 22.00 -10.78 24.49
C ASP D 438 22.70 -10.80 25.85
N GLY D 439 23.68 -11.69 25.98
CA GLY D 439 24.41 -11.81 27.22
C GLY D 439 23.65 -12.47 28.34
N GLY D 440 22.54 -13.14 28.04
CA GLY D 440 21.71 -13.72 29.08
C GLY D 440 21.12 -15.05 28.70
N VAL D 441 19.81 -15.23 28.94
CA VAL D 441 19.14 -16.49 28.73
C VAL D 441 17.83 -16.26 27.99
N VAL D 442 17.54 -17.11 27.03
CA VAL D 442 16.25 -17.13 26.35
C VAL D 442 15.61 -18.48 26.64
N CYS D 443 14.43 -18.45 27.26
CA CYS D 443 13.70 -19.64 27.63
C CYS D 443 12.59 -19.86 26.60
N ILE D 444 12.77 -20.85 25.74
CA ILE D 444 11.85 -21.13 24.64
C ILE D 444 10.98 -22.31 25.04
N ASP D 445 9.71 -22.02 25.34
CA ASP D 445 8.72 -23.06 25.55
C ASP D 445 8.10 -23.44 24.22
N GLU D 446 7.67 -24.70 24.12
CA GLU D 446 7.20 -25.25 22.85
C GLU D 446 8.23 -25.01 21.76
N PHE D 447 9.48 -25.41 22.07
CA PHE D 447 10.60 -25.20 21.15
C PHE D 447 10.47 -25.99 19.86
N ASP D 448 9.56 -26.96 19.80
CA ASP D 448 9.39 -27.79 18.62
C ASP D 448 8.43 -27.21 17.61
N LYS D 449 7.82 -26.06 17.89
CA LYS D 449 6.81 -25.46 17.03
C LYS D 449 7.25 -24.12 16.49
N MET D 450 8.50 -24.04 16.03
CA MET D 450 9.01 -22.81 15.43
C MET D 450 8.51 -22.70 13.98
N ARG D 451 8.82 -21.58 13.35
CA ARG D 451 8.57 -21.40 11.93
C ARG D 451 9.88 -21.50 11.17
N GLU D 452 9.78 -21.93 9.90
CA GLU D 452 10.96 -22.31 9.14
C GLU D 452 12.03 -21.22 9.18
N ASP D 453 11.65 -19.98 8.92
CA ASP D 453 12.60 -18.88 8.99
C ASP D 453 13.25 -18.82 10.37
N ASP D 454 12.43 -18.89 11.42
CA ASP D 454 12.97 -18.86 12.78
C ASP D 454 13.81 -20.10 13.07
N ARG D 455 13.41 -21.25 12.52
CA ARG D 455 14.20 -22.46 12.73
C ARG D 455 15.60 -22.28 12.17
N VAL D 456 15.72 -21.73 10.95
CA VAL D 456 17.03 -21.50 10.36
C VAL D 456 17.79 -20.44 11.15
N ALA D 457 17.09 -19.38 11.57
CA ALA D 457 17.75 -18.31 12.31
C ALA D 457 18.36 -18.84 13.60
N ILE D 458 17.60 -19.62 14.37
CA ILE D 458 18.14 -20.19 15.59
C ILE D 458 19.21 -21.21 15.27
N HIS D 459 19.04 -21.96 14.18
CA HIS D 459 20.08 -22.89 13.74
C HIS D 459 21.43 -22.17 13.65
N GLU D 460 21.44 -21.00 13.04
CA GLU D 460 22.67 -20.23 12.95
C GLU D 460 23.07 -19.66 14.30
N ALA D 461 22.11 -19.11 15.04
CA ALA D 461 22.43 -18.30 16.22
C ALA D 461 22.99 -19.15 17.35
N MET D 462 22.41 -20.32 17.61
CA MET D 462 22.80 -21.09 18.79
C MET D 462 24.27 -21.48 18.74
N GLU D 463 24.85 -21.62 17.55
CA GLU D 463 26.26 -21.99 17.41
C GLU D 463 27.17 -20.78 17.26
N GLN D 464 26.89 -19.92 16.28
CA GLN D 464 27.75 -18.77 16.04
C GLN D 464 27.51 -17.63 17.01
N GLN D 465 26.37 -17.61 17.69
CA GLN D 465 25.97 -16.54 18.60
C GLN D 465 25.57 -15.27 17.86
N THR D 466 25.50 -15.31 16.53
CA THR D 466 25.21 -14.14 15.72
C THR D 466 24.10 -14.45 14.73
N ILE D 467 23.24 -13.46 14.51
CA ILE D 467 22.16 -13.55 13.54
C ILE D 467 22.55 -12.66 12.36
N SER D 468 22.77 -13.28 11.20
CA SER D 468 23.17 -12.57 10.00
C SER D 468 21.93 -12.28 9.16
N ILE D 469 21.67 -11.00 8.93
CA ILE D 469 20.49 -10.57 8.17
C ILE D 469 20.98 -9.61 7.08
N ALA D 470 20.57 -9.87 5.85
CA ALA D 470 20.91 -9.02 4.71
C ALA D 470 19.62 -8.70 3.96
N LYS D 471 19.18 -7.45 4.04
CA LYS D 471 17.97 -6.98 3.39
C LYS D 471 18.33 -6.15 2.17
N ALA D 472 17.31 -5.74 1.42
CA ALA D 472 17.52 -4.92 0.24
C ALA D 472 18.34 -3.68 0.54
N GLY D 473 18.45 -3.28 1.81
CA GLY D 473 19.22 -2.11 2.17
C GLY D 473 20.67 -2.41 2.49
N ILE D 474 20.92 -3.36 3.39
CA ILE D 474 22.27 -3.57 3.91
C ILE D 474 22.40 -5.01 4.40
N THR D 475 23.63 -5.47 4.57
CA THR D 475 23.95 -6.70 5.28
C THR D 475 24.51 -6.36 6.66
N THR D 476 24.20 -7.23 7.63
CA THR D 476 24.66 -6.99 8.99
C THR D 476 24.60 -8.31 9.76
N THR D 477 25.26 -8.32 10.92
CA THR D 477 25.32 -9.50 11.79
C THR D 477 25.08 -9.03 13.22
N LEU D 478 23.82 -9.08 13.65
CA LEU D 478 23.48 -8.74 15.02
C LEU D 478 24.08 -9.77 15.97
N ASN D 479 24.54 -9.30 17.13
CA ASN D 479 25.17 -10.15 18.12
C ASN D 479 24.12 -10.64 19.11
N SER D 480 23.85 -11.95 19.09
CA SER D 480 22.89 -12.58 20.00
C SER D 480 23.64 -13.66 20.78
N ARG D 481 24.28 -13.26 21.88
CA ARG D 481 25.03 -14.18 22.73
C ARG D 481 24.13 -14.65 23.88
N CYS D 482 23.15 -15.46 23.51
CA CYS D 482 22.11 -15.92 24.42
C CYS D 482 22.24 -17.41 24.67
N SER D 483 21.98 -17.82 25.91
CA SER D 483 21.93 -19.23 26.27
C SER D 483 20.49 -19.70 26.12
N VAL D 484 20.27 -20.73 25.30
CA VAL D 484 18.93 -21.20 24.99
C VAL D 484 18.57 -22.32 25.95
N LEU D 485 17.41 -22.19 26.61
CA LEU D 485 16.84 -23.24 27.44
C LEU D 485 15.49 -23.59 26.83
N ALA D 486 15.38 -24.77 26.23
CA ALA D 486 14.22 -25.15 25.45
C ALA D 486 13.42 -26.23 26.16
N ALA D 487 12.10 -26.12 26.09
CA ALA D 487 11.19 -27.13 26.61
C ALA D 487 10.35 -27.68 25.46
N ALA D 488 9.97 -28.95 25.58
CA ALA D 488 9.19 -29.56 24.51
C ALA D 488 8.53 -30.84 25.00
N ASN D 489 7.47 -31.22 24.31
CA ASN D 489 6.78 -32.48 24.49
C ASN D 489 7.11 -33.42 23.35
N SER D 490 6.92 -34.71 23.58
CA SER D 490 7.19 -35.70 22.55
C SER D 490 6.32 -35.43 21.33
N VAL D 491 6.67 -36.09 20.21
CA VAL D 491 5.91 -35.91 18.98
C VAL D 491 4.46 -36.36 19.18
N PHE D 492 4.26 -37.49 19.85
CA PHE D 492 2.93 -38.04 20.06
C PHE D 492 2.20 -37.39 21.23
N GLY D 493 2.93 -36.79 22.16
CA GLY D 493 2.32 -36.18 23.33
C GLY D 493 2.76 -36.83 24.62
N ARG D 494 2.88 -38.15 24.60
CA ARG D 494 3.37 -38.92 25.74
C ARG D 494 4.49 -39.83 25.26
N TRP D 495 5.60 -39.82 26.00
CA TRP D 495 6.77 -40.61 25.60
C TRP D 495 6.46 -42.10 25.77
N ASP D 496 6.42 -42.82 24.64
CA ASP D 496 6.18 -44.26 24.64
C ASP D 496 7.47 -44.94 24.20
N GLU D 497 7.97 -45.85 25.05
CA GLU D 497 9.24 -46.50 24.75
C GLU D 497 9.14 -47.38 23.51
N THR D 498 7.96 -47.91 23.22
CA THR D 498 7.81 -48.81 22.07
C THR D 498 8.27 -48.13 20.78
N LYS D 499 8.10 -46.82 20.68
CA LYS D 499 8.61 -46.04 19.56
C LYS D 499 9.79 -45.18 20.00
N GLY D 500 10.65 -45.74 20.86
CA GLY D 500 11.81 -45.00 21.30
C GLY D 500 12.67 -44.54 20.14
N GLU D 501 13.16 -43.32 20.23
CA GLU D 501 13.93 -42.60 19.22
C GLU D 501 13.02 -42.07 18.12
N ASP D 502 11.74 -42.42 18.09
CA ASP D 502 10.78 -41.84 17.17
C ASP D 502 9.87 -40.82 17.85
N ASN D 503 10.11 -40.52 19.11
CA ASN D 503 9.34 -39.53 19.85
C ASN D 503 9.85 -38.11 19.63
N ILE D 504 10.90 -37.94 18.83
CA ILE D 504 11.50 -36.63 18.57
C ILE D 504 11.53 -36.41 17.07
N ASP D 505 10.90 -35.33 16.61
CA ASP D 505 10.91 -34.97 15.20
C ASP D 505 12.05 -34.03 14.84
N PHE D 506 12.83 -33.58 15.82
CA PHE D 506 13.92 -32.65 15.54
C PHE D 506 14.90 -33.29 14.56
N MET D 507 15.31 -32.52 13.56
CA MET D 507 16.34 -32.98 12.65
C MET D 507 17.66 -33.14 13.41
N PRO D 508 18.50 -34.09 13.00
CA PRO D 508 19.72 -34.34 13.77
C PRO D 508 20.61 -33.12 13.95
N THR D 509 20.61 -32.22 12.96
CA THR D 509 21.47 -31.04 13.05
C THR D 509 21.12 -30.18 14.26
N ILE D 510 19.83 -29.92 14.47
CA ILE D 510 19.42 -29.07 15.58
C ILE D 510 19.82 -29.71 16.91
N LEU D 511 19.54 -31.00 17.07
CA LEU D 511 19.88 -31.67 18.33
C LEU D 511 21.36 -31.61 18.63
N SER D 512 22.20 -31.46 17.61
CA SER D 512 23.63 -31.27 17.86
C SER D 512 23.89 -29.96 18.59
N ARG D 513 23.06 -28.94 18.34
CA ARG D 513 23.31 -27.63 18.94
C ARG D 513 23.24 -27.69 20.46
N PHE D 514 22.25 -28.40 21.00
CA PHE D 514 22.04 -28.41 22.44
C PHE D 514 23.16 -29.15 23.16
N ASP D 515 23.71 -28.51 24.19
CA ASP D 515 24.77 -29.15 24.97
C ASP D 515 24.25 -30.37 25.70
N MET D 516 23.04 -30.29 26.25
CA MET D 516 22.46 -31.39 27.01
C MET D 516 20.98 -31.52 26.67
N ILE D 517 20.50 -32.76 26.59
CA ILE D 517 19.10 -33.05 26.35
C ILE D 517 18.62 -33.94 27.49
N PHE D 518 17.67 -33.44 28.27
CA PHE D 518 17.05 -34.19 29.35
C PHE D 518 15.74 -34.79 28.87
N ILE D 519 15.47 -36.02 29.32
CA ILE D 519 14.22 -36.72 29.03
C ILE D 519 13.51 -36.95 30.35
N VAL D 520 12.25 -36.52 30.42
CA VAL D 520 11.44 -36.68 31.62
C VAL D 520 10.33 -37.68 31.32
N LYS D 521 9.91 -38.39 32.36
CA LYS D 521 8.89 -39.41 32.21
C LYS D 521 8.03 -39.48 33.46
N ASP D 522 6.79 -39.93 33.28
CA ASP D 522 5.84 -40.15 34.35
C ASP D 522 5.15 -41.50 34.19
N GLU D 523 5.84 -42.45 33.55
CA GLU D 523 5.19 -43.69 33.12
C GLU D 523 4.58 -44.46 34.30
N HIS D 524 5.25 -44.47 35.45
CA HIS D 524 4.66 -45.15 36.60
C HIS D 524 5.36 -44.85 37.91
N ASN D 525 4.58 -44.46 38.92
CA ASN D 525 4.99 -44.55 40.32
C ASN D 525 3.84 -44.15 41.23
N GLU D 526 3.68 -44.84 42.37
CA GLU D 526 2.65 -44.48 43.33
C GLU D 526 3.21 -43.61 44.46
N GLU D 527 4.35 -44.02 45.02
CA GLU D 527 4.97 -43.23 46.09
C GLU D 527 5.33 -41.84 45.61
N ARG D 528 5.89 -41.74 44.41
CA ARG D 528 6.24 -40.44 43.86
C ARG D 528 4.99 -39.58 43.65
N ASP D 529 3.92 -40.17 43.16
CA ASP D 529 2.68 -39.43 42.97
C ASP D 529 2.14 -38.90 44.30
N VAL D 530 2.13 -39.74 45.32
CA VAL D 530 1.67 -39.31 46.63
C VAL D 530 2.54 -38.17 47.14
N MET D 531 3.87 -38.33 47.04
CA MET D 531 4.78 -37.31 47.52
C MET D 531 4.58 -36.00 46.77
N LEU D 532 4.39 -36.08 45.45
CA LEU D 532 4.20 -34.88 44.64
C LEU D 532 2.92 -34.15 45.00
N ALA D 533 1.81 -34.89 45.10
CA ALA D 533 0.55 -34.25 45.45
C ALA D 533 0.63 -33.60 46.83
N LYS D 534 1.20 -34.33 47.80
CA LYS D 534 1.31 -33.77 49.14
C LYS D 534 2.22 -32.56 49.17
N HIS D 535 3.30 -32.57 48.39
CA HIS D 535 4.19 -31.43 48.36
C HIS D 535 3.51 -30.21 47.75
N VAL D 536 2.74 -30.41 46.68
CA VAL D 536 2.03 -29.27 46.08
C VAL D 536 1.01 -28.72 47.07
N ILE D 537 0.27 -29.60 47.74
CA ILE D 537 -0.71 -29.12 48.72
C ILE D 537 0.01 -28.37 49.85
N THR D 538 1.17 -28.87 50.28
CA THR D 538 1.93 -28.17 51.31
C THR D 538 2.36 -26.80 50.83
N LEU D 539 2.81 -26.69 49.58
CA LEU D 539 3.21 -25.41 49.04
C LEU D 539 2.04 -24.43 49.03
N HIS D 540 0.85 -24.92 48.67
CA HIS D 540 -0.32 -24.05 48.67
C HIS D 540 -0.82 -23.74 50.07
N VAL D 541 -0.51 -24.59 51.06
CA VAL D 541 -0.80 -24.27 52.45
C VAL D 541 0.10 -23.13 52.92
N SER D 542 1.41 -23.37 52.90
CA SER D 542 2.35 -22.36 53.36
C SER D 542 2.27 -21.10 52.53
N ALA D 543 2.64 -21.19 51.24
CA ALA D 543 2.59 -20.06 50.34
C ALA D 543 3.33 -18.85 50.91
N GLU D 551 18.67 -21.38 55.96
CA GLU D 551 18.08 -22.61 55.46
C GLU D 551 18.88 -23.16 54.27
N GLY D 552 19.62 -22.28 53.61
CA GLY D 552 20.40 -22.65 52.45
C GLY D 552 19.81 -22.25 51.11
N GLU D 553 18.84 -21.34 51.10
CA GLU D 553 18.22 -20.88 49.86
C GLU D 553 18.65 -19.44 49.61
N ILE D 554 19.42 -19.23 48.55
CA ILE D 554 19.85 -17.89 48.15
C ILE D 554 18.67 -17.22 47.46
N ASP D 555 18.16 -16.14 48.04
CA ASP D 555 16.99 -15.48 47.48
C ASP D 555 17.24 -15.06 46.04
N LEU D 556 16.13 -14.76 45.33
CA LEU D 556 16.22 -14.49 43.90
C LEU D 556 17.18 -13.35 43.60
N ALA D 557 17.05 -12.22 44.30
CA ALA D 557 17.90 -11.07 44.02
C ALA D 557 19.36 -11.41 44.29
N LYS D 558 19.64 -12.02 45.45
CA LYS D 558 21.01 -12.36 45.79
C LYS D 558 21.60 -13.34 44.80
N LEU D 559 20.83 -14.36 44.41
CA LEU D 559 21.32 -15.34 43.45
C LEU D 559 21.59 -14.70 42.10
N LYS D 560 20.69 -13.83 41.65
CA LYS D 560 20.88 -13.16 40.37
C LYS D 560 22.13 -12.29 40.38
N LYS D 561 22.33 -11.53 41.46
CA LYS D 561 23.52 -10.68 41.54
C LYS D 561 24.78 -11.51 41.63
N PHE D 562 24.73 -12.65 42.34
CA PHE D 562 25.87 -13.55 42.39
C PHE D 562 26.19 -14.11 41.00
N ILE D 563 25.15 -14.48 40.25
CA ILE D 563 25.37 -14.97 38.89
C ILE D 563 26.02 -13.91 38.04
N ALA D 564 25.52 -12.67 38.13
CA ALA D 564 26.08 -11.59 37.31
C ALA D 564 27.53 -11.33 37.68
N TYR D 565 27.84 -11.30 38.99
CA TYR D 565 29.21 -11.06 39.42
C TYR D 565 30.14 -12.17 38.93
N CYS D 566 29.72 -13.43 39.07
CA CYS D 566 30.55 -14.54 38.61
C CYS D 566 30.77 -14.47 37.11
N ARG D 567 29.71 -14.18 36.34
CA ARG D 567 29.85 -14.14 34.89
C ARG D 567 30.79 -13.02 34.46
N VAL D 568 30.66 -11.83 35.06
CA VAL D 568 31.51 -10.71 34.65
C VAL D 568 32.94 -10.94 35.10
N LYS D 569 33.15 -11.47 36.30
CA LYS D 569 34.49 -11.53 36.87
C LYS D 569 35.28 -12.74 36.36
N CYS D 570 34.81 -13.94 36.66
CA CYS D 570 35.61 -15.16 36.53
C CYS D 570 35.34 -15.84 35.19
N GLY D 571 36.40 -16.03 34.40
CA GLY D 571 36.36 -16.90 33.26
C GLY D 571 37.44 -17.96 33.37
N PRO D 572 37.06 -19.24 33.59
CA PRO D 572 38.09 -20.26 33.81
C PRO D 572 38.62 -20.90 32.54
N ARG D 573 39.54 -21.84 32.72
CA ARG D 573 40.08 -22.65 31.63
C ARG D 573 40.38 -24.04 32.17
N LEU D 574 40.44 -25.01 31.26
CA LEU D 574 40.75 -26.38 31.66
C LEU D 574 42.24 -26.53 31.98
N SER D 575 42.54 -27.52 32.82
CA SER D 575 43.91 -27.88 33.12
C SER D 575 44.32 -29.10 32.29
N ALA D 576 45.63 -29.32 32.20
CA ALA D 576 46.14 -30.39 31.34
C ALA D 576 45.56 -31.74 31.72
N GLU D 577 45.58 -32.07 33.01
CA GLU D 577 45.04 -33.36 33.44
C GLU D 577 43.55 -33.46 33.15
N ALA D 578 42.81 -32.38 33.39
CA ALA D 578 41.38 -32.38 33.08
C ALA D 578 41.15 -32.61 31.59
N ALA D 579 41.95 -31.95 30.74
CA ALA D 579 41.82 -32.15 29.31
C ALA D 579 42.13 -33.60 28.93
N GLU D 580 43.14 -34.19 29.56
CA GLU D 580 43.48 -35.58 29.28
C GLU D 580 42.30 -36.50 29.62
N LYS D 581 41.74 -36.34 30.82
CA LYS D 581 40.65 -37.20 31.25
C LYS D 581 39.44 -37.03 30.34
N LEU D 582 39.09 -35.78 30.02
CA LEU D 582 37.94 -35.54 29.14
C LEU D 582 38.21 -36.12 27.76
N LYS D 583 39.44 -36.02 27.27
CA LYS D 583 39.79 -36.61 25.99
C LYS D 583 39.52 -38.11 25.98
N ASN D 584 40.05 -38.81 26.99
CA ASN D 584 39.86 -40.26 27.03
C ASN D 584 38.39 -40.60 27.13
N ARG D 585 37.66 -39.91 28.01
CA ARG D 585 36.24 -40.21 28.17
C ARG D 585 35.48 -39.99 26.88
N TYR D 586 35.75 -38.87 26.19
CA TYR D 586 35.06 -38.57 24.94
C TYR D 586 35.37 -39.60 23.87
N ILE D 587 36.63 -40.05 23.79
CA ILE D 587 36.97 -41.10 22.84
C ILE D 587 36.13 -42.34 23.12
N ILE D 588 36.02 -42.72 24.39
CA ILE D 588 35.24 -43.91 24.73
C ILE D 588 33.76 -43.69 24.38
N MET D 589 33.23 -42.49 24.65
CA MET D 589 31.83 -42.22 24.33
C MET D 589 31.58 -42.34 22.84
N ARG D 590 32.49 -41.79 22.03
CA ARG D 590 32.33 -41.87 20.58
C ARG D 590 32.37 -43.32 20.11
N SER D 591 33.31 -44.10 20.65
CA SER D 591 33.38 -45.51 20.27
C SER D 591 32.08 -46.23 20.63
N GLY D 592 31.57 -46.00 21.84
CA GLY D 592 30.35 -46.66 22.26
C GLY D 592 29.15 -46.26 21.42
N ALA D 593 29.03 -44.97 21.13
CA ALA D 593 27.92 -44.50 20.31
C ALA D 593 27.98 -45.11 18.91
N ARG D 594 29.18 -45.14 18.31
CA ARG D 594 29.33 -45.74 17.00
C ARG D 594 28.93 -47.21 17.02
N GLN D 595 29.40 -47.94 18.04
CA GLN D 595 29.08 -49.36 18.12
C GLN D 595 27.58 -49.58 18.29
N HIS D 596 26.95 -48.77 19.13
CA HIS D 596 25.50 -48.89 19.33
C HIS D 596 24.74 -48.59 18.05
N GLU D 597 25.16 -47.56 17.31
CA GLU D 597 24.51 -47.25 16.05
C GLU D 597 24.65 -48.39 15.07
N ARG D 598 25.85 -49.00 14.99
CA ARG D 598 26.02 -50.15 14.10
C ARG D 598 25.13 -51.30 14.53
N ASP D 599 25.07 -51.59 15.83
CA ASP D 599 24.26 -52.71 16.31
C ASP D 599 22.79 -52.49 15.98
N SER D 600 22.28 -51.28 16.22
CA SER D 600 20.90 -50.98 15.88
C SER D 600 20.67 -50.88 14.38
N ASP D 601 21.73 -50.85 13.58
CA ASP D 601 21.61 -50.74 12.12
C ASP D 601 20.85 -49.48 11.71
N ARG D 602 20.85 -48.47 12.58
CA ARG D 602 20.18 -47.21 12.28
C ARG D 602 20.89 -46.09 13.03
N ARG D 603 20.71 -44.86 12.54
CA ARG D 603 21.34 -43.70 13.15
C ARG D 603 20.42 -43.13 14.21
N SER D 604 20.85 -43.15 15.46
CA SER D 604 20.08 -42.52 16.52
C SER D 604 19.96 -41.03 16.24
N SER D 605 18.73 -40.51 16.33
CA SER D 605 18.51 -39.09 16.11
C SER D 605 18.88 -38.30 17.37
N ILE D 606 20.09 -38.51 17.86
CA ILE D 606 20.61 -37.81 19.03
C ILE D 606 22.13 -37.97 19.01
N PRO D 607 22.81 -37.37 18.04
CA PRO D 607 24.22 -37.72 17.81
C PRO D 607 25.13 -37.22 18.92
N ILE D 608 26.37 -37.71 18.88
CA ILE D 608 27.45 -37.20 19.72
C ILE D 608 28.56 -36.75 18.80
N THR D 609 28.98 -35.49 18.94
CA THR D 609 29.94 -34.87 18.05
C THR D 609 30.94 -34.08 18.89
N VAL D 610 31.96 -33.52 18.21
CA VAL D 610 32.89 -32.64 18.89
C VAL D 610 32.18 -31.49 19.55
N ARG D 611 31.00 -31.12 19.04
CA ARG D 611 30.18 -30.13 19.73
C ARG D 611 29.80 -30.60 21.13
N GLN D 612 29.61 -31.91 21.30
CA GLN D 612 29.34 -32.43 22.64
C GLN D 612 30.58 -32.35 23.51
N LEU D 613 31.77 -32.53 22.93
CA LEU D 613 32.99 -32.27 23.67
C LEU D 613 33.06 -30.83 24.14
N GLU D 614 32.70 -29.90 23.25
CA GLU D 614 32.64 -28.49 23.65
C GLU D 614 31.62 -28.29 24.77
N ALA D 615 30.49 -29.00 24.69
CA ALA D 615 29.47 -28.88 25.73
C ALA D 615 30.00 -29.34 27.08
N ILE D 616 30.69 -30.48 27.11
CA ILE D 616 31.26 -30.96 28.36
C ILE D 616 32.30 -29.99 28.90
N VAL D 617 33.15 -29.47 28.01
CA VAL D 617 34.12 -28.47 28.44
C VAL D 617 33.44 -27.25 29.03
N ARG D 618 32.34 -26.81 28.40
CA ARG D 618 31.61 -25.65 28.90
C ARG D 618 31.00 -25.92 30.26
N ILE D 619 30.45 -27.12 30.46
CA ILE D 619 29.87 -27.46 31.75
C ILE D 619 30.95 -27.48 32.82
N ALA D 620 32.12 -28.03 32.51
CA ALA D 620 33.22 -28.00 33.48
C ALA D 620 33.63 -26.57 33.78
N GLU D 621 33.69 -25.72 32.76
CA GLU D 621 34.03 -24.31 32.97
C GLU D 621 33.00 -23.63 33.86
N ALA D 622 31.72 -23.92 33.65
CA ALA D 622 30.68 -23.33 34.49
C ALA D 622 30.80 -23.81 35.93
N LEU D 623 31.08 -25.09 36.13
CA LEU D 623 31.24 -25.61 37.48
C LEU D 623 32.41 -24.95 38.19
N SER D 624 33.51 -24.74 37.47
CA SER D 624 34.66 -24.08 38.09
C SER D 624 34.45 -22.57 38.24
N LYS D 625 33.58 -21.99 37.41
CA LYS D 625 33.28 -20.56 37.51
C LYS D 625 32.36 -20.28 38.68
N MET D 626 31.53 -21.24 39.06
CA MET D 626 30.73 -21.09 40.27
C MET D 626 31.60 -20.75 41.47
N LYS D 627 32.75 -21.42 41.59
CA LYS D 627 33.65 -21.26 42.72
C LYS D 627 34.67 -20.15 42.50
N LEU D 628 34.60 -19.43 41.38
CA LEU D 628 35.56 -18.40 41.03
C LEU D 628 36.98 -18.97 40.89
N GLN D 629 37.11 -20.28 40.77
CA GLN D 629 38.41 -20.91 40.61
C GLN D 629 38.88 -20.74 39.17
N PRO D 630 40.06 -20.16 38.93
CA PRO D 630 40.48 -19.91 37.54
C PRO D 630 40.61 -21.15 36.69
N PHE D 631 40.85 -22.32 37.28
CA PHE D 631 41.10 -23.53 36.53
C PHE D 631 40.09 -24.61 36.90
N ALA D 632 39.59 -25.30 35.89
CA ALA D 632 38.66 -26.40 36.08
C ALA D 632 39.45 -27.66 36.43
N THR D 633 39.13 -28.26 37.57
CA THR D 633 39.88 -29.39 38.09
C THR D 633 39.35 -30.69 37.48
N GLU D 634 39.82 -31.82 38.00
CA GLU D 634 39.35 -33.12 37.54
C GLU D 634 37.96 -33.44 38.07
N ALA D 635 37.67 -33.04 39.31
CA ALA D 635 36.38 -33.37 39.91
C ALA D 635 35.23 -32.70 39.17
N ASP D 636 35.40 -31.43 38.81
CA ASP D 636 34.33 -30.75 38.07
C ASP D 636 34.16 -31.34 36.67
N VAL D 637 35.26 -31.79 36.05
CA VAL D 637 35.13 -32.48 34.77
C VAL D 637 34.37 -33.78 34.94
N GLU D 638 34.62 -34.51 36.03
CA GLU D 638 33.87 -35.73 36.29
C GLU D 638 32.39 -35.43 36.49
N GLU D 639 32.08 -34.35 37.22
CA GLU D 639 30.68 -33.97 37.43
C GLU D 639 30.02 -33.58 36.12
N ALA D 640 30.73 -32.84 35.27
CA ALA D 640 30.19 -32.50 33.95
C ALA D 640 29.97 -33.76 33.12
N LEU D 641 30.88 -34.73 33.22
CA LEU D 641 30.69 -35.99 32.53
C LEU D 641 29.46 -36.72 33.03
N ARG D 642 29.21 -36.69 34.34
CA ARG D 642 27.99 -37.28 34.88
C ARG D 642 26.76 -36.58 34.34
N LEU D 643 26.80 -35.24 34.29
CA LEU D 643 25.66 -34.49 33.76
C LEU D 643 25.40 -34.86 32.30
N PHE D 644 26.45 -34.96 31.50
CA PHE D 644 26.29 -35.38 30.11
C PHE D 644 25.91 -36.85 30.02
N GLN D 645 26.23 -37.66 31.03
CA GLN D 645 25.78 -39.04 31.07
C GLN D 645 24.28 -39.13 31.29
N VAL D 646 23.73 -38.22 32.10
CA VAL D 646 22.29 -38.21 32.33
C VAL D 646 21.52 -37.82 31.07
N SER D 647 22.20 -37.35 30.03
CA SER D 647 21.59 -37.15 28.71
C SER D 647 21.99 -38.23 27.72
N THR D 648 23.19 -38.78 27.85
CA THR D 648 23.55 -39.97 27.09
C THR D 648 22.61 -41.12 27.43
N LEU D 649 22.00 -41.08 28.61
CA LEU D 649 20.95 -42.02 28.96
C LEU D 649 19.82 -41.95 27.94
N ASP D 650 19.66 -40.80 27.29
CA ASP D 650 18.78 -40.70 26.14
C ASP D 650 19.51 -40.92 24.82
N ALA D 651 20.80 -40.58 24.74
CA ALA D 651 21.55 -40.85 23.52
C ALA D 651 21.63 -42.35 23.25
N ALA D 652 21.90 -43.15 24.28
CA ALA D 652 22.16 -44.57 24.13
C ALA D 652 21.07 -45.45 24.71
N LEU D 653 20.75 -45.31 25.99
CA LEU D 653 19.77 -46.21 26.61
C LEU D 653 18.40 -46.06 25.98
N SER D 654 18.11 -44.93 25.33
CA SER D 654 16.83 -44.77 24.65
C SER D 654 16.64 -45.85 23.59
N GLY D 655 17.69 -46.18 22.86
CA GLY D 655 17.64 -47.21 21.84
C GLY D 655 18.08 -48.57 22.35
N GLU E 17 -32.23 53.10 -9.94
CA GLU E 17 -32.86 51.85 -9.55
C GLU E 17 -33.65 51.27 -10.72
N VAL E 18 -32.97 50.56 -11.60
CA VAL E 18 -33.60 50.01 -12.79
C VAL E 18 -34.45 48.82 -12.41
N ARG E 19 -35.68 48.78 -12.90
CA ARG E 19 -36.63 47.71 -12.60
C ARG E 19 -36.62 46.68 -13.72
N ASP E 20 -36.49 45.41 -13.34
CA ASP E 20 -36.58 44.30 -14.29
C ASP E 20 -38.07 44.12 -14.62
N GLU E 21 -38.52 44.79 -15.68
CA GLU E 21 -39.95 44.82 -15.98
C GLU E 21 -40.50 43.41 -16.18
N VAL E 22 -39.72 42.54 -16.85
CA VAL E 22 -40.17 41.16 -17.05
C VAL E 22 -40.42 40.49 -15.71
N ALA E 23 -39.47 40.64 -14.78
CA ALA E 23 -39.62 40.01 -13.47
C ALA E 23 -40.81 40.57 -12.71
N GLU E 24 -41.01 41.89 -12.76
CA GLU E 24 -42.13 42.50 -12.06
C GLU E 24 -43.45 42.00 -12.62
N LYS E 25 -43.57 41.94 -13.95
CA LYS E 25 -44.81 41.45 -14.56
C LYS E 25 -45.05 40.00 -14.20
N CYS E 26 -43.98 39.18 -14.20
CA CYS E 26 -44.12 37.79 -13.80
C CYS E 26 -44.61 37.71 -12.36
N GLN E 27 -44.08 38.53 -11.47
CA GLN E 27 -44.53 38.54 -10.08
C GLN E 27 -46.00 38.91 -9.99
N LYS E 28 -46.42 39.93 -10.72
CA LYS E 28 -47.82 40.34 -10.65
C LYS E 28 -48.74 39.23 -11.13
N LEU E 29 -48.41 38.62 -12.28
CA LEU E 29 -49.24 37.54 -12.80
C LEU E 29 -49.25 36.35 -11.85
N PHE E 30 -48.09 36.01 -11.27
CA PHE E 30 -48.02 34.88 -10.35
C PHE E 30 -48.85 35.14 -9.09
N LEU E 31 -48.80 36.36 -8.56
CA LEU E 31 -49.63 36.68 -7.40
C LEU E 31 -51.11 36.60 -7.76
N ASP E 32 -51.47 37.08 -8.96
CA ASP E 32 -52.86 36.98 -9.40
C ASP E 32 -53.28 35.51 -9.48
N PHE E 33 -52.42 34.65 -10.03
CA PHE E 33 -52.72 33.23 -10.09
C PHE E 33 -52.90 32.65 -8.69
N LEU E 34 -52.02 33.03 -7.76
CA LEU E 34 -52.11 32.53 -6.40
C LEU E 34 -53.42 32.91 -5.74
N GLU E 35 -53.85 34.16 -5.92
CA GLU E 35 -55.05 34.65 -5.26
C GLU E 35 -56.32 34.47 -6.09
N GLU E 36 -56.24 33.84 -7.26
CA GLU E 36 -57.39 33.66 -8.14
C GLU E 36 -57.64 32.21 -8.52
N PHE E 37 -56.59 31.41 -8.68
CA PHE E 37 -56.76 30.04 -9.15
C PHE E 37 -57.70 29.28 -8.24
N GLN E 38 -58.63 28.54 -8.84
CA GLN E 38 -59.60 27.75 -8.11
C GLN E 38 -59.52 26.29 -8.56
N SER E 39 -59.75 25.39 -7.60
CA SER E 39 -59.72 23.96 -7.88
C SER E 39 -61.05 23.53 -8.49
N SER E 40 -61.27 22.22 -8.59
CA SER E 40 -62.53 21.73 -9.14
C SER E 40 -63.71 22.17 -8.28
N ASP E 41 -63.55 22.14 -6.96
CA ASP E 41 -64.62 22.57 -6.07
C ASP E 41 -65.00 24.03 -6.29
N GLY E 42 -64.06 24.83 -6.78
CA GLY E 42 -64.28 26.26 -6.95
C GLY E 42 -63.65 27.12 -5.88
N GLU E 43 -62.98 26.52 -4.90
CA GLU E 43 -62.30 27.26 -3.85
C GLU E 43 -60.85 27.52 -4.26
N ILE E 44 -60.27 28.58 -3.70
CA ILE E 44 -58.89 28.93 -4.00
C ILE E 44 -57.99 27.95 -3.24
N LYS E 45 -57.57 26.89 -3.94
CA LYS E 45 -56.82 25.82 -3.29
C LYS E 45 -55.52 26.34 -2.68
N TYR E 46 -54.80 27.20 -3.40
CA TYR E 46 -53.53 27.68 -2.90
C TYR E 46 -53.69 28.57 -1.68
N LEU E 47 -54.82 29.25 -1.52
CA LEU E 47 -55.11 29.92 -0.27
C LEU E 47 -55.13 28.92 0.89
N GLN E 48 -55.81 27.79 0.69
CA GLN E 48 -55.85 26.75 1.73
C GLN E 48 -54.46 26.19 1.99
N LEU E 49 -53.66 25.97 0.95
CA LEU E 49 -52.31 25.49 1.17
C LEU E 49 -51.48 26.50 1.95
N ALA E 50 -51.62 27.79 1.63
CA ALA E 50 -50.90 28.82 2.37
C ALA E 50 -51.36 28.90 3.82
N GLU E 51 -52.62 28.55 4.09
CA GLU E 51 -53.09 28.55 5.47
C GLU E 51 -52.11 27.87 6.41
N GLU E 52 -51.47 26.79 5.95
CA GLU E 52 -50.48 26.08 6.76
C GLU E 52 -49.11 26.74 6.75
N LEU E 53 -48.89 27.71 5.86
CA LEU E 53 -47.59 28.37 5.77
C LEU E 53 -47.27 29.19 7.02
N ILE E 54 -48.28 29.53 7.82
CA ILE E 54 -48.05 30.31 9.02
C ILE E 54 -47.19 29.55 10.02
N ARG E 55 -47.48 28.27 10.21
CA ARG E 55 -46.82 27.51 11.25
C ARG E 55 -45.32 27.42 10.98
N PRO E 56 -44.48 27.61 12.00
CA PRO E 56 -43.03 27.42 11.80
C PRO E 56 -42.72 26.04 11.26
N GLU E 57 -41.47 25.86 10.83
CA GLU E 57 -41.05 24.66 10.10
C GLU E 57 -41.85 24.48 8.83
N ARG E 58 -42.36 25.57 8.27
CA ARG E 58 -43.21 25.51 7.08
C ARG E 58 -43.06 26.84 6.36
N ASN E 59 -42.22 26.86 5.32
CA ASN E 59 -41.99 28.09 4.57
C ASN E 59 -41.94 27.84 3.06
N THR E 60 -42.54 26.74 2.59
CA THR E 60 -42.55 26.40 1.19
C THR E 60 -43.96 26.01 0.77
N LEU E 61 -44.42 26.58 -0.34
CA LEU E 61 -45.72 26.27 -0.91
C LEU E 61 -45.51 25.51 -2.21
N VAL E 62 -46.07 24.30 -2.28
CA VAL E 62 -45.91 23.44 -3.45
C VAL E 62 -46.99 23.80 -4.45
N VAL E 63 -46.59 24.25 -5.63
CA VAL E 63 -47.51 24.67 -6.69
C VAL E 63 -47.31 23.76 -7.88
N SER E 64 -48.37 23.07 -8.28
CA SER E 64 -48.29 22.16 -9.42
C SER E 64 -48.21 22.95 -10.72
N PHE E 65 -47.20 22.62 -11.54
CA PHE E 65 -47.02 23.34 -12.79
C PHE E 65 -48.17 23.12 -13.76
N VAL E 66 -48.92 22.04 -13.61
CA VAL E 66 -50.11 21.84 -14.44
C VAL E 66 -51.11 22.96 -14.18
N ASP E 67 -51.33 23.30 -12.91
CA ASP E 67 -52.20 24.42 -12.58
C ASP E 67 -51.69 25.72 -13.19
N LEU E 68 -50.37 25.95 -13.11
CA LEU E 68 -49.81 27.17 -13.67
C LEU E 68 -50.03 27.24 -15.17
N GLU E 69 -49.84 26.12 -15.88
CA GLU E 69 -50.13 26.09 -17.30
C GLU E 69 -51.61 26.38 -17.57
N GLN E 70 -52.49 25.77 -16.78
CA GLN E 70 -53.93 25.95 -17.02
C GLN E 70 -54.35 27.40 -16.82
N PHE E 71 -53.82 28.06 -15.79
CA PHE E 71 -54.27 29.41 -15.49
C PHE E 71 -53.70 30.43 -16.47
N ASN E 72 -52.38 30.56 -16.51
CA ASN E 72 -51.70 31.55 -17.35
C ASN E 72 -50.59 30.85 -18.12
N GLN E 73 -50.88 30.48 -19.37
CA GLN E 73 -49.88 29.79 -20.18
C GLN E 73 -48.65 30.66 -20.41
N GLN E 74 -48.85 31.93 -20.71
CA GLN E 74 -47.71 32.82 -20.96
C GLN E 74 -46.82 32.93 -19.73
N LEU E 75 -47.43 33.05 -18.55
CA LEU E 75 -46.64 33.10 -17.31
C LEU E 75 -45.84 31.82 -17.13
N SER E 76 -46.46 30.66 -17.40
CA SER E 76 -45.75 29.40 -17.24
C SER E 76 -44.57 29.32 -18.21
N THR E 77 -44.77 29.75 -19.46
CA THR E 77 -43.68 29.74 -20.43
C THR E 77 -42.56 30.66 -19.99
N THR E 78 -42.90 31.86 -19.52
CA THR E 78 -41.89 32.80 -19.06
C THR E 78 -41.10 32.22 -17.89
N ILE E 79 -41.80 31.60 -16.94
CA ILE E 79 -41.12 30.98 -15.80
C ILE E 79 -40.19 29.88 -16.27
N GLN E 80 -40.67 29.03 -17.19
CA GLN E 80 -39.86 27.91 -17.64
C GLN E 80 -38.61 28.38 -18.37
N GLU E 81 -38.74 29.40 -19.21
CA GLU E 81 -37.59 29.91 -19.96
C GLU E 81 -36.79 30.96 -19.20
N GLU E 82 -37.29 31.46 -18.08
CA GLU E 82 -36.60 32.47 -17.28
C GLU E 82 -36.75 32.17 -15.79
N PHE E 83 -36.60 30.90 -15.42
CA PHE E 83 -36.90 30.49 -14.05
C PHE E 83 -36.00 31.18 -13.04
N TYR E 84 -34.70 31.22 -13.29
CA TYR E 84 -33.78 31.72 -12.28
C TYR E 84 -33.93 33.22 -12.07
N ARG E 85 -34.10 33.98 -13.16
CA ARG E 85 -34.14 35.43 -13.03
C ARG E 85 -35.48 35.92 -12.48
N VAL E 86 -36.46 35.04 -12.32
CA VAL E 86 -37.76 35.42 -11.77
C VAL E 86 -38.08 34.71 -10.46
N TYR E 87 -37.33 33.68 -10.09
CA TYR E 87 -37.64 32.95 -8.86
C TYR E 87 -37.68 33.85 -7.63
N PRO E 88 -36.71 34.76 -7.43
CA PRO E 88 -36.84 35.68 -6.28
C PRO E 88 -38.13 36.48 -6.32
N TYR E 89 -38.57 36.87 -7.51
CA TYR E 89 -39.81 37.62 -7.62
C TYR E 89 -41.02 36.74 -7.32
N LEU E 90 -40.98 35.45 -7.69
CA LEU E 90 -42.05 34.55 -7.29
C LEU E 90 -42.08 34.39 -5.77
N CYS E 91 -40.91 34.29 -5.14
CA CYS E 91 -40.87 34.22 -3.68
C CYS E 91 -41.44 35.49 -3.05
N ARG E 92 -41.10 36.65 -3.61
CA ARG E 92 -41.66 37.90 -3.11
C ARG E 92 -43.18 37.94 -3.28
N ALA E 93 -43.67 37.45 -4.42
CA ALA E 93 -45.10 37.39 -4.63
C ALA E 93 -45.78 36.49 -3.60
N LEU E 94 -45.16 35.35 -3.30
CA LEU E 94 -45.70 34.48 -2.25
C LEU E 94 -45.70 35.18 -0.89
N LYS E 95 -44.61 35.89 -0.59
CA LYS E 95 -44.53 36.60 0.69
C LYS E 95 -45.64 37.63 0.81
N THR E 96 -45.90 38.37 -0.26
CA THR E 96 -47.02 39.31 -0.25
C THR E 96 -48.35 38.57 -0.13
N PHE E 97 -48.47 37.43 -0.82
CA PHE E 97 -49.71 36.66 -0.80
C PHE E 97 -50.04 36.17 0.60
N VAL E 98 -49.03 35.88 1.41
CA VAL E 98 -49.24 35.33 2.75
C VAL E 98 -49.28 36.43 3.81
N LYS E 99 -48.43 37.44 3.69
CA LYS E 99 -48.34 38.47 4.73
C LYS E 99 -49.66 39.18 4.93
N ASP E 100 -50.29 39.63 3.82
CA ASP E 100 -51.52 40.40 3.94
C ASP E 100 -52.67 39.60 4.54
N ARG E 101 -52.54 38.28 4.62
CA ARG E 101 -53.61 37.43 5.12
C ARG E 101 -53.48 37.15 6.61
N LYS E 102 -52.26 37.00 7.12
CA LYS E 102 -52.03 36.57 8.49
C LYS E 102 -50.91 37.41 9.09
N GLU E 103 -50.40 36.96 10.24
CA GLU E 103 -49.41 37.72 10.99
C GLU E 103 -48.07 37.00 11.03
N ILE E 104 -47.62 36.53 9.87
CA ILE E 104 -46.34 35.83 9.75
C ILE E 104 -45.22 36.77 10.21
N PRO E 105 -44.13 36.25 10.76
CA PRO E 105 -43.01 37.14 11.12
C PRO E 105 -42.52 37.92 9.91
N LEU E 106 -42.16 39.19 10.16
CA LEU E 106 -41.70 40.04 9.07
C LEU E 106 -40.44 39.50 8.42
N ALA E 107 -39.50 39.02 9.24
CA ALA E 107 -38.23 38.52 8.72
C ALA E 107 -38.34 37.14 8.10
N LYS E 108 -39.41 36.39 8.37
CA LYS E 108 -39.57 35.07 7.80
C LYS E 108 -39.62 35.15 6.29
N ASP E 109 -38.93 34.24 5.62
CA ASP E 109 -38.91 34.16 4.17
C ASP E 109 -39.71 32.94 3.71
N PHE E 110 -40.08 32.94 2.44
CA PHE E 110 -40.87 31.88 1.86
C PHE E 110 -40.35 31.54 0.47
N TYR E 111 -40.54 30.28 0.09
CA TYR E 111 -40.03 29.76 -1.18
C TYR E 111 -41.16 29.07 -1.93
N VAL E 112 -41.02 29.04 -3.25
CA VAL E 112 -42.02 28.46 -4.14
C VAL E 112 -41.47 27.14 -4.68
N ALA E 113 -42.23 26.06 -4.52
CA ALA E 113 -41.86 24.74 -4.96
C ALA E 113 -42.78 24.32 -6.10
N PHE E 114 -42.18 24.01 -7.26
CA PHE E 114 -42.94 23.55 -8.42
C PHE E 114 -42.83 22.04 -8.55
N GLN E 115 -43.86 21.45 -9.13
CA GLN E 115 -43.90 20.00 -9.31
C GLN E 115 -44.82 19.69 -10.48
N ASP E 116 -44.71 18.43 -10.96
CA ASP E 116 -45.55 17.94 -12.05
C ASP E 116 -45.17 18.58 -13.39
N LEU E 117 -43.92 18.95 -13.55
CA LEU E 117 -43.47 19.50 -14.82
C LEU E 117 -43.68 18.45 -15.90
N PRO E 118 -44.39 18.78 -16.99
CA PRO E 118 -44.80 17.72 -17.93
C PRO E 118 -43.63 16.95 -18.55
N THR E 119 -42.52 17.61 -18.84
CA THR E 119 -41.40 17.01 -19.54
C THR E 119 -40.23 16.78 -18.59
N ARG E 120 -39.46 15.73 -18.89
CA ARG E 120 -38.28 15.39 -18.12
C ARG E 120 -37.06 15.37 -19.04
N HIS E 121 -35.92 15.75 -18.49
CA HIS E 121 -34.66 15.80 -19.24
C HIS E 121 -33.65 14.85 -18.62
N LYS E 122 -32.77 14.34 -19.46
CA LYS E 122 -31.74 13.40 -19.04
C LYS E 122 -30.52 14.18 -18.53
N ILE E 123 -29.76 13.53 -17.64
CA ILE E 123 -28.56 14.18 -17.11
C ILE E 123 -27.59 14.49 -18.23
N ARG E 124 -27.57 13.67 -19.28
CA ARG E 124 -26.71 13.95 -20.41
C ARG E 124 -27.19 15.15 -21.22
N GLU E 125 -28.45 15.53 -21.08
CA GLU E 125 -29.02 16.64 -21.83
C GLU E 125 -28.79 17.98 -21.15
N LEU E 126 -28.24 18.01 -19.93
CA LEU E 126 -28.05 19.26 -19.22
C LEU E 126 -26.91 20.06 -19.81
N THR E 127 -27.09 20.55 -21.03
CA THR E 127 -26.11 21.43 -21.66
C THR E 127 -26.21 22.84 -21.10
N SER E 128 -25.24 23.67 -21.45
CA SER E 128 -25.25 25.05 -20.96
C SER E 128 -26.50 25.80 -21.37
N SER E 129 -27.19 25.37 -22.43
CA SER E 129 -28.41 26.03 -22.85
C SER E 129 -29.51 25.92 -21.81
N ARG E 130 -29.42 24.96 -20.90
CA ARG E 130 -30.40 24.80 -19.83
C ARG E 130 -30.03 25.55 -18.56
N ILE E 131 -28.93 26.31 -18.58
CA ILE E 131 -28.52 27.03 -17.39
C ILE E 131 -29.57 28.09 -17.05
N GLY E 132 -29.84 28.22 -15.75
CA GLY E 132 -30.70 29.29 -15.28
C GLY E 132 -32.12 29.25 -15.82
N LEU E 133 -32.66 28.07 -16.08
CA LEU E 133 -34.06 27.93 -16.50
C LEU E 133 -34.60 26.61 -15.99
N LEU E 134 -35.92 26.55 -15.86
CA LEU E 134 -36.56 25.42 -15.19
C LEU E 134 -36.35 24.13 -15.97
N THR E 135 -36.20 23.04 -15.23
CA THR E 135 -36.06 21.71 -15.82
C THR E 135 -36.27 20.67 -14.73
N ARG E 136 -36.78 19.50 -15.13
CA ARG E 136 -36.91 18.36 -14.25
C ARG E 136 -36.06 17.21 -14.79
N ILE E 137 -35.36 16.54 -13.88
CA ILE E 137 -34.51 15.40 -14.22
C ILE E 137 -34.82 14.27 -13.25
N SER E 138 -34.37 13.07 -13.60
CA SER E 138 -34.50 11.90 -12.74
C SER E 138 -33.11 11.33 -12.49
N GLY E 139 -32.90 10.80 -11.29
CA GLY E 139 -31.59 10.27 -10.95
C GLY E 139 -31.68 9.36 -9.75
N GLN E 140 -30.54 8.79 -9.38
CA GLN E 140 -30.42 7.93 -8.21
C GLN E 140 -29.51 8.60 -7.20
N VAL E 141 -30.00 8.75 -5.97
CA VAL E 141 -29.24 9.44 -4.94
C VAL E 141 -28.09 8.55 -4.48
N VAL E 142 -26.88 9.08 -4.52
CA VAL E 142 -25.70 8.33 -4.08
C VAL E 142 -25.41 8.58 -2.61
N ARG E 143 -25.55 9.82 -2.17
CA ARG E 143 -25.26 10.16 -0.78
C ARG E 143 -25.73 11.58 -0.52
N THR E 144 -26.11 11.84 0.73
CA THR E 144 -26.61 13.15 1.15
C THR E 144 -25.71 13.72 2.24
N HIS E 145 -25.24 14.93 2.04
CA HIS E 145 -24.44 15.61 3.05
C HIS E 145 -25.34 16.19 4.14
N PRO E 146 -24.77 16.58 5.27
CA PRO E 146 -25.58 17.12 6.36
C PRO E 146 -26.31 18.40 5.96
N VAL E 147 -27.17 18.85 6.86
CA VAL E 147 -27.93 20.08 6.66
C VAL E 147 -27.21 21.21 7.39
N HIS E 148 -27.07 22.34 6.72
CA HIS E 148 -26.37 23.49 7.26
C HIS E 148 -27.23 24.74 7.11
N PRO E 149 -27.00 25.76 7.93
CA PRO E 149 -27.59 27.08 7.64
C PRO E 149 -26.78 27.77 6.55
N GLU E 150 -27.47 28.40 5.61
CA GLU E 150 -26.87 29.03 4.45
C GLU E 150 -27.20 30.52 4.47
N LEU E 151 -26.19 31.34 4.21
CA LEU E 151 -26.33 32.78 4.22
C LEU E 151 -26.74 33.24 2.83
N VAL E 152 -27.92 33.84 2.72
CA VAL E 152 -28.41 34.40 1.47
C VAL E 152 -28.14 35.90 1.39
N SER E 153 -28.33 36.61 2.51
CA SER E 153 -28.02 38.03 2.57
C SER E 153 -28.00 38.44 4.03
N GLY E 154 -26.90 39.06 4.46
CA GLY E 154 -26.77 39.49 5.84
C GLY E 154 -26.26 40.90 5.99
N THR E 155 -25.23 41.10 6.81
CA THR E 155 -24.66 42.41 7.05
C THR E 155 -23.15 42.32 6.96
N PHE E 156 -22.54 43.40 6.48
CA PHE E 156 -21.10 43.52 6.36
C PHE E 156 -20.65 44.82 6.99
N LEU E 157 -19.50 44.79 7.67
CA LEU E 157 -18.91 45.96 8.29
C LEU E 157 -17.57 46.25 7.64
N CYS E 158 -17.39 47.50 7.21
CA CYS E 158 -16.11 47.95 6.67
C CYS E 158 -15.15 48.24 7.81
N LEU E 159 -13.95 47.67 7.73
CA LEU E 159 -12.93 47.89 8.74
C LEU E 159 -12.16 49.19 8.52
N ASP E 160 -12.46 49.92 7.45
CA ASP E 160 -11.81 51.19 7.15
C ASP E 160 -12.64 52.40 7.58
N CYS E 161 -13.98 52.30 7.52
CA CYS E 161 -14.83 53.43 7.84
C CYS E 161 -16.06 53.04 8.67
N GLN E 162 -16.19 51.78 9.07
CA GLN E 162 -17.33 51.33 9.87
C GLN E 162 -18.66 51.67 9.20
N THR E 163 -18.69 51.61 7.87
CA THR E 163 -19.92 51.79 7.12
C THR E 163 -20.53 50.43 6.80
N VAL E 164 -21.69 50.16 7.38
CA VAL E 164 -22.28 48.82 7.33
C VAL E 164 -22.91 48.64 5.96
N ILE E 165 -22.31 47.78 5.14
CA ILE E 165 -22.89 47.39 3.85
C ILE E 165 -23.84 46.25 4.12
N ARG E 166 -25.12 46.46 3.80
CA ARG E 166 -26.20 45.63 4.31
C ARG E 166 -26.90 44.88 3.18
N ASP E 167 -27.17 43.60 3.43
CA ASP E 167 -27.96 42.76 2.53
C ASP E 167 -27.29 42.62 1.16
N VAL E 168 -26.05 42.15 1.18
CA VAL E 168 -25.33 41.79 -0.04
C VAL E 168 -25.65 40.34 -0.37
N GLU E 169 -26.13 40.10 -1.59
CA GLU E 169 -26.60 38.77 -1.97
C GLU E 169 -25.43 37.87 -2.31
N GLN E 170 -25.35 36.74 -1.62
CA GLN E 170 -24.31 35.74 -1.87
C GLN E 170 -24.76 34.85 -3.02
N GLN E 171 -23.87 34.66 -4.00
CA GLN E 171 -24.14 33.74 -5.12
C GLN E 171 -23.24 32.52 -4.97
N PHE E 172 -23.70 31.58 -4.14
CA PHE E 172 -23.04 30.27 -3.98
C PHE E 172 -21.56 30.44 -3.63
N LYS E 173 -21.17 31.61 -3.16
CA LYS E 173 -19.79 31.93 -2.84
C LYS E 173 -19.79 33.06 -1.83
N TYR E 174 -18.84 33.04 -0.91
CA TYR E 174 -18.76 34.12 0.07
C TYR E 174 -18.41 35.40 -0.65
N THR E 175 -19.40 36.27 -0.85
CA THR E 175 -19.27 37.45 -1.69
C THR E 175 -19.33 38.70 -0.81
N GLN E 176 -18.16 39.21 -0.44
CA GLN E 176 -18.18 40.50 0.24
C GLN E 176 -18.63 41.58 -0.74
N PRO E 177 -19.15 42.71 -0.25
CA PRO E 177 -19.43 43.82 -1.17
C PRO E 177 -18.19 44.22 -1.93
N ASN E 178 -18.33 44.44 -3.23
CA ASN E 178 -17.18 44.72 -4.08
C ASN E 178 -16.49 46.03 -3.70
N ILE E 179 -17.23 47.00 -3.16
CA ILE E 179 -16.66 48.28 -2.79
C ILE E 179 -17.48 48.86 -1.66
N CYS E 180 -16.80 49.50 -0.70
CA CYS E 180 -17.49 50.15 0.40
C CYS E 180 -18.41 51.25 -0.14
N ARG E 181 -19.59 51.36 0.47
CA ARG E 181 -20.54 52.39 0.02
C ARG E 181 -19.94 53.78 0.13
N ASN E 182 -19.09 54.00 1.12
CA ASN E 182 -18.46 55.30 1.31
C ASN E 182 -17.54 55.63 0.15
N ASP E 194 -22.13 39.86 10.26
CA ASP E 194 -22.66 39.41 11.54
C ASP E 194 -23.71 38.32 11.33
N THR E 195 -24.08 37.64 12.41
CA THR E 195 -24.98 36.49 12.33
C THR E 195 -26.36 36.81 12.89
N ASN E 196 -26.41 37.42 14.06
CA ASN E 196 -27.68 37.66 14.74
C ASN E 196 -28.62 38.51 13.90
N LYS E 197 -28.08 39.30 12.97
CA LYS E 197 -28.91 40.14 12.12
C LYS E 197 -28.83 39.69 10.67
N SER E 198 -28.93 38.38 10.44
CA SER E 198 -28.88 37.82 9.09
C SER E 198 -30.00 36.81 8.93
N ARG E 199 -30.29 36.47 7.69
CA ARG E 199 -31.32 35.50 7.34
C ARG E 199 -30.65 34.25 6.77
N PHE E 200 -30.99 33.10 7.33
CA PHE E 200 -30.41 31.83 6.93
C PHE E 200 -31.48 30.92 6.36
N VAL E 201 -31.08 30.05 5.44
CA VAL E 201 -31.96 29.06 4.83
C VAL E 201 -31.28 27.70 4.92
N ASP E 202 -32.07 26.65 5.11
CA ASP E 202 -31.50 25.31 5.16
C ASP E 202 -30.80 25.00 3.84
N PHE E 203 -29.74 24.20 3.91
CA PHE E 203 -28.94 23.89 2.74
C PHE E 203 -28.34 22.51 2.89
N GLN E 204 -28.54 21.66 1.88
CA GLN E 204 -27.99 20.31 1.86
C GLN E 204 -27.50 20.00 0.46
N LYS E 205 -26.23 19.62 0.33
CA LYS E 205 -25.67 19.21 -0.95
C LYS E 205 -25.76 17.70 -1.06
N VAL E 206 -26.67 17.22 -1.90
CA VAL E 206 -26.89 15.78 -2.07
C VAL E 206 -26.44 15.40 -3.47
N ARG E 207 -25.61 14.37 -3.55
CA ARG E 207 -25.04 13.93 -4.82
C ARG E 207 -25.92 12.85 -5.43
N ILE E 208 -26.18 12.97 -6.72
CA ILE E 208 -26.96 11.97 -7.43
C ILE E 208 -26.12 11.41 -8.57
N GLN E 209 -26.67 10.45 -9.31
CA GLN E 209 -26.00 9.92 -10.47
C GLN E 209 -27.03 9.43 -11.48
N GLU E 210 -26.58 9.24 -12.71
CA GLU E 210 -27.46 8.90 -13.81
C GLU E 210 -28.09 7.52 -13.60
N THR E 211 -29.30 7.36 -14.11
CA THR E 211 -29.98 6.08 -14.02
C THR E 211 -29.45 5.11 -15.07
N GLN E 212 -29.73 3.82 -14.83
CA GLN E 212 -29.22 2.79 -15.74
C GLN E 212 -29.82 2.92 -17.13
N ALA E 213 -31.12 3.20 -17.21
CA ALA E 213 -31.78 3.28 -18.52
C ALA E 213 -31.15 4.37 -19.39
N GLU E 214 -30.73 5.48 -18.78
CA GLU E 214 -30.20 6.60 -19.55
C GLU E 214 -28.74 6.40 -19.96
N LEU E 215 -28.05 5.43 -19.38
CA LEU E 215 -26.63 5.26 -19.65
C LEU E 215 -26.39 4.98 -21.13
N PRO E 216 -25.58 5.78 -21.82
CA PRO E 216 -25.18 5.43 -23.19
C PRO E 216 -24.21 4.26 -23.19
N ARG E 217 -24.01 3.69 -24.38
CA ARG E 217 -23.18 2.51 -24.51
C ARG E 217 -21.78 2.77 -23.96
N GLY E 218 -21.33 1.90 -23.06
CA GLY E 218 -19.96 1.93 -22.59
C GLY E 218 -19.52 3.24 -21.98
N SER E 219 -20.34 3.82 -21.12
CA SER E 219 -20.02 5.07 -20.45
C SER E 219 -20.38 4.97 -18.97
N ILE E 220 -19.53 5.53 -18.12
CA ILE E 220 -19.76 5.54 -16.68
C ILE E 220 -20.88 6.52 -16.36
N PRO E 221 -21.62 6.33 -15.27
CA PRO E 221 -22.71 7.27 -14.95
C PRO E 221 -22.18 8.65 -14.60
N ARG E 222 -23.00 9.66 -14.88
CA ARG E 222 -22.67 11.04 -14.57
C ARG E 222 -23.29 11.43 -13.24
N SER E 223 -22.55 12.20 -12.45
CA SER E 223 -23.01 12.67 -11.14
C SER E 223 -22.89 14.18 -11.08
N LEU E 224 -24.00 14.85 -10.78
CA LEU E 224 -24.02 16.29 -10.54
C LEU E 224 -24.65 16.54 -9.19
N GLU E 225 -23.92 17.22 -8.30
CA GLU E 225 -24.37 17.42 -6.94
C GLU E 225 -25.51 18.43 -6.91
N VAL E 226 -26.73 17.96 -6.64
CA VAL E 226 -27.86 18.86 -6.55
C VAL E 226 -27.88 19.47 -5.15
N ILE E 227 -28.47 20.65 -5.05
CA ILE E 227 -28.49 21.42 -3.81
C ILE E 227 -29.94 21.64 -3.41
N LEU E 228 -30.26 21.34 -2.16
CA LEU E 228 -31.60 21.45 -1.62
C LEU E 228 -31.63 22.51 -0.53
N ARG E 229 -32.78 23.16 -0.38
CA ARG E 229 -32.95 24.26 0.55
C ARG E 229 -34.14 23.96 1.47
N ALA E 230 -34.58 25.00 2.20
CA ALA E 230 -35.59 24.85 3.24
C ALA E 230 -36.75 23.97 2.82
N GLU E 231 -37.37 23.30 3.79
CA GLU E 231 -38.45 22.34 3.57
C GLU E 231 -37.92 21.09 2.90
N ALA E 232 -37.65 21.17 1.59
CA ALA E 232 -37.19 20.01 0.85
C ALA E 232 -35.69 19.80 1.03
N VAL E 233 -35.23 19.75 2.29
CA VAL E 233 -33.81 19.65 2.58
C VAL E 233 -33.39 18.25 2.98
N GLU E 234 -34.34 17.33 3.20
CA GLU E 234 -34.01 15.94 3.48
C GLU E 234 -34.95 14.97 2.77
N SER E 235 -35.68 15.44 1.76
CA SER E 235 -36.64 14.58 1.06
C SER E 235 -35.98 13.48 0.25
N ALA E 236 -34.66 13.54 0.06
CA ALA E 236 -33.94 12.55 -0.71
C ALA E 236 -32.95 11.82 0.20
N GLN E 237 -32.97 10.49 0.14
CA GLN E 237 -32.06 9.65 0.92
C GLN E 237 -31.22 8.81 -0.02
N ALA E 238 -30.04 8.41 0.45
CA ALA E 238 -29.15 7.62 -0.37
C ALA E 238 -29.83 6.33 -0.84
N GLY E 239 -29.68 6.03 -2.12
CA GLY E 239 -30.25 4.83 -2.69
C GLY E 239 -31.63 4.98 -3.29
N ASP E 240 -32.27 6.14 -3.13
CA ASP E 240 -33.60 6.35 -3.67
C ASP E 240 -33.52 6.85 -5.11
N LYS E 241 -34.52 6.48 -5.90
CA LYS E 241 -34.71 7.03 -7.24
C LYS E 241 -35.62 8.24 -7.13
N CYS E 242 -35.10 9.42 -7.44
CA CYS E 242 -35.82 10.66 -7.22
C CYS E 242 -35.80 11.54 -8.46
N ASP E 243 -36.89 12.29 -8.63
CA ASP E 243 -37.00 13.31 -9.66
C ASP E 243 -36.78 14.66 -9.02
N PHE E 244 -35.82 15.42 -9.54
CA PHE E 244 -35.49 16.74 -9.04
C PHE E 244 -35.96 17.79 -10.04
N THR E 245 -36.72 18.76 -9.56
CA THR E 245 -37.23 19.85 -10.38
C THR E 245 -36.62 21.15 -9.90
N GLY E 246 -36.02 21.91 -10.81
CA GLY E 246 -35.34 23.12 -10.43
C GLY E 246 -34.60 23.77 -11.58
N THR E 247 -33.38 24.24 -11.34
CA THR E 247 -32.61 24.93 -12.35
C THR E 247 -31.16 24.50 -12.30
N LEU E 248 -30.57 24.28 -13.47
CA LEU E 248 -29.14 24.10 -13.58
C LEU E 248 -28.47 25.46 -13.44
N ILE E 249 -27.35 25.51 -12.71
CA ILE E 249 -26.65 26.75 -12.42
C ILE E 249 -25.15 26.48 -12.50
N VAL E 250 -24.39 27.57 -12.53
CA VAL E 250 -22.93 27.51 -12.59
C VAL E 250 -22.40 28.07 -11.27
N VAL E 251 -21.44 27.37 -10.68
CA VAL E 251 -20.81 27.77 -9.43
C VAL E 251 -19.32 27.98 -9.72
N PRO E 252 -18.72 29.08 -9.29
CA PRO E 252 -17.28 29.25 -9.47
C PRO E 252 -16.51 28.37 -8.51
N ASP E 253 -15.58 27.58 -9.04
CA ASP E 253 -14.76 26.70 -8.23
C ASP E 253 -13.31 27.13 -8.26
N VAL E 289 -7.55 40.72 -11.28
CA VAL E 289 -7.57 39.60 -12.19
C VAL E 289 -7.90 38.32 -11.44
N ARG E 290 -8.71 37.46 -12.05
CA ARG E 290 -9.08 36.19 -11.45
C ARG E 290 -9.56 35.25 -12.56
N ASP E 291 -9.58 33.96 -12.24
CA ASP E 291 -9.94 32.93 -13.19
C ASP E 291 -11.39 32.52 -13.00
N LEU E 292 -12.14 32.41 -14.10
CA LEU E 292 -13.54 32.02 -14.07
C LEU E 292 -13.63 30.54 -14.40
N SER E 293 -13.45 29.72 -13.37
CA SER E 293 -13.62 28.27 -13.47
C SER E 293 -14.99 27.93 -12.91
N TYR E 294 -15.88 27.44 -13.77
CA TYR E 294 -17.26 27.16 -13.40
C TYR E 294 -17.54 25.66 -13.43
N ARG E 295 -18.43 25.23 -12.53
CA ARG E 295 -18.89 23.85 -12.50
C ARG E 295 -20.42 23.86 -12.47
N LEU E 296 -21.03 22.93 -13.19
CA LEU E 296 -22.48 22.82 -13.22
C LEU E 296 -22.98 22.20 -11.93
N VAL E 297 -24.11 22.70 -11.45
CA VAL E 297 -24.72 22.22 -10.21
C VAL E 297 -26.22 22.45 -10.31
N PHE E 298 -27.00 21.49 -9.85
CA PHE E 298 -28.45 21.60 -9.91
C PHE E 298 -28.99 22.14 -8.60
N LEU E 299 -29.88 23.12 -8.68
CA LEU E 299 -30.57 23.69 -7.54
C LEU E 299 -32.03 23.31 -7.66
N ALA E 300 -32.49 22.44 -6.76
CA ALA E 300 -33.81 21.85 -6.84
C ALA E 300 -34.75 22.54 -5.86
N CYS E 301 -35.91 22.96 -6.34
CA CYS E 301 -36.95 23.55 -5.49
C CYS E 301 -37.95 22.51 -5.00
N CYS E 302 -37.79 21.24 -5.39
CA CYS E 302 -38.70 20.19 -4.98
C CYS E 302 -38.07 18.84 -5.32
N VAL E 303 -38.34 17.85 -4.47
CA VAL E 303 -37.88 16.48 -4.68
C VAL E 303 -39.04 15.54 -4.41
N ALA E 304 -39.26 14.60 -5.33
CA ALA E 304 -40.31 13.61 -5.19
C ALA E 304 -39.81 12.27 -5.71
N PRO E 305 -40.37 11.16 -5.24
CA PRO E 305 -39.95 9.86 -5.77
C PRO E 305 -40.30 9.74 -7.25
N THR E 306 -39.40 9.07 -7.99
CA THR E 306 -39.62 8.90 -9.43
C THR E 306 -40.85 8.06 -9.71
N ASN E 307 -41.06 6.98 -8.94
CA ASN E 307 -42.17 6.06 -9.11
C ASN E 307 -42.91 5.97 -7.78
N PRO E 308 -43.81 6.91 -7.50
CA PRO E 308 -44.46 6.93 -6.18
C PRO E 308 -45.14 5.61 -5.86
N ARG E 309 -44.96 5.16 -4.62
CA ARG E 309 -45.60 3.91 -4.19
C ARG E 309 -47.10 4.10 -4.00
N PHE E 310 -47.50 5.19 -3.36
CA PHE E 310 -48.90 5.46 -3.06
C PHE E 310 -49.34 6.74 -3.77
N GLY E 311 -50.56 6.72 -4.31
CA GLY E 311 -51.09 7.89 -4.99
C GLY E 311 -51.57 8.99 -4.07
N GLY E 312 -51.65 8.72 -2.76
CA GLY E 312 -52.09 9.72 -1.81
C GLY E 312 -50.93 10.40 -1.09
N GLN E 320 -44.06 6.19 10.66
CA GLN E 320 -44.72 5.21 9.82
C GLN E 320 -45.44 4.16 10.65
N THR E 321 -46.77 4.15 10.55
CA THR E 321 -47.62 3.20 11.24
C THR E 321 -48.72 2.72 10.32
N ALA E 322 -49.35 1.61 10.69
CA ALA E 322 -50.33 0.97 9.81
C ALA E 322 -51.38 1.96 9.32
N GLU E 323 -51.96 2.72 10.25
CA GLU E 323 -52.98 3.70 9.85
C GLU E 323 -52.39 4.79 8.97
N SER E 324 -51.16 5.23 9.28
CA SER E 324 -50.53 6.26 8.45
C SER E 324 -50.35 5.77 7.02
N ILE E 325 -49.90 4.52 6.85
CA ILE E 325 -49.76 3.96 5.51
C ILE E 325 -51.13 3.85 4.85
N LYS E 326 -52.14 3.41 5.60
CA LYS E 326 -53.49 3.28 5.04
C LYS E 326 -53.97 4.61 4.49
N ASN E 327 -53.81 5.69 5.25
CA ASN E 327 -54.23 7.00 4.77
C ASN E 327 -53.32 7.51 3.65
N GLN E 328 -52.06 7.09 3.64
CA GLN E 328 -51.16 7.47 2.56
C GLN E 328 -51.68 7.02 1.20
N MET E 329 -52.50 5.96 1.19
CA MET E 329 -52.99 5.39 -0.05
C MET E 329 -54.24 6.11 -0.53
N THR E 330 -54.63 5.83 -1.77
CA THR E 330 -55.86 6.36 -2.34
C THR E 330 -57.02 5.43 -1.98
N VAL E 331 -58.21 5.74 -2.47
CA VAL E 331 -59.35 4.87 -2.22
C VAL E 331 -59.21 3.56 -2.99
N LYS E 332 -58.83 3.65 -4.27
CA LYS E 332 -58.74 2.46 -5.10
C LYS E 332 -57.62 1.53 -4.64
N GLU E 333 -56.47 2.10 -4.26
CA GLU E 333 -55.36 1.29 -3.78
C GLU E 333 -55.77 0.52 -2.53
N TRP E 334 -56.45 1.19 -1.59
CA TRP E 334 -56.90 0.50 -0.39
C TRP E 334 -57.95 -0.56 -0.74
N GLU E 335 -58.84 -0.27 -1.69
CA GLU E 335 -59.79 -1.29 -2.11
C GLU E 335 -59.07 -2.53 -2.58
N LYS E 336 -58.05 -2.35 -3.42
CA LYS E 336 -57.28 -3.49 -3.92
C LYS E 336 -56.59 -4.22 -2.78
N VAL E 337 -55.95 -3.49 -1.88
CA VAL E 337 -55.19 -4.11 -0.79
C VAL E 337 -56.11 -4.92 0.11
N PHE E 338 -57.23 -4.32 0.51
CA PHE E 338 -58.18 -5.01 1.36
C PHE E 338 -58.77 -6.22 0.65
N GLU E 339 -59.07 -6.09 -0.64
CA GLU E 339 -59.62 -7.22 -1.39
C GLU E 339 -58.65 -8.39 -1.41
N MET E 340 -57.37 -8.11 -1.67
CA MET E 340 -56.40 -9.20 -1.72
C MET E 340 -56.10 -9.74 -0.32
N SER E 341 -56.26 -8.91 0.72
CA SER E 341 -56.09 -9.42 2.08
C SER E 341 -57.13 -10.47 2.39
N GLN E 342 -58.36 -10.29 1.90
CA GLN E 342 -59.43 -11.27 2.06
C GLN E 342 -59.39 -12.34 0.98
N ASP E 343 -58.44 -12.27 0.06
CA ASP E 343 -58.35 -13.22 -1.04
C ASP E 343 -57.79 -14.54 -0.53
N LYS E 344 -58.65 -15.54 -0.38
CA LYS E 344 -58.18 -16.87 -0.05
C LYS E 344 -57.28 -17.39 -1.16
N ASN E 345 -56.24 -18.13 -0.77
CA ASN E 345 -55.20 -18.61 -1.68
C ASN E 345 -54.30 -17.47 -2.16
N LEU E 346 -54.23 -16.37 -1.41
CA LEU E 346 -53.32 -15.29 -1.76
C LEU E 346 -51.87 -15.76 -1.81
N TYR E 347 -51.54 -16.81 -1.07
CA TYR E 347 -50.16 -17.31 -1.07
C TYR E 347 -49.74 -17.75 -2.46
N HIS E 348 -50.54 -18.63 -3.08
CA HIS E 348 -50.21 -19.11 -4.41
C HIS E 348 -50.29 -17.99 -5.44
N ASN E 349 -51.27 -17.10 -5.30
CA ASN E 349 -51.39 -15.99 -6.24
C ASN E 349 -50.14 -15.11 -6.20
N LEU E 350 -49.66 -14.78 -5.00
CA LEU E 350 -48.43 -14.01 -4.88
C LEU E 350 -47.25 -14.77 -5.47
N CYS E 351 -47.14 -16.06 -5.17
CA CYS E 351 -46.04 -16.85 -5.69
C CYS E 351 -46.02 -16.81 -7.22
N THR E 352 -47.16 -17.07 -7.84
CA THR E 352 -47.22 -17.08 -9.30
C THR E 352 -46.93 -15.69 -9.88
N SER E 353 -47.61 -14.67 -9.37
CA SER E 353 -47.47 -13.33 -9.93
C SER E 353 -46.04 -12.82 -9.80
N LEU E 354 -45.39 -13.06 -8.66
CA LEU E 354 -44.05 -12.55 -8.45
C LEU E 354 -43.03 -13.22 -9.35
N PHE E 355 -43.25 -14.50 -9.68
CA PHE E 355 -42.33 -15.27 -10.54
C PHE E 355 -43.14 -15.97 -11.62
N PRO E 356 -43.59 -15.23 -12.64
CA PRO E 356 -44.38 -15.88 -13.69
C PRO E 356 -43.55 -16.72 -14.65
N THR E 357 -42.30 -16.36 -14.87
CA THR E 357 -41.48 -17.02 -15.87
C THR E 357 -40.66 -18.19 -15.33
N ILE E 358 -40.66 -18.41 -14.02
CA ILE E 358 -39.88 -19.47 -13.40
C ILE E 358 -40.79 -20.68 -13.20
N HIS E 359 -40.46 -21.78 -13.87
CA HIS E 359 -41.27 -23.00 -13.79
C HIS E 359 -40.93 -23.79 -12.53
N GLY E 360 -41.96 -24.29 -11.87
CA GLY E 360 -41.74 -25.11 -10.69
C GLY E 360 -41.03 -24.33 -9.60
N ASN E 361 -40.22 -25.06 -8.82
CA ASN E 361 -39.47 -24.47 -7.72
C ASN E 361 -40.39 -23.71 -6.77
N ASP E 362 -41.56 -24.31 -6.50
CA ASP E 362 -42.52 -23.66 -5.63
C ASP E 362 -41.92 -23.33 -4.26
N GLU E 363 -41.08 -24.23 -3.74
CA GLU E 363 -40.52 -24.03 -2.41
C GLU E 363 -39.66 -22.77 -2.37
N VAL E 364 -38.83 -22.55 -3.39
CA VAL E 364 -37.98 -21.37 -3.41
C VAL E 364 -38.81 -20.10 -3.52
N LYS E 365 -39.87 -20.13 -4.34
CA LYS E 365 -40.75 -18.97 -4.46
C LYS E 365 -41.39 -18.64 -3.12
N ARG E 366 -41.90 -19.66 -2.43
CA ARG E 366 -42.49 -19.44 -1.11
C ARG E 366 -41.46 -18.87 -0.15
N GLY E 367 -40.23 -19.39 -0.20
CA GLY E 367 -39.21 -18.90 0.70
C GLY E 367 -38.91 -17.44 0.48
N VAL E 368 -38.72 -17.03 -0.78
CA VAL E 368 -38.40 -15.64 -1.06
C VAL E 368 -39.59 -14.73 -0.76
N LEU E 369 -40.82 -15.23 -0.93
CA LEU E 369 -41.97 -14.44 -0.56
C LEU E 369 -41.99 -14.16 0.95
N LEU E 370 -41.87 -15.22 1.76
CA LEU E 370 -41.77 -15.03 3.19
C LEU E 370 -40.60 -14.13 3.55
N MET E 371 -39.51 -14.21 2.80
CA MET E 371 -38.37 -13.31 3.03
C MET E 371 -38.77 -11.86 2.78
N LEU E 372 -39.48 -11.61 1.69
CA LEU E 372 -39.91 -10.26 1.39
C LEU E 372 -40.80 -9.72 2.49
N PHE E 373 -41.65 -10.56 3.07
CA PHE E 373 -42.44 -10.12 4.21
C PHE E 373 -41.61 -10.06 5.48
N GLY E 374 -41.03 -11.17 5.90
CA GLY E 374 -40.19 -11.21 7.06
C GLY E 374 -40.96 -11.43 8.35
N GLY E 375 -40.22 -11.55 9.44
CA GLY E 375 -40.79 -11.78 10.75
C GLY E 375 -41.03 -10.51 11.53
N VAL E 376 -40.99 -10.62 12.85
CA VAL E 376 -41.21 -9.49 13.74
C VAL E 376 -39.99 -9.32 14.65
N PRO E 377 -39.16 -8.30 14.45
CA PRO E 377 -38.02 -8.10 15.36
C PRO E 377 -38.49 -7.78 16.77
N LYS E 378 -37.68 -8.20 17.74
CA LYS E 378 -38.03 -8.06 19.14
C LYS E 378 -36.76 -7.79 19.94
N THR E 379 -36.94 -7.22 21.13
CA THR E 379 -35.83 -6.89 22.02
C THR E 379 -36.07 -7.56 23.37
N THR E 380 -35.02 -8.18 23.91
CA THR E 380 -35.12 -8.91 25.16
C THR E 380 -35.00 -7.96 26.35
N GLY E 381 -35.50 -8.42 27.50
CA GLY E 381 -35.39 -7.63 28.71
C GLY E 381 -33.95 -7.32 29.06
N GLU E 382 -33.05 -8.28 28.86
CA GLU E 382 -31.63 -8.05 29.10
C GLU E 382 -31.01 -7.18 28.01
N GLY E 383 -31.75 -6.85 26.95
CA GLY E 383 -31.23 -6.09 25.84
C GLY E 383 -30.87 -6.93 24.63
N THR E 384 -30.93 -8.25 24.73
CA THR E 384 -30.63 -9.10 23.59
C THR E 384 -31.61 -8.83 22.46
N SER E 385 -31.10 -8.85 21.23
CA SER E 385 -31.91 -8.58 20.05
C SER E 385 -32.31 -9.90 19.39
N LEU E 386 -33.61 -10.11 19.24
CA LEU E 386 -34.14 -11.28 18.56
C LEU E 386 -34.29 -10.97 17.08
N ARG E 387 -33.52 -11.65 16.25
CA ARG E 387 -33.58 -11.42 14.82
C ARG E 387 -34.99 -11.68 14.31
N GLY E 388 -35.52 -10.75 13.52
CA GLY E 388 -36.88 -10.85 13.03
C GLY E 388 -36.97 -10.78 11.52
N ASP E 389 -35.82 -10.91 10.85
CA ASP E 389 -35.77 -10.89 9.39
C ASP E 389 -35.12 -12.18 8.92
N ILE E 390 -35.81 -12.91 8.06
CA ILE E 390 -35.36 -14.23 7.62
C ILE E 390 -34.46 -14.09 6.42
N ASN E 391 -33.33 -14.80 6.44
CA ASN E 391 -32.43 -14.88 5.30
C ASN E 391 -32.69 -16.17 4.54
N VAL E 392 -32.23 -16.22 3.30
CA VAL E 392 -32.40 -17.38 2.45
C VAL E 392 -31.16 -17.57 1.61
N CYS E 393 -30.83 -18.83 1.34
CA CYS E 393 -29.73 -19.18 0.45
C CYS E 393 -30.22 -20.22 -0.55
N ILE E 394 -29.67 -20.16 -1.76
CA ILE E 394 -30.03 -21.06 -2.85
C ILE E 394 -28.75 -21.68 -3.39
N VAL E 395 -28.71 -23.01 -3.40
CA VAL E 395 -27.53 -23.76 -3.82
C VAL E 395 -27.97 -24.85 -4.77
N GLY E 396 -27.24 -25.05 -5.86
CA GLY E 396 -27.58 -26.14 -6.75
C GLY E 396 -26.83 -26.04 -8.06
N ASP E 397 -27.19 -26.94 -8.97
CA ASP E 397 -26.52 -27.03 -10.25
C ASP E 397 -26.77 -25.77 -11.07
N PRO E 398 -25.90 -25.48 -12.04
CA PRO E 398 -26.09 -24.27 -12.86
C PRO E 398 -27.35 -24.36 -13.70
N SER E 399 -27.81 -23.19 -14.16
CA SER E 399 -29.02 -23.09 -14.96
C SER E 399 -30.23 -23.66 -14.24
N THR E 400 -30.27 -23.44 -12.92
CA THR E 400 -31.45 -23.75 -12.12
C THR E 400 -32.25 -22.49 -11.78
N ALA E 401 -31.93 -21.37 -12.41
CA ALA E 401 -32.67 -20.12 -12.22
C ALA E 401 -32.47 -19.55 -10.82
N LYS E 402 -31.23 -19.55 -10.34
CA LYS E 402 -30.92 -18.92 -9.06
C LYS E 402 -30.73 -17.42 -9.22
N SER E 403 -29.79 -17.02 -10.08
CA SER E 403 -29.60 -15.61 -10.34
C SER E 403 -30.88 -14.97 -10.85
N GLN E 404 -31.76 -15.75 -11.49
CA GLN E 404 -33.05 -15.21 -11.90
C GLN E 404 -33.92 -14.90 -10.69
N PHE E 405 -33.90 -15.76 -9.66
CA PHE E 405 -34.62 -15.43 -8.43
C PHE E 405 -34.06 -14.16 -7.81
N LEU E 406 -32.73 -14.05 -7.76
CA LEU E 406 -32.13 -12.85 -7.19
C LEU E 406 -32.52 -11.60 -7.97
N LYS E 407 -32.50 -11.68 -9.30
CA LYS E 407 -32.86 -10.53 -10.12
C LYS E 407 -34.33 -10.18 -9.98
N HIS E 408 -35.20 -11.19 -9.89
CA HIS E 408 -36.61 -10.93 -9.64
C HIS E 408 -36.79 -10.15 -8.34
N VAL E 409 -36.15 -10.61 -7.27
CA VAL E 409 -36.29 -9.95 -5.98
C VAL E 409 -35.76 -8.53 -6.06
N GLU E 410 -34.60 -8.34 -6.70
CA GLU E 410 -34.02 -7.01 -6.79
C GLU E 410 -34.93 -6.06 -7.56
N GLU E 411 -35.33 -6.46 -8.76
CA GLU E 411 -36.12 -5.56 -9.60
C GLU E 411 -37.49 -5.29 -9.01
N PHE E 412 -38.04 -6.25 -8.25
CA PHE E 412 -39.36 -6.04 -7.66
C PHE E 412 -39.30 -5.21 -6.39
N SER E 413 -38.61 -5.71 -5.37
CA SER E 413 -38.70 -5.12 -4.05
C SER E 413 -37.99 -3.77 -4.01
N PRO E 414 -38.63 -2.72 -3.48
CA PRO E 414 -37.90 -1.47 -3.24
C PRO E 414 -36.88 -1.66 -2.13
N ARG E 415 -35.85 -0.82 -2.16
CA ARG E 415 -34.74 -0.92 -1.23
C ARG E 415 -34.01 -2.25 -1.36
N ALA E 416 -34.08 -2.85 -2.55
CA ALA E 416 -33.43 -4.12 -2.84
C ALA E 416 -32.16 -3.85 -3.63
N VAL E 417 -31.03 -4.36 -3.13
CA VAL E 417 -29.72 -4.10 -3.71
C VAL E 417 -29.08 -5.42 -4.09
N TYR E 418 -28.59 -5.51 -5.32
CA TYR E 418 -28.00 -6.73 -5.85
C TYR E 418 -26.50 -6.53 -6.03
N THR E 419 -25.72 -7.55 -5.69
CA THR E 419 -24.28 -7.50 -5.84
C THR E 419 -23.74 -8.80 -6.43
N SER E 420 -22.42 -8.97 -6.42
CA SER E 420 -21.77 -10.14 -6.98
C SER E 420 -20.81 -10.73 -5.95
N GLY E 421 -20.09 -11.77 -6.37
CA GLY E 421 -19.16 -12.44 -5.49
C GLY E 421 -17.92 -11.63 -5.19
N LYS E 422 -17.09 -11.41 -6.20
CA LYS E 422 -15.81 -10.73 -6.04
C LYS E 422 -15.82 -9.30 -6.58
N ALA E 423 -16.94 -8.84 -7.11
CA ALA E 423 -17.02 -7.51 -7.69
C ALA E 423 -17.17 -6.41 -6.64
N SER E 424 -17.33 -6.77 -5.37
CA SER E 424 -17.54 -5.80 -4.30
C SER E 424 -16.46 -5.98 -3.24
N SER E 425 -15.84 -4.88 -2.83
CA SER E 425 -14.87 -4.90 -1.76
C SER E 425 -15.57 -4.74 -0.42
N ALA E 426 -14.79 -4.69 0.66
CA ALA E 426 -15.36 -4.56 1.99
C ALA E 426 -16.04 -3.20 2.17
N ALA E 427 -15.33 -2.11 1.85
CA ALA E 427 -15.85 -0.78 2.10
C ALA E 427 -17.11 -0.53 1.27
N GLY E 428 -17.06 -0.80 -0.03
CA GLY E 428 -18.22 -0.61 -0.87
C GLY E 428 -19.35 -1.56 -0.58
N LEU E 429 -19.09 -2.64 0.16
CA LEU E 429 -20.14 -3.60 0.49
C LEU E 429 -20.78 -3.33 1.83
N THR E 430 -20.08 -2.68 2.76
CA THR E 430 -20.64 -2.36 4.07
C THR E 430 -20.83 -0.86 4.29
N ALA E 431 -19.78 -0.06 4.16
CA ALA E 431 -19.87 1.37 4.42
C ALA E 431 -18.50 2.00 4.15
N ALA E 432 -18.48 3.32 4.12
CA ALA E 432 -17.23 4.07 4.06
C ALA E 432 -17.48 5.46 4.62
N VAL E 433 -16.40 6.18 4.89
CA VAL E 433 -16.47 7.54 5.43
C VAL E 433 -15.64 8.47 4.56
N VAL E 434 -16.19 9.65 4.28
CA VAL E 434 -15.44 10.73 3.66
C VAL E 434 -15.71 11.99 4.47
N ARG E 435 -14.87 13.00 4.27
CA ARG E 435 -15.01 14.26 4.97
C ARG E 435 -15.81 15.24 4.13
N ASP E 436 -16.78 15.89 4.76
CA ASP E 436 -17.59 16.87 4.06
C ASP E 436 -16.70 17.98 3.49
N GLU E 437 -16.90 18.29 2.21
CA GLU E 437 -16.07 19.30 1.57
C GLU E 437 -16.45 20.72 1.99
N GLU E 438 -17.52 20.90 2.75
CA GLU E 438 -18.04 22.22 3.07
C GLU E 438 -17.98 22.58 4.54
N SER E 439 -17.71 21.64 5.45
CA SER E 439 -17.69 21.93 6.87
C SER E 439 -16.69 21.01 7.54
N HIS E 440 -16.73 20.98 8.87
CA HIS E 440 -15.83 20.15 9.67
C HIS E 440 -16.35 18.75 9.91
N GLU E 441 -17.59 18.46 9.53
CA GLU E 441 -18.20 17.16 9.79
C GLU E 441 -17.84 16.18 8.68
N PHE E 442 -18.05 14.90 8.96
CA PHE E 442 -17.79 13.82 8.03
C PHE E 442 -19.10 13.16 7.63
N VAL E 443 -19.19 12.75 6.37
CA VAL E 443 -20.36 12.08 5.84
C VAL E 443 -20.01 10.62 5.57
N ILE E 444 -21.05 9.80 5.50
CA ILE E 444 -20.92 8.34 5.45
C ILE E 444 -21.45 7.86 4.12
N GLU E 445 -20.55 7.33 3.28
CA GLU E 445 -20.94 6.69 2.04
C GLU E 445 -21.56 5.33 2.36
N ALA E 446 -22.83 5.16 1.99
CA ALA E 446 -23.58 3.96 2.34
C ALA E 446 -23.25 2.84 1.37
N GLY E 447 -22.76 1.72 1.91
CA GLY E 447 -22.47 0.54 1.11
C GLY E 447 -23.73 -0.24 0.76
N ALA E 448 -23.52 -1.31 0.00
CA ALA E 448 -24.66 -2.10 -0.48
C ALA E 448 -25.51 -2.60 0.67
N LEU E 449 -24.88 -3.13 1.72
CA LEU E 449 -25.65 -3.60 2.87
C LEU E 449 -26.55 -2.51 3.43
N MET E 450 -26.08 -1.27 3.49
CA MET E 450 -26.88 -0.22 4.10
C MET E 450 -28.07 0.14 3.22
N LEU E 451 -27.86 0.23 1.91
CA LEU E 451 -28.95 0.55 1.00
C LEU E 451 -30.06 -0.49 1.05
N ALA E 452 -29.77 -1.69 1.54
CA ALA E 452 -30.76 -2.73 1.74
C ALA E 452 -31.47 -2.61 3.09
N ASP E 453 -31.17 -1.59 3.87
CA ASP E 453 -31.80 -1.42 5.17
C ASP E 453 -33.31 -1.46 5.02
N ASN E 454 -33.97 -2.27 5.85
CA ASN E 454 -35.41 -2.50 5.74
C ASN E 454 -35.78 -2.97 4.34
N GLY E 455 -34.89 -3.72 3.71
CA GLY E 455 -35.12 -4.21 2.36
C GLY E 455 -34.55 -5.59 2.15
N VAL E 456 -33.81 -5.79 1.06
CA VAL E 456 -33.22 -7.08 0.75
C VAL E 456 -31.89 -6.84 0.04
N CYS E 457 -30.92 -7.72 0.32
CA CYS E 457 -29.65 -7.71 -0.37
C CYS E 457 -29.47 -9.05 -1.06
N CYS E 458 -29.35 -9.03 -2.38
CA CYS E 458 -29.25 -10.22 -3.20
C CYS E 458 -27.78 -10.40 -3.58
N ILE E 459 -27.12 -11.36 -2.94
CA ILE E 459 -25.71 -11.64 -3.17
C ILE E 459 -25.65 -12.87 -4.06
N ASP E 460 -25.40 -12.65 -5.35
CA ASP E 460 -25.21 -13.74 -6.28
C ASP E 460 -23.77 -14.22 -6.23
N GLU E 461 -23.56 -15.51 -6.48
CA GLU E 461 -22.25 -16.13 -6.38
C GLU E 461 -21.65 -15.88 -5.00
N PHE E 462 -22.42 -16.19 -3.96
CA PHE E 462 -21.99 -15.92 -2.60
C PHE E 462 -20.71 -16.68 -2.26
N ASP E 463 -20.64 -17.95 -2.64
CA ASP E 463 -19.49 -18.78 -2.28
C ASP E 463 -18.18 -18.16 -2.75
N LYS E 464 -18.18 -17.41 -3.84
CA LYS E 464 -16.97 -16.80 -4.36
C LYS E 464 -16.52 -15.59 -3.55
N MET E 465 -17.36 -15.07 -2.65
CA MET E 465 -17.03 -13.84 -1.95
C MET E 465 -15.82 -14.06 -1.04
N ASP E 466 -14.96 -13.05 -0.97
CA ASP E 466 -13.77 -13.12 -0.14
C ASP E 466 -14.13 -13.19 1.34
N VAL E 467 -13.25 -13.81 2.13
CA VAL E 467 -13.50 -13.94 3.56
C VAL E 467 -13.52 -12.57 4.23
N ARG E 468 -12.64 -11.66 3.78
CA ARG E 468 -12.61 -10.33 4.38
C ARG E 468 -13.96 -9.64 4.27
N ASP E 469 -14.77 -10.03 3.28
CA ASP E 469 -16.12 -9.49 3.12
C ASP E 469 -17.16 -10.38 3.80
N GLN E 470 -16.98 -11.70 3.73
CA GLN E 470 -17.91 -12.61 4.38
C GLN E 470 -17.96 -12.35 5.89
N VAL E 471 -16.85 -11.93 6.49
CA VAL E 471 -16.89 -11.58 7.90
C VAL E 471 -17.84 -10.41 8.14
N ALA E 472 -17.83 -9.42 7.25
CA ALA E 472 -18.74 -8.29 7.39
C ALA E 472 -20.19 -8.74 7.20
N ILE E 473 -20.44 -9.62 6.23
CA ILE E 473 -21.81 -10.09 6.03
C ILE E 473 -22.29 -10.85 7.24
N HIS E 474 -21.41 -11.67 7.82
CA HIS E 474 -21.74 -12.39 9.04
C HIS E 474 -22.03 -11.43 10.19
N GLU E 475 -21.25 -10.36 10.30
CA GLU E 475 -21.52 -9.36 11.33
C GLU E 475 -22.90 -8.74 11.13
N ALA E 476 -23.23 -8.38 9.89
CA ALA E 476 -24.53 -7.79 9.62
C ALA E 476 -25.66 -8.75 9.99
N MET E 477 -25.52 -10.02 9.61
CA MET E 477 -26.54 -10.99 9.98
C MET E 477 -26.60 -11.19 11.49
N GLU E 478 -25.46 -11.15 12.17
CA GLU E 478 -25.42 -11.36 13.61
C GLU E 478 -26.17 -10.25 14.35
N GLN E 479 -25.68 -9.01 14.25
CA GLN E 479 -26.21 -7.93 15.07
C GLN E 479 -26.91 -6.84 14.27
N GLN E 480 -27.13 -7.04 12.97
CA GLN E 480 -27.88 -6.12 12.13
C GLN E 480 -27.18 -4.78 11.97
N THR E 481 -25.99 -4.60 12.55
CA THR E 481 -25.36 -3.30 12.62
C THR E 481 -23.92 -3.38 12.11
N ILE E 482 -23.42 -2.23 11.67
CA ILE E 482 -22.07 -2.08 11.18
C ILE E 482 -21.37 -1.04 12.04
N SER E 483 -20.22 -1.40 12.60
CA SER E 483 -19.43 -0.49 13.42
C SER E 483 -18.21 -0.05 12.62
N ILE E 484 -18.03 1.26 12.49
CA ILE E 484 -16.97 1.86 11.71
C ILE E 484 -16.15 2.74 12.62
N THR E 485 -14.82 2.67 12.47
CA THR E 485 -13.89 3.57 13.14
C THR E 485 -12.85 3.94 12.09
N LYS E 486 -13.11 5.03 11.36
CA LYS E 486 -12.30 5.35 10.20
C LYS E 486 -12.29 6.85 9.98
N ALA E 487 -11.18 7.34 9.44
CA ALA E 487 -11.06 8.71 8.95
C ALA E 487 -11.57 9.73 9.97
N GLY E 488 -11.20 9.50 11.24
CA GLY E 488 -11.49 10.45 12.29
C GLY E 488 -12.87 10.37 12.90
N VAL E 489 -13.69 9.40 12.51
CA VAL E 489 -15.06 9.29 13.02
C VAL E 489 -15.36 7.83 13.33
N LYS E 490 -16.07 7.61 14.43
CA LYS E 490 -16.67 6.32 14.74
C LYS E 490 -18.18 6.42 14.56
N ALA E 491 -18.81 5.27 14.29
CA ALA E 491 -20.25 5.24 14.13
C ALA E 491 -20.74 3.80 14.23
N THR E 492 -21.92 3.63 14.81
CA THR E 492 -22.63 2.35 14.86
C THR E 492 -23.92 2.53 14.07
N LEU E 493 -23.94 2.01 12.85
CA LEU E 493 -25.05 2.23 11.94
C LEU E 493 -25.88 0.96 11.82
N ASN E 494 -27.16 1.14 11.47
CA ASN E 494 -28.13 0.06 11.48
C ASN E 494 -28.29 -0.51 10.08
N ALA E 495 -28.32 -1.84 9.99
CA ALA E 495 -28.52 -2.56 8.74
C ALA E 495 -29.52 -3.68 9.01
N ARG E 496 -30.82 -3.37 8.91
CA ARG E 496 -31.87 -4.37 9.09
C ARG E 496 -32.26 -4.94 7.72
N THR E 497 -31.41 -5.86 7.25
CA THR E 497 -31.53 -6.39 5.90
C THR E 497 -31.64 -7.91 5.94
N SER E 498 -32.52 -8.45 5.11
CA SER E 498 -32.51 -9.87 4.80
C SER E 498 -31.58 -10.13 3.64
N ILE E 499 -30.97 -11.31 3.63
CA ILE E 499 -29.93 -11.67 2.67
C ILE E 499 -30.41 -12.85 1.85
N LEU E 500 -30.50 -12.65 0.53
CA LEU E 500 -30.80 -13.72 -0.41
C LEU E 500 -29.50 -14.06 -1.13
N ALA E 501 -28.90 -15.18 -0.78
CA ALA E 501 -27.62 -15.59 -1.33
C ALA E 501 -27.82 -16.68 -2.37
N ALA E 502 -26.94 -16.68 -3.37
CA ALA E 502 -26.89 -17.74 -4.36
C ALA E 502 -25.47 -18.27 -4.40
N ALA E 503 -25.29 -19.53 -4.02
CA ALA E 503 -23.96 -20.13 -3.91
C ALA E 503 -23.88 -21.37 -4.78
N ASN E 504 -22.85 -21.44 -5.61
CA ASN E 504 -22.62 -22.62 -6.42
C ASN E 504 -22.06 -23.75 -5.55
N PRO E 505 -22.53 -24.98 -5.73
CA PRO E 505 -21.93 -26.10 -5.00
C PRO E 505 -20.46 -26.25 -5.35
N ILE E 506 -19.67 -26.66 -4.36
CA ILE E 506 -18.26 -26.93 -4.61
C ILE E 506 -18.15 -27.96 -5.73
N SER E 507 -17.18 -27.75 -6.63
CA SER E 507 -16.97 -28.54 -7.84
C SER E 507 -17.93 -28.13 -8.95
N GLY E 508 -18.82 -27.17 -8.70
CA GLY E 508 -19.76 -26.72 -9.70
C GLY E 508 -21.03 -27.53 -9.81
N HIS E 509 -21.11 -28.67 -9.13
CA HIS E 509 -22.31 -29.50 -9.12
C HIS E 509 -22.62 -29.94 -7.70
N TYR E 510 -23.90 -30.00 -7.37
CA TYR E 510 -24.31 -30.45 -6.04
C TYR E 510 -24.23 -31.96 -5.96
N ASP E 511 -23.50 -32.46 -4.97
CA ASP E 511 -23.34 -33.89 -4.75
C ASP E 511 -24.36 -34.34 -3.70
N ARG E 512 -25.22 -35.27 -4.07
CA ARG E 512 -26.32 -35.68 -3.19
C ARG E 512 -25.87 -36.61 -2.07
N SER E 513 -24.66 -37.15 -2.17
CA SER E 513 -24.16 -38.11 -1.17
C SER E 513 -23.35 -37.43 -0.08
N LYS E 514 -23.62 -36.16 0.21
CA LYS E 514 -22.91 -35.44 1.26
C LYS E 514 -23.88 -34.48 1.94
N SER E 515 -23.52 -34.09 3.16
CA SER E 515 -24.30 -33.09 3.88
C SER E 515 -24.11 -31.72 3.22
N LEU E 516 -25.04 -30.81 3.50
CA LEU E 516 -24.96 -29.48 2.93
C LEU E 516 -23.66 -28.79 3.32
N LYS E 517 -23.13 -29.11 4.51
CA LYS E 517 -21.87 -28.52 4.95
C LYS E 517 -20.76 -28.80 3.95
N GLN E 518 -20.75 -29.99 3.35
CA GLN E 518 -19.67 -30.38 2.45
C GLN E 518 -19.92 -29.91 1.02
N ASN E 519 -21.19 -29.80 0.61
CA ASN E 519 -21.50 -29.47 -0.77
C ASN E 519 -21.14 -28.03 -1.13
N ILE E 520 -20.94 -27.16 -0.16
CA ILE E 520 -20.65 -25.75 -0.41
C ILE E 520 -19.46 -25.32 0.42
N ASN E 521 -18.84 -24.21 -0.01
CA ASN E 521 -17.65 -23.68 0.63
C ASN E 521 -17.95 -22.50 1.54
N LEU E 522 -19.12 -22.49 2.18
CA LEU E 522 -19.47 -21.46 3.13
C LEU E 522 -18.95 -21.83 4.52
N SER E 523 -18.44 -20.82 5.24
CA SER E 523 -18.00 -21.05 6.60
C SER E 523 -19.20 -21.40 7.47
N ALA E 524 -18.95 -22.22 8.49
CA ALA E 524 -20.03 -22.65 9.38
C ALA E 524 -20.83 -21.49 9.97
N PRO E 525 -20.20 -20.41 10.46
CA PRO E 525 -21.02 -19.32 11.01
C PRO E 525 -21.97 -18.73 9.98
N ILE E 526 -21.55 -18.62 8.73
CA ILE E 526 -22.42 -18.05 7.69
C ILE E 526 -23.66 -18.92 7.52
N MET E 527 -23.46 -20.24 7.41
CA MET E 527 -24.59 -21.13 7.22
C MET E 527 -25.49 -21.17 8.45
N SER E 528 -24.90 -21.04 9.63
CA SER E 528 -25.68 -21.20 10.86
C SER E 528 -26.86 -20.25 10.89
N ARG E 529 -26.66 -19.00 10.49
CA ARG E 529 -27.70 -17.98 10.56
C ARG E 529 -28.42 -17.78 9.23
N PHE E 530 -28.53 -18.83 8.42
CA PHE E 530 -29.37 -18.82 7.22
C PHE E 530 -30.64 -19.59 7.56
N ASP E 531 -31.76 -18.88 7.62
CA ASP E 531 -33.00 -19.51 8.05
C ASP E 531 -33.42 -20.61 7.10
N LEU E 532 -33.26 -20.40 5.80
CA LEU E 532 -33.69 -21.36 4.79
C LEU E 532 -32.58 -21.61 3.80
N PHE E 533 -32.32 -22.89 3.53
CA PHE E 533 -31.44 -23.34 2.45
C PHE E 533 -32.29 -24.09 1.45
N PHE E 534 -32.25 -23.65 0.19
CA PHE E 534 -33.01 -24.27 -0.88
C PHE E 534 -32.04 -24.91 -1.86
N ILE E 535 -32.20 -26.22 -2.07
CA ILE E 535 -31.32 -26.98 -2.94
C ILE E 535 -32.06 -27.21 -4.26
N LEU E 536 -31.42 -26.80 -5.35
CA LEU E 536 -31.97 -26.89 -6.70
C LEU E 536 -31.06 -27.83 -7.50
N VAL E 537 -31.33 -29.12 -7.41
CA VAL E 537 -30.59 -30.12 -8.17
C VAL E 537 -31.24 -30.25 -9.54
N ASP E 538 -30.41 -30.45 -10.57
CA ASP E 538 -30.89 -30.55 -11.95
C ASP E 538 -31.07 -32.01 -12.35
N GLU E 539 -32.08 -32.64 -11.75
CA GLU E 539 -32.41 -34.00 -12.13
C GLU E 539 -32.75 -34.03 -13.62
N CYS E 540 -32.16 -34.98 -14.33
CA CYS E 540 -32.29 -35.04 -15.79
C CYS E 540 -33.56 -35.79 -16.17
N ASN E 541 -34.68 -35.25 -15.70
CA ASN E 541 -36.00 -35.81 -15.98
C ASN E 541 -36.54 -35.21 -17.27
N GLU E 542 -37.17 -36.04 -18.09
CA GLU E 542 -37.63 -35.58 -19.40
C GLU E 542 -38.89 -34.71 -19.29
N VAL E 543 -39.79 -35.05 -18.36
CA VAL E 543 -41.01 -34.26 -18.20
C VAL E 543 -40.67 -32.85 -17.75
N THR E 544 -39.78 -32.73 -16.77
CA THR E 544 -39.38 -31.40 -16.31
C THR E 544 -38.69 -30.61 -17.41
N ASP E 545 -37.82 -31.28 -18.19
CA ASP E 545 -37.16 -30.58 -19.29
C ASP E 545 -38.17 -30.11 -20.32
N TYR E 546 -39.16 -30.94 -20.65
CA TYR E 546 -40.18 -30.54 -21.60
C TYR E 546 -40.94 -29.32 -21.08
N ALA E 547 -41.33 -29.34 -19.81
CA ALA E 547 -42.06 -28.20 -19.25
C ALA E 547 -41.22 -26.93 -19.28
N ILE E 548 -39.94 -27.05 -18.88
CA ILE E 548 -39.06 -25.89 -18.87
C ILE E 548 -38.90 -25.32 -20.27
N ALA E 549 -38.68 -26.20 -21.26
CA ALA E 549 -38.54 -25.75 -22.63
C ALA E 549 -39.80 -25.07 -23.12
N ARG E 550 -40.97 -25.64 -22.79
CA ARG E 550 -42.22 -25.03 -23.23
C ARG E 550 -42.36 -23.63 -22.65
N ARG E 551 -42.10 -23.48 -21.35
CA ARG E 551 -42.24 -22.17 -20.73
C ARG E 551 -41.26 -21.17 -21.32
N ILE E 552 -40.00 -21.57 -21.50
CA ILE E 552 -38.99 -20.65 -22.01
C ILE E 552 -39.33 -20.22 -23.43
N VAL E 553 -39.74 -21.17 -24.28
CA VAL E 553 -40.05 -20.85 -25.66
C VAL E 553 -41.30 -19.98 -25.73
N ASP E 554 -42.29 -20.24 -24.87
CA ASP E 554 -43.46 -19.37 -24.84
C ASP E 554 -43.08 -17.96 -24.42
N LEU E 555 -42.17 -17.84 -23.45
CA LEU E 555 -41.68 -16.52 -23.06
C LEU E 555 -41.02 -15.81 -24.23
N HIS E 556 -40.11 -16.50 -24.92
CA HIS E 556 -39.36 -15.85 -26.00
C HIS E 556 -40.18 -15.65 -27.25
N SER E 557 -41.31 -16.33 -27.40
CA SER E 557 -42.19 -16.13 -28.54
C SER E 557 -43.12 -14.94 -28.34
N ARG E 558 -43.74 -14.86 -27.16
CA ARG E 558 -44.63 -13.78 -26.79
C ARG E 558 -43.99 -13.03 -25.63
N ILE E 559 -43.37 -11.88 -25.92
CA ILE E 559 -42.54 -11.23 -24.93
C ILE E 559 -43.38 -10.46 -23.91
N GLU E 560 -44.07 -9.42 -24.39
CA GLU E 560 -44.86 -8.60 -23.47
C GLU E 560 -46.00 -9.39 -22.85
N GLU E 561 -46.76 -10.11 -23.67
CA GLU E 561 -47.83 -10.96 -23.17
C GLU E 561 -47.23 -12.29 -22.72
N SER E 562 -48.08 -13.27 -22.44
CA SER E 562 -47.74 -14.58 -21.89
C SER E 562 -47.49 -14.51 -20.39
N ILE E 563 -47.57 -13.32 -19.78
CA ILE E 563 -47.38 -13.15 -18.35
C ILE E 563 -48.67 -12.58 -17.79
N ASP E 564 -49.55 -13.46 -17.30
CA ASP E 564 -50.82 -13.07 -16.70
C ASP E 564 -50.66 -13.20 -15.19
N ARG E 565 -50.14 -12.15 -14.57
CA ARG E 565 -49.96 -12.13 -13.12
C ARG E 565 -51.18 -11.47 -12.48
N VAL E 566 -51.77 -12.16 -11.50
CA VAL E 566 -53.03 -11.71 -10.94
C VAL E 566 -52.91 -10.34 -10.31
N TYR E 567 -51.73 -9.96 -9.82
CA TYR E 567 -51.52 -8.68 -9.17
C TYR E 567 -50.30 -8.01 -9.77
N SER E 568 -50.46 -6.74 -10.16
CA SER E 568 -49.34 -5.98 -10.71
C SER E 568 -48.28 -5.76 -9.65
N LEU E 569 -47.02 -5.64 -10.11
CA LEU E 569 -45.92 -5.46 -9.18
C LEU E 569 -46.13 -4.24 -8.29
N ASP E 570 -46.75 -3.18 -8.82
CA ASP E 570 -47.04 -2.02 -7.98
C ASP E 570 -48.03 -2.36 -6.88
N ASP E 571 -49.07 -3.12 -7.21
CA ASP E 571 -50.04 -3.53 -6.20
C ASP E 571 -49.38 -4.39 -5.14
N ILE E 572 -48.53 -5.32 -5.55
CA ILE E 572 -47.83 -6.17 -4.58
C ILE E 572 -46.89 -5.34 -3.72
N ARG E 573 -46.24 -4.33 -4.32
CA ARG E 573 -45.38 -3.44 -3.54
C ARG E 573 -46.18 -2.72 -2.46
N ARG E 574 -47.34 -2.17 -2.84
CA ARG E 574 -48.16 -1.46 -1.86
C ARG E 574 -48.65 -2.40 -0.77
N TYR E 575 -49.09 -3.60 -1.17
CA TYR E 575 -49.56 -4.57 -0.17
C TYR E 575 -48.44 -4.97 0.78
N LEU E 576 -47.23 -5.17 0.24
CA LEU E 576 -46.09 -5.51 1.08
C LEU E 576 -45.79 -4.39 2.06
N LEU E 577 -45.79 -3.14 1.57
CA LEU E 577 -45.49 -2.01 2.46
C LEU E 577 -46.53 -1.89 3.55
N PHE E 578 -47.79 -2.15 3.23
CA PHE E 578 -48.84 -2.10 4.25
C PHE E 578 -48.69 -3.23 5.25
N ALA E 579 -48.45 -4.46 4.76
CA ALA E 579 -48.42 -5.62 5.64
C ALA E 579 -47.18 -5.63 6.53
N ARG E 580 -46.07 -5.05 6.07
CA ARG E 580 -44.86 -5.04 6.89
C ARG E 580 -45.08 -4.39 8.25
N GLN E 581 -46.08 -3.51 8.37
CA GLN E 581 -46.31 -2.82 9.63
C GLN E 581 -46.96 -3.71 10.67
N PHE E 582 -47.68 -4.75 10.27
CA PHE E 582 -48.33 -5.63 11.22
C PHE E 582 -47.30 -6.37 12.05
N LYS E 583 -47.64 -6.58 13.33
CA LYS E 583 -46.75 -7.25 14.28
C LYS E 583 -47.54 -8.37 14.94
N PRO E 584 -47.72 -9.50 14.24
CA PRO E 584 -48.60 -10.55 14.77
C PRO E 584 -48.13 -11.08 16.11
N LYS E 585 -49.10 -11.49 16.94
CA LYS E 585 -48.83 -12.14 18.20
C LYS E 585 -48.75 -13.64 18.01
N ILE E 586 -48.49 -14.36 19.11
CA ILE E 586 -48.41 -15.80 19.12
C ILE E 586 -49.34 -16.29 20.22
N SER E 587 -50.49 -16.83 19.84
CA SER E 587 -51.46 -17.32 20.80
C SER E 587 -50.97 -18.62 21.44
N LYS E 588 -51.60 -18.97 22.55
CA LYS E 588 -51.22 -20.19 23.28
C LYS E 588 -51.39 -21.43 22.41
N GLU E 589 -52.49 -21.51 21.66
CA GLU E 589 -52.68 -22.64 20.76
C GLU E 589 -51.55 -22.73 19.74
N SER E 590 -51.18 -21.59 19.14
CA SER E 590 -50.07 -21.59 18.20
C SER E 590 -48.77 -21.96 18.88
N GLU E 591 -48.59 -21.56 20.15
CA GLU E 591 -47.38 -21.91 20.87
C GLU E 591 -47.29 -23.42 21.07
N ASP E 592 -48.39 -24.05 21.48
CA ASP E 592 -48.39 -25.51 21.64
C ASP E 592 -48.13 -26.19 20.30
N PHE E 593 -48.76 -25.69 19.23
CA PHE E 593 -48.54 -26.28 17.92
C PHE E 593 -47.08 -26.15 17.50
N ILE E 594 -46.46 -25.01 17.79
CA ILE E 594 -45.04 -24.83 17.49
C ILE E 594 -44.21 -25.82 18.28
N VAL E 595 -44.54 -26.03 19.55
CA VAL E 595 -43.77 -26.96 20.37
C VAL E 595 -43.84 -28.37 19.77
N GLU E 596 -45.05 -28.81 19.41
CA GLU E 596 -45.19 -30.15 18.84
C GLU E 596 -44.47 -30.26 17.50
N GLN E 597 -44.59 -29.24 16.66
CA GLN E 597 -43.93 -29.28 15.35
C GLN E 597 -42.41 -29.32 15.51
N TYR E 598 -41.86 -28.55 16.45
CA TYR E 598 -40.42 -28.60 16.68
C TYR E 598 -40.00 -29.96 17.21
N LYS E 599 -40.81 -30.54 18.10
CA LYS E 599 -40.51 -31.90 18.56
C LYS E 599 -40.40 -32.85 17.38
N HIS E 600 -41.39 -32.81 16.48
CA HIS E 600 -41.38 -33.71 15.33
C HIS E 600 -40.18 -33.43 14.42
N LEU E 601 -39.89 -32.16 14.19
CA LEU E 601 -38.78 -31.79 13.32
C LEU E 601 -37.44 -32.24 13.91
N ARG E 602 -37.30 -32.21 15.23
CA ARG E 602 -36.10 -32.76 15.85
C ARG E 602 -36.08 -34.29 15.74
N GLN E 603 -37.23 -34.94 15.91
CA GLN E 603 -37.27 -36.39 15.73
C GLN E 603 -36.85 -36.78 14.33
N ARG E 604 -37.09 -35.91 13.35
CA ARG E 604 -36.64 -36.21 11.98
C ARG E 604 -35.16 -36.57 11.95
N ASP E 605 -34.35 -35.92 12.79
CA ASP E 605 -32.91 -36.09 12.77
C ASP E 605 -32.43 -37.26 13.63
N GLY E 606 -33.35 -38.02 14.22
CA GLY E 606 -32.97 -39.14 15.06
C GLY E 606 -32.12 -40.17 14.32
N THR E 610 -32.85 -42.01 8.19
CA THR E 610 -31.62 -41.67 7.48
C THR E 610 -31.14 -40.29 7.87
N LYS E 611 -29.96 -39.91 7.37
CA LYS E 611 -29.38 -38.62 7.68
C LYS E 611 -30.00 -37.51 6.83
N SER E 612 -30.07 -36.32 7.40
CA SER E 612 -30.53 -35.14 6.69
C SER E 612 -29.32 -34.35 6.17
N SER E 613 -29.60 -33.44 5.23
CA SER E 613 -28.53 -32.66 4.63
C SER E 613 -27.77 -31.82 5.66
N TRP E 614 -28.40 -31.51 6.79
CA TRP E 614 -27.73 -30.79 7.85
C TRP E 614 -28.54 -30.93 9.14
N ARG E 615 -27.84 -31.00 10.26
CA ARG E 615 -28.48 -31.22 11.55
C ARG E 615 -29.54 -30.16 11.81
N ILE E 616 -30.44 -30.48 12.74
CA ILE E 616 -31.53 -29.59 13.12
C ILE E 616 -31.32 -29.17 14.57
N THR E 617 -31.26 -27.85 14.80
CA THR E 617 -31.02 -27.31 16.13
C THR E 617 -32.09 -26.29 16.51
N VAL E 618 -31.89 -25.60 17.62
CA VAL E 618 -32.87 -24.62 18.08
C VAL E 618 -32.99 -23.45 17.11
N ARG E 619 -31.91 -23.16 16.37
CA ARG E 619 -32.00 -22.12 15.35
C ARG E 619 -33.10 -22.43 14.36
N GLN E 620 -33.41 -23.72 14.15
CA GLN E 620 -34.54 -24.06 13.30
C GLN E 620 -35.86 -23.71 13.98
N LEU E 621 -35.93 -23.80 15.31
CA LEU E 621 -37.12 -23.30 16.00
C LEU E 621 -37.26 -21.80 15.81
N GLU E 622 -36.14 -21.06 15.90
CA GLU E 622 -36.19 -19.63 15.63
C GLU E 622 -36.68 -19.36 14.21
N SER E 623 -36.16 -20.12 13.24
CA SER E 623 -36.59 -19.94 11.86
C SER E 623 -38.07 -20.25 11.70
N MET E 624 -38.56 -21.30 12.38
CA MET E 624 -39.97 -21.63 12.29
C MET E 624 -40.84 -20.54 12.88
N ILE E 625 -40.42 -19.97 14.02
CA ILE E 625 -41.18 -18.87 14.61
C ILE E 625 -41.21 -17.68 13.65
N ARG E 626 -40.05 -17.34 13.08
CA ARG E 626 -40.01 -16.20 12.16
C ARG E 626 -40.85 -16.46 10.92
N LEU E 627 -40.83 -17.68 10.40
CA LEU E 627 -41.62 -17.99 9.21
C LEU E 627 -43.10 -17.94 9.53
N SER E 628 -43.51 -18.40 10.71
CA SER E 628 -44.91 -18.27 11.10
C SER E 628 -45.30 -16.80 11.21
N GLU E 629 -44.42 -15.97 11.78
CA GLU E 629 -44.70 -14.54 11.86
C GLU E 629 -44.88 -13.94 10.48
N ALA E 630 -43.97 -14.28 9.55
CA ALA E 630 -44.09 -13.77 8.19
C ALA E 630 -45.37 -14.25 7.52
N MET E 631 -45.71 -15.52 7.71
CA MET E 631 -46.95 -16.04 7.15
C MET E 631 -48.16 -15.27 7.68
N ALA E 632 -48.17 -14.98 8.97
CA ALA E 632 -49.25 -14.17 9.54
C ALA E 632 -49.27 -12.78 8.91
N ARG E 633 -48.08 -12.17 8.76
CA ARG E 633 -48.01 -10.86 8.13
C ARG E 633 -48.55 -10.87 6.72
N MET E 634 -48.39 -11.99 6.01
CA MET E 634 -48.83 -12.05 4.62
C MET E 634 -50.33 -11.80 4.49
N HIS E 635 -51.12 -12.41 5.37
CA HIS E 635 -52.57 -12.23 5.36
C HIS E 635 -52.99 -11.03 6.18
N CYS E 636 -52.05 -10.21 6.66
CA CYS E 636 -52.36 -9.06 7.51
C CYS E 636 -53.12 -9.47 8.76
N CYS E 637 -52.93 -10.72 9.20
CA CYS E 637 -53.55 -11.17 10.43
C CYS E 637 -52.85 -10.56 11.63
N ASP E 638 -53.55 -10.56 12.76
CA ASP E 638 -53.02 -9.98 14.00
C ASP E 638 -52.58 -11.02 15.01
N GLU E 639 -52.97 -12.28 14.84
CA GLU E 639 -52.50 -13.36 15.69
C GLU E 639 -52.13 -14.55 14.82
N VAL E 640 -51.05 -15.24 15.20
CA VAL E 640 -50.50 -16.34 14.42
C VAL E 640 -51.37 -17.57 14.69
N GLN E 641 -52.23 -17.92 13.74
CA GLN E 641 -53.05 -19.10 13.87
C GLN E 641 -52.21 -20.36 13.67
N PRO E 642 -52.72 -21.51 14.12
CA PRO E 642 -51.96 -22.76 13.92
C PRO E 642 -51.70 -23.09 12.46
N LYS E 643 -52.56 -22.64 11.54
CA LYS E 643 -52.36 -22.95 10.13
C LYS E 643 -51.05 -22.35 9.62
N HIS E 644 -50.74 -21.13 10.04
CA HIS E 644 -49.48 -20.51 9.63
C HIS E 644 -48.29 -21.32 10.15
N VAL E 645 -48.37 -21.78 11.40
CA VAL E 645 -47.30 -22.61 11.94
C VAL E 645 -47.16 -23.89 11.13
N LYS E 646 -48.30 -24.50 10.76
CA LYS E 646 -48.25 -25.73 9.96
C LYS E 646 -47.57 -25.47 8.62
N GLU E 647 -47.93 -24.36 7.96
CA GLU E 647 -47.33 -24.07 6.65
C GLU E 647 -45.83 -23.82 6.78
N ALA E 648 -45.42 -23.06 7.80
CA ALA E 648 -43.99 -22.81 7.99
C ALA E 648 -43.25 -24.11 8.27
N PHE E 649 -43.82 -24.97 9.11
CA PHE E 649 -43.19 -26.25 9.40
C PHE E 649 -43.06 -27.09 8.14
N ARG E 650 -44.12 -27.14 7.31
CA ARG E 650 -44.06 -27.92 6.08
C ARG E 650 -42.97 -27.40 5.16
N LEU E 651 -42.90 -26.08 4.98
CA LEU E 651 -41.90 -25.50 4.09
C LEU E 651 -40.49 -25.80 4.60
N LEU E 652 -40.27 -25.61 5.91
CA LEU E 652 -38.93 -25.86 6.45
C LEU E 652 -38.56 -27.33 6.37
N ASN E 653 -39.53 -28.22 6.58
CA ASN E 653 -39.28 -29.65 6.45
C ASN E 653 -38.89 -30.00 5.01
N LYS E 654 -39.60 -29.44 4.04
CA LYS E 654 -39.23 -29.67 2.65
C LYS E 654 -37.84 -29.13 2.34
N SER E 655 -37.48 -27.98 2.93
CA SER E 655 -36.14 -27.44 2.70
C SER E 655 -35.06 -28.43 3.12
N ILE E 656 -35.35 -29.29 4.10
CA ILE E 656 -34.40 -30.32 4.52
C ILE E 656 -34.51 -31.49 3.55
N ILE E 657 -33.36 -31.96 3.05
CA ILE E 657 -33.31 -33.00 2.04
C ILE E 657 -32.47 -34.16 2.55
N ARG E 658 -32.96 -35.38 2.32
CA ARG E 658 -32.27 -36.57 2.80
C ARG E 658 -30.96 -36.76 2.04
N VAL E 659 -29.94 -37.23 2.76
CA VAL E 659 -28.62 -37.49 2.15
C VAL E 659 -28.66 -38.94 1.67
N GLU E 660 -29.18 -39.12 0.46
CA GLU E 660 -29.21 -40.45 -0.13
C GLU E 660 -27.80 -40.92 -0.46
N THR E 661 -27.60 -42.23 -0.41
CA THR E 661 -26.30 -42.81 -0.73
C THR E 661 -26.51 -44.28 -1.11
N PRO E 662 -25.70 -44.82 -2.03
CA PRO E 662 -25.79 -46.23 -2.42
C PRO E 662 -25.90 -47.19 -1.25
N LEU F 3 40.15 40.77 -19.95
CA LEU F 3 41.28 40.00 -20.42
C LEU F 3 40.91 39.16 -21.63
N LYS F 4 39.66 38.72 -21.67
CA LYS F 4 39.15 37.83 -22.71
C LYS F 4 38.12 38.60 -23.53
N ASP F 5 38.59 39.26 -24.59
CA ASP F 5 37.70 39.95 -25.50
C ASP F 5 36.86 38.95 -26.29
N TYR F 6 35.78 39.43 -26.89
CA TYR F 6 34.92 38.61 -27.72
C TYR F 6 34.73 39.16 -29.13
N ALA F 7 34.97 40.45 -29.37
CA ALA F 7 34.97 40.95 -30.74
C ALA F 7 36.07 40.28 -31.56
N LEU F 8 37.27 40.17 -30.99
CA LEU F 8 38.34 39.43 -31.65
C LEU F 8 37.94 37.97 -31.84
N GLU F 9 37.22 37.40 -30.87
CA GLU F 9 36.75 36.03 -31.01
C GLU F 9 35.74 35.91 -32.14
N LYS F 10 34.85 36.89 -32.27
CA LYS F 10 33.92 36.89 -33.40
C LYS F 10 34.67 36.96 -34.72
N GLU F 11 35.71 37.81 -34.79
CA GLU F 11 36.51 37.89 -36.00
C GLU F 11 37.18 36.56 -36.31
N LYS F 12 37.73 35.92 -35.29
CA LYS F 12 38.42 34.64 -35.48
C LYS F 12 37.46 33.57 -35.98
N VAL F 13 36.28 33.48 -35.37
CA VAL F 13 35.32 32.45 -35.78
C VAL F 13 34.79 32.72 -37.18
N LYS F 14 34.57 34.00 -37.52
CA LYS F 14 34.16 34.31 -38.89
C LYS F 14 35.25 33.93 -39.89
N LYS F 15 36.51 34.22 -39.55
CA LYS F 15 37.61 33.80 -40.42
C LYS F 15 37.62 32.28 -40.60
N PHE F 16 37.48 31.54 -39.50
CA PHE F 16 37.46 30.10 -39.57
C PHE F 16 36.34 29.60 -40.47
N LEU F 17 35.13 30.12 -40.27
CA LEU F 17 33.98 29.67 -41.06
C LEU F 17 34.17 30.00 -42.53
N GLN F 18 34.69 31.19 -42.85
CA GLN F 18 34.76 31.61 -44.24
C GLN F 18 35.90 30.91 -44.97
N GLU F 19 37.01 30.63 -44.28
CA GLU F 19 38.24 30.17 -44.95
C GLU F 19 38.74 28.86 -44.33
N PHE F 20 37.84 27.89 -44.17
CA PHE F 20 38.23 26.52 -43.83
C PHE F 20 37.74 25.59 -44.92
N TYR F 21 38.56 24.58 -45.24
CA TYR F 21 38.30 23.73 -46.39
C TYR F 21 38.86 22.34 -46.14
N GLN F 22 38.36 21.38 -46.91
CA GLN F 22 38.83 20.00 -46.84
C GLN F 22 38.64 19.35 -48.20
N ASP F 23 39.29 18.20 -48.39
CA ASP F 23 39.26 17.45 -49.63
C ASP F 23 38.53 16.12 -49.45
N ASP F 24 37.42 16.14 -48.69
CA ASP F 24 36.72 14.90 -48.37
C ASP F 24 36.21 14.20 -49.62
N GLU F 25 35.62 14.96 -50.55
CA GLU F 25 34.94 14.38 -51.70
C GLU F 25 35.92 14.24 -52.86
N LEU F 26 36.70 13.16 -52.84
CA LEU F 26 37.56 12.77 -53.95
C LEU F 26 38.52 13.91 -54.32
N GLY F 27 39.35 14.28 -53.35
CA GLY F 27 40.41 15.25 -53.59
C GLY F 27 39.91 16.57 -54.11
N LYS F 28 38.86 17.11 -53.48
CA LYS F 28 38.24 18.36 -53.92
C LYS F 28 38.18 19.33 -52.74
N LYS F 29 39.03 20.36 -52.78
CA LYS F 29 38.91 21.46 -51.84
C LYS F 29 37.58 22.16 -52.08
N GLN F 30 36.75 22.24 -51.03
CA GLN F 30 35.37 22.68 -51.22
C GLN F 30 34.89 23.67 -50.16
N PHE F 31 35.76 24.16 -49.27
CA PHE F 31 35.38 25.18 -48.28
C PHE F 31 34.22 24.66 -47.41
N LYS F 32 34.56 23.65 -46.60
CA LYS F 32 33.62 22.87 -45.83
C LYS F 32 32.45 23.68 -45.27
N TYR F 33 32.73 24.76 -44.55
CA TYR F 33 31.68 25.48 -43.85
C TYR F 33 31.03 26.57 -44.70
N GLY F 34 31.67 27.02 -45.77
CA GLY F 34 31.01 27.95 -46.66
C GLY F 34 29.76 27.37 -47.28
N ASN F 35 29.85 26.11 -47.74
CA ASN F 35 28.68 25.46 -48.31
C ASN F 35 27.58 25.30 -47.27
N GLN F 36 27.95 24.96 -46.03
CA GLN F 36 26.96 24.83 -44.97
C GLN F 36 26.29 26.17 -44.70
N LEU F 37 27.05 27.26 -44.69
CA LEU F 37 26.45 28.58 -44.52
C LEU F 37 25.48 28.88 -45.65
N VAL F 38 25.87 28.56 -46.89
CA VAL F 38 24.98 28.80 -48.03
C VAL F 38 23.69 28.00 -47.87
N ARG F 39 23.80 26.74 -47.48
CA ARG F 39 22.61 25.91 -47.29
C ARG F 39 21.73 26.46 -46.18
N LEU F 40 22.34 26.94 -45.09
CA LEU F 40 21.58 27.56 -44.01
C LEU F 40 20.81 28.76 -44.52
N ALA F 41 21.48 29.62 -45.30
CA ALA F 41 20.83 30.84 -45.79
C ALA F 41 19.63 30.51 -46.68
N HIS F 42 19.63 29.33 -47.30
CA HIS F 42 18.53 28.91 -48.16
C HIS F 42 17.48 28.10 -47.40
N ARG F 43 17.64 27.91 -46.10
CA ARG F 43 16.65 27.24 -45.26
C ARG F 43 16.50 25.77 -45.60
N GLU F 44 17.52 25.17 -46.19
CA GLU F 44 17.56 23.74 -46.45
C GLU F 44 18.33 22.97 -45.40
N GLN F 45 18.81 23.64 -44.36
CA GLN F 45 19.55 22.98 -43.28
C GLN F 45 19.37 23.81 -42.02
N VAL F 46 19.11 23.15 -40.90
CA VAL F 46 18.72 23.82 -39.67
C VAL F 46 19.79 23.72 -38.59
N ALA F 47 20.71 22.77 -38.67
CA ALA F 47 21.74 22.59 -37.67
C ALA F 47 23.12 22.71 -38.32
N LEU F 48 23.99 23.49 -37.69
CA LEU F 48 25.36 23.70 -38.17
C LEU F 48 26.31 23.16 -37.11
N TYR F 49 26.77 21.91 -37.31
CA TYR F 49 27.67 21.27 -36.35
C TYR F 49 29.09 21.73 -36.62
N VAL F 50 29.67 22.46 -35.67
CA VAL F 50 31.01 23.00 -35.78
C VAL F 50 31.96 21.97 -35.18
N ASP F 51 32.52 21.11 -36.01
CA ASP F 51 33.44 20.08 -35.56
C ASP F 51 34.70 20.74 -35.03
N LEU F 52 34.89 20.71 -33.71
CA LEU F 52 36.03 21.39 -33.11
C LEU F 52 37.36 20.83 -33.56
N ASP F 53 37.39 19.59 -34.05
CA ASP F 53 38.63 19.07 -34.63
C ASP F 53 39.10 19.96 -35.76
N ASP F 54 38.17 20.46 -36.57
CA ASP F 54 38.52 21.40 -37.64
C ASP F 54 39.14 22.67 -37.06
N VAL F 55 38.54 23.21 -35.99
CA VAL F 55 39.06 24.44 -35.40
C VAL F 55 40.47 24.22 -34.88
N ALA F 56 40.69 23.10 -34.18
CA ALA F 56 42.00 22.84 -33.60
C ALA F 56 43.07 22.66 -34.65
N GLU F 57 42.67 22.27 -35.88
CA GLU F 57 43.65 22.04 -36.92
C GLU F 57 44.48 23.29 -37.21
N ASP F 58 43.90 24.47 -36.99
CA ASP F 58 44.59 25.73 -37.28
C ASP F 58 44.54 26.73 -36.14
N ASP F 59 43.90 26.40 -35.02
CA ASP F 59 43.83 27.33 -33.90
C ASP F 59 43.65 26.57 -32.58
N PRO F 60 44.71 25.95 -32.06
CA PRO F 60 44.54 25.18 -30.82
C PRO F 60 44.07 26.01 -29.63
N GLU F 61 44.52 27.27 -29.53
CA GLU F 61 44.15 28.08 -28.37
C GLU F 61 42.66 28.41 -28.38
N LEU F 62 42.08 28.64 -29.55
CA LEU F 62 40.65 28.91 -29.62
C LEU F 62 39.85 27.69 -29.16
N VAL F 63 40.26 26.49 -29.56
CA VAL F 63 39.57 25.29 -29.12
C VAL F 63 39.74 25.10 -27.62
N ASP F 64 40.94 25.39 -27.10
CA ASP F 64 41.15 25.32 -25.66
C ASP F 64 40.18 26.25 -24.92
N SER F 65 40.06 27.48 -25.39
CA SER F 65 39.14 28.43 -24.77
C SER F 65 37.70 27.95 -24.89
N ILE F 66 37.32 27.42 -26.05
CA ILE F 66 35.96 26.96 -26.27
C ILE F 66 35.61 25.85 -25.28
N CYS F 67 36.47 24.84 -25.18
CA CYS F 67 36.21 23.74 -24.26
C CYS F 67 36.29 24.21 -22.82
N GLU F 68 37.08 25.25 -22.53
CA GLU F 68 37.16 25.80 -21.20
C GLU F 68 36.00 26.75 -20.88
N ASN F 69 35.20 27.10 -21.88
CA ASN F 69 34.04 27.97 -21.67
C ASN F 69 33.10 27.75 -22.85
N ALA F 70 31.92 27.20 -22.59
CA ALA F 70 31.07 26.67 -23.65
C ALA F 70 30.01 27.66 -24.13
N ARG F 71 29.13 28.11 -23.23
CA ARG F 71 27.97 28.90 -23.66
C ARG F 71 28.40 30.18 -24.35
N ARG F 72 29.43 30.84 -23.82
CA ARG F 72 29.89 32.09 -24.44
C ARG F 72 30.26 31.88 -25.90
N TYR F 73 31.08 30.86 -26.17
CA TYR F 73 31.52 30.66 -27.55
C TYR F 73 30.42 30.08 -28.41
N ALA F 74 29.48 29.33 -27.84
CA ALA F 74 28.30 28.92 -28.61
C ALA F 74 27.53 30.14 -29.08
N LYS F 75 27.30 31.09 -28.18
CA LYS F 75 26.62 32.33 -28.55
C LYS F 75 27.41 33.10 -29.59
N LEU F 76 28.74 33.15 -29.42
CA LEU F 76 29.57 33.89 -30.37
C LEU F 76 29.48 33.27 -31.76
N PHE F 77 29.58 31.94 -31.85
CA PHE F 77 29.45 31.28 -33.14
C PHE F 77 28.07 31.52 -33.75
N ALA F 78 27.02 31.45 -32.92
CA ALA F 78 25.67 31.70 -33.44
C ALA F 78 25.57 33.09 -34.03
N ASP F 79 26.06 34.10 -33.30
CA ASP F 79 25.98 35.46 -33.80
C ASP F 79 26.85 35.64 -35.05
N ALA F 80 28.01 35.02 -35.09
CA ALA F 80 28.87 35.11 -36.27
C ALA F 80 28.18 34.52 -37.48
N VAL F 81 27.54 33.36 -37.32
CA VAL F 81 26.79 32.76 -38.42
C VAL F 81 25.65 33.69 -38.83
N GLN F 82 25.01 34.33 -37.86
CA GLN F 82 23.95 35.28 -38.18
C GLN F 82 24.47 36.43 -39.03
N GLU F 83 25.65 36.96 -38.68
CA GLU F 83 26.22 38.05 -39.46
C GLU F 83 26.68 37.58 -40.83
N LEU F 84 27.10 36.33 -40.95
CA LEU F 84 27.59 35.83 -42.23
C LEU F 84 26.46 35.42 -43.17
N LEU F 85 25.30 35.07 -42.64
CA LEU F 85 24.20 34.61 -43.50
C LEU F 85 23.86 35.59 -44.61
N PRO F 86 23.70 36.90 -44.36
CA PRO F 86 23.27 37.80 -45.45
C PRO F 86 24.19 37.81 -46.65
N GLN F 87 25.51 37.67 -46.46
CA GLN F 87 26.44 37.77 -47.57
C GLN F 87 26.66 36.44 -48.29
N TYR F 88 25.99 35.37 -47.86
CA TYR F 88 26.09 34.08 -48.52
C TYR F 88 24.80 33.66 -49.22
N LYS F 89 23.66 34.26 -48.88
CA LYS F 89 22.41 33.92 -49.56
C LYS F 89 22.52 34.26 -51.03
N GLU F 90 22.07 33.35 -51.90
CA GLU F 90 22.20 33.52 -53.33
C GLU F 90 20.87 33.72 -54.05
N ARG F 91 19.76 33.32 -53.43
CA ARG F 91 18.45 33.38 -54.08
C ARG F 91 17.40 33.61 -53.01
N GLU F 92 16.13 33.44 -53.38
CA GLU F 92 15.00 33.65 -52.48
C GLU F 92 14.43 32.32 -52.02
N VAL F 93 14.22 32.19 -50.71
CA VAL F 93 13.63 30.97 -50.18
C VAL F 93 12.15 30.92 -50.55
N VAL F 94 11.57 29.72 -50.45
CA VAL F 94 10.20 29.47 -50.84
C VAL F 94 9.25 29.49 -49.65
N ASN F 95 9.65 30.10 -48.54
CA ASN F 95 8.83 30.18 -47.32
C ASN F 95 8.49 28.77 -46.84
N LYS F 96 9.54 28.06 -46.42
CA LYS F 96 9.40 26.66 -46.04
C LYS F 96 8.27 26.45 -45.03
N ASP F 97 8.26 27.25 -43.96
CA ASP F 97 7.30 27.08 -42.87
C ASP F 97 6.68 28.44 -42.52
N VAL F 98 5.70 28.39 -41.62
CA VAL F 98 4.96 29.60 -41.27
C VAL F 98 5.85 30.58 -40.50
N LEU F 99 6.73 30.06 -39.65
CA LEU F 99 7.59 30.94 -38.87
C LEU F 99 8.52 31.74 -39.79
N ASP F 100 8.91 31.17 -40.93
CA ASP F 100 9.68 31.94 -41.91
C ASP F 100 8.85 33.08 -42.48
N VAL F 101 7.57 32.83 -42.75
CA VAL F 101 6.69 33.89 -43.24
C VAL F 101 6.59 35.01 -42.20
N TYR F 102 6.42 34.62 -40.93
CA TYR F 102 6.36 35.62 -39.87
C TYR F 102 7.68 36.39 -39.77
N ILE F 103 8.81 35.69 -39.93
CA ILE F 103 10.11 36.34 -39.89
C ILE F 103 10.22 37.38 -40.99
N GLU F 104 9.83 37.00 -42.22
CA GLU F 104 9.94 37.93 -43.33
C GLU F 104 9.01 39.12 -43.15
N HIS F 105 7.79 38.89 -42.66
CA HIS F 105 6.89 40.01 -42.42
C HIS F 105 7.43 40.95 -41.34
N ARG F 106 7.99 40.38 -40.26
CA ARG F 106 8.60 41.21 -39.23
C ARG F 106 9.74 42.05 -39.80
N LEU F 107 10.60 41.42 -40.61
CA LEU F 107 11.74 42.14 -41.17
C LEU F 107 11.28 43.25 -42.10
N MET F 108 10.29 42.96 -42.96
CA MET F 108 9.81 43.98 -43.88
C MET F 108 9.15 45.13 -43.14
N MET F 109 8.34 44.83 -42.11
CA MET F 109 7.71 45.89 -41.33
C MET F 109 8.71 46.67 -40.50
N GLU F 110 9.95 46.19 -40.38
CA GLU F 110 10.97 46.88 -39.58
C GLU F 110 11.64 47.96 -40.41
N ASN F 124 14.69 48.20 -27.97
CA ASN F 124 13.67 48.03 -28.99
C ASN F 124 14.27 47.48 -30.28
N GLN F 125 14.45 46.16 -30.32
CA GLN F 125 14.97 45.48 -31.50
C GLN F 125 14.42 44.05 -31.51
N TYR F 126 14.52 43.42 -32.67
CA TYR F 126 14.16 42.01 -32.77
C TYR F 126 15.25 41.18 -32.09
N PRO F 127 14.92 40.40 -31.06
CA PRO F 127 15.95 39.55 -30.45
C PRO F 127 16.55 38.61 -31.48
N ALA F 128 17.86 38.41 -31.39
CA ALA F 128 18.55 37.57 -32.36
C ALA F 128 17.92 36.18 -32.41
N GLU F 129 17.66 35.60 -31.24
CA GLU F 129 17.10 34.25 -31.17
C GLU F 129 15.74 34.16 -31.85
N LEU F 130 15.05 35.28 -32.05
CA LEU F 130 13.75 35.25 -32.70
C LEU F 130 13.84 35.14 -34.21
N MET F 131 15.02 35.35 -34.79
CA MET F 131 15.18 35.36 -36.24
C MET F 131 16.29 34.43 -36.71
N ARG F 132 16.74 33.50 -35.87
CA ARG F 132 17.82 32.59 -36.25
C ARG F 132 17.32 31.54 -37.24
N ARG F 133 16.39 30.70 -36.81
CA ARG F 133 15.98 29.51 -37.56
C ARG F 133 17.21 28.73 -38.03
N PHE F 134 18.18 28.58 -37.15
CA PHE F 134 19.36 27.77 -37.43
C PHE F 134 20.06 27.49 -36.11
N GLU F 135 20.39 26.23 -35.87
CA GLU F 135 21.06 25.81 -34.65
C GLU F 135 22.50 25.47 -34.94
N LEU F 136 23.33 25.56 -33.91
CA LEU F 136 24.73 25.18 -34.01
C LEU F 136 25.10 24.34 -32.80
N TYR F 137 26.02 23.41 -33.00
CA TYR F 137 26.43 22.50 -31.94
C TYR F 137 27.89 22.10 -32.16
N PHE F 138 28.59 21.89 -31.07
CA PHE F 138 30.00 21.51 -31.09
C PHE F 138 30.13 19.99 -31.09
N GLN F 139 31.03 19.48 -31.91
CA GLN F 139 31.45 18.08 -31.81
C GLN F 139 32.78 18.06 -31.07
N GLY F 140 32.82 17.34 -29.96
CA GLY F 140 33.96 17.38 -29.06
C GLY F 140 35.25 17.07 -29.76
N PRO F 141 36.31 17.81 -29.45
CA PRO F 141 37.61 17.55 -30.09
C PRO F 141 38.10 16.15 -29.78
N SER F 142 38.76 15.53 -30.77
CA SER F 142 39.27 14.18 -30.58
C SER F 142 40.20 14.09 -29.37
N SER F 143 41.00 15.14 -29.14
CA SER F 143 41.89 15.14 -27.98
C SER F 143 41.15 15.02 -26.67
N ASN F 144 39.88 15.41 -26.62
CA ASN F 144 39.08 15.32 -25.41
C ASN F 144 38.59 13.88 -25.25
N LYS F 145 39.21 13.15 -24.33
CA LYS F 145 38.74 11.81 -24.05
C LYS F 145 37.34 11.87 -23.46
N PRO F 146 36.42 11.00 -23.88
CA PRO F 146 35.10 10.97 -23.25
C PRO F 146 35.24 10.70 -21.75
N ARG F 147 34.43 11.38 -20.96
CA ARG F 147 34.54 11.35 -19.52
C ARG F 147 33.38 10.57 -18.93
N VAL F 148 33.68 9.78 -17.90
CA VAL F 148 32.65 8.99 -17.22
C VAL F 148 31.71 9.93 -16.48
N ILE F 149 30.44 9.56 -16.44
CA ILE F 149 29.43 10.43 -15.82
C ILE F 149 29.79 10.72 -14.37
N ARG F 150 30.28 9.70 -13.66
CA ARG F 150 30.57 9.86 -12.25
C ARG F 150 31.65 10.91 -12.01
N GLU F 151 32.57 11.08 -12.95
CA GLU F 151 33.69 12.01 -12.78
C GLU F 151 33.41 13.39 -13.35
N VAL F 152 32.21 13.64 -13.85
CA VAL F 152 31.81 14.98 -14.29
C VAL F 152 31.31 15.72 -13.05
N ARG F 153 32.13 16.63 -12.53
CA ARG F 153 31.83 17.28 -11.26
C ARG F 153 31.94 18.80 -11.38
N ALA F 154 31.93 19.49 -10.23
CA ALA F 154 31.86 20.94 -10.25
C ALA F 154 32.93 21.57 -11.13
N ASP F 155 34.12 20.96 -11.16
CA ASP F 155 35.22 21.56 -11.91
C ASP F 155 34.93 21.65 -13.41
N SER F 156 33.94 20.90 -13.90
CA SER F 156 33.59 20.89 -15.32
C SER F 156 32.21 21.47 -15.57
N VAL F 157 31.83 22.48 -14.80
CA VAL F 157 30.54 23.15 -15.01
C VAL F 157 30.72 24.20 -16.08
N GLY F 158 29.94 24.08 -17.15
CA GLY F 158 30.03 24.99 -18.28
C GLY F 158 31.03 24.58 -19.34
N LYS F 159 31.81 23.54 -19.10
CA LYS F 159 32.76 23.06 -20.08
C LYS F 159 32.06 22.17 -21.11
N LEU F 160 32.73 21.95 -22.23
CA LEU F 160 32.24 21.06 -23.28
C LEU F 160 32.80 19.67 -23.01
N VAL F 161 31.99 18.81 -22.42
CA VAL F 161 32.40 17.45 -22.08
C VAL F 161 31.60 16.46 -22.92
N THR F 162 32.19 15.30 -23.15
CA THR F 162 31.54 14.20 -23.84
C THR F 162 31.47 13.00 -22.90
N VAL F 163 30.28 12.43 -22.78
CA VAL F 163 30.04 11.33 -21.85
C VAL F 163 29.28 10.23 -22.58
N ARG F 164 29.64 8.98 -22.27
CA ARG F 164 29.02 7.81 -22.84
C ARG F 164 28.09 7.16 -21.82
N GLY F 165 26.96 6.64 -22.30
CA GLY F 165 26.01 6.03 -21.39
C GLY F 165 24.97 5.24 -22.14
N ILE F 166 23.99 4.75 -21.39
CA ILE F 166 22.86 4.00 -21.92
C ILE F 166 21.60 4.80 -21.65
N VAL F 167 20.85 5.12 -22.70
CA VAL F 167 19.65 5.93 -22.56
C VAL F 167 18.60 5.09 -21.84
N THR F 168 18.35 5.42 -20.58
CA THR F 168 17.41 4.66 -19.76
C THR F 168 15.97 5.08 -19.99
N ARG F 169 15.72 6.37 -20.19
CA ARG F 169 14.36 6.87 -20.31
C ARG F 169 14.42 8.24 -20.96
N VAL F 170 13.76 8.41 -22.10
CA VAL F 170 13.73 9.68 -22.82
C VAL F 170 12.29 10.16 -22.86
N SER F 171 12.07 11.40 -22.42
CA SER F 171 10.74 11.97 -22.44
C SER F 171 10.29 12.19 -23.88
N GLU F 172 9.07 12.70 -24.04
CA GLU F 172 8.49 12.90 -25.35
C GLU F 172 8.75 14.32 -25.84
N VAL F 173 8.87 14.44 -27.17
CA VAL F 173 9.11 15.75 -27.77
C VAL F 173 7.99 16.70 -27.39
N LYS F 174 8.35 17.86 -26.88
CA LYS F 174 7.39 18.90 -26.54
C LYS F 174 7.91 20.26 -27.00
N PRO F 175 7.02 21.22 -27.25
CA PRO F 175 7.47 22.55 -27.68
C PRO F 175 7.86 23.42 -26.51
N LYS F 176 9.15 23.76 -26.43
CA LYS F 176 9.65 24.70 -25.44
C LYS F 176 9.78 26.07 -26.09
N MET F 177 9.21 27.09 -25.46
CA MET F 177 9.21 28.42 -26.02
C MET F 177 10.53 29.13 -25.71
N VAL F 178 11.18 29.63 -26.76
CA VAL F 178 12.44 30.36 -26.61
C VAL F 178 12.20 31.86 -26.54
N VAL F 179 11.40 32.40 -27.44
CA VAL F 179 11.06 33.83 -27.44
C VAL F 179 9.54 33.95 -27.46
N ALA F 180 8.98 34.52 -26.39
CA ALA F 180 7.55 34.74 -26.32
C ALA F 180 7.19 36.03 -27.03
N THR F 181 6.11 35.99 -27.81
CA THR F 181 5.65 37.14 -28.58
C THR F 181 4.23 37.50 -28.14
N TYR F 182 4.06 38.72 -27.66
CA TYR F 182 2.76 39.25 -27.28
C TYR F 182 2.36 40.36 -28.24
N THR F 183 1.07 40.57 -28.40
CA THR F 183 0.52 41.68 -29.17
C THR F 183 -0.35 42.54 -28.29
N CYS F 184 -0.17 43.86 -28.38
CA CYS F 184 -0.98 44.79 -27.63
C CYS F 184 -2.31 45.01 -28.30
N ASP F 185 -3.32 45.34 -27.49
CA ASP F 185 -4.66 45.62 -28.00
C ASP F 185 -4.84 47.06 -28.45
N GLN F 186 -3.85 47.92 -28.23
CA GLN F 186 -3.95 49.34 -28.55
C GLN F 186 -3.00 49.80 -29.64
N CYS F 187 -1.69 49.60 -29.47
CA CYS F 187 -0.71 50.15 -30.41
C CYS F 187 -0.46 49.26 -31.62
N GLY F 188 -0.73 47.97 -31.54
CA GLY F 188 -0.44 47.07 -32.64
C GLY F 188 1.01 46.64 -32.72
N ALA F 189 1.86 47.04 -31.78
CA ALA F 189 3.24 46.63 -31.77
C ALA F 189 3.40 45.30 -31.05
N GLU F 190 4.51 44.62 -31.33
CA GLU F 190 4.78 43.29 -30.77
C GLU F 190 5.82 43.41 -29.67
N THR F 191 5.59 42.71 -28.57
CA THR F 191 6.53 42.60 -27.47
C THR F 191 7.19 41.23 -27.50
N TYR F 192 8.51 41.21 -27.33
CA TYR F 192 9.29 39.99 -27.40
C TYR F 192 10.03 39.78 -26.10
N GLN F 193 10.05 38.53 -25.62
CA GLN F 193 10.70 38.19 -24.37
C GLN F 193 11.55 36.93 -24.57
N PRO F 194 12.87 37.03 -24.58
CA PRO F 194 13.70 35.82 -24.57
C PRO F 194 13.50 35.04 -23.28
N ILE F 195 13.66 33.72 -23.39
CA ILE F 195 13.44 32.80 -22.27
C ILE F 195 14.73 32.05 -22.01
N GLN F 196 15.21 32.12 -20.78
CA GLN F 196 16.36 31.33 -20.34
C GLN F 196 16.05 30.54 -19.08
N SER F 197 15.28 31.10 -18.15
CA SER F 197 14.85 30.36 -16.98
C SER F 197 13.80 29.33 -17.40
N PRO F 198 13.71 28.21 -16.67
CA PRO F 198 12.66 27.24 -17.01
C PRO F 198 11.26 27.81 -16.96
N THR F 199 11.04 28.83 -16.13
CA THR F 199 9.76 29.51 -16.05
C THR F 199 9.97 31.00 -16.23
N PHE F 200 8.94 31.68 -16.74
CA PHE F 200 9.03 33.10 -17.03
C PHE F 200 7.74 33.79 -16.61
N MET F 201 7.88 35.07 -16.25
CA MET F 201 6.73 35.89 -15.89
C MET F 201 6.15 36.50 -17.16
N PRO F 202 4.92 36.16 -17.55
CA PRO F 202 4.35 36.80 -18.75
C PRO F 202 4.19 38.30 -18.54
N LEU F 203 4.43 39.06 -19.61
CA LEU F 203 4.27 40.51 -19.54
C LEU F 203 2.80 40.87 -19.63
N ILE F 204 2.37 41.78 -18.76
CA ILE F 204 0.97 42.14 -18.63
C ILE F 204 0.66 43.45 -19.32
N MET F 205 1.58 44.41 -19.25
CA MET F 205 1.43 45.70 -19.91
C MET F 205 2.37 45.74 -21.11
N CYS F 206 1.97 46.46 -22.17
CA CYS F 206 2.87 46.55 -23.30
C CYS F 206 3.86 47.70 -23.08
N PRO F 207 5.15 47.47 -23.36
CA PRO F 207 6.13 48.57 -23.29
C PRO F 207 6.28 49.29 -24.61
N SER F 208 5.33 49.11 -25.53
CA SER F 208 5.41 49.77 -26.82
C SER F 208 5.51 51.28 -26.62
N GLN F 209 6.45 51.89 -27.36
CA GLN F 209 6.71 53.31 -27.16
C GLN F 209 5.48 54.15 -27.43
N GLU F 210 4.63 53.73 -28.38
CA GLU F 210 3.40 54.48 -28.66
C GLU F 210 2.50 54.53 -27.43
N CYS F 211 2.19 53.36 -26.85
CA CYS F 211 1.34 53.34 -25.67
C CYS F 211 2.02 54.03 -24.49
N GLN F 212 3.33 53.87 -24.35
CA GLN F 212 4.06 54.60 -23.31
C GLN F 212 3.81 56.09 -23.45
N THR F 213 3.93 56.61 -24.67
CA THR F 213 3.61 58.02 -24.90
C THR F 213 2.15 58.31 -24.62
N ASN F 214 1.25 57.43 -25.09
CA ASN F 214 -0.17 57.65 -24.90
C ASN F 214 -0.63 57.40 -23.46
N ARG F 215 0.12 56.63 -22.69
CA ARG F 215 -0.27 56.24 -21.34
C ARG F 215 -1.62 55.52 -21.38
N SER F 216 -1.63 54.38 -22.06
CA SER F 216 -2.80 53.53 -22.20
C SER F 216 -2.69 52.32 -21.28
N GLY F 217 -3.76 51.54 -21.22
CA GLY F 217 -3.75 50.33 -20.41
C GLY F 217 -2.63 49.39 -20.81
N GLY F 218 -2.39 49.26 -22.11
CA GLY F 218 -1.30 48.43 -22.59
C GLY F 218 -1.42 46.96 -22.26
N ARG F 219 -2.61 46.51 -21.87
CA ARG F 219 -2.80 45.09 -21.60
C ARG F 219 -2.62 44.30 -22.89
N LEU F 220 -1.52 43.58 -23.00
CA LEU F 220 -1.18 42.83 -24.21
C LEU F 220 -1.37 41.34 -23.97
N TYR F 221 -1.72 40.63 -25.04
CA TYR F 221 -2.07 39.22 -24.99
C TYR F 221 -1.00 38.40 -25.69
N LEU F 222 -0.58 37.31 -25.06
CA LEU F 222 0.42 36.43 -25.65
C LEU F 222 -0.12 35.78 -26.91
N GLN F 223 0.67 35.80 -27.98
CA GLN F 223 0.31 35.16 -29.24
C GLN F 223 1.28 34.01 -29.49
N THR F 224 0.74 32.81 -29.70
CA THR F 224 1.55 31.68 -30.09
C THR F 224 1.89 31.68 -31.57
N ARG F 225 1.18 32.49 -32.38
CA ARG F 225 1.52 32.59 -33.79
C ARG F 225 2.91 33.16 -34.00
N GLY F 226 3.27 34.21 -33.27
CA GLY F 226 4.54 34.87 -33.46
C GLY F 226 5.65 34.32 -32.57
N SER F 227 5.28 33.70 -31.46
CA SER F 227 6.27 33.18 -30.54
C SER F 227 7.14 32.13 -31.25
N ARG F 228 8.25 31.80 -30.62
CA ARG F 228 9.21 30.85 -31.17
C ARG F 228 9.25 29.59 -30.30
N PHE F 229 9.06 28.44 -30.94
CA PHE F 229 9.07 27.16 -30.25
C PHE F 229 10.17 26.27 -30.82
N ILE F 230 10.76 25.47 -29.93
CA ILE F 230 11.85 24.57 -30.27
C ILE F 230 11.52 23.19 -29.71
N LYS F 231 11.94 22.15 -30.42
CA LYS F 231 11.75 20.80 -29.92
C LYS F 231 12.51 20.64 -28.59
N PHE F 232 11.92 19.89 -27.66
CA PHE F 232 12.52 19.69 -26.35
C PHE F 232 12.27 18.27 -25.89
N GLN F 233 13.31 17.63 -25.36
CA GLN F 233 13.23 16.28 -24.84
C GLN F 233 14.18 16.14 -23.66
N GLU F 234 13.74 15.41 -22.64
CA GLU F 234 14.56 15.13 -21.46
C GLU F 234 14.83 13.63 -21.40
N MET F 235 16.09 13.27 -21.14
CA MET F 235 16.45 11.87 -21.01
C MET F 235 17.39 11.67 -19.83
N LYS F 236 17.37 10.46 -19.28
CA LYS F 236 18.29 10.03 -18.24
C LYS F 236 19.18 8.95 -18.82
N MET F 237 20.49 9.15 -18.78
CA MET F 237 21.43 8.17 -19.29
C MET F 237 22.32 7.65 -18.16
N GLN F 238 22.52 6.34 -18.15
CA GLN F 238 23.27 5.64 -17.11
C GLN F 238 24.75 5.52 -17.49
N GLU F 239 25.49 4.80 -16.65
CA GLU F 239 26.88 4.47 -16.93
C GLU F 239 26.96 3.03 -17.43
N HIS F 240 27.88 2.80 -18.36
CA HIS F 240 28.16 1.44 -18.80
C HIS F 240 28.62 0.60 -17.62
N SER F 241 28.18 -0.67 -17.59
CA SER F 241 28.56 -1.54 -16.49
C SER F 241 30.07 -1.71 -16.40
N ASP F 242 30.80 -1.47 -17.48
CA ASP F 242 32.24 -1.65 -17.48
C ASP F 242 32.98 -0.52 -16.76
N GLN F 243 32.30 0.57 -16.42
CA GLN F 243 32.98 1.75 -15.85
C GLN F 243 32.44 2.13 -14.48
N VAL F 244 31.45 1.40 -13.95
CA VAL F 244 30.98 1.64 -12.60
C VAL F 244 32.08 1.22 -11.63
N PRO F 245 32.26 1.89 -10.50
CA PRO F 245 33.22 1.42 -9.50
C PRO F 245 32.83 0.03 -9.01
N VAL F 246 33.79 -0.63 -8.36
CA VAL F 246 33.61 -2.04 -7.99
C VAL F 246 32.40 -2.21 -7.07
N GLY F 247 32.30 -1.36 -6.06
CA GLY F 247 31.26 -1.51 -5.05
C GLY F 247 30.09 -0.57 -5.19
N ASN F 248 29.94 0.05 -6.35
CA ASN F 248 28.91 1.06 -6.58
C ASN F 248 27.91 0.59 -7.63
N ILE F 249 26.92 1.43 -7.87
CA ILE F 249 25.89 1.18 -8.88
C ILE F 249 26.03 2.22 -9.98
N PRO F 250 25.55 1.96 -11.20
CA PRO F 250 25.70 2.96 -12.26
C PRO F 250 25.00 4.25 -11.91
N ARG F 251 25.63 5.36 -12.27
CA ARG F 251 25.08 6.69 -12.01
C ARG F 251 24.38 7.21 -13.26
N SER F 252 23.31 7.96 -13.04
CA SER F 252 22.49 8.50 -14.12
C SER F 252 22.61 10.02 -14.16
N ILE F 253 22.64 10.56 -15.38
CA ILE F 253 22.72 12.00 -15.59
C ILE F 253 21.62 12.42 -16.55
N THR F 254 21.15 13.65 -16.37
CA THR F 254 20.07 14.19 -17.18
C THR F 254 20.63 14.92 -18.39
N VAL F 255 19.95 14.78 -19.52
CA VAL F 255 20.32 15.44 -20.77
C VAL F 255 19.07 16.07 -21.36
N LEU F 256 19.17 17.36 -21.70
CA LEU F 256 18.07 18.11 -22.27
C LEU F 256 18.39 18.38 -23.74
N VAL F 257 17.88 17.51 -24.61
CA VAL F 257 18.08 17.68 -26.04
C VAL F 257 17.04 18.64 -26.58
N GLU F 258 17.40 19.36 -27.64
CA GLU F 258 16.51 20.36 -28.21
C GLU F 258 16.84 20.54 -29.69
N GLY F 259 15.90 21.15 -30.40
CA GLY F 259 16.12 21.40 -31.82
C GLY F 259 16.28 20.11 -32.59
N GLU F 260 17.30 20.07 -33.43
CA GLU F 260 17.57 18.90 -34.27
C GLU F 260 18.24 17.77 -33.51
N ASN F 261 18.33 17.83 -32.19
CA ASN F 261 18.87 16.73 -31.40
C ASN F 261 17.78 15.85 -30.79
N THR F 262 16.51 16.07 -31.16
CA THR F 262 15.41 15.27 -30.65
C THR F 262 15.12 14.11 -31.59
N ARG F 263 14.47 13.08 -31.03
CA ARG F 263 14.11 11.88 -31.79
C ARG F 263 15.32 11.24 -32.44
N ILE F 264 16.46 11.23 -31.73
CA ILE F 264 17.68 10.62 -32.24
C ILE F 264 18.04 9.42 -31.38
N ALA F 265 17.59 9.43 -30.12
CA ALA F 265 17.93 8.39 -29.16
C ALA F 265 16.67 7.85 -28.51
N GLN F 266 16.53 6.53 -28.51
CA GLN F 266 15.45 5.82 -27.84
C GLN F 266 15.96 5.13 -26.58
N PRO F 267 15.07 4.69 -25.70
CA PRO F 267 15.53 4.00 -24.49
C PRO F 267 16.35 2.77 -24.83
N GLY F 268 17.40 2.53 -24.05
CA GLY F 268 18.28 1.40 -24.27
C GLY F 268 19.36 1.62 -25.30
N ASP F 269 19.42 2.80 -25.92
CA ASP F 269 20.43 3.06 -26.94
C ASP F 269 21.73 3.51 -26.28
N HIS F 270 22.82 2.83 -26.61
CA HIS F 270 24.15 3.24 -26.15
C HIS F 270 24.54 4.50 -26.91
N VAL F 271 24.72 5.60 -26.20
CA VAL F 271 24.92 6.90 -26.82
C VAL F 271 26.11 7.60 -26.20
N SER F 272 26.94 8.20 -27.04
CA SER F 272 27.94 9.18 -26.64
C SER F 272 27.39 10.57 -26.93
N VAL F 273 27.27 11.40 -25.91
CA VAL F 273 26.69 12.72 -26.04
C VAL F 273 27.73 13.75 -25.62
N THR F 274 27.96 14.73 -26.49
CA THR F 274 28.81 15.87 -26.21
C THR F 274 27.91 17.09 -26.03
N GLY F 275 27.88 17.63 -24.83
CA GLY F 275 27.07 18.80 -24.55
C GLY F 275 27.74 19.72 -23.55
N ILE F 276 26.96 20.52 -22.84
CA ILE F 276 27.47 21.44 -21.84
C ILE F 276 26.88 21.05 -20.50
N PHE F 277 27.75 20.96 -19.49
CA PHE F 277 27.33 20.64 -18.12
C PHE F 277 26.94 21.95 -17.46
N LEU F 278 25.65 22.24 -17.41
CA LEU F 278 25.14 23.50 -16.91
C LEU F 278 24.19 23.26 -15.74
N PRO F 279 24.22 24.11 -14.71
CA PRO F 279 23.27 23.98 -13.61
C PRO F 279 22.01 24.79 -13.83
N ILE F 280 20.90 24.28 -13.29
CA ILE F 280 19.63 24.97 -13.27
C ILE F 280 19.42 25.53 -11.87
N LEU F 281 19.26 26.84 -11.78
CA LEU F 281 19.18 27.49 -10.47
C LEU F 281 17.92 27.05 -9.74
N ARG F 282 18.05 26.83 -8.44
CA ARG F 282 16.95 26.34 -7.62
C ARG F 282 16.23 27.48 -6.92
N GLY F 291 23.21 27.92 0.89
CA GLY F 291 23.94 28.46 -0.24
C GLY F 291 23.23 28.26 -1.55
N LEU F 292 23.80 28.79 -2.63
CA LEU F 292 23.21 28.67 -3.97
C LEU F 292 23.48 27.27 -4.53
N LEU F 293 22.91 26.27 -3.86
CA LEU F 293 22.94 24.92 -4.39
C LEU F 293 22.17 24.86 -5.70
N SER F 294 22.69 24.09 -6.65
CA SER F 294 22.11 24.04 -7.98
C SER F 294 22.23 22.63 -8.55
N GLU F 295 21.14 22.14 -9.12
CA GLU F 295 21.16 20.87 -9.82
C GLU F 295 22.00 21.00 -11.08
N THR F 296 22.09 19.92 -11.86
CA THR F 296 22.90 19.92 -13.07
C THR F 296 22.18 19.14 -14.17
N TYR F 297 22.76 19.21 -15.36
CA TYR F 297 22.25 18.50 -16.53
C TYR F 297 23.24 18.71 -17.65
N LEU F 298 23.02 18.01 -18.75
CA LEU F 298 23.80 18.18 -19.97
C LEU F 298 22.91 18.76 -21.06
N GLU F 299 23.31 19.92 -21.59
CA GLU F 299 22.64 20.50 -22.74
C GLU F 299 23.24 19.86 -23.98
N ALA F 300 22.50 18.95 -24.59
CA ALA F 300 23.05 18.14 -25.66
C ALA F 300 23.40 18.98 -26.87
N HIS F 301 24.55 18.69 -27.46
CA HIS F 301 25.00 19.32 -28.70
C HIS F 301 25.22 18.30 -29.81
N ARG F 302 25.81 17.15 -29.51
CA ARG F 302 26.06 16.11 -30.49
C ARG F 302 25.75 14.76 -29.87
N ILE F 303 24.84 14.01 -30.49
CA ILE F 303 24.45 12.69 -30.02
C ILE F 303 24.88 11.68 -31.06
N VAL F 304 25.61 10.65 -30.63
CA VAL F 304 26.07 9.59 -31.52
C VAL F 304 25.67 8.26 -30.91
N LYS F 305 25.17 7.35 -31.73
CA LYS F 305 24.80 6.01 -31.28
C LYS F 305 25.98 5.08 -31.49
N MET F 306 26.40 4.40 -30.42
CA MET F 306 27.63 3.62 -30.41
C MET F 306 27.33 2.13 -30.39
N ASN F 307 28.40 1.34 -30.55
CA ASN F 307 28.33 -0.12 -30.49
C ASN F 307 27.13 -0.65 -31.25
N LYS F 308 26.40 -1.62 -30.68
CA LYS F 308 25.31 -2.25 -31.39
C LYS F 308 24.28 -1.22 -31.87
N SER F 309 24.12 -0.12 -31.14
CA SER F 309 23.22 0.94 -31.58
C SER F 309 23.79 1.75 -32.74
N GLU F 310 25.05 1.52 -33.11
CA GLU F 310 25.67 2.30 -34.18
C GLU F 310 24.79 2.31 -35.41
N ASP F 311 24.87 3.41 -36.16
CA ASP F 311 24.03 3.60 -37.34
C ASP F 311 24.88 3.90 -38.57
N GLU F 323 35.16 -5.62 -50.78
CA GLU F 323 34.16 -5.90 -49.76
C GLU F 323 33.09 -6.85 -50.30
N LEU F 324 32.57 -6.53 -51.48
CA LEU F 324 31.49 -7.33 -52.06
C LEU F 324 31.97 -8.72 -52.46
N ARG F 325 33.26 -8.86 -52.78
CA ARG F 325 33.76 -10.14 -53.29
C ARG F 325 33.50 -11.28 -52.30
N GLN F 326 33.76 -11.03 -51.01
CA GLN F 326 33.55 -12.07 -50.01
C GLN F 326 32.07 -12.35 -49.82
N ILE F 327 31.22 -11.34 -49.96
CA ILE F 327 29.79 -11.53 -49.74
C ILE F 327 29.20 -12.41 -50.82
N ALA F 328 29.69 -12.27 -52.06
CA ALA F 328 29.21 -13.09 -53.17
C ALA F 328 29.69 -14.53 -53.08
N GLU F 329 30.60 -14.83 -52.15
CA GLU F 329 31.15 -16.17 -52.06
C GLU F 329 30.07 -17.20 -51.73
N GLU F 330 30.31 -18.43 -52.16
CA GLU F 330 29.41 -19.52 -51.81
C GLU F 330 29.42 -19.79 -50.31
N ASP F 331 30.60 -19.74 -49.69
CA ASP F 331 30.76 -20.07 -48.28
C ASP F 331 30.50 -18.91 -47.36
N PHE F 332 30.12 -17.74 -47.90
CA PHE F 332 29.84 -16.58 -47.04
C PHE F 332 28.81 -16.93 -45.98
N TYR F 333 27.85 -17.80 -46.32
CA TYR F 333 26.88 -18.24 -45.34
C TYR F 333 27.56 -18.94 -44.17
N GLU F 334 28.51 -19.83 -44.46
CA GLU F 334 29.23 -20.51 -43.39
C GLU F 334 30.10 -19.54 -42.60
N LYS F 335 30.68 -18.54 -43.26
CA LYS F 335 31.64 -17.68 -42.59
C LYS F 335 30.98 -16.86 -41.48
N LEU F 336 29.81 -16.29 -41.76
CA LEU F 336 29.08 -15.59 -40.70
C LEU F 336 28.76 -16.55 -39.56
N ALA F 337 28.28 -17.75 -39.90
CA ALA F 337 27.97 -18.73 -38.86
C ALA F 337 29.21 -19.06 -38.03
N ALA F 338 30.32 -19.38 -38.69
CA ALA F 338 31.54 -19.70 -37.96
C ALA F 338 32.08 -18.50 -37.18
N SER F 339 31.62 -17.29 -37.49
CA SER F 339 32.10 -16.09 -36.84
C SER F 339 31.24 -15.69 -35.64
N ILE F 340 30.18 -16.43 -35.34
CA ILE F 340 29.33 -16.13 -34.19
C ILE F 340 29.92 -16.84 -32.97
N ALA F 341 30.56 -16.07 -32.10
CA ALA F 341 31.18 -16.62 -30.90
C ALA F 341 32.19 -17.68 -31.29
N PRO F 342 33.28 -17.31 -31.95
CA PRO F 342 34.26 -18.32 -32.38
C PRO F 342 34.86 -19.08 -31.23
N GLU F 343 35.04 -18.45 -30.07
CA GLU F 343 35.61 -19.14 -28.93
C GLU F 343 34.75 -20.32 -28.48
N ILE F 344 33.48 -20.36 -28.86
CA ILE F 344 32.61 -21.48 -28.54
C ILE F 344 32.85 -22.56 -29.59
N TYR F 345 33.60 -23.60 -29.21
CA TYR F 345 33.93 -24.68 -30.13
C TYR F 345 32.69 -25.47 -30.49
N GLY F 346 32.72 -26.10 -31.67
CA GLY F 346 31.61 -26.94 -32.07
C GLY F 346 30.34 -26.12 -32.23
N HIS F 347 29.21 -26.81 -32.07
CA HIS F 347 27.89 -26.19 -32.23
C HIS F 347 27.76 -25.53 -33.60
N GLU F 348 28.41 -26.13 -34.60
CA GLU F 348 28.38 -25.58 -35.96
C GLU F 348 26.95 -25.32 -36.41
N ASP F 349 26.06 -26.28 -36.19
CA ASP F 349 24.69 -26.16 -36.67
C ASP F 349 23.93 -25.08 -35.90
N VAL F 350 24.10 -25.02 -34.57
CA VAL F 350 23.35 -24.07 -33.77
C VAL F 350 23.63 -22.64 -34.23
N LYS F 351 24.92 -22.29 -34.36
CA LYS F 351 25.26 -20.94 -34.79
C LYS F 351 24.62 -20.62 -36.13
N LYS F 352 24.57 -21.59 -37.04
CA LYS F 352 23.94 -21.36 -38.33
C LYS F 352 22.45 -21.07 -38.16
N ALA F 353 21.82 -21.66 -37.14
CA ALA F 353 20.42 -21.37 -36.87
C ALA F 353 20.25 -19.99 -36.25
N LEU F 354 21.11 -19.64 -35.31
CA LEU F 354 21.04 -18.31 -34.70
C LEU F 354 21.27 -17.22 -35.74
N LEU F 355 22.19 -17.46 -36.69
CA LEU F 355 22.41 -16.52 -37.77
C LEU F 355 21.10 -16.13 -38.44
N LEU F 356 20.24 -17.13 -38.69
CA LEU F 356 18.94 -16.84 -39.31
C LEU F 356 18.08 -16.00 -38.38
N LEU F 357 18.16 -16.23 -37.07
CA LEU F 357 17.39 -15.44 -36.13
C LEU F 357 17.75 -13.96 -36.24
N LEU F 358 19.05 -13.66 -36.35
CA LEU F 358 19.47 -12.28 -36.53
C LEU F 358 18.93 -11.70 -37.83
N VAL F 359 19.03 -12.48 -38.91
CA VAL F 359 18.52 -12.02 -40.21
C VAL F 359 17.00 -11.97 -40.19
N GLY F 360 16.38 -13.03 -39.67
CA GLY F 360 14.92 -13.08 -39.60
C GLY F 360 14.29 -13.32 -40.95
N GLY F 361 13.09 -13.88 -40.96
CA GLY F 361 12.37 -14.11 -42.20
C GLY F 361 11.90 -12.81 -42.81
N VAL F 362 10.83 -12.86 -43.60
CA VAL F 362 10.26 -11.67 -44.23
C VAL F 362 8.78 -11.61 -43.91
N ASP F 363 8.34 -10.48 -43.36
CA ASP F 363 6.95 -10.30 -43.00
C ASP F 363 6.07 -10.29 -44.24
N GLN F 364 4.96 -11.00 -44.20
CA GLN F 364 3.97 -11.00 -45.28
C GLN F 364 2.64 -10.50 -44.73
N SER F 365 1.98 -9.64 -45.50
CA SER F 365 0.73 -8.99 -45.10
C SER F 365 -0.29 -9.20 -46.21
N PRO F 366 -0.92 -10.38 -46.26
CA PRO F 366 -1.92 -10.67 -47.29
C PRO F 366 -3.24 -9.93 -47.08
N LYS F 370 -1.70 -10.94 -41.49
CA LYS F 370 -0.38 -10.49 -41.09
C LYS F 370 0.36 -11.61 -40.36
N ILE F 371 1.43 -12.12 -40.98
CA ILE F 371 2.22 -13.22 -40.44
C ILE F 371 3.60 -12.68 -40.12
N ARG F 372 4.06 -12.93 -38.90
CA ARG F 372 5.35 -12.41 -38.47
C ARG F 372 6.48 -13.06 -39.26
N GLY F 373 7.59 -12.33 -39.37
CA GLY F 373 8.76 -12.80 -40.08
C GLY F 373 9.93 -13.11 -39.18
N ASN F 374 9.70 -13.12 -37.87
CA ASN F 374 10.76 -13.41 -36.92
C ASN F 374 10.96 -14.93 -36.79
N ILE F 375 12.11 -15.29 -36.22
CA ILE F 375 12.45 -16.69 -35.95
C ILE F 375 12.79 -16.81 -34.47
N ASN F 376 12.18 -17.78 -33.80
CA ASN F 376 12.39 -18.01 -32.38
C ASN F 376 13.14 -19.33 -32.21
N ILE F 377 14.32 -19.26 -31.61
CA ILE F 377 15.17 -20.43 -31.38
C ILE F 377 15.39 -20.57 -29.88
N CYS F 378 15.10 -21.75 -29.35
CA CYS F 378 15.29 -22.05 -27.93
C CYS F 378 16.41 -23.08 -27.80
N LEU F 379 17.47 -22.68 -27.11
CA LEU F 379 18.60 -23.59 -26.87
C LEU F 379 18.38 -24.25 -25.52
N MET F 380 17.98 -25.51 -25.55
CA MET F 380 17.79 -26.30 -24.34
C MET F 380 18.90 -27.33 -24.26
N GLY F 381 19.47 -27.51 -23.07
CA GLY F 381 20.55 -28.47 -22.95
C GLY F 381 20.96 -28.67 -21.51
N ASP F 382 22.00 -29.49 -21.35
CA ASP F 382 22.55 -29.78 -20.04
C ASP F 382 23.44 -28.63 -19.57
N PRO F 383 23.71 -28.55 -18.27
CA PRO F 383 24.52 -27.44 -17.76
C PRO F 383 25.90 -27.40 -18.38
N GLY F 384 26.42 -26.18 -18.55
CA GLY F 384 27.76 -25.99 -19.04
C GLY F 384 27.99 -26.43 -20.47
N VAL F 385 27.06 -26.09 -21.36
CA VAL F 385 27.23 -26.34 -22.78
C VAL F 385 27.20 -25.02 -23.54
N ALA F 386 27.60 -23.95 -22.85
CA ALA F 386 27.78 -22.64 -23.48
C ALA F 386 26.47 -22.08 -24.03
N LYS F 387 25.34 -22.46 -23.44
CA LYS F 387 24.08 -21.82 -23.83
C LYS F 387 24.10 -20.33 -23.53
N SER F 388 24.49 -19.97 -22.31
CA SER F 388 24.44 -18.57 -21.91
C SER F 388 25.42 -17.73 -22.72
N GLN F 389 26.62 -18.25 -22.99
CA GLN F 389 27.62 -17.47 -23.72
C GLN F 389 27.10 -17.06 -25.08
N LEU F 390 26.47 -17.98 -25.82
CA LEU F 390 25.87 -17.61 -27.09
C LEU F 390 24.77 -16.57 -26.89
N LEU F 391 23.93 -16.75 -25.86
CA LEU F 391 22.92 -15.76 -25.56
C LEU F 391 23.54 -14.41 -25.25
N SER F 392 24.63 -14.40 -24.49
CA SER F 392 25.31 -13.15 -24.20
C SER F 392 25.96 -12.57 -25.45
N TYR F 393 26.50 -13.43 -26.32
CA TYR F 393 27.16 -12.96 -27.53
C TYR F 393 26.16 -12.27 -28.46
N ILE F 394 24.96 -12.85 -28.60
CA ILE F 394 23.97 -12.24 -29.48
C ILE F 394 23.61 -10.84 -29.00
N ASP F 395 23.58 -10.64 -27.68
CA ASP F 395 23.27 -9.32 -27.15
C ASP F 395 24.29 -8.29 -27.60
N ARG F 396 25.57 -8.66 -27.61
CA ARG F 396 26.63 -7.75 -28.02
C ARG F 396 26.72 -7.59 -29.54
N LEU F 397 25.89 -8.29 -30.30
CA LEU F 397 25.93 -8.26 -31.76
C LEU F 397 24.65 -7.69 -32.36
N ALA F 398 23.50 -8.13 -31.89
CA ALA F 398 22.25 -7.71 -32.49
C ALA F 398 22.07 -6.20 -32.33
N PRO F 399 21.50 -5.50 -33.33
CA PRO F 399 21.35 -4.05 -33.22
C PRO F 399 20.54 -3.65 -31.99
N ARG F 400 19.31 -4.16 -31.91
CA ARG F 400 18.44 -3.94 -30.75
C ARG F 400 18.29 -5.28 -30.04
N SER F 401 18.63 -5.32 -28.76
CA SER F 401 18.58 -6.56 -28.00
C SER F 401 18.42 -6.27 -26.52
N GLN F 402 17.96 -7.28 -25.79
CA GLN F 402 17.86 -7.23 -24.34
C GLN F 402 18.07 -8.63 -23.80
N TYR F 403 18.88 -8.74 -22.75
CA TYR F 403 19.25 -10.01 -22.14
C TYR F 403 18.74 -10.04 -20.71
N THR F 404 17.62 -10.72 -20.50
CA THR F 404 17.00 -10.84 -19.18
C THR F 404 17.19 -12.27 -18.67
N THR F 405 17.63 -12.39 -17.42
CA THR F 405 17.98 -13.68 -16.83
C THR F 405 17.02 -14.00 -15.69
N GLY F 406 16.30 -15.11 -15.83
CA GLY F 406 15.47 -15.62 -14.76
C GLY F 406 14.51 -14.59 -14.20
N ARG F 407 14.47 -14.46 -12.88
CA ARG F 407 13.52 -13.59 -12.19
C ARG F 407 14.16 -12.29 -11.76
N GLY F 408 15.39 -12.01 -12.19
CA GLY F 408 15.99 -10.72 -11.90
C GLY F 408 15.24 -9.56 -12.53
N SER F 409 14.80 -9.73 -13.78
CA SER F 409 14.01 -8.73 -14.50
C SER F 409 12.75 -9.44 -14.98
N SER F 410 11.71 -9.45 -14.15
CA SER F 410 10.48 -10.16 -14.43
C SER F 410 9.30 -9.20 -14.27
N GLY F 411 8.11 -9.69 -14.62
CA GLY F 411 6.92 -8.86 -14.52
C GLY F 411 7.03 -7.68 -15.46
N VAL F 412 6.96 -6.48 -14.89
CA VAL F 412 7.06 -5.26 -15.68
C VAL F 412 8.42 -5.12 -16.35
N GLY F 413 9.39 -5.94 -15.97
CA GLY F 413 10.67 -5.93 -16.67
C GLY F 413 10.52 -6.26 -18.14
N LEU F 414 9.66 -7.23 -18.45
CA LEU F 414 9.41 -7.59 -19.85
C LEU F 414 8.41 -6.64 -20.49
N THR F 415 7.20 -6.57 -19.94
CA THR F 415 6.16 -5.72 -20.49
C THR F 415 6.35 -4.29 -20.00
N ALA F 416 5.35 -3.43 -20.19
CA ALA F 416 5.44 -2.03 -19.86
C ALA F 416 4.80 -1.75 -18.51
N ALA F 417 4.90 -0.49 -18.07
CA ALA F 417 4.24 -0.04 -16.86
C ALA F 417 4.00 1.46 -16.96
N VAL F 418 3.05 1.95 -16.18
CA VAL F 418 2.68 3.37 -16.19
C VAL F 418 3.50 4.08 -15.12
N LEU F 419 4.31 5.04 -15.54
CA LEU F 419 5.16 5.80 -14.62
C LEU F 419 5.11 7.28 -14.96
N GLU F 426 2.58 14.15 -14.90
CA GLU F 426 1.75 13.32 -15.76
C GLU F 426 2.25 11.88 -15.76
N LEU F 427 1.33 10.94 -15.99
CA LEU F 427 1.67 9.52 -15.97
C LEU F 427 2.04 9.07 -17.38
N THR F 428 3.28 8.62 -17.55
CA THR F 428 3.78 8.12 -18.82
C THR F 428 3.85 6.60 -18.77
N LEU F 429 4.11 6.02 -19.95
CA LEU F 429 4.16 4.57 -20.11
C LEU F 429 5.60 4.17 -20.45
N GLU F 430 6.17 3.28 -19.65
CA GLU F 430 7.54 2.82 -19.84
C GLU F 430 7.52 1.36 -20.23
N GLY F 431 8.21 1.03 -21.33
CA GLY F 431 8.27 -0.33 -21.81
C GLY F 431 9.36 -1.15 -21.15
N GLY F 432 9.15 -2.47 -21.12
CA GLY F 432 10.11 -3.39 -20.57
C GLY F 432 11.07 -3.91 -21.62
N ALA F 433 11.74 -5.01 -21.27
CA ALA F 433 12.75 -5.57 -22.18
C ALA F 433 12.16 -5.84 -23.55
N LEU F 434 10.96 -6.43 -23.59
CA LEU F 434 10.33 -6.72 -24.89
C LEU F 434 10.15 -5.44 -25.69
N VAL F 435 9.59 -4.40 -25.09
CA VAL F 435 9.38 -3.15 -25.80
C VAL F 435 10.71 -2.55 -26.23
N LEU F 436 11.68 -2.49 -25.31
CA LEU F 436 13.01 -2.02 -25.69
C LEU F 436 13.64 -2.94 -26.73
N ALA F 437 13.27 -4.22 -26.72
CA ALA F 437 13.74 -5.19 -27.71
C ALA F 437 12.83 -5.27 -28.92
N ASP F 438 11.84 -4.40 -29.02
CA ASP F 438 10.93 -4.44 -30.17
C ASP F 438 11.71 -4.31 -31.47
N GLN F 439 11.34 -5.15 -32.44
CA GLN F 439 12.07 -5.24 -33.71
C GLN F 439 13.55 -5.52 -33.46
N GLY F 440 13.82 -6.38 -32.49
CA GLY F 440 15.17 -6.77 -32.14
C GLY F 440 15.20 -8.22 -31.73
N VAL F 441 16.15 -8.55 -30.86
CA VAL F 441 16.32 -9.92 -30.36
C VAL F 441 16.38 -9.86 -28.84
N CYS F 442 15.36 -10.37 -28.18
CA CYS F 442 15.31 -10.44 -26.72
C CYS F 442 15.89 -11.78 -26.29
N CYS F 443 17.09 -11.75 -25.72
CA CYS F 443 17.77 -12.97 -25.29
C CYS F 443 17.30 -13.34 -23.90
N ILE F 444 16.44 -14.34 -23.80
CA ILE F 444 15.88 -14.79 -22.52
C ILE F 444 16.68 -16.02 -22.09
N ASP F 445 17.27 -15.94 -20.90
CA ASP F 445 18.02 -17.04 -20.33
C ASP F 445 17.19 -17.71 -19.24
N GLU F 446 17.34 -19.02 -19.12
CA GLU F 446 16.59 -19.80 -18.15
C GLU F 446 15.08 -19.58 -18.32
N PHE F 447 14.63 -19.72 -19.58
CA PHE F 447 13.22 -19.50 -19.88
C PHE F 447 12.32 -20.42 -19.06
N ASP F 448 12.79 -21.63 -18.77
CA ASP F 448 11.97 -22.59 -18.02
C ASP F 448 11.66 -22.08 -16.62
N LYS F 449 12.64 -21.47 -15.94
CA LYS F 449 12.47 -20.99 -14.58
C LYS F 449 11.90 -19.58 -14.53
N MET F 450 11.23 -19.13 -15.59
CA MET F 450 10.65 -17.81 -15.63
C MET F 450 9.29 -17.82 -14.95
N ALA F 451 8.90 -16.65 -14.43
CA ALA F 451 7.60 -16.53 -13.78
C ALA F 451 6.49 -16.94 -14.73
N GLU F 452 5.51 -17.68 -14.20
CA GLU F 452 4.46 -18.23 -15.06
C GLU F 452 3.74 -17.13 -15.83
N ALA F 453 3.49 -15.98 -15.18
CA ALA F 453 2.86 -14.88 -15.89
C ALA F 453 3.75 -14.37 -17.01
N ASP F 454 5.06 -14.29 -16.78
CA ASP F 454 5.97 -13.84 -17.83
C ASP F 454 5.96 -14.80 -19.01
N ARG F 455 5.94 -16.11 -18.75
CA ARG F 455 5.84 -17.07 -19.84
C ARG F 455 4.57 -16.86 -20.64
N THR F 456 3.46 -16.57 -19.95
CA THR F 456 2.21 -16.30 -20.66
C THR F 456 2.34 -15.05 -21.53
N ALA F 457 3.00 -14.01 -21.01
CA ALA F 457 3.19 -12.80 -21.81
C ALA F 457 4.01 -13.10 -23.05
N ILE F 458 5.06 -13.91 -22.92
CA ILE F 458 5.90 -14.24 -24.07
C ILE F 458 5.07 -14.99 -25.13
N HIS F 459 4.22 -15.92 -24.69
CA HIS F 459 3.38 -16.66 -25.62
C HIS F 459 2.71 -15.72 -26.61
N GLU F 460 2.14 -14.63 -26.11
CA GLU F 460 1.54 -13.63 -27.00
C GLU F 460 2.57 -13.04 -27.95
N VAL F 461 3.75 -12.73 -27.44
CA VAL F 461 4.75 -12.02 -28.24
C VAL F 461 5.21 -12.90 -29.41
N MET F 462 5.50 -14.18 -29.13
CA MET F 462 6.03 -15.05 -30.18
C MET F 462 4.98 -15.46 -31.19
N GLU F 463 3.70 -15.16 -30.95
CA GLU F 463 2.65 -15.39 -31.92
C GLU F 463 1.97 -14.10 -32.36
N GLN F 464 1.53 -13.28 -31.41
CA GLN F 464 0.85 -12.03 -31.72
C GLN F 464 1.82 -10.87 -31.95
N GLN F 465 3.01 -10.94 -31.38
CA GLN F 465 3.98 -9.83 -31.44
C GLN F 465 3.41 -8.56 -30.85
N THR F 466 2.53 -8.70 -29.86
CA THR F 466 2.00 -7.57 -29.11
C THR F 466 1.92 -7.96 -27.64
N ILE F 467 1.64 -6.99 -26.79
CA ILE F 467 1.51 -7.20 -25.35
C ILE F 467 0.24 -6.49 -24.92
N SER F 468 -0.85 -7.25 -24.77
CA SER F 468 -2.15 -6.70 -24.42
C SER F 468 -2.26 -6.67 -22.90
N ILE F 469 -2.25 -5.47 -22.32
CA ILE F 469 -2.33 -5.26 -20.89
C ILE F 469 -3.67 -4.64 -20.57
N ALA F 470 -4.34 -5.15 -19.54
CA ALA F 470 -5.61 -4.60 -19.06
C ALA F 470 -5.58 -4.53 -17.53
N LYS F 471 -4.46 -4.06 -16.99
CA LYS F 471 -4.29 -3.96 -15.55
C LYS F 471 -5.13 -2.79 -15.03
N ALA F 472 -5.00 -2.50 -13.73
CA ALA F 472 -5.75 -1.40 -13.14
C ALA F 472 -5.44 -0.08 -13.83
N GLY F 473 -4.19 0.36 -13.74
CA GLY F 473 -3.79 1.63 -14.31
C GLY F 473 -3.32 1.58 -15.75
N ILE F 474 -3.31 0.41 -16.37
CA ILE F 474 -2.78 0.23 -17.73
C ILE F 474 -3.86 -0.43 -18.58
N LEU F 475 -4.12 0.16 -19.75
CA LEU F 475 -4.99 -0.46 -20.75
C LEU F 475 -4.47 -0.02 -22.11
N THR F 476 -3.63 -0.85 -22.71
CA THR F 476 -3.01 -0.53 -24.00
C THR F 476 -2.85 -1.82 -24.79
N THR F 477 -2.13 -1.72 -25.91
CA THR F 477 -1.71 -2.89 -26.69
C THR F 477 -0.36 -2.55 -27.31
N LEU F 478 0.71 -2.89 -26.60
CA LEU F 478 2.05 -2.54 -27.03
C LEU F 478 2.39 -3.25 -28.34
N ASN F 479 3.49 -2.82 -28.96
CA ASN F 479 4.01 -3.42 -30.18
C ASN F 479 5.38 -3.99 -29.87
N ALA F 480 5.49 -5.33 -29.86
CA ALA F 480 6.73 -6.04 -29.59
C ALA F 480 6.95 -7.04 -30.72
N ARG F 481 7.56 -6.57 -31.80
CA ARG F 481 7.90 -7.42 -32.94
C ARG F 481 9.33 -7.93 -32.80
N CYS F 482 9.60 -8.57 -31.66
CA CYS F 482 10.93 -8.99 -31.28
C CYS F 482 11.08 -10.50 -31.48
N SER F 483 12.29 -10.92 -31.86
CA SER F 483 12.60 -12.33 -31.96
C SER F 483 13.14 -12.84 -30.63
N ILE F 484 12.50 -13.88 -30.09
CA ILE F 484 12.84 -14.42 -28.79
C ILE F 484 13.92 -15.48 -28.97
N LEU F 485 14.98 -15.39 -28.18
CA LEU F 485 16.05 -16.39 -28.14
C LEU F 485 16.10 -16.90 -26.71
N ALA F 486 15.49 -18.07 -26.47
CA ALA F 486 15.32 -18.60 -25.13
C ALA F 486 16.37 -19.65 -24.82
N ALA F 487 16.83 -19.67 -23.58
CA ALA F 487 17.75 -20.69 -23.09
C ALA F 487 17.18 -21.29 -21.83
N ALA F 488 17.14 -22.62 -21.76
CA ALA F 488 16.56 -23.32 -20.63
C ALA F 488 17.23 -24.69 -20.51
N ASN F 489 16.92 -25.39 -19.42
CA ASN F 489 17.42 -26.73 -19.23
C ASN F 489 16.27 -27.70 -18.99
N PRO F 490 16.43 -28.97 -19.39
CA PRO F 490 15.35 -29.96 -19.27
C PRO F 490 15.14 -30.44 -17.84
N PRO F 508 8.21 -31.17 -24.01
CA PRO F 508 7.34 -30.10 -23.51
C PRO F 508 6.47 -29.48 -24.60
N ALA F 509 5.28 -30.04 -24.81
CA ALA F 509 4.39 -29.52 -25.84
C ALA F 509 4.03 -28.07 -25.60
N ALA F 510 3.92 -27.66 -24.33
CA ALA F 510 3.65 -26.26 -24.01
C ALA F 510 4.74 -25.32 -24.51
N LEU F 511 5.93 -25.84 -24.79
CA LEU F 511 7.04 -25.06 -25.31
C LEU F 511 7.48 -25.49 -26.70
N LEU F 512 7.39 -26.79 -27.02
CA LEU F 512 7.80 -27.26 -28.34
C LEU F 512 6.90 -26.67 -29.43
N SER F 513 5.60 -26.61 -29.18
CA SER F 513 4.65 -26.20 -30.21
C SER F 513 4.84 -24.75 -30.63
N ARG F 514 5.57 -23.96 -29.85
CA ARG F 514 5.65 -22.52 -30.12
C ARG F 514 6.93 -22.15 -30.88
N PHE F 515 8.09 -22.50 -30.34
CA PHE F 515 9.35 -22.15 -30.99
C PHE F 515 9.48 -22.86 -32.33
N ASP F 516 9.93 -22.10 -33.34
CA ASP F 516 10.17 -22.70 -34.65
C ASP F 516 11.28 -23.74 -34.57
N LEU F 517 12.36 -23.42 -33.85
CA LEU F 517 13.47 -24.33 -33.64
C LEU F 517 13.63 -24.57 -32.15
N LEU F 518 13.71 -25.83 -31.76
CA LEU F 518 13.97 -26.22 -30.37
C LEU F 518 15.23 -27.08 -30.40
N TRP F 519 16.39 -26.43 -30.35
CA TRP F 519 17.67 -27.13 -30.43
C TRP F 519 18.04 -27.67 -29.06
N LEU F 520 18.34 -28.96 -29.00
CA LEU F 520 18.69 -29.64 -27.76
C LEU F 520 20.18 -29.95 -27.77
N ILE F 521 20.87 -29.54 -26.71
CA ILE F 521 22.33 -29.65 -26.63
C ILE F 521 22.66 -30.60 -25.49
N GLN F 522 23.45 -31.63 -25.80
CA GLN F 522 23.90 -32.61 -24.82
C GLN F 522 25.40 -32.81 -24.98
N ASP F 523 26.15 -32.52 -23.92
CA ASP F 523 27.61 -32.68 -23.95
C ASP F 523 27.99 -34.09 -23.49
N ARG F 524 27.51 -35.07 -24.24
CA ARG F 524 27.79 -36.46 -23.91
C ARG F 524 29.30 -36.71 -23.97
N PRO F 525 29.88 -37.38 -22.96
CA PRO F 525 31.34 -37.50 -22.92
C PRO F 525 31.89 -38.29 -24.09
N ASP F 526 33.11 -37.96 -24.48
CA ASP F 526 33.79 -38.66 -25.57
C ASP F 526 35.28 -38.34 -25.48
N ARG F 527 36.11 -39.38 -25.54
CA ARG F 527 37.53 -39.23 -25.25
C ARG F 527 38.17 -38.18 -26.17
N ASP F 528 37.97 -38.32 -27.48
CA ASP F 528 38.69 -37.46 -28.41
C ASP F 528 37.97 -36.13 -28.62
N ASN F 529 36.63 -36.14 -28.64
CA ASN F 529 35.89 -34.90 -28.80
C ASN F 529 36.17 -33.95 -27.64
N ASP F 530 36.18 -34.47 -26.42
CA ASP F 530 36.50 -33.63 -25.26
C ASP F 530 37.92 -33.08 -25.37
N LEU F 531 38.86 -33.91 -25.81
CA LEU F 531 40.26 -33.47 -25.89
C LEU F 531 40.39 -32.28 -26.85
N ARG F 532 39.72 -32.33 -27.99
CA ARG F 532 39.75 -31.21 -28.91
C ARG F 532 39.20 -29.95 -28.25
N LEU F 533 38.08 -30.08 -27.54
CA LEU F 533 37.49 -28.93 -26.87
C LEU F 533 38.44 -28.37 -25.82
N ALA F 534 39.09 -29.26 -25.05
CA ALA F 534 40.05 -28.78 -24.05
C ALA F 534 41.19 -28.00 -24.69
N GLN F 535 41.69 -28.49 -25.81
CA GLN F 535 42.71 -27.74 -26.54
C GLN F 535 42.17 -26.38 -26.97
N HIS F 536 40.91 -26.34 -27.41
CA HIS F 536 40.31 -25.08 -27.81
C HIS F 536 40.17 -24.12 -26.63
N ILE F 537 39.56 -24.59 -25.54
CA ILE F 537 39.33 -23.71 -24.40
C ILE F 537 40.65 -23.25 -23.79
N THR F 538 41.56 -24.20 -23.54
CA THR F 538 42.84 -23.83 -22.95
C THR F 538 43.59 -22.84 -23.82
N TYR F 539 43.41 -22.91 -25.13
CA TYR F 539 44.02 -21.91 -26.01
C TYR F 539 43.45 -20.53 -25.74
N VAL F 540 42.13 -20.44 -25.55
CA VAL F 540 41.50 -19.14 -25.31
C VAL F 540 42.08 -18.50 -24.04
N HIS F 541 42.20 -19.28 -22.98
CA HIS F 541 42.78 -18.76 -21.75
C HIS F 541 44.26 -18.41 -21.90
N GLN F 542 44.91 -18.91 -22.95
CA GLN F 542 46.34 -18.71 -23.11
C GLN F 542 46.67 -17.48 -23.95
N HIS F 543 45.79 -17.12 -24.89
CA HIS F 543 46.03 -15.99 -25.78
C HIS F 543 44.88 -14.99 -25.81
N SER F 544 43.75 -15.29 -25.20
CA SER F 544 42.56 -14.45 -25.18
C SER F 544 41.91 -14.33 -26.56
N ARG F 545 42.37 -15.11 -27.54
CA ARG F 545 41.79 -15.12 -28.88
C ARG F 545 41.49 -16.57 -29.28
N GLN F 546 40.33 -16.77 -29.90
CA GLN F 546 39.91 -18.07 -30.40
C GLN F 546 41.04 -18.71 -31.21
N PRO F 547 41.13 -20.03 -31.26
CA PRO F 547 42.23 -20.68 -31.98
C PRO F 547 42.23 -20.27 -33.44
N PRO F 548 43.40 -20.05 -34.03
CA PRO F 548 43.43 -19.71 -35.46
C PRO F 548 42.92 -20.85 -36.32
N SER F 549 42.27 -20.49 -37.42
CA SER F 549 41.69 -21.47 -38.34
C SER F 549 42.02 -21.03 -39.76
N GLN F 550 41.41 -21.72 -40.73
CA GLN F 550 41.66 -21.41 -42.13
C GLN F 550 41.23 -19.99 -42.49
N PHE F 551 40.21 -19.47 -41.82
CA PHE F 551 39.67 -18.15 -42.10
C PHE F 551 39.64 -17.32 -40.82
N GLU F 552 39.98 -16.05 -40.93
CA GLU F 552 39.88 -15.14 -39.80
C GLU F 552 38.43 -14.77 -39.56
N PRO F 553 37.90 -14.91 -38.35
CA PRO F 553 36.49 -14.59 -38.11
C PRO F 553 36.22 -13.11 -38.27
N LEU F 554 34.99 -12.80 -38.68
CA LEU F 554 34.59 -11.42 -38.93
C LEU F 554 34.32 -10.69 -37.63
N ASP F 555 34.73 -9.42 -37.57
CA ASP F 555 34.52 -8.62 -36.37
C ASP F 555 33.05 -8.26 -36.22
N MET F 556 32.63 -8.03 -34.97
CA MET F 556 31.23 -7.71 -34.71
C MET F 556 30.80 -6.45 -35.46
N LYS F 557 31.62 -5.40 -35.43
CA LYS F 557 31.32 -4.20 -36.20
C LYS F 557 31.08 -4.54 -37.66
N LEU F 558 31.96 -5.35 -38.24
CA LEU F 558 31.79 -5.74 -39.63
C LEU F 558 30.54 -6.60 -39.82
N MET F 559 30.28 -7.52 -38.88
CA MET F 559 29.14 -8.41 -39.02
C MET F 559 27.83 -7.65 -39.01
N ARG F 560 27.68 -6.68 -38.10
CA ARG F 560 26.42 -5.94 -38.02
C ARG F 560 26.08 -5.31 -39.37
N ARG F 561 27.06 -4.73 -40.05
CA ARG F 561 26.82 -4.17 -41.36
C ARG F 561 26.34 -5.25 -42.33
N TYR F 562 27.01 -6.39 -42.34
CA TYR F 562 26.62 -7.48 -43.24
C TYR F 562 25.19 -7.92 -42.97
N ILE F 563 24.86 -8.20 -41.71
CA ILE F 563 23.50 -8.62 -41.38
C ILE F 563 22.50 -7.53 -41.76
N ALA F 564 22.82 -6.29 -41.41
CA ALA F 564 21.94 -5.18 -41.78
C ALA F 564 21.79 -5.07 -43.29
N MET F 565 22.90 -5.25 -44.02
CA MET F 565 22.83 -5.20 -45.48
C MET F 565 21.86 -6.24 -46.04
N CYS F 566 21.66 -7.34 -45.32
CA CYS F 566 20.79 -8.40 -45.81
C CYS F 566 19.33 -8.22 -45.40
N ARG F 567 19.04 -7.31 -44.48
CA ARG F 567 17.66 -7.16 -44.00
C ARG F 567 16.75 -6.64 -45.09
N GLU F 568 17.15 -5.56 -45.76
CA GLU F 568 16.29 -4.93 -46.75
C GLU F 568 16.35 -5.64 -48.09
N LYS F 569 16.14 -6.96 -48.09
CA LYS F 569 16.22 -7.79 -49.28
C LYS F 569 15.04 -8.76 -49.33
N GLN F 570 13.84 -8.24 -49.11
CA GLN F 570 12.64 -9.08 -49.12
C GLN F 570 12.61 -9.97 -50.35
N PRO F 571 12.80 -11.28 -50.22
CA PRO F 571 12.69 -12.17 -51.36
C PRO F 571 11.30 -12.78 -51.47
N MET F 572 11.08 -13.54 -52.54
CA MET F 572 9.78 -14.08 -52.88
C MET F 572 9.89 -15.57 -53.11
N VAL F 573 8.83 -16.31 -52.74
CA VAL F 573 8.78 -17.76 -52.90
C VAL F 573 8.19 -18.04 -54.28
N PRO F 574 8.96 -18.58 -55.24
CA PRO F 574 8.39 -18.87 -56.55
C PRO F 574 7.35 -19.98 -56.49
N GLU F 575 6.40 -19.91 -57.44
CA GLU F 575 5.43 -20.99 -57.58
C GLU F 575 6.12 -22.33 -57.80
N SER F 576 7.30 -22.33 -58.42
CA SER F 576 7.99 -23.58 -58.70
C SER F 576 8.27 -24.37 -57.42
N LEU F 577 8.66 -23.70 -56.35
CA LEU F 577 9.01 -24.37 -55.10
C LEU F 577 7.80 -24.78 -54.28
N ALA F 578 6.59 -24.36 -54.67
CA ALA F 578 5.41 -24.73 -53.90
C ALA F 578 5.26 -26.25 -53.83
N ASP F 579 5.39 -26.92 -54.97
CA ASP F 579 5.28 -28.38 -54.97
C ASP F 579 6.38 -29.01 -54.11
N TYR F 580 7.60 -28.50 -54.21
CA TYR F 580 8.70 -29.02 -53.39
C TYR F 580 8.42 -28.78 -51.91
N ILE F 581 8.05 -27.56 -51.55
CA ILE F 581 7.80 -27.24 -50.14
C ILE F 581 6.62 -28.05 -49.62
N THR F 582 5.54 -28.13 -50.40
CA THR F 582 4.41 -28.95 -49.99
C THR F 582 4.81 -30.41 -49.85
N ALA F 583 5.59 -30.92 -50.80
CA ALA F 583 6.08 -32.29 -50.70
C ALA F 583 6.94 -32.46 -49.46
N ALA F 584 7.81 -31.50 -49.18
CA ALA F 584 8.65 -31.58 -47.99
C ALA F 584 7.81 -31.52 -46.72
N TYR F 585 6.82 -30.63 -46.69
CA TYR F 585 6.03 -30.45 -45.47
C TYR F 585 5.29 -31.72 -45.08
N VAL F 586 4.63 -32.35 -46.05
CA VAL F 586 3.82 -33.53 -45.73
C VAL F 586 4.66 -34.61 -45.10
N GLU F 587 5.89 -34.80 -45.59
CA GLU F 587 6.77 -35.80 -44.99
C GLU F 587 7.06 -35.46 -43.54
N MET F 588 7.38 -34.19 -43.26
CA MET F 588 7.61 -33.78 -41.88
C MET F 588 6.40 -34.07 -41.03
N ARG F 589 5.20 -33.97 -41.60
CA ARG F 589 3.99 -34.27 -40.86
C ARG F 589 3.96 -35.72 -40.40
N ARG F 590 4.36 -36.64 -41.28
CA ARG F 590 4.21 -38.07 -40.98
C ARG F 590 5.20 -38.53 -39.93
N GLU F 591 6.43 -38.00 -39.95
CA GLU F 591 7.47 -38.50 -39.05
C GLU F 591 7.04 -38.38 -37.60
N ALA F 592 6.55 -37.20 -37.20
CA ALA F 592 6.03 -37.04 -35.85
C ALA F 592 4.82 -37.94 -35.62
N TRP F 593 3.93 -38.03 -36.62
CA TRP F 593 2.77 -38.90 -36.51
C TRP F 593 3.18 -40.36 -36.37
N ALA F 594 4.15 -40.79 -37.18
CA ALA F 594 4.57 -42.19 -37.12
C ALA F 594 5.30 -42.50 -35.81
N SER F 595 6.23 -41.63 -35.43
CA SER F 595 7.01 -41.85 -34.21
C SER F 595 6.11 -41.76 -32.97
N TYR F 600 6.32 -32.74 -32.45
CA TYR F 600 5.01 -32.50 -33.05
C TYR F 600 5.12 -31.58 -34.25
N THR F 601 4.44 -31.93 -35.34
CA THR F 601 4.46 -31.17 -36.58
C THR F 601 3.05 -30.71 -36.91
N SER F 602 2.85 -29.41 -36.97
CA SER F 602 1.57 -28.81 -37.31
C SER F 602 1.79 -27.80 -38.42
N ALA F 603 0.76 -26.99 -38.71
CA ALA F 603 0.92 -25.95 -39.71
C ALA F 603 2.06 -25.01 -39.36
N ARG F 604 2.39 -24.89 -38.07
CA ARG F 604 3.50 -24.04 -37.66
C ARG F 604 4.80 -24.48 -38.35
N THR F 605 5.01 -25.79 -38.48
CA THR F 605 6.26 -26.29 -39.06
C THR F 605 6.45 -25.77 -40.48
N LEU F 606 5.40 -25.79 -41.30
CA LEU F 606 5.52 -25.26 -42.65
C LEU F 606 5.93 -23.80 -42.63
N LEU F 607 5.35 -23.01 -41.73
CA LEU F 607 5.77 -21.61 -41.59
C LEU F 607 7.23 -21.53 -41.20
N ALA F 608 7.66 -22.37 -40.25
CA ALA F 608 9.07 -22.37 -39.86
C ALA F 608 9.96 -22.64 -41.06
N ILE F 609 9.53 -23.53 -41.96
CA ILE F 609 10.30 -23.79 -43.18
C ILE F 609 10.37 -22.52 -44.03
N LEU F 610 9.23 -21.89 -44.26
CA LEU F 610 9.20 -20.72 -45.13
C LEU F 610 10.03 -19.58 -44.55
N ARG F 611 9.87 -19.32 -43.25
CA ARG F 611 10.65 -18.24 -42.64
C ARG F 611 12.14 -18.53 -42.71
N LEU F 612 12.53 -19.77 -42.38
CA LEU F 612 13.94 -20.12 -42.44
C LEU F 612 14.47 -20.06 -43.87
N SER F 613 13.69 -20.56 -44.84
CA SER F 613 14.14 -20.54 -46.22
C SER F 613 14.37 -19.12 -46.71
N THR F 614 13.45 -18.20 -46.38
CA THR F 614 13.65 -16.80 -46.74
C THR F 614 14.89 -16.24 -46.06
N ALA F 615 15.12 -16.60 -44.80
CA ALA F 615 16.30 -16.11 -44.11
C ALA F 615 17.58 -16.45 -44.87
N LEU F 616 17.69 -17.68 -45.38
CA LEU F 616 18.83 -18.04 -46.20
C LEU F 616 18.86 -17.21 -47.47
N ALA F 617 17.69 -16.97 -48.08
CA ALA F 617 17.64 -16.19 -49.30
C ALA F 617 18.22 -14.81 -49.10
N ARG F 618 17.96 -14.19 -47.95
CA ARG F 618 18.57 -12.90 -47.65
C ARG F 618 20.08 -13.01 -47.56
N LEU F 619 20.59 -14.07 -46.95
CA LEU F 619 22.04 -14.24 -46.82
C LEU F 619 22.70 -14.29 -48.18
N ARG F 620 22.14 -15.07 -49.11
CA ARG F 620 22.63 -15.06 -50.47
C ARG F 620 22.20 -13.81 -51.24
N MET F 621 21.33 -12.99 -50.63
CA MET F 621 20.91 -11.72 -51.23
C MET F 621 20.22 -11.93 -52.57
N VAL F 622 19.59 -13.09 -52.76
CA VAL F 622 18.78 -13.35 -53.94
C VAL F 622 17.33 -13.02 -53.61
N ASP F 623 16.71 -12.22 -54.46
CA ASP F 623 15.31 -11.83 -54.27
C ASP F 623 14.36 -12.98 -54.54
N VAL F 624 14.85 -14.11 -55.04
CA VAL F 624 14.06 -15.30 -55.27
C VAL F 624 14.69 -16.44 -54.49
N VAL F 625 13.91 -17.09 -53.63
CA VAL F 625 14.40 -18.24 -52.88
C VAL F 625 14.62 -19.40 -53.83
N GLU F 626 15.68 -20.17 -53.59
CA GLU F 626 16.03 -21.32 -54.41
C GLU F 626 15.89 -22.60 -53.62
N LYS F 627 15.84 -23.72 -54.35
CA LYS F 627 15.62 -25.01 -53.71
C LYS F 627 16.71 -25.34 -52.70
N GLU F 628 17.91 -24.81 -52.89
CA GLU F 628 18.99 -25.09 -51.95
C GLU F 628 18.65 -24.55 -50.56
N ASP F 629 18.03 -23.37 -50.49
CA ASP F 629 17.66 -22.81 -49.19
C ASP F 629 16.65 -23.71 -48.48
N VAL F 630 15.68 -24.25 -49.21
CA VAL F 630 14.70 -25.13 -48.61
C VAL F 630 15.39 -26.36 -48.01
N ASN F 631 16.31 -26.94 -48.76
CA ASN F 631 17.05 -28.09 -48.28
C ASN F 631 17.86 -27.72 -47.06
N GLU F 632 18.56 -26.60 -47.11
CA GLU F 632 19.32 -26.12 -45.97
C GLU F 632 18.40 -25.78 -44.79
N ALA F 633 17.27 -25.14 -45.08
CA ALA F 633 16.30 -24.85 -44.02
C ALA F 633 15.79 -26.12 -43.38
N ILE F 634 15.44 -27.11 -44.21
CA ILE F 634 14.99 -28.40 -43.66
C ILE F 634 16.12 -29.08 -42.92
N ARG F 635 17.33 -29.06 -43.48
CA ARG F 635 18.47 -29.70 -42.83
C ARG F 635 18.59 -29.23 -41.39
N LEU F 636 18.40 -27.93 -41.16
CA LEU F 636 18.40 -27.42 -39.79
C LEU F 636 17.25 -28.03 -38.98
N MET F 637 16.07 -28.12 -39.57
CA MET F 637 14.97 -28.80 -38.89
C MET F 637 15.35 -30.23 -38.55
N GLU F 638 15.99 -30.93 -39.48
CA GLU F 638 16.38 -32.32 -39.22
C GLU F 638 17.30 -32.40 -38.00
N MET F 639 18.35 -31.57 -37.97
CA MET F 639 19.26 -31.60 -36.83
C MET F 639 18.56 -31.16 -35.56
N SER F 640 17.72 -30.12 -35.65
CA SER F 640 17.02 -29.65 -34.46
C SER F 640 16.16 -30.76 -33.85
N LYS F 641 15.34 -31.41 -34.68
CA LYS F 641 14.53 -32.51 -34.18
C LYS F 641 15.41 -33.71 -33.83
N ASP F 642 16.41 -34.02 -34.66
CA ASP F 642 17.32 -35.11 -34.33
C ASP F 642 18.06 -34.85 -33.04
N SER F 643 18.22 -33.59 -32.65
CA SER F 643 18.81 -33.29 -31.35
C SER F 643 17.94 -33.84 -30.22
N LEU F 644 16.62 -33.74 -30.37
CA LEU F 644 15.72 -34.31 -29.36
C LEU F 644 15.92 -35.81 -29.24
N LEU F 645 16.05 -36.50 -30.36
CA LEU F 645 16.23 -37.95 -30.36
C LEU F 645 17.69 -38.32 -30.15
ZN ZN I . 4.63 47.65 26.22
MG MG J . -21.37 -19.15 19.30
PG ATP K . -22.49 -21.30 17.61
O1G ATP K . -21.39 -22.19 18.09
O2G ATP K . -22.13 -19.81 17.67
O3G ATP K . -22.98 -21.62 16.19
PB ATP K . -24.32 -20.94 19.94
O1B ATP K . -24.28 -22.01 20.95
O2B ATP K . -23.55 -19.69 20.30
O3B ATP K . -23.78 -21.43 18.53
PA ATP K . -26.81 -19.38 20.10
O1A ATP K . -26.28 -18.73 21.31
O2A ATP K . -27.08 -18.42 18.94
O3A ATP K . -25.80 -20.49 19.58
O5' ATP K . -28.13 -20.21 20.40
C5' ATP K . -29.07 -20.50 19.34
C4' ATP K . -30.44 -19.96 19.70
O4' ATP K . -31.12 -20.90 20.55
C3' ATP K . -30.46 -18.62 20.44
O3' ATP K . -31.57 -17.83 20.03
C2' ATP K . -30.57 -19.03 21.92
O2' ATP K . -31.28 -18.07 22.70
C1' ATP K . -31.35 -20.35 21.83
N9 ATP K . -30.95 -21.34 22.84
C8 ATP K . -30.09 -22.39 22.66
N7 ATP K . -29.91 -23.12 23.72
C5 ATP K . -30.70 -22.51 24.69
C6 ATP K . -30.94 -22.80 26.04
N6 ATP K . -30.39 -23.84 26.69
N1 ATP K . -31.78 -21.99 26.71
C2 ATP K . -32.34 -20.96 26.08
N3 ATP K . -32.18 -20.59 24.80
C4 ATP K . -31.35 -21.40 24.15
H5'1 ATP K . -29.13 -21.46 19.23
H5'2 ATP K . -28.77 -20.10 18.51
H4' ATP K . -30.92 -19.85 18.88
H3' ATP K . -29.64 -18.13 20.29
HO3' ATP K . -31.34 -17.43 19.32
H2' ATP K . -29.70 -19.17 22.30
HO2' ATP K . -31.31 -18.37 23.49
H1' ATP K . -32.29 -20.16 21.95
H8 ATP K . -29.68 -22.57 21.84
HN61 ATP K . -29.84 -24.36 26.28
HN62 ATP K . -30.57 -23.97 27.52
H2 ATP K . -32.91 -20.43 26.58
MG MG L . 26.71 -24.89 10.39
PB ADP M . 28.72 -27.44 11.68
O1B ADP M . 27.69 -28.49 12.00
O2B ADP M . 28.20 -26.24 10.94
O3B ADP M . 29.99 -28.02 11.10
PA ADP M . 30.26 -25.66 13.17
O1A ADP M . 29.55 -24.41 13.62
O2A ADP M . 30.95 -25.64 11.82
O3A ADP M . 29.15 -26.83 13.11
O5' ADP M . 31.32 -26.05 14.31
C5' ADP M . 31.16 -27.15 15.21
C4' ADP M . 32.16 -27.01 16.35
O4' ADP M . 32.94 -28.20 16.48
C3' ADP M . 33.12 -25.85 16.13
O3' ADP M . 33.02 -24.91 17.20
C2' ADP M . 34.51 -26.46 16.11
O2' ADP M . 35.34 -25.79 17.07
C1' ADP M . 34.34 -27.92 16.49
N9 ADP M . 34.99 -28.78 15.49
C8 ADP M . 34.37 -29.73 14.76
N7 ADP M . 35.23 -30.36 13.93
C5 ADP M . 36.45 -29.82 14.12
C6 ADP M . 37.80 -30.03 13.56
N6 ADP M . 38.03 -30.96 12.61
N1 ADP M . 38.80 -29.26 14.04
C2 ADP M . 38.59 -28.33 14.99
N3 ADP M . 37.38 -28.08 15.54
C4 ADP M . 36.29 -28.78 15.16
H5'1 ADP M . 31.34 -28.09 14.69
H5'2 ADP M . 30.19 -27.17 15.68
H4' ADP M . 31.61 -26.82 17.28
H3' ADP M . 32.99 -25.33 15.17
HO3' ADP M . 33.49 -24.10 16.96
H2' ADP M . 34.94 -26.38 15.10
HO2' ADP M . 35.53 -24.89 16.75
H1' ADP M . 34.77 -28.09 17.50
H8 ADP M . 33.31 -29.95 14.83
HN61 ADP M . 37.26 -31.53 12.27
HN62 ADP M . 38.94 -31.11 12.25
H2 ADP M . 39.43 -27.74 15.33
ZN ZN N . -25.18 51.90 -11.28
ZN ZN O . 20.62 47.90 13.02
MG MG P . 4.21 -26.31 28.86
PB ADP Q . 4.23 -27.85 31.17
O1B ADP Q . 3.22 -26.83 30.70
O2B ADP Q . 5.63 -27.31 31.23
O3B ADP Q . 4.13 -29.21 30.52
PA ADP Q . 3.86 -26.87 33.75
O1A ADP Q . 2.79 -25.90 33.33
O2A ADP Q . 5.29 -26.40 33.85
O3A ADP Q . 3.84 -28.09 32.71
O5' ADP Q . 3.44 -27.50 35.16
C5' ADP Q . 2.11 -27.99 35.38
C4' ADP Q . 1.74 -27.65 36.82
O4' ADP Q . 2.06 -28.75 37.69
C3' ADP Q . 2.52 -26.44 37.29
O3' ADP Q . 1.62 -25.40 37.67
C2' ADP Q . 3.33 -26.90 38.48
O2' ADP Q . 3.09 -26.01 39.58
C1' ADP Q . 2.82 -28.30 38.82
N9 ADP Q . 3.96 -29.24 39.00
C8 ADP Q . 4.27 -30.23 38.15
N7 ADP Q . 5.35 -30.93 38.58
C5 ADP Q . 5.75 -30.37 39.74
C6 ADP Q . 6.82 -30.62 40.72
N6 ADP Q . 7.71 -31.63 40.55
N1 ADP Q . 6.89 -29.82 41.81
C2 ADP Q . 6.01 -28.81 41.98
N3 ADP Q . 5.00 -28.53 41.13
C4 ADP Q . 4.83 -29.26 40.02
H5'1 ADP Q . 2.08 -29.07 35.22
H5'2 ADP Q . 1.42 -27.51 34.69
H4' ADP Q . 0.67 -27.44 36.87
H3' ADP Q . 3.21 -26.03 36.54
HO3' ADP Q . 2.13 -24.59 37.87
H2' ADP Q . 4.40 -26.94 38.23
HO2' ADP Q . 3.86 -26.06 40.17
H1' ADP Q . 2.20 -28.26 39.72
H8 ADP Q . 3.73 -30.45 37.24
HN61 ADP Q . 7.66 -32.25 39.74
HN62 ADP Q . 8.39 -31.74 41.24
H2 ADP Q . 6.12 -28.20 42.87
ZN ZN R . -15.14 51.67 3.78
MG MG S . -25.14 -18.30 -11.55
PB ADP T . -27.51 -19.95 -12.30
O1B ADP T . -28.54 -20.17 -11.23
O2B ADP T . -27.00 -18.53 -12.38
O3B ADP T . -26.45 -21.01 -12.38
PA ADP T . -29.22 -18.92 -14.24
O1A ADP T . -30.07 -18.37 -13.12
O2A ADP T . -28.29 -18.00 -14.98
O3A ADP T . -28.35 -20.13 -13.66
O5' ADP T . -30.18 -19.66 -15.31
C5' ADP T . -29.95 -19.49 -16.70
C4' ADP T . -31.27 -19.45 -17.45
O4' ADP T . -31.99 -20.68 -17.35
C3' ADP T . -32.17 -18.36 -16.89
O3' ADP T . -32.21 -17.25 -17.79
C2' ADP T . -33.54 -18.99 -16.75
O2' ADP T . -34.48 -18.25 -17.55
C1' ADP T . -33.40 -20.41 -17.29
N9 ADP T . -34.07 -21.37 -16.37
C8 ADP T . -33.45 -22.30 -15.63
N7 ADP T . -34.35 -23.03 -14.91
C5 ADP T . -35.57 -22.55 -15.19
C6 ADP T . -36.96 -22.86 -14.77
N6 ADP T . -37.22 -23.85 -13.88
N1 ADP T . -37.96 -22.13 -15.31
C2 ADP T . -37.71 -21.14 -16.19
N3 ADP T . -36.48 -20.81 -16.61
C4 ADP T . -35.39 -21.47 -16.16
H5'1 ADP T . -29.34 -20.32 -17.08
H5'2 ADP T . -29.41 -18.56 -16.88
H4' ADP T . -31.06 -19.22 -18.50
H3' ADP T . -31.80 -18.04 -15.90
HO3' ADP T . -32.39 -16.45 -17.29
H2' ADP T . -33.84 -19.01 -15.70
HO2' ADP T . -34.59 -17.37 -17.18
H1' ADP T . -33.84 -20.47 -18.29
H8 ADP T . -32.38 -22.45 -15.61
HN61 ADP T . -36.46 -24.39 -13.49
HN62 ADP T . -38.17 -24.05 -13.62
H2 ADP T . -38.55 -20.59 -16.58
ZN ZN U . 0.45 49.00 -26.80
MG MG V . 22.97 -21.27 -18.26
PB ADP W . 25.26 -23.05 -19.90
O1B ADP W . 25.02 -23.83 -18.63
O2B ADP W . 24.77 -21.63 -19.86
O3B ADP W . 24.95 -23.80 -21.17
PA ADP W . 27.55 -21.47 -19.75
O1A ADP W . 27.18 -20.58 -20.91
O2A ADP W . 27.27 -21.04 -18.33
O3A ADP W . 26.86 -22.90 -19.96
O5' ADP W . 29.10 -21.87 -19.88
C5' ADP W . 30.00 -21.67 -18.79
C4' ADP W . 31.42 -21.81 -19.33
O4' ADP W . 31.55 -23.02 -20.08
C3' ADP W . 31.75 -20.67 -20.28
O3' ADP W . 32.78 -19.86 -19.71
C2' ADP W . 32.25 -21.32 -21.55
O2' ADP W . 33.53 -20.79 -21.90
C1' ADP W . 32.36 -22.80 -21.24
N9 ADP W . 31.89 -23.62 -22.38
C8 ADP W . 30.85 -24.47 -22.36
N7 ADP W . 30.69 -25.08 -23.57
C5 ADP W . 31.63 -24.61 -24.39
C6 ADP W . 32.03 -24.82 -25.80
N6 ADP W . 31.36 -25.68 -26.60
N1 ADP W . 33.09 -24.12 -26.26
C2 ADP W . 33.77 -23.26 -25.48
N3 ADP W . 33.46 -23.01 -24.19
C4 ADP W . 32.43 -23.64 -23.60
H5'1 ADP W . 29.82 -22.39 -18.00
H5'2 ADP W . 29.85 -20.67 -18.39
H4' ADP W . 32.13 -21.80 -18.50
H3' ADP W . 30.84 -20.08 -20.48
HO3' ADP W . 32.92 -19.08 -20.25
H2' ADP W . 31.51 -21.16 -22.36
HO2' ADP W . 34.13 -20.81 -21.15
H1' ADP W . 33.41 -23.04 -21.01
H8 ADP W . 30.23 -24.67 -21.50
HN61 ADP W . 30.57 -26.20 -26.23
HN62 ADP W . 31.65 -25.81 -27.55
H2 ADP W . 34.60 -22.72 -25.91
#